data_9B7K
#
_entry.id   9B7K
#
_cell.length_a   1.00
_cell.length_b   1.00
_cell.length_c   1.00
_cell.angle_alpha   90.00
_cell.angle_beta   90.00
_cell.angle_gamma   90.00
#
_symmetry.space_group_name_H-M   'P 1'
#
loop_
_entity.id
_entity.type
_entity.pdbx_description
1 polymer 'Capsid protein VP1'
2 polymer 'Fab2-1 heavy chain'
3 polymer 'Fab2-1 light chain'
4 water water
#
loop_
_entity_poly.entity_id
_entity_poly.type
_entity_poly.pdbx_seq_one_letter_code
_entity_poly.pdbx_strand_id
1 'polypeptide(L)'
;MASGGGAPVADNNEGADGVGSSSGNWHCDSQWLGDRVITTSTRTWALPTYNNHLYKQISNSTSGGSSNDNAYFGYSTPWG
YFDFNRFHCHFSPRDWQRLINNNWGFRPKRLNFKLFNIQVKEVTDNNGVKTIANNLTSTVQVFTDSDYQLPYVLGSAHEG
CLPPFPADVFMIPQYGYLTLNDGSQAVGRSSFYCLEYFPSQMLRTGNNFQFSYEFENVPFHSSYAHSQSLDRLMNPLIDQ
YLYYLSKTINGSGQNQQTLKFSVAGPSNMAVQGRNYIPGPSYRQQRVSTTVTQNNNSEFAWPGASSWALNGRNSLMNPGP
AMASHKEGEDRFFPLSGSLIFGKQGTGRDNVDADKVMITNEEEIKTTNPVATESYGQVATNHQSAQAQAQTGWVQNQGIL
PGMVWQDRDVYLQGPIWAKIPHTDGNFHPSPLMGGFGMKHPPPQILIKNTPVPADPPTAFNKDKLNSFITQYSTGQVSVE
IEWELQKENSKRWNPEIQYTSNYYKSNNVEFAVNTEGVYSEPRPIGTRYLTRNL
;
A,B,C,D,E,F
2 'polypeptide(L)'
;SEVQLLESGGGLVQPGKSLRLSCAASGFSFSNYAMSWVRQAPGKGLEWVSGISGSGGSTNYAESVRGRFTISRDNSKNTL
YLEMNSLRVEDTAVYYCAKGMSYYDRSGYFWAKYHYGMDVWGQGITVTVSS
;
H
3 'polypeptide(L)'
;VLTQPPSASGTPGQRVTISCSGSSSNIGSNYVYWYQQIPGTAPKLLIYSNNQRPSGVPDRFSGSKSGTSASLAISGLRSE
DEADYYCAAWDDSLSGNWVFGGGTKLTVLG
;
L
#
# COMPACT_ATOMS: atom_id res chain seq x y z
N GLY A 18 45.71 3.75 25.02
CA GLY A 18 45.58 4.16 26.41
C GLY A 18 45.28 5.64 26.57
N VAL A 19 45.23 6.10 27.82
CA VAL A 19 44.94 7.50 28.09
C VAL A 19 46.13 8.38 27.72
N GLY A 20 47.32 8.02 28.18
CA GLY A 20 48.50 8.84 28.03
C GLY A 20 49.31 8.62 26.78
N SER A 21 48.74 8.03 25.73
CA SER A 21 49.47 7.78 24.49
C SER A 21 48.78 8.51 23.34
N SER A 22 49.59 8.97 22.39
CA SER A 22 49.07 9.73 21.26
C SER A 22 48.54 8.79 20.19
N SER A 23 47.34 9.09 19.71
CA SER A 23 46.66 8.27 18.72
C SER A 23 47.03 8.63 17.28
N GLY A 24 47.70 9.76 17.07
CA GLY A 24 48.12 10.14 15.74
C GLY A 24 49.10 11.29 15.82
N ASN A 25 49.70 11.61 14.68
CA ASN A 25 50.70 12.67 14.60
C ASN A 25 50.19 13.79 13.70
N TRP A 26 50.99 14.86 13.62
CA TRP A 26 50.64 16.05 12.87
C TRP A 26 51.29 15.94 11.49
N HIS A 27 50.48 15.79 10.45
CA HIS A 27 50.97 15.71 9.08
C HIS A 27 50.46 16.91 8.29
N CYS A 28 51.35 17.83 7.95
CA CYS A 28 51.05 18.90 7.02
C CYS A 28 52.24 19.07 6.09
N ASP A 29 52.02 18.84 4.79
CA ASP A 29 53.06 19.00 3.77
C ASP A 29 52.49 18.69 2.39
N SER A 30 53.29 18.93 1.36
CA SER A 30 52.87 18.65 0.00
C SER A 30 54.09 18.18 -0.74
N GLN A 31 54.12 16.89 -1.08
CA GLN A 31 55.26 16.36 -1.79
C GLN A 31 54.90 16.13 -3.25
N TRP A 32 55.67 16.75 -4.15
CA TRP A 32 55.41 16.62 -5.56
C TRP A 32 56.34 15.60 -6.18
N LEU A 33 55.78 14.50 -6.64
CA LEU A 33 56.57 13.45 -7.28
C LEU A 33 55.90 13.05 -8.56
N GLY A 34 56.66 12.99 -9.65
CA GLY A 34 56.09 12.58 -10.92
C GLY A 34 54.92 13.43 -11.37
N ASP A 35 53.81 12.76 -11.68
CA ASP A 35 52.61 13.43 -12.14
C ASP A 35 51.52 13.49 -11.06
N ARG A 36 51.93 13.49 -9.80
CA ARG A 36 51.01 13.58 -8.67
C ARG A 36 51.48 14.48 -7.53
N VAL A 37 50.51 15.08 -6.85
CA VAL A 37 50.77 15.95 -5.72
C VAL A 37 49.98 15.45 -4.53
N ILE A 38 50.67 14.82 -3.59
CA ILE A 38 50.07 14.29 -2.37
C ILE A 38 50.05 15.41 -1.34
N THR A 39 48.86 15.88 -1.02
CA THR A 39 48.69 16.93 -0.02
C THR A 39 48.11 16.35 1.25
N THR A 40 48.57 16.86 2.39
CA THR A 40 48.08 16.43 3.67
C THR A 40 47.84 17.65 4.55
N SER A 41 46.64 17.78 5.08
CA SER A 41 46.29 18.87 5.97
C SER A 41 45.95 18.30 7.34
N THR A 42 46.22 19.08 8.38
CA THR A 42 45.86 18.72 9.74
C THR A 42 45.41 19.98 10.47
N ARG A 43 44.30 19.88 11.19
CA ARG A 43 43.73 21.00 11.91
C ARG A 43 43.28 20.54 13.30
N THR A 44 42.94 21.51 14.14
CA THR A 44 42.36 21.24 15.44
C THR A 44 40.92 21.74 15.45
N TRP A 45 40.02 20.95 16.01
CA TRP A 45 38.59 21.25 15.99
C TRP A 45 38.00 21.21 17.39
N ALA A 46 36.79 21.75 17.50
CA ALA A 46 36.01 21.72 18.73
C ALA A 46 34.57 21.39 18.39
N LEU A 47 34.01 20.38 19.04
CA LEU A 47 32.66 19.92 18.76
C LEU A 47 31.75 20.16 19.95
N PRO A 48 30.79 21.07 19.87
CA PRO A 48 29.85 21.31 20.96
C PRO A 48 28.68 20.33 20.91
N THR A 49 27.69 20.61 21.75
CA THR A 49 26.42 19.90 21.75
C THR A 49 25.35 20.77 21.10
N TYR A 50 24.72 20.26 20.05
CA TYR A 50 23.73 20.99 19.28
C TYR A 50 22.33 20.55 19.68
N ASN A 51 21.43 21.51 19.86
CA ASN A 51 20.01 21.27 20.16
C ASN A 51 19.81 20.45 21.42
N ASN A 52 20.78 20.43 22.32
CA ASN A 52 20.71 19.63 23.55
C ASN A 52 20.48 18.16 23.24
N HIS A 53 21.28 17.62 22.32
CA HIS A 53 21.25 16.22 21.94
C HIS A 53 19.87 15.82 21.41
N LEU A 54 19.27 16.68 20.61
CA LEU A 54 17.86 16.54 20.28
C LEU A 54 17.61 16.95 18.83
N TYR A 55 16.60 16.32 18.23
CA TYR A 55 16.15 16.63 16.88
C TYR A 55 14.98 17.61 16.97
N LYS A 56 14.95 18.57 16.05
CA LYS A 56 13.89 19.57 16.03
C LYS A 56 13.45 19.83 14.60
N GLN A 57 12.15 19.71 14.35
CA GLN A 57 11.56 20.23 13.13
C GLN A 57 11.85 21.70 12.99
N ILE A 58 12.33 22.11 11.81
CA ILE A 58 12.53 23.52 11.51
C ILE A 58 11.81 23.83 10.21
N SER A 59 11.25 25.03 10.14
CA SER A 59 10.52 25.50 8.97
C SER A 59 10.55 27.01 8.98
N ASN A 60 10.18 27.61 7.84
CA ASN A 60 10.21 29.07 7.75
C ASN A 60 9.35 29.69 8.85
N SER A 61 8.25 29.02 9.21
CA SER A 61 7.39 29.50 10.27
C SER A 61 8.13 29.61 11.60
N THR A 62 9.06 28.69 11.85
CA THR A 62 9.86 28.79 13.06
C THR A 62 10.79 30.00 13.02
N SER A 63 11.28 30.33 11.82
CA SER A 63 12.11 31.52 11.66
C SER A 63 11.31 32.72 11.15
N GLY A 64 10.03 32.55 10.88
CA GLY A 64 9.17 33.61 10.41
C GLY A 64 9.52 34.07 9.00
N GLY A 65 8.88 35.16 8.59
CA GLY A 65 9.18 35.82 7.32
C GLY A 65 8.18 35.55 6.21
N SER A 66 7.48 34.41 6.27
CA SER A 66 6.32 34.11 5.43
C SER A 66 6.55 34.47 3.96
N SER A 67 7.76 34.20 3.46
CA SER A 67 8.10 34.46 2.07
C SER A 67 8.04 33.16 1.28
N ASN A 68 7.28 33.17 0.18
CA ASN A 68 7.03 31.93 -0.55
C ASN A 68 8.29 31.38 -1.19
N ASP A 69 9.13 32.24 -1.76
CA ASP A 69 10.37 31.78 -2.37
C ASP A 69 11.35 31.25 -1.33
N ASN A 70 11.30 31.76 -0.10
CA ASN A 70 12.19 31.33 0.97
C ASN A 70 11.60 30.25 1.85
N ALA A 71 10.42 29.74 1.53
CA ALA A 71 9.79 28.70 2.34
C ALA A 71 10.66 27.45 2.37
N TYR A 72 10.71 26.82 3.55
CA TYR A 72 11.46 25.57 3.70
C TYR A 72 10.84 24.77 4.83
N PHE A 73 11.06 23.46 4.78
CA PHE A 73 10.70 22.54 5.84
C PHE A 73 11.80 21.51 5.97
N GLY A 74 12.27 21.29 7.20
CA GLY A 74 13.36 20.36 7.39
C GLY A 74 13.60 20.06 8.85
N TYR A 75 14.76 19.47 9.12
CA TYR A 75 15.11 19.02 10.46
C TYR A 75 16.54 19.43 10.79
N SER A 76 16.77 19.74 12.06
CA SER A 76 18.09 20.04 12.57
C SER A 76 18.50 18.96 13.56
N THR A 77 19.72 18.48 13.41
CA THR A 77 20.20 17.30 14.12
C THR A 77 21.30 17.70 15.09
N PRO A 78 21.49 16.93 16.18
CA PRO A 78 22.62 17.20 17.08
C PRO A 78 23.98 16.91 16.47
N TRP A 79 24.03 16.20 15.36
CA TRP A 79 25.28 15.80 14.73
C TRP A 79 26.00 17.00 14.11
N GLY A 80 27.33 16.94 14.11
CA GLY A 80 28.14 17.83 13.33
C GLY A 80 28.75 17.07 12.15
N TYR A 81 29.44 17.80 11.29
CA TYR A 81 30.06 17.16 10.13
C TYR A 81 31.30 17.94 9.71
N PHE A 82 32.26 17.20 9.15
CA PHE A 82 33.49 17.77 8.62
C PHE A 82 33.34 18.10 7.15
N ASP A 83 33.79 19.29 6.77
CA ASP A 83 33.79 19.71 5.38
C ASP A 83 35.18 20.21 5.02
N PHE A 84 35.81 19.52 4.08
CA PHE A 84 37.12 19.90 3.57
C PHE A 84 37.03 20.09 2.06
N ASN A 85 35.86 20.46 1.56
CA ASN A 85 35.61 20.68 0.12
C ASN A 85 36.40 21.82 -0.50
N ARG A 86 36.55 22.93 0.22
CA ARG A 86 37.24 24.09 -0.33
C ARG A 86 38.68 23.78 -0.70
N PHE A 87 39.13 24.40 -1.79
CA PHE A 87 40.47 24.17 -2.30
C PHE A 87 41.57 24.56 -1.33
N HIS A 88 41.37 25.66 -0.60
CA HIS A 88 42.41 26.12 0.32
C HIS A 88 42.76 25.21 1.49
N CYS A 89 41.87 24.31 1.88
CA CYS A 89 42.19 23.41 2.97
C CYS A 89 43.41 22.56 2.64
N HIS A 90 43.53 22.05 1.42
CA HIS A 90 44.64 21.17 1.04
C HIS A 90 45.82 21.78 0.26
N PHE A 91 45.73 23.05 -0.10
CA PHE A 91 46.78 23.72 -0.85
C PHE A 91 47.15 25.02 -0.16
N SER A 92 48.46 25.28 -0.07
CA SER A 92 48.94 26.58 0.38
C SER A 92 48.99 27.53 -0.81
N PRO A 93 49.08 28.84 -0.54
CA PRO A 93 49.29 29.79 -1.64
C PRO A 93 50.53 29.51 -2.47
N ARG A 94 51.55 28.91 -1.88
CA ARG A 94 52.72 28.51 -2.68
C ARG A 94 52.46 27.22 -3.43
N ASP A 95 51.74 26.28 -2.80
CA ASP A 95 51.40 25.03 -3.48
C ASP A 95 50.41 25.27 -4.61
N TRP A 96 49.56 26.29 -4.47
CA TRP A 96 48.62 26.61 -5.54
C TRP A 96 49.33 27.31 -6.70
N GLN A 97 50.41 28.01 -6.40
CA GLN A 97 51.20 28.65 -7.45
C GLN A 97 52.02 27.62 -8.21
N ARG A 98 52.56 26.63 -7.50
CA ARG A 98 53.29 25.56 -8.16
C ARG A 98 52.36 24.71 -9.04
N LEU A 99 51.08 24.68 -8.70
CA LEU A 99 50.11 23.89 -9.46
C LEU A 99 49.73 24.58 -10.76
N ILE A 100 49.33 25.85 -10.68
CA ILE A 100 48.67 26.49 -11.82
C ILE A 100 49.65 26.98 -12.87
N ASN A 101 50.92 27.21 -12.51
CA ASN A 101 51.88 27.69 -13.50
C ASN A 101 52.46 26.57 -14.35
N ASN A 102 52.76 25.41 -13.77
CA ASN A 102 53.46 24.34 -14.47
C ASN A 102 52.55 23.26 -15.02
N ASN A 103 51.23 23.33 -14.81
CA ASN A 103 50.35 22.24 -15.17
C ASN A 103 49.15 22.75 -15.97
N TRP A 104 48.78 21.97 -16.99
CA TRP A 104 47.56 22.24 -17.73
C TRP A 104 46.31 21.76 -17.02
N GLY A 105 46.39 20.68 -16.25
CA GLY A 105 45.21 20.15 -15.62
C GLY A 105 45.55 19.26 -14.45
N PHE A 106 44.54 19.04 -13.61
CA PHE A 106 44.68 18.23 -12.41
C PHE A 106 43.32 17.69 -12.03
N ARG A 107 43.32 16.73 -11.11
CA ARG A 107 42.10 16.06 -10.64
C ARG A 107 42.43 15.13 -9.48
N PRO A 108 41.52 14.97 -8.52
CA PRO A 108 41.81 14.14 -7.35
C PRO A 108 41.76 12.65 -7.66
N LYS A 109 42.50 11.87 -6.88
CA LYS A 109 42.58 10.43 -7.08
C LYS A 109 42.18 9.59 -5.87
N ARG A 110 42.84 9.84 -4.74
CA ARG A 110 42.60 9.08 -3.51
C ARG A 110 42.35 10.00 -2.33
N LEU A 111 41.71 9.45 -1.30
CA LEU A 111 41.37 10.21 -0.12
C LEU A 111 41.67 9.41 1.15
N ASN A 112 42.33 10.03 2.11
CA ASN A 112 42.59 9.38 3.39
C ASN A 112 42.23 10.35 4.50
N PHE A 113 41.33 9.93 5.38
CA PHE A 113 40.81 10.77 6.44
C PHE A 113 41.23 10.19 7.77
N LYS A 114 41.53 11.05 8.74
CA LYS A 114 41.89 10.60 10.07
C LYS A 114 41.29 11.53 11.12
N LEU A 115 40.81 10.92 12.20
CA LEU A 115 40.27 11.62 13.35
C LEU A 115 40.91 11.01 14.58
N PHE A 116 41.69 11.80 15.32
CA PHE A 116 42.51 11.22 16.38
C PHE A 116 42.71 12.25 17.49
N ASN A 117 43.41 11.81 18.53
CA ASN A 117 43.68 12.60 19.72
C ASN A 117 42.40 13.21 20.28
N ILE A 118 41.41 12.34 20.51
CA ILE A 118 40.12 12.80 21.00
C ILE A 118 40.23 13.15 22.48
N GLN A 119 39.78 14.35 22.82
CA GLN A 119 39.77 14.82 24.20
C GLN A 119 38.37 15.32 24.51
N VAL A 120 37.73 14.73 25.50
CA VAL A 120 36.38 15.11 25.93
C VAL A 120 36.51 16.04 27.13
N LYS A 121 35.81 17.17 27.07
CA LYS A 121 35.84 18.16 28.14
C LYS A 121 34.43 18.35 28.68
N GLU A 122 34.28 18.17 29.99
CA GLU A 122 33.01 18.44 30.67
C GLU A 122 33.11 19.79 31.37
N VAL A 123 32.01 20.52 31.37
CA VAL A 123 31.99 21.86 31.96
C VAL A 123 31.09 21.89 33.18
N THR A 124 31.69 22.00 34.36
CA THR A 124 30.91 22.13 35.58
C THR A 124 30.70 23.60 35.91
N ASP A 125 29.46 23.97 36.21
CA ASP A 125 29.09 25.37 36.38
C ASP A 125 28.61 25.59 37.82
N ASN A 126 29.12 26.65 38.44
CA ASN A 126 28.62 27.12 39.72
C ASN A 126 28.45 28.64 39.64
N ASN A 127 27.21 29.09 39.73
CA ASN A 127 26.87 30.53 39.66
C ASN A 127 27.44 31.06 38.34
N GLY A 128 28.35 32.04 38.38
CA GLY A 128 28.93 32.59 37.18
C GLY A 128 30.34 32.14 36.86
N VAL A 129 30.90 31.22 37.63
CA VAL A 129 32.24 30.70 37.40
C VAL A 129 32.11 29.25 36.94
N LYS A 130 32.80 28.91 35.85
CA LYS A 130 32.71 27.59 35.25
C LYS A 130 34.07 26.90 35.30
N THR A 131 34.05 25.59 35.54
CA THR A 131 35.25 24.77 35.62
C THR A 131 35.20 23.75 34.49
N ILE A 132 36.30 23.66 33.74
CA ILE A 132 36.40 22.77 32.59
C ILE A 132 37.36 21.66 32.95
N ALA A 133 36.88 20.42 32.92
CA ALA A 133 37.66 19.26 33.33
C ALA A 133 37.54 18.15 32.30
N ASN A 134 38.43 17.16 32.43
CA ASN A 134 38.41 16.02 31.53
C ASN A 134 37.37 15.00 31.96
N ASN A 135 36.75 14.36 30.99
CA ASN A 135 35.93 13.16 31.21
C ASN A 135 36.55 12.06 30.36
N LEU A 136 37.20 11.09 30.99
CA LEU A 136 37.83 10.02 30.22
C LEU A 136 36.82 9.00 29.68
N THR A 137 35.77 8.77 30.45
CA THR A 137 34.70 7.84 30.08
C THR A 137 33.91 8.22 28.83
N SER A 138 33.65 9.51 28.65
CA SER A 138 32.84 9.97 27.52
C SER A 138 33.41 9.62 26.16
N THR A 139 32.51 9.35 25.23
CA THR A 139 32.87 8.97 23.88
C THR A 139 32.15 9.82 22.83
N VAL A 140 32.73 9.86 21.64
CA VAL A 140 32.19 10.61 20.51
C VAL A 140 31.80 9.64 19.41
N GLN A 141 30.62 9.82 18.85
CA GLN A 141 30.12 8.97 17.77
C GLN A 141 30.41 9.57 16.40
N VAL A 142 31.04 8.80 15.53
CA VAL A 142 31.40 9.25 14.19
C VAL A 142 31.06 8.15 13.20
N PHE A 143 30.47 8.53 12.07
CA PHE A 143 30.26 7.58 10.99
C PHE A 143 30.25 8.33 9.67
N THR A 144 30.58 7.60 8.61
CA THR A 144 30.48 8.11 7.26
C THR A 144 29.34 7.39 6.54
N ASP A 145 28.70 8.10 5.62
CA ASP A 145 27.64 7.50 4.81
C ASP A 145 28.28 7.17 3.48
N SER A 146 28.57 5.89 3.27
CA SER A 146 29.17 5.43 2.03
C SER A 146 28.13 4.86 1.07
N ASP A 147 26.88 4.72 1.51
CA ASP A 147 25.77 4.36 0.63
C ASP A 147 24.99 5.59 0.19
N TYR A 148 25.36 6.77 0.66
CA TYR A 148 24.77 8.04 0.24
C TYR A 148 23.28 8.08 0.54
N GLN A 149 22.92 7.56 1.72
CA GLN A 149 21.53 7.41 2.11
C GLN A 149 20.97 8.63 2.83
N LEU A 150 21.82 9.52 3.30
CA LEU A 150 21.40 10.78 3.92
C LEU A 150 21.35 11.90 2.89
N PRO A 151 20.57 12.94 3.16
CA PRO A 151 20.65 14.15 2.34
C PRO A 151 22.07 14.70 2.32
N TYR A 152 22.53 15.09 1.14
CA TYR A 152 23.92 15.45 0.93
C TYR A 152 24.03 16.98 0.90
N VAL A 153 24.58 17.57 1.96
CA VAL A 153 24.68 19.02 2.09
C VAL A 153 26.06 19.56 1.72
N LEU A 154 27.00 18.71 1.35
CA LEU A 154 28.37 19.17 1.11
C LEU A 154 28.54 19.90 -0.20
N GLY A 155 27.50 19.97 -1.03
CA GLY A 155 27.63 20.65 -2.31
C GLY A 155 26.90 21.98 -2.38
N SER A 156 26.66 22.59 -1.23
CA SER A 156 25.95 23.85 -1.19
C SER A 156 26.80 25.06 -0.89
N ALA A 157 28.13 24.88 -0.97
CA ALA A 157 29.10 25.94 -0.71
C ALA A 157 28.94 26.59 0.66
N HIS A 158 28.69 25.76 1.66
CA HIS A 158 28.52 26.20 3.04
C HIS A 158 29.81 26.51 3.76
N GLU A 159 29.69 27.27 4.84
CA GLU A 159 30.79 27.62 5.72
C GLU A 159 31.06 26.46 6.68
N GLY A 160 32.16 26.52 7.42
CA GLY A 160 32.47 25.44 8.33
C GLY A 160 33.53 24.46 7.87
N CYS A 161 34.16 24.79 6.76
CA CYS A 161 35.26 23.99 6.22
C CYS A 161 36.55 24.23 7.02
N LEU A 162 37.54 23.36 6.85
CA LEU A 162 38.79 23.54 7.55
C LEU A 162 39.39 24.88 7.13
N PRO A 163 39.93 25.64 8.09
CA PRO A 163 40.49 26.95 7.76
C PRO A 163 41.71 26.87 6.85
N PRO A 164 41.94 27.93 6.06
CA PRO A 164 43.10 27.91 5.17
C PRO A 164 44.43 27.86 5.91
N PHE A 165 44.56 28.58 7.03
CA PHE A 165 45.84 28.65 7.70
C PHE A 165 45.94 27.54 8.74
N PRO A 166 47.06 26.82 8.78
CA PRO A 166 47.12 25.58 9.57
C PRO A 166 46.99 25.77 11.08
N ALA A 167 47.42 26.90 11.63
CA ALA A 167 47.40 27.08 13.08
C ALA A 167 46.01 27.43 13.62
N ASP A 168 45.04 27.68 12.75
CA ASP A 168 43.71 28.05 13.21
C ASP A 168 43.00 26.86 13.83
N VAL A 169 42.02 27.15 14.69
CA VAL A 169 41.18 26.15 15.32
C VAL A 169 39.73 26.42 14.93
N PHE A 170 39.09 25.45 14.29
CA PHE A 170 37.79 25.66 13.70
C PHE A 170 36.71 24.91 14.46
N MET A 171 35.50 25.44 14.40
CA MET A 171 34.32 24.83 15.02
C MET A 171 33.57 24.02 13.98
N ILE A 172 33.08 22.86 14.39
CA ILE A 172 32.39 21.95 13.47
C ILE A 172 30.93 22.39 13.33
N PRO A 173 30.42 22.56 12.11
CA PRO A 173 29.06 23.06 11.95
C PRO A 173 28.00 22.01 12.23
N GLN A 174 26.81 22.49 12.57
CA GLN A 174 25.69 21.60 12.87
C GLN A 174 25.11 21.03 11.59
N TYR A 175 24.74 19.75 11.65
CA TYR A 175 24.14 19.07 10.50
C TYR A 175 22.66 19.36 10.43
N GLY A 176 22.16 19.59 9.22
CA GLY A 176 20.75 19.81 9.00
C GLY A 176 20.44 19.54 7.56
N TYR A 177 19.16 19.31 7.28
CA TYR A 177 18.73 19.00 5.93
C TYR A 177 17.31 19.49 5.75
N LEU A 178 16.89 19.56 4.49
CA LEU A 178 15.55 19.99 4.13
C LEU A 178 14.84 18.88 3.37
N THR A 179 13.52 18.99 3.30
CA THR A 179 12.70 17.96 2.68
C THR A 179 11.59 18.66 1.90
N LEU A 180 10.62 17.91 1.38
CA LEU A 180 9.53 18.53 0.64
C LEU A 180 8.66 19.37 1.57
N ASN A 181 8.02 20.39 1.00
CA ASN A 181 7.18 21.29 1.79
C ASN A 181 6.09 21.88 0.91
N ASP A 182 5.02 22.30 1.57
CA ASP A 182 4.03 23.20 0.98
C ASP A 182 3.87 24.35 1.97
N GLY A 183 4.30 25.54 1.58
CA GLY A 183 4.44 26.61 2.55
C GLY A 183 5.47 26.20 3.58
N SER A 184 5.11 26.32 4.85
CA SER A 184 6.00 25.89 5.92
C SER A 184 5.61 24.48 6.35
N GLN A 185 4.43 24.03 5.93
CA GLN A 185 3.92 22.71 6.23
C GLN A 185 4.61 21.60 5.49
N ALA A 186 4.53 20.40 6.02
CA ALA A 186 5.15 19.24 5.42
C ALA A 186 4.14 18.34 4.73
N VAL A 187 4.44 17.96 3.50
CA VAL A 187 3.59 17.08 2.72
C VAL A 187 3.78 15.63 3.14
N GLY A 188 2.90 14.75 2.67
CA GLY A 188 2.96 13.34 3.00
C GLY A 188 4.25 12.69 2.55
N ARG A 189 4.72 13.07 1.37
CA ARG A 189 5.95 12.53 0.79
C ARG A 189 7.24 12.89 1.53
N SER A 190 7.22 13.96 2.31
CA SER A 190 8.36 14.42 3.06
C SER A 190 8.88 13.36 4.00
N SER A 191 10.19 13.19 4.05
CA SER A 191 10.78 12.16 4.90
C SER A 191 11.60 12.67 6.06
N PHE A 192 11.72 11.83 7.07
CA PHE A 192 12.45 12.15 8.28
C PHE A 192 13.55 11.11 8.48
N TYR A 193 14.78 11.59 8.67
CA TYR A 193 15.94 10.72 8.84
C TYR A 193 16.48 10.87 10.25
N CYS A 194 16.62 9.75 10.96
CA CYS A 194 17.27 9.73 12.26
C CYS A 194 18.68 9.15 12.09
N LEU A 195 19.69 10.00 12.26
CA LEU A 195 21.06 9.58 12.04
C LEU A 195 21.54 8.57 13.06
N GLU A 196 20.83 8.42 14.18
CA GLU A 196 21.17 7.39 15.16
C GLU A 196 20.85 5.99 14.64
N TYR A 197 20.14 5.87 13.53
CA TYR A 197 19.67 4.60 13.02
C TYR A 197 20.68 3.96 12.07
N PHE A 198 21.88 4.56 11.94
CA PHE A 198 23.11 4.22 11.25
C PHE A 198 24.12 3.62 12.23
N PRO A 199 24.74 2.51 11.86
CA PRO A 199 25.86 2.00 12.67
C PRO A 199 27.05 2.94 12.60
N SER A 200 27.63 3.23 13.76
CA SER A 200 28.72 4.20 13.86
C SER A 200 29.77 3.69 14.84
N GLN A 201 30.92 4.35 14.82
CA GLN A 201 32.01 4.02 15.73
C GLN A 201 32.06 5.02 16.87
N MET A 202 32.39 4.53 18.06
CA MET A 202 32.44 5.34 19.26
C MET A 202 33.89 5.41 19.76
N LEU A 203 34.37 6.63 19.98
CA LEU A 203 35.78 6.88 20.28
C LEU A 203 35.90 7.50 21.66
N ARG A 204 36.73 6.87 22.51
CA ARG A 204 37.17 7.50 23.75
C ARG A 204 38.50 8.21 23.52
N THR A 205 39.13 8.64 24.61
CA THR A 205 40.36 9.40 24.52
C THR A 205 41.51 8.62 23.89
N GLY A 206 41.41 7.30 23.84
CA GLY A 206 42.45 6.50 23.23
C GLY A 206 42.11 5.89 21.90
N ASN A 207 41.00 6.29 21.29
CA ASN A 207 40.57 5.70 20.03
C ASN A 207 40.69 6.70 18.88
N ASN A 208 41.00 6.16 17.71
CA ASN A 208 41.14 6.94 16.49
C ASN A 208 40.22 6.37 15.40
N PHE A 209 39.98 7.17 14.38
CA PHE A 209 39.09 6.80 13.28
C PHE A 209 39.76 7.15 11.96
N GLN A 210 39.59 6.29 10.97
CA GLN A 210 40.10 6.57 9.64
C GLN A 210 39.30 5.80 8.60
N PHE A 211 39.32 6.30 7.37
CA PHE A 211 38.78 5.58 6.24
C PHE A 211 39.43 6.10 4.98
N SER A 212 39.39 5.30 3.93
CA SER A 212 39.95 5.65 2.64
C SER A 212 38.84 5.73 1.61
N TYR A 213 39.09 6.50 0.55
CA TYR A 213 38.09 6.73 -0.48
C TYR A 213 38.77 6.79 -1.84
N GLU A 214 38.05 6.31 -2.86
CA GLU A 214 38.52 6.28 -4.23
C GLU A 214 37.66 7.21 -5.07
N PHE A 215 38.22 8.32 -5.52
CA PHE A 215 37.52 9.20 -6.45
C PHE A 215 37.23 8.46 -7.75
N GLU A 216 35.96 8.49 -8.17
CA GLU A 216 35.62 7.92 -9.46
C GLU A 216 36.23 8.76 -10.58
N ASN A 217 36.42 8.14 -11.74
CA ASN A 217 37.15 8.76 -12.82
C ASN A 217 36.44 10.02 -13.30
N VAL A 218 37.16 11.14 -13.29
CA VAL A 218 36.64 12.41 -13.80
C VAL A 218 37.66 12.97 -14.79
N PRO A 219 37.23 13.84 -15.69
CA PRO A 219 38.20 14.50 -16.57
C PRO A 219 39.07 15.47 -15.79
N PHE A 220 40.30 15.64 -16.28
CA PHE A 220 41.16 16.67 -15.72
C PHE A 220 40.48 18.03 -15.85
N HIS A 221 40.49 18.80 -14.78
CA HIS A 221 39.93 20.14 -14.85
C HIS A 221 40.93 20.94 -15.66
N SER A 222 40.50 21.49 -16.79
CA SER A 222 41.40 22.26 -17.62
C SER A 222 41.85 23.49 -16.87
N SER A 223 43.15 23.75 -16.88
CA SER A 223 43.67 24.92 -16.18
C SER A 223 44.57 25.67 -17.14
N TYR A 224 43.93 26.24 -18.16
CA TYR A 224 44.63 26.99 -19.17
C TYR A 224 43.64 27.94 -19.83
N ALA A 225 44.17 28.96 -20.48
CA ALA A 225 43.35 29.91 -21.19
C ALA A 225 43.75 29.74 -22.64
N HIS A 226 42.78 29.63 -23.53
CA HIS A 226 43.12 29.42 -24.94
C HIS A 226 43.91 30.59 -25.52
N SER A 227 44.88 30.24 -26.37
CA SER A 227 45.71 31.24 -27.04
C SER A 227 45.09 31.67 -28.37
N GLN A 228 43.99 31.02 -28.73
CA GLN A 228 43.25 31.31 -29.95
C GLN A 228 41.78 31.50 -29.58
N SER A 229 40.99 31.97 -30.53
CA SER A 229 39.57 32.12 -30.30
C SER A 229 38.80 31.28 -31.30
N LEU A 230 37.56 30.95 -30.94
CA LEU A 230 36.78 29.99 -31.72
C LEU A 230 36.59 30.45 -33.16
N ASP A 231 36.28 31.71 -33.37
CA ASP A 231 36.01 32.24 -34.71
C ASP A 231 37.27 32.54 -35.49
N ARG A 232 38.42 32.69 -34.85
CA ARG A 232 39.68 33.01 -35.51
C ARG A 232 40.54 31.78 -35.82
N LEU A 233 40.02 30.57 -35.63
CA LEU A 233 40.82 29.36 -35.84
C LEU A 233 41.38 29.24 -37.26
N MET A 234 40.90 30.07 -38.18
CA MET A 234 41.38 30.05 -39.56
C MET A 234 42.84 30.48 -39.64
N ASN A 235 43.48 30.15 -40.76
CA ASN A 235 44.73 30.79 -41.13
C ASN A 235 44.46 31.84 -42.21
N PRO A 236 44.96 33.07 -42.05
CA PRO A 236 44.62 34.14 -42.98
C PRO A 236 45.38 34.06 -44.30
N GLN A 240 39.15 30.38 -48.20
CA GLN A 240 38.26 29.22 -48.30
C GLN A 240 37.71 29.06 -49.71
N TYR A 241 37.24 27.85 -50.02
CA TYR A 241 36.55 27.60 -51.27
C TYR A 241 35.04 27.72 -51.14
N LEU A 242 34.55 28.09 -49.96
CA LEU A 242 33.14 28.41 -49.76
C LEU A 242 32.85 29.85 -50.22
N TYR A 243 31.59 30.10 -50.52
CA TYR A 243 31.11 31.42 -50.90
C TYR A 243 30.02 31.87 -49.94
N TYR A 244 29.75 33.17 -49.97
CA TYR A 244 28.71 33.78 -49.14
C TYR A 244 27.96 34.79 -49.99
N LEU A 245 26.83 35.27 -49.48
CA LEU A 245 25.99 36.22 -50.20
C LEU A 245 26.43 37.62 -49.83
N SER A 246 27.08 38.32 -50.77
CA SER A 246 27.61 39.65 -50.50
C SER A 246 26.57 40.75 -50.69
N LYS A 247 25.80 40.71 -51.78
CA LYS A 247 24.91 41.80 -52.14
C LYS A 247 23.54 41.23 -52.50
N THR A 248 22.50 41.79 -51.88
CA THR A 248 21.13 41.46 -52.25
C THR A 248 20.51 42.47 -53.20
N ILE A 249 21.19 43.59 -53.47
CA ILE A 249 20.70 44.61 -54.38
C ILE A 249 21.88 45.22 -55.12
N ASN A 250 21.59 45.76 -56.32
CA ASN A 250 22.64 46.36 -57.14
C ASN A 250 22.99 47.76 -56.65
N GLY A 251 22.00 48.51 -56.18
CA GLY A 251 22.24 49.86 -55.72
C GLY A 251 20.95 50.51 -55.29
N SER A 252 20.98 51.85 -55.22
CA SER A 252 19.81 52.60 -54.83
C SER A 252 18.83 52.73 -55.99
N GLY A 253 17.58 52.42 -55.72
CA GLY A 253 16.54 52.53 -56.72
C GLY A 253 15.47 51.48 -56.50
N GLN A 254 14.55 51.42 -57.46
CA GLN A 254 13.44 50.47 -57.44
C GLN A 254 13.81 49.23 -58.24
N ASN A 255 13.35 48.07 -57.74
CA ASN A 255 13.51 46.79 -58.43
C ASN A 255 14.99 46.46 -58.68
N GLN A 256 15.81 46.66 -57.65
CA GLN A 256 17.25 46.44 -57.74
C GLN A 256 17.68 45.06 -57.27
N GLN A 257 16.73 44.21 -56.93
CA GLN A 257 17.03 42.87 -56.43
C GLN A 257 18.05 42.08 -57.25
N THR A 258 19.03 41.52 -56.56
CA THR A 258 20.07 40.71 -57.20
C THR A 258 20.69 39.74 -56.20
N LEU A 259 21.37 38.71 -56.72
CA LEU A 259 22.06 37.75 -55.87
C LEU A 259 23.52 37.73 -56.27
N LYS A 260 24.41 37.96 -55.31
CA LYS A 260 25.85 37.99 -55.56
C LYS A 260 26.60 37.10 -54.58
N PHE A 261 27.60 36.38 -55.07
CA PHE A 261 28.38 35.49 -54.22
C PHE A 261 29.87 35.77 -54.29
N SER A 262 30.45 36.10 -53.15
CA SER A 262 31.86 36.42 -53.04
C SER A 262 32.58 35.30 -52.30
N VAL A 263 33.90 35.28 -52.43
CA VAL A 263 34.71 34.27 -51.78
C VAL A 263 34.90 34.65 -50.31
N ALA A 264 34.73 33.68 -49.42
CA ALA A 264 35.07 33.88 -48.02
C ALA A 264 36.58 33.82 -47.86
N GLY A 265 37.16 34.91 -47.35
CA GLY A 265 38.60 35.03 -47.28
C GLY A 265 39.06 35.91 -46.14
N PRO A 266 40.37 36.14 -46.05
CA PRO A 266 40.91 36.93 -44.93
C PRO A 266 40.41 38.36 -44.90
N SER A 267 39.93 38.90 -46.01
CA SER A 267 39.45 40.28 -46.02
C SER A 267 38.27 40.46 -45.07
N ASN A 268 37.22 39.65 -45.24
CA ASN A 268 36.10 39.61 -44.29
C ASN A 268 36.11 38.25 -43.63
N MET A 269 36.49 38.21 -42.35
CA MET A 269 36.58 36.96 -41.61
C MET A 269 35.32 36.65 -40.80
N ALA A 270 34.32 37.53 -40.81
CA ALA A 270 33.14 37.30 -40.01
C ALA A 270 32.19 36.31 -40.65
N VAL A 271 32.12 36.30 -41.99
CA VAL A 271 31.10 35.54 -42.70
C VAL A 271 31.60 34.17 -43.16
N GLN A 272 32.83 33.80 -42.85
CA GLN A 272 33.35 32.52 -43.31
C GLN A 272 32.62 31.36 -42.64
N GLY A 273 32.69 30.19 -43.29
CA GLY A 273 32.11 29.00 -42.72
C GLY A 273 32.95 28.48 -41.56
N ARG A 274 32.26 27.91 -40.57
CA ARG A 274 32.91 27.41 -39.36
C ARG A 274 32.29 26.09 -38.95
N ASN A 275 33.13 25.20 -38.44
CA ASN A 275 32.69 23.89 -37.97
C ASN A 275 32.10 23.89 -36.57
N TYR A 276 32.39 24.91 -35.76
CA TYR A 276 31.95 24.87 -34.37
C TYR A 276 31.51 26.25 -33.92
N ILE A 277 30.64 26.26 -32.93
CA ILE A 277 30.00 27.49 -32.45
C ILE A 277 30.12 27.54 -30.93
N PRO A 278 30.06 28.74 -30.35
CA PRO A 278 30.24 28.85 -28.90
C PRO A 278 29.09 28.24 -28.12
N GLY A 279 29.34 28.03 -26.83
CA GLY A 279 28.43 27.35 -25.96
C GLY A 279 27.17 28.13 -25.63
N PRO A 280 26.31 27.55 -24.81
CA PRO A 280 25.02 28.16 -24.50
C PRO A 280 25.15 29.37 -23.58
N SER A 281 24.08 30.17 -23.54
CA SER A 281 24.05 31.39 -22.76
C SER A 281 22.70 31.58 -22.11
N TYR A 282 22.72 32.16 -20.91
CA TYR A 282 21.51 32.58 -20.21
C TYR A 282 21.82 33.96 -19.63
N ARG A 283 21.19 35.02 -20.13
CA ARG A 283 21.76 36.34 -19.92
C ARG A 283 21.61 36.83 -18.48
N GLN A 284 22.69 37.41 -17.95
CA GLN A 284 22.71 38.12 -16.69
C GLN A 284 22.66 39.63 -16.94
N GLN A 285 22.00 40.34 -16.03
CA GLN A 285 22.00 41.79 -16.11
C GLN A 285 23.40 42.34 -15.82
N ARG A 286 23.77 43.42 -16.50
CA ARG A 286 25.09 44.01 -16.36
C ARG A 286 25.07 45.08 -15.27
N VAL A 287 26.07 45.04 -14.40
CA VAL A 287 26.19 45.98 -13.30
C VAL A 287 27.57 46.62 -13.35
N SER A 288 27.60 47.96 -13.32
CA SER A 288 28.84 48.72 -13.38
C SER A 288 29.32 49.04 -11.97
N THR A 289 30.63 48.89 -11.75
CA THR A 289 31.21 49.20 -10.45
C THR A 289 31.05 50.66 -10.07
N THR A 290 31.06 51.57 -11.05
CA THR A 290 30.77 52.98 -10.79
C THR A 290 29.27 53.12 -10.60
N VAL A 291 28.86 53.66 -9.46
CA VAL A 291 27.43 53.65 -9.12
C VAL A 291 26.65 54.60 -10.01
N THR A 292 27.26 55.70 -10.47
CA THR A 292 26.53 56.64 -11.30
C THR A 292 26.11 56.03 -12.62
N GLN A 293 26.83 55.01 -13.06
CA GLN A 293 26.51 54.35 -14.31
C GLN A 293 25.28 53.47 -14.18
N ASN A 294 25.06 52.93 -12.99
CA ASN A 294 23.90 52.07 -12.71
C ASN A 294 22.60 52.86 -12.61
N ASN A 295 21.49 52.19 -12.90
CA ASN A 295 20.18 52.83 -12.82
C ASN A 295 19.82 53.11 -11.36
N ASN A 296 19.15 54.24 -11.13
CA ASN A 296 18.75 54.63 -9.79
C ASN A 296 17.44 53.99 -9.35
N SER A 297 17.45 52.69 -9.13
CA SER A 297 16.27 51.96 -8.68
C SER A 297 16.71 50.63 -8.09
N GLU A 298 15.82 49.94 -7.40
CA GLU A 298 16.18 48.66 -6.82
C GLU A 298 15.90 47.58 -7.84
N PHE A 299 16.95 47.05 -8.44
CA PHE A 299 16.83 46.00 -9.43
C PHE A 299 17.56 44.71 -9.09
N ALA A 300 18.04 44.59 -7.85
CA ALA A 300 18.81 43.40 -7.49
C ALA A 300 18.02 42.10 -7.59
N TRP A 301 16.78 42.11 -7.14
CA TRP A 301 15.97 40.91 -7.24
C TRP A 301 15.06 40.97 -8.47
N PRO A 302 14.44 42.13 -8.70
CA PRO A 302 13.54 42.34 -9.83
C PRO A 302 14.22 42.20 -11.18
N GLY A 303 15.45 42.71 -11.29
CA GLY A 303 16.19 42.64 -12.53
C GLY A 303 17.02 41.38 -12.69
N ALA A 304 17.04 40.55 -11.67
CA ALA A 304 17.82 39.31 -11.68
C ALA A 304 17.26 38.19 -12.54
N SER A 305 18.16 37.48 -13.22
CA SER A 305 17.79 36.32 -14.02
C SER A 305 17.45 35.22 -13.03
N SER A 306 16.49 34.38 -13.34
CA SER A 306 16.15 33.32 -12.41
C SER A 306 15.51 32.11 -13.05
N TRP A 307 15.19 31.13 -12.22
CA TRP A 307 14.49 29.96 -12.70
C TRP A 307 13.46 29.54 -11.67
N ALA A 308 12.31 29.06 -12.17
CA ALA A 308 11.18 28.73 -11.34
C ALA A 308 11.05 27.22 -11.19
N LEU A 309 10.85 26.78 -9.94
CA LEU A 309 10.60 25.38 -9.65
C LEU A 309 9.42 25.29 -8.69
N ASN A 310 8.32 24.70 -9.15
CA ASN A 310 7.14 24.49 -8.32
C ASN A 310 6.64 25.79 -7.68
N GLY A 311 6.54 26.83 -8.50
CA GLY A 311 6.01 28.10 -8.04
C GLY A 311 6.98 28.96 -7.26
N ARG A 312 8.16 28.45 -6.92
CA ARG A 312 9.18 29.21 -6.23
C ARG A 312 10.24 29.67 -7.22
N ASN A 313 10.70 30.91 -7.04
CA ASN A 313 11.69 31.50 -7.90
C ASN A 313 13.06 31.47 -7.22
N SER A 314 14.03 30.84 -7.88
CA SER A 314 15.39 30.77 -7.38
C SER A 314 16.26 31.60 -8.29
N LEU A 315 17.12 32.44 -7.73
CA LEU A 315 18.01 33.26 -8.52
C LEU A 315 18.96 32.37 -9.28
N MET A 316 19.26 32.73 -10.53
CA MET A 316 20.18 31.93 -11.33
C MET A 316 21.60 32.36 -10.99
N ASN A 317 22.09 31.80 -9.89
CA ASN A 317 23.41 32.09 -9.37
C ASN A 317 24.21 30.80 -9.31
N PRO A 318 25.44 30.80 -9.82
CA PRO A 318 26.01 31.55 -10.94
C PRO A 318 25.37 31.21 -12.29
N GLY A 319 25.04 29.95 -12.52
CA GLY A 319 24.45 29.54 -13.78
C GLY A 319 25.52 29.17 -14.78
N PRO A 320 25.13 28.99 -16.05
CA PRO A 320 26.04 28.62 -17.14
C PRO A 320 27.34 29.43 -17.17
N ALA A 321 28.45 28.77 -17.42
CA ALA A 321 29.75 29.41 -17.48
C ALA A 321 29.81 30.34 -18.67
N MET A 322 30.07 31.62 -18.43
CA MET A 322 30.15 32.64 -19.46
C MET A 322 31.17 33.68 -19.03
N ALA A 323 31.73 34.38 -20.01
CA ALA A 323 32.66 35.45 -19.72
C ALA A 323 31.94 36.58 -19.01
N SER A 324 32.58 37.10 -17.95
CA SER A 324 31.94 38.13 -17.14
C SER A 324 31.83 39.46 -17.88
N HIS A 325 32.77 39.73 -18.77
CA HIS A 325 32.74 40.99 -19.49
C HIS A 325 33.50 40.88 -20.79
N LYS A 326 33.20 41.80 -21.71
CA LYS A 326 33.90 41.84 -22.99
C LYS A 326 35.31 42.35 -22.75
N GLU A 327 36.26 41.92 -23.57
CA GLU A 327 37.64 42.35 -23.38
C GLU A 327 37.75 43.86 -23.52
N GLY A 328 38.57 44.45 -22.67
CA GLY A 328 38.77 45.89 -22.66
C GLY A 328 37.82 46.61 -21.73
N GLU A 329 36.93 45.86 -21.10
CA GLU A 329 36.00 46.44 -20.14
C GLU A 329 36.27 45.81 -18.80
N ASP A 330 36.59 46.62 -17.80
CA ASP A 330 36.88 46.08 -16.48
C ASP A 330 35.90 46.53 -15.40
N ARG A 331 35.07 47.51 -15.71
CA ARG A 331 34.13 48.03 -14.72
C ARG A 331 32.78 47.33 -14.71
N PHE A 332 32.59 46.35 -15.59
CA PHE A 332 31.32 45.65 -15.63
C PHE A 332 31.40 44.19 -15.19
N PHE A 333 30.39 43.75 -14.47
CA PHE A 333 30.30 42.38 -13.99
C PHE A 333 28.84 41.94 -14.00
N PRO A 334 28.58 40.67 -14.28
CA PRO A 334 27.20 40.19 -14.29
C PRO A 334 26.61 40.18 -12.90
N LEU A 335 25.28 40.37 -12.82
CA LEU A 335 24.64 40.57 -11.53
C LEU A 335 24.80 39.35 -10.64
N SER A 336 24.24 38.21 -11.06
CA SER A 336 24.39 36.95 -10.32
C SER A 336 25.43 36.02 -10.93
N GLY A 337 26.13 36.43 -11.98
CA GLY A 337 26.81 35.46 -12.82
C GLY A 337 28.23 35.15 -12.40
N SER A 338 28.58 35.40 -11.14
CA SER A 338 29.93 35.15 -10.66
C SER A 338 29.91 34.77 -9.19
N LEU A 339 31.02 34.18 -8.76
CA LEU A 339 31.20 33.87 -7.34
C LEU A 339 31.83 35.06 -6.63
N ILE A 340 31.19 35.50 -5.55
CA ILE A 340 31.62 36.68 -4.82
C ILE A 340 32.13 36.23 -3.45
N PHE A 341 33.43 36.38 -3.22
CA PHE A 341 34.03 36.05 -1.94
C PHE A 341 34.24 37.32 -1.12
N GLY A 342 34.08 37.18 0.19
CA GLY A 342 34.35 38.28 1.09
C GLY A 342 35.79 38.32 1.55
N LYS A 343 36.29 39.53 1.78
CA LYS A 343 37.59 39.71 2.39
C LYS A 343 37.51 39.43 3.88
N GLN A 344 38.68 39.18 4.48
CA GLN A 344 38.73 38.81 5.89
C GLN A 344 38.06 39.87 6.76
N GLY A 345 37.11 39.44 7.59
CA GLY A 345 36.40 40.33 8.46
C GLY A 345 35.19 41.01 7.86
N THR A 346 34.74 40.60 6.69
CA THR A 346 33.61 41.22 6.03
C THR A 346 32.31 40.87 6.76
N GLY A 347 31.43 41.85 6.89
CA GLY A 347 30.18 41.64 7.58
C GLY A 347 29.24 40.74 6.80
N ARG A 348 28.17 40.33 7.48
CA ARG A 348 27.22 39.38 6.92
C ARG A 348 26.13 40.05 6.10
N ASP A 349 25.90 41.34 6.26
CA ASP A 349 24.79 42.03 5.61
C ASP A 349 25.21 43.39 5.09
N ASN A 350 24.86 43.67 3.83
CA ASN A 350 24.94 45.01 3.25
C ASN A 350 26.36 45.60 3.38
N VAL A 351 27.33 44.87 2.83
CA VAL A 351 28.73 45.26 2.91
C VAL A 351 29.12 45.92 1.59
N ASP A 352 30.04 46.88 1.67
CA ASP A 352 30.39 47.67 0.50
C ASP A 352 31.19 46.84 -0.49
N ALA A 353 31.53 47.47 -1.62
CA ALA A 353 32.20 46.76 -2.70
C ALA A 353 33.64 46.41 -2.36
N ASP A 354 34.32 47.28 -1.61
CA ASP A 354 35.70 46.99 -1.24
C ASP A 354 35.83 45.86 -0.23
N LYS A 355 34.74 45.46 0.42
CA LYS A 355 34.78 44.37 1.40
C LYS A 355 34.62 42.99 0.78
N VAL A 356 34.44 42.89 -0.53
CA VAL A 356 34.22 41.61 -1.19
C VAL A 356 35.18 41.48 -2.35
N MET A 357 35.31 40.25 -2.85
CA MET A 357 36.15 39.94 -3.99
C MET A 357 35.29 39.27 -5.05
N ILE A 358 35.12 39.91 -6.21
CA ILE A 358 34.30 39.33 -7.26
C ILE A 358 35.20 38.68 -8.32
N THR A 359 35.00 37.39 -8.53
CA THR A 359 35.77 36.65 -9.51
C THR A 359 35.34 36.98 -10.93
N ASN A 360 36.24 36.77 -11.89
CA ASN A 360 35.90 37.03 -13.28
C ASN A 360 36.22 35.83 -14.17
N GLU A 361 35.46 35.68 -15.24
CA GLU A 361 35.61 34.56 -16.16
C GLU A 361 36.12 34.97 -17.54
N GLU A 362 37.03 35.95 -17.57
CA GLU A 362 37.57 36.45 -18.82
C GLU A 362 38.30 35.40 -19.67
N GLU A 363 38.97 34.45 -19.03
CA GLU A 363 39.73 33.43 -19.74
C GLU A 363 38.92 32.57 -20.70
N ILE A 364 37.66 32.27 -20.34
CA ILE A 364 36.82 31.41 -21.16
C ILE A 364 36.11 32.10 -22.31
N LYS A 365 36.34 33.39 -22.51
CA LYS A 365 35.67 34.10 -23.59
C LYS A 365 35.96 33.52 -24.98
N THR A 366 37.18 33.06 -25.22
CA THR A 366 37.56 32.45 -26.50
C THR A 366 36.55 31.43 -27.03
N THR A 367 35.96 30.61 -26.16
CA THR A 367 34.94 29.66 -26.56
C THR A 367 33.56 29.94 -25.98
N ASN A 368 33.39 30.96 -25.14
CA ASN A 368 32.10 31.14 -24.51
C ASN A 368 31.54 32.53 -24.76
N PRO A 369 30.21 32.66 -24.81
CA PRO A 369 29.60 33.98 -24.96
C PRO A 369 29.66 34.76 -23.65
N VAL A 370 29.56 36.09 -23.80
CA VAL A 370 29.57 36.98 -22.64
C VAL A 370 28.27 36.80 -21.86
N ALA A 371 28.37 36.89 -20.54
CA ALA A 371 27.19 36.66 -19.69
C ALA A 371 26.15 37.75 -19.86
N THR A 372 26.57 38.99 -20.13
CA THR A 372 25.67 40.12 -20.23
C THR A 372 25.25 40.42 -21.68
N GLU A 373 25.63 39.57 -22.62
CA GLU A 373 25.33 39.77 -24.02
C GLU A 373 24.36 38.70 -24.52
N SER A 374 23.62 39.04 -25.57
CA SER A 374 22.77 38.07 -26.22
C SER A 374 23.60 37.04 -26.98
N TYR A 375 23.06 35.84 -27.12
CA TYR A 375 23.79 34.79 -27.84
C TYR A 375 23.97 35.16 -29.31
N GLY A 376 22.97 35.81 -29.89
CA GLY A 376 23.04 36.16 -31.29
C GLY A 376 21.67 36.60 -31.80
N GLN A 377 21.50 36.47 -33.11
CA GLN A 377 20.27 36.89 -33.78
C GLN A 377 19.72 35.76 -34.62
N VAL A 378 18.40 35.74 -34.78
CA VAL A 378 17.70 34.73 -35.56
C VAL A 378 16.67 35.42 -36.44
N ALA A 379 16.30 34.74 -37.52
CA ALA A 379 15.24 35.23 -38.40
C ALA A 379 13.89 34.96 -37.75
N THR A 380 13.08 35.99 -37.61
CA THR A 380 11.74 35.87 -37.02
C THR A 380 10.63 35.84 -38.07
N ASN A 381 10.94 35.93 -39.35
CA ASN A 381 9.89 36.02 -40.37
C ASN A 381 10.42 35.53 -41.70
N HIS A 382 9.54 35.59 -42.72
CA HIS A 382 9.93 35.42 -44.12
C HIS A 382 9.96 36.79 -44.78
N GLN A 383 11.06 37.10 -45.46
CA GLN A 383 11.11 38.30 -46.25
C GLN A 383 10.27 38.13 -47.51
N SER A 384 9.89 39.27 -48.08
CA SER A 384 9.16 39.30 -49.34
C SER A 384 9.26 40.72 -49.88
N ALA A 385 8.64 40.96 -51.03
CA ALA A 385 8.61 42.30 -51.59
C ALA A 385 7.93 43.27 -50.64
N GLN A 386 6.96 42.81 -49.86
CA GLN A 386 6.23 43.64 -48.92
C GLN A 386 6.75 43.54 -47.49
N ALA A 387 7.72 42.69 -47.22
CA ALA A 387 8.15 42.44 -45.85
C ALA A 387 9.66 42.44 -45.76
N GLN A 388 10.20 43.27 -44.87
CA GLN A 388 11.63 43.31 -44.64
C GLN A 388 12.10 42.10 -43.85
N ALA A 389 13.39 41.82 -43.96
CA ALA A 389 13.99 40.76 -43.15
C ALA A 389 14.17 41.24 -41.72
N GLN A 390 13.53 40.53 -40.79
CA GLN A 390 13.54 40.92 -39.39
C GLN A 390 14.34 39.90 -38.59
N THR A 391 14.92 40.37 -37.49
CA THR A 391 15.66 39.53 -36.58
C THR A 391 15.17 39.79 -35.16
N GLY A 392 15.58 38.93 -34.25
CA GLY A 392 15.31 39.13 -32.84
C GLY A 392 16.45 38.55 -32.05
N TRP A 393 16.60 39.05 -30.84
CA TRP A 393 17.76 38.71 -30.02
C TRP A 393 17.50 37.42 -29.25
N VAL A 394 18.52 36.57 -29.19
CA VAL A 394 18.44 35.34 -28.42
C VAL A 394 19.00 35.64 -27.04
N GLN A 395 18.11 35.70 -26.05
CA GLN A 395 18.54 36.03 -24.70
C GLN A 395 18.91 34.78 -23.91
N ASN A 396 18.50 33.61 -24.39
CA ASN A 396 18.92 32.33 -23.82
C ASN A 396 18.99 31.30 -24.93
N GLN A 397 20.04 30.49 -24.90
CA GLN A 397 20.23 29.47 -25.93
C GLN A 397 20.54 28.15 -25.25
N GLY A 398 19.85 27.09 -25.67
CA GLY A 398 20.17 25.77 -25.22
C GLY A 398 21.29 25.16 -26.04
N ILE A 399 21.57 23.90 -25.75
CA ILE A 399 22.63 23.19 -26.46
C ILE A 399 22.23 23.01 -27.92
N LEU A 400 23.19 23.20 -28.82
CA LEU A 400 23.06 22.84 -30.22
C LEU A 400 24.17 21.90 -30.62
N PRO A 401 23.94 21.03 -31.61
CA PRO A 401 25.03 20.19 -32.12
C PRO A 401 26.12 21.06 -32.73
N GLY A 402 27.35 20.81 -32.30
CA GLY A 402 28.48 21.59 -32.75
C GLY A 402 28.99 22.63 -31.76
N MET A 403 28.37 22.76 -30.60
CA MET A 403 28.84 23.70 -29.59
C MET A 403 30.04 23.14 -28.83
N VAL A 404 30.90 24.05 -28.39
CA VAL A 404 31.97 23.77 -27.45
C VAL A 404 31.93 24.85 -26.39
N TRP A 405 32.33 24.50 -25.17
CA TRP A 405 32.33 25.48 -24.09
C TRP A 405 33.35 25.09 -23.05
N GLN A 406 33.77 26.09 -22.26
CA GLN A 406 34.60 25.88 -21.09
C GLN A 406 33.72 25.89 -19.84
N ASP A 407 34.08 25.04 -18.88
CA ASP A 407 33.40 25.03 -17.59
C ASP A 407 33.91 26.19 -16.75
N ARG A 408 33.37 26.34 -15.55
CA ARG A 408 33.80 27.43 -14.69
C ARG A 408 35.11 27.08 -14.00
N ASP A 409 35.96 28.10 -13.86
CA ASP A 409 37.29 27.91 -13.29
C ASP A 409 37.20 27.68 -11.79
N VAL A 410 38.11 26.85 -11.29
CA VAL A 410 38.19 26.56 -9.86
C VAL A 410 39.09 27.61 -9.21
N TYR A 411 38.71 28.01 -8.00
CA TYR A 411 39.43 29.05 -7.27
C TYR A 411 39.98 28.49 -5.97
N LEU A 412 41.07 29.11 -5.50
CA LEU A 412 41.70 28.68 -4.26
C LEU A 412 40.72 28.72 -3.09
N GLN A 413 39.72 29.60 -3.16
CA GLN A 413 38.69 29.67 -2.13
C GLN A 413 37.45 28.87 -2.49
N GLY A 414 37.44 28.18 -3.62
CA GLY A 414 36.23 27.59 -4.15
C GLY A 414 36.05 26.12 -3.87
N PRO A 415 34.89 25.59 -4.19
CA PRO A 415 34.61 24.17 -3.92
C PRO A 415 35.37 23.26 -4.86
N ILE A 416 35.47 21.99 -4.46
CA ILE A 416 36.21 20.98 -5.20
C ILE A 416 35.24 20.06 -5.95
N TRP A 417 34.40 19.35 -5.21
CA TRP A 417 33.48 18.38 -5.80
C TRP A 417 32.04 18.74 -5.47
N ALA A 418 31.12 18.09 -6.18
CA ALA A 418 29.71 18.11 -5.85
C ALA A 418 29.11 16.76 -6.18
N LYS A 419 27.99 16.45 -5.54
CA LYS A 419 27.29 15.21 -5.80
C LYS A 419 26.30 15.43 -6.93
N ILE A 420 26.49 14.71 -8.03
CA ILE A 420 25.52 14.74 -9.12
C ILE A 420 24.19 14.22 -8.60
N PRO A 421 23.09 14.98 -8.70
CA PRO A 421 21.81 14.46 -8.22
C PRO A 421 21.46 13.16 -8.91
N HIS A 422 20.70 12.32 -8.21
CA HIS A 422 20.33 11.02 -8.72
C HIS A 422 19.02 11.18 -9.47
N THR A 423 19.07 11.10 -10.80
CA THR A 423 17.95 11.43 -11.65
C THR A 423 17.97 10.53 -12.88
N ASP A 424 16.84 10.50 -13.59
CA ASP A 424 16.76 9.76 -14.83
C ASP A 424 17.82 10.21 -15.82
N GLY A 425 18.02 11.51 -15.95
CA GLY A 425 19.00 12.01 -16.90
C GLY A 425 19.54 13.36 -16.51
N ASN A 426 20.76 13.62 -16.99
CA ASN A 426 21.42 14.90 -16.84
C ASN A 426 22.25 15.16 -18.08
N PHE A 427 22.70 16.40 -18.23
CA PHE A 427 23.64 16.73 -19.29
C PHE A 427 24.81 17.51 -18.70
N HIS A 428 26.02 17.08 -19.04
CA HIS A 428 27.28 17.67 -18.62
C HIS A 428 27.24 17.91 -17.12
N PRO A 429 27.33 16.85 -16.32
CA PRO A 429 27.06 16.94 -14.88
C PRO A 429 27.97 17.88 -14.10
N SER A 430 29.04 18.37 -14.71
CA SER A 430 29.97 19.25 -14.02
C SER A 430 29.21 20.38 -13.30
N PRO A 431 29.48 20.62 -12.03
CA PRO A 431 28.66 21.57 -11.26
C PRO A 431 28.88 23.01 -11.68
N LEU A 432 27.86 23.83 -11.45
CA LEU A 432 27.86 25.20 -11.93
C LEU A 432 28.75 26.13 -11.11
N MET A 433 28.93 25.86 -9.82
CA MET A 433 29.84 26.68 -9.03
C MET A 433 31.30 26.30 -9.22
N GLY A 434 31.58 25.30 -10.03
CA GLY A 434 32.94 24.89 -10.32
C GLY A 434 33.30 23.61 -9.58
N GLY A 435 34.25 22.89 -10.16
CA GLY A 435 34.71 21.64 -9.60
C GLY A 435 34.21 20.41 -10.34
N PHE A 436 34.41 19.27 -9.68
CA PHE A 436 34.24 17.96 -10.30
C PHE A 436 32.87 17.40 -9.95
N GLY A 437 32.06 17.12 -10.96
CA GLY A 437 30.82 16.41 -10.76
C GLY A 437 31.07 14.93 -10.51
N MET A 438 30.41 14.40 -9.49
CA MET A 438 30.61 13.00 -9.11
C MET A 438 29.28 12.40 -8.68
N LYS A 439 29.00 11.19 -9.15
CA LYS A 439 27.85 10.45 -8.65
C LYS A 439 28.05 9.97 -7.22
N HIS A 440 29.25 9.48 -6.91
CA HIS A 440 29.61 9.04 -5.56
C HIS A 440 30.77 9.90 -5.09
N PRO A 441 30.48 11.10 -4.60
CA PRO A 441 31.54 12.01 -4.15
C PRO A 441 32.14 11.51 -2.85
N PRO A 442 33.13 12.22 -2.29
CA PRO A 442 33.60 11.86 -0.95
C PRO A 442 32.47 11.86 0.05
N PRO A 443 32.37 10.82 0.88
CA PRO A 443 31.20 10.66 1.74
C PRO A 443 31.16 11.69 2.84
N GLN A 444 29.94 11.96 3.31
CA GLN A 444 29.76 12.81 4.46
C GLN A 444 30.30 12.14 5.72
N ILE A 445 30.94 12.94 6.57
CA ILE A 445 31.51 12.46 7.82
C ILE A 445 30.71 13.12 8.94
N LEU A 446 29.93 12.33 9.65
CA LEU A 446 29.04 12.85 10.68
C LEU A 446 29.61 12.52 12.07
N ILE A 447 29.51 13.48 12.98
CA ILE A 447 30.13 13.34 14.30
C ILE A 447 29.28 14.08 15.32
N LYS A 448 29.15 13.49 16.50
CA LYS A 448 28.46 14.14 17.62
C LYS A 448 29.05 13.62 18.92
N ASN A 449 28.75 14.33 20.00
CA ASN A 449 29.10 13.87 21.34
C ASN A 449 27.98 13.00 21.89
N THR A 450 28.34 11.85 22.45
CA THR A 450 27.34 10.98 23.06
C THR A 450 26.78 11.68 24.29
N PRO A 451 25.45 11.81 24.40
CA PRO A 451 24.89 12.48 25.57
C PRO A 451 25.16 11.69 26.83
N VAL A 452 25.63 12.39 27.86
CA VAL A 452 25.88 11.78 29.16
C VAL A 452 24.83 12.32 30.12
N PRO A 453 23.88 11.50 30.55
CA PRO A 453 22.80 12.02 31.40
C PRO A 453 23.31 12.45 32.76
N ALA A 454 22.62 13.42 33.34
CA ALA A 454 22.85 13.79 34.72
C ALA A 454 22.19 12.77 35.64
N ASP A 455 22.15 13.07 36.92
CA ASP A 455 21.60 12.13 37.89
C ASP A 455 20.09 11.94 37.66
N PRO A 456 19.64 10.71 37.42
CA PRO A 456 18.21 10.46 37.29
C PRO A 456 17.55 10.48 38.66
N PRO A 457 16.22 10.65 38.71
CA PRO A 457 15.52 10.57 40.00
C PRO A 457 15.54 9.14 40.53
N THR A 458 15.27 9.01 41.82
CA THR A 458 15.28 7.72 42.47
C THR A 458 13.98 6.95 42.28
N ALA A 459 12.90 7.62 41.91
CA ALA A 459 11.63 6.98 41.59
C ALA A 459 11.44 6.98 40.09
N PHE A 460 10.99 5.85 39.55
CA PHE A 460 10.92 5.67 38.11
C PHE A 460 9.95 6.66 37.46
N ASN A 461 10.35 7.18 36.31
CA ASN A 461 9.50 7.99 35.47
C ASN A 461 9.78 7.64 34.02
N LYS A 462 8.70 7.45 33.24
CA LYS A 462 8.84 6.96 31.87
C LYS A 462 9.30 8.01 30.88
N ASP A 463 9.28 9.28 31.26
CA ASP A 463 9.69 10.34 30.34
C ASP A 463 11.18 10.26 30.06
N LYS A 464 11.56 10.63 28.83
CA LYS A 464 12.97 10.61 28.46
C LYS A 464 13.73 11.65 29.27
N LEU A 465 15.03 11.43 29.41
CA LEU A 465 15.86 12.26 30.27
C LEU A 465 16.20 13.56 29.55
N ASN A 466 15.78 14.69 30.12
CA ASN A 466 16.08 16.00 29.56
C ASN A 466 17.26 16.69 30.24
N SER A 467 17.87 16.07 31.24
CA SER A 467 18.96 16.67 32.00
C SER A 467 20.26 15.98 31.64
N PHE A 468 21.20 16.74 31.08
CA PHE A 468 22.46 16.19 30.63
C PHE A 468 23.62 17.00 31.20
N ILE A 469 24.81 16.41 31.15
CA ILE A 469 26.02 17.10 31.56
C ILE A 469 26.53 17.94 30.39
N THR A 470 26.74 19.24 30.63
CA THR A 470 27.30 20.11 29.61
C THR A 470 28.68 19.60 29.19
N GLN A 471 28.87 19.46 27.89
CA GLN A 471 29.99 18.66 27.40
C GLN A 471 30.41 19.15 26.03
N TYR A 472 31.70 19.03 25.74
CA TYR A 472 32.20 19.23 24.40
C TYR A 472 33.49 18.44 24.24
N SER A 473 33.88 18.21 23.00
CA SER A 473 35.08 17.44 22.70
C SER A 473 35.95 18.20 21.71
N THR A 474 37.23 17.88 21.72
CA THR A 474 38.20 18.50 20.84
C THR A 474 39.23 17.47 20.45
N GLY A 475 39.93 17.73 19.35
CA GLY A 475 40.86 16.75 18.83
C GLY A 475 41.48 17.19 17.53
N GLN A 476 41.95 16.21 16.77
CA GLN A 476 42.71 16.47 15.55
C GLN A 476 42.06 15.76 14.36
N VAL A 477 42.19 16.39 13.19
CA VAL A 477 41.73 15.81 11.93
C VAL A 477 42.81 16.01 10.88
N SER A 478 43.14 14.94 10.17
CA SER A 478 44.08 15.01 9.06
C SER A 478 43.48 14.34 7.83
N VAL A 479 43.37 15.10 6.75
CA VAL A 479 42.85 14.62 5.47
C VAL A 479 43.98 14.68 4.45
N GLU A 480 44.12 13.62 3.66
CA GLU A 480 45.19 13.48 2.70
C GLU A 480 44.62 13.10 1.34
N ILE A 481 44.77 13.98 0.35
CA ILE A 481 44.26 13.77 -1.00
C ILE A 481 45.44 13.67 -1.95
N GLU A 482 45.40 12.69 -2.85
CA GLU A 482 46.40 12.52 -3.89
C GLU A 482 45.90 13.11 -5.19
N TRP A 483 46.61 14.11 -5.72
CA TRP A 483 46.22 14.83 -6.90
C TRP A 483 47.08 14.40 -8.09
N GLU A 484 46.43 14.14 -9.21
CA GLU A 484 47.12 13.76 -10.44
C GLU A 484 47.25 14.99 -11.34
N LEU A 485 48.43 15.15 -11.92
CA LEU A 485 48.74 16.31 -12.74
C LEU A 485 48.78 15.93 -14.21
N GLN A 486 48.40 16.87 -15.07
CA GLN A 486 48.50 16.66 -16.50
C GLN A 486 49.66 17.48 -17.09
N PHE B 215 43.41 6.81 -38.18
CA PHE B 215 42.18 7.48 -37.76
C PHE B 215 41.61 6.81 -36.52
N GLU B 216 41.19 7.63 -35.56
CA GLU B 216 40.46 7.10 -34.41
C GLU B 216 39.04 6.74 -34.82
N ASN B 217 38.41 5.90 -34.00
CA ASN B 217 37.09 5.36 -34.33
C ASN B 217 36.07 6.48 -34.46
N VAL B 218 35.39 6.53 -35.59
CA VAL B 218 34.34 7.50 -35.85
C VAL B 218 33.10 6.75 -36.30
N PRO B 219 31.91 7.29 -36.00
CA PRO B 219 30.68 6.62 -36.44
C PRO B 219 30.54 6.66 -37.95
N PHE B 220 30.00 5.58 -38.50
CA PHE B 220 29.80 5.51 -39.94
C PHE B 220 28.94 6.66 -40.41
N HIS B 221 29.40 7.37 -41.43
CA HIS B 221 28.61 8.45 -41.97
C HIS B 221 27.38 7.87 -42.64
N SER B 222 26.22 8.44 -42.36
CA SER B 222 25.01 7.94 -42.95
C SER B 222 24.85 8.48 -44.35
N SER B 223 24.64 7.60 -45.32
CA SER B 223 24.45 8.03 -46.69
C SER B 223 23.20 7.34 -47.19
N TYR B 224 22.08 7.72 -46.62
CA TYR B 224 20.79 7.18 -46.96
C TYR B 224 19.73 8.21 -46.62
N ALA B 225 18.55 8.09 -47.21
CA ALA B 225 17.47 9.01 -46.95
C ALA B 225 16.32 8.21 -46.37
N HIS B 226 15.70 8.72 -45.31
CA HIS B 226 14.61 8.00 -44.68
C HIS B 226 13.41 7.84 -45.61
N SER B 227 12.80 6.65 -45.57
CA SER B 227 11.65 6.36 -46.40
C SER B 227 10.39 6.61 -45.60
N GLN B 228 10.58 7.19 -44.42
CA GLN B 228 9.49 7.57 -43.53
C GLN B 228 9.78 8.94 -42.94
N SER B 229 8.77 9.51 -42.31
CA SER B 229 8.89 10.75 -41.57
C SER B 229 8.64 10.49 -40.10
N LEU B 230 9.18 11.36 -39.25
CA LEU B 230 9.13 11.14 -37.80
C LEU B 230 7.70 11.10 -37.30
N ASP B 231 6.80 11.86 -37.91
CA ASP B 231 5.43 11.98 -37.43
C ASP B 231 4.46 10.98 -38.07
N ARG B 232 4.90 10.26 -39.11
CA ARG B 232 4.07 9.24 -39.76
C ARG B 232 4.39 7.82 -39.33
N LEU B 233 5.24 7.62 -38.32
CA LEU B 233 5.66 6.28 -37.92
C LEU B 233 4.52 5.35 -37.53
N MET B 234 3.31 5.88 -37.37
CA MET B 234 2.17 5.12 -36.85
C MET B 234 1.69 4.05 -37.83
N ASN B 235 0.93 3.11 -37.28
CA ASN B 235 0.12 2.19 -38.08
C ASN B 235 -1.14 2.92 -38.55
N PRO B 236 -1.36 3.06 -39.85
CA PRO B 236 -2.53 3.83 -40.33
C PRO B 236 -3.86 3.14 -40.10
N LEU B 237 -3.87 1.85 -39.81
CA LEU B 237 -5.13 1.11 -39.77
C LEU B 237 -5.75 1.02 -38.38
N ILE B 238 -5.05 1.43 -37.33
CA ILE B 238 -5.41 1.12 -35.95
C ILE B 238 -5.50 2.42 -35.15
N ASP B 239 -6.43 2.43 -34.19
CA ASP B 239 -6.55 3.54 -33.26
C ASP B 239 -5.50 3.45 -32.16
N GLN B 240 -5.13 4.60 -31.61
CA GLN B 240 -4.44 4.64 -30.34
C GLN B 240 -5.43 4.44 -29.19
N TYR B 241 -4.91 4.01 -28.05
CA TYR B 241 -5.68 3.99 -26.82
C TYR B 241 -5.56 5.28 -26.04
N LEU B 242 -4.92 6.29 -26.62
CA LEU B 242 -4.81 7.60 -26.02
C LEU B 242 -5.90 8.52 -26.55
N TYR B 243 -6.38 9.40 -25.68
CA TYR B 243 -7.39 10.39 -25.99
C TYR B 243 -6.75 11.77 -25.93
N TYR B 244 -7.37 12.71 -26.63
CA TYR B 244 -6.93 14.10 -26.64
C TYR B 244 -8.16 14.97 -26.37
N LEU B 245 -7.94 16.25 -26.13
CA LEU B 245 -9.05 17.15 -25.86
C LEU B 245 -9.51 17.73 -27.19
N SER B 246 -10.67 17.24 -27.64
CA SER B 246 -11.17 17.62 -28.95
C SER B 246 -11.95 18.92 -28.90
N LYS B 247 -12.78 19.10 -27.88
CA LYS B 247 -13.81 20.13 -27.88
C LYS B 247 -13.83 20.86 -26.54
N THR B 248 -13.57 22.18 -26.58
CA THR B 248 -13.66 23.01 -25.38
C THR B 248 -14.95 23.82 -25.26
N ILE B 249 -15.79 23.83 -26.28
CA ILE B 249 -17.05 24.57 -26.24
C ILE B 249 -18.12 23.76 -26.92
N ASN B 250 -19.29 23.68 -26.30
CA ASN B 250 -20.38 22.91 -26.86
C ASN B 250 -20.81 23.47 -28.19
N GLY B 251 -20.85 24.79 -28.28
CA GLY B 251 -21.22 25.47 -29.51
C GLY B 251 -21.11 26.97 -29.39
N SER B 252 -21.63 27.69 -30.36
CA SER B 252 -21.59 29.14 -30.35
C SER B 252 -22.55 29.71 -29.32
N GLY B 253 -22.24 30.90 -28.81
CA GLY B 253 -23.06 31.55 -27.82
C GLY B 253 -22.36 31.72 -26.49
N GLN B 254 -22.95 32.52 -25.61
CA GLN B 254 -22.39 32.79 -24.31
C GLN B 254 -22.42 31.58 -23.38
N ASN B 255 -21.37 31.47 -22.57
CA ASN B 255 -21.24 30.42 -21.56
C ASN B 255 -21.35 29.00 -22.07
N GLN B 256 -20.86 28.75 -23.27
CA GLN B 256 -20.90 27.41 -23.84
C GLN B 256 -19.54 26.77 -23.64
N GLN B 257 -19.22 26.42 -22.41
CA GLN B 257 -17.93 25.83 -22.10
C GLN B 257 -18.06 24.36 -21.74
N THR B 258 -17.20 23.52 -22.30
CA THR B 258 -17.23 22.09 -22.02
C THR B 258 -15.91 21.41 -22.29
N LEU B 259 -15.76 20.19 -21.78
CA LEU B 259 -14.56 19.42 -22.04
C LEU B 259 -15.00 18.10 -22.67
N LYS B 260 -14.54 17.82 -23.89
CA LYS B 260 -14.88 16.59 -24.59
C LYS B 260 -13.64 15.95 -25.17
N PHE B 261 -13.53 14.64 -25.03
CA PHE B 261 -12.35 13.91 -25.50
C PHE B 261 -12.67 12.93 -26.62
N SER B 262 -11.74 12.78 -27.55
CA SER B 262 -11.90 11.88 -28.67
C SER B 262 -10.70 10.94 -28.76
N VAL B 263 -10.89 9.80 -29.42
CA VAL B 263 -9.79 8.88 -29.65
C VAL B 263 -8.86 9.45 -30.72
N ALA B 264 -7.56 9.47 -30.41
CA ALA B 264 -6.56 9.83 -31.40
C ALA B 264 -6.31 8.63 -32.32
N GLY B 265 -6.41 8.84 -33.62
CA GLY B 265 -6.38 7.74 -34.55
C GLY B 265 -6.10 8.13 -35.98
N PRO B 266 -6.35 7.20 -36.89
CA PRO B 266 -6.00 7.44 -38.31
C PRO B 266 -6.64 8.67 -38.92
N SER B 267 -7.86 9.02 -38.50
CA SER B 267 -8.51 10.19 -39.08
C SER B 267 -7.75 11.47 -38.78
N ASN B 268 -7.43 11.73 -37.51
CA ASN B 268 -6.67 12.90 -37.11
C ASN B 268 -5.34 12.42 -36.57
N MET B 269 -4.28 12.58 -37.36
CA MET B 269 -2.98 12.04 -37.00
C MET B 269 -2.07 13.04 -36.30
N ALA B 270 -2.44 14.33 -36.28
CA ALA B 270 -1.53 15.33 -35.73
C ALA B 270 -1.67 15.48 -34.23
N VAL B 271 -2.74 14.93 -33.64
CA VAL B 271 -2.97 15.03 -32.20
C VAL B 271 -2.52 13.80 -31.45
N GLN B 272 -2.06 12.77 -32.14
CA GLN B 272 -1.69 11.52 -31.47
C GLN B 272 -0.46 11.71 -30.60
N GLY B 273 -0.29 10.81 -29.64
CA GLY B 273 0.92 10.78 -28.86
C GLY B 273 2.09 10.29 -29.69
N ARG B 274 3.26 10.85 -29.42
CA ARG B 274 4.49 10.47 -30.13
C ARG B 274 5.64 10.30 -29.14
N ASN B 275 6.48 9.32 -29.43
CA ASN B 275 7.64 9.05 -28.61
C ASN B 275 8.84 9.93 -28.92
N TYR B 276 8.90 10.55 -30.10
CA TYR B 276 10.10 11.30 -30.47
C TYR B 276 9.71 12.54 -31.27
N ILE B 277 10.62 13.51 -31.29
CA ILE B 277 10.36 14.84 -31.83
C ILE B 277 11.58 15.24 -32.65
N PRO B 278 11.41 16.16 -33.61
CA PRO B 278 12.50 16.50 -34.53
C PRO B 278 13.57 17.33 -33.86
N GLY B 279 14.72 17.40 -34.53
CA GLY B 279 15.91 18.00 -34.00
C GLY B 279 15.84 19.50 -33.79
N PRO B 280 16.92 20.07 -33.27
CA PRO B 280 16.94 21.50 -32.94
C PRO B 280 17.00 22.38 -34.18
N SER B 281 16.63 23.64 -33.99
CA SER B 281 16.55 24.60 -35.07
C SER B 281 17.08 25.96 -34.62
N TYR B 282 17.76 26.63 -35.54
CA TYR B 282 18.17 28.03 -35.36
C TYR B 282 17.85 28.71 -36.69
N ARG B 283 16.86 29.59 -36.72
CA ARG B 283 16.23 29.90 -38.00
C ARG B 283 17.12 30.78 -38.89
N GLN B 284 17.22 30.39 -40.16
CA GLN B 284 17.84 31.17 -41.21
C GLN B 284 16.78 31.94 -41.99
N GLN B 285 17.13 33.15 -42.41
CA GLN B 285 16.24 33.91 -43.28
C GLN B 285 16.16 33.29 -44.67
N ARG B 286 14.97 33.33 -45.25
CA ARG B 286 14.70 32.63 -46.50
C ARG B 286 15.02 33.55 -47.68
N VAL B 287 15.61 32.98 -48.73
CA VAL B 287 15.97 33.72 -49.93
C VAL B 287 15.42 32.96 -51.13
N SER B 288 14.73 33.69 -52.02
CA SER B 288 14.18 33.12 -53.23
C SER B 288 15.13 33.31 -54.39
N THR B 289 15.31 32.24 -55.18
CA THR B 289 16.13 32.30 -56.37
C THR B 289 15.60 33.31 -57.40
N THR B 290 14.30 33.60 -57.37
CA THR B 290 13.71 34.64 -58.21
C THR B 290 13.90 35.97 -57.48
N VAL B 291 14.65 36.88 -58.10
CA VAL B 291 15.06 38.08 -57.38
C VAL B 291 13.86 38.99 -57.09
N THR B 292 12.87 39.04 -57.96
CA THR B 292 11.77 39.98 -57.79
C THR B 292 10.91 39.66 -56.58
N GLN B 293 10.90 38.40 -56.13
CA GLN B 293 10.16 38.04 -54.93
C GLN B 293 10.88 38.46 -53.66
N ASN B 294 12.20 38.59 -53.71
CA ASN B 294 12.98 39.08 -52.58
C ASN B 294 12.69 40.56 -52.35
N ASN B 295 12.97 41.01 -51.14
CA ASN B 295 12.76 42.39 -50.74
C ASN B 295 13.82 43.30 -51.36
N ASN B 296 13.41 44.51 -51.73
CA ASN B 296 14.35 45.46 -52.34
C ASN B 296 15.11 46.23 -51.28
N SER B 297 16.04 45.55 -50.63
CA SER B 297 16.89 46.16 -49.61
C SER B 297 18.14 45.31 -49.45
N GLU B 298 19.16 45.84 -48.79
CA GLU B 298 20.36 45.06 -48.58
C GLU B 298 20.25 44.38 -47.23
N PHE B 299 19.99 43.09 -47.24
CA PHE B 299 19.83 42.34 -45.99
C PHE B 299 20.83 41.19 -45.77
N ALA B 300 21.90 41.12 -46.54
CA ALA B 300 22.82 40.01 -46.37
C ALA B 300 23.43 39.98 -44.97
N TRP B 301 23.83 41.13 -44.46
CA TRP B 301 24.37 41.17 -43.11
C TRP B 301 23.35 41.62 -42.09
N PRO B 302 22.61 42.69 -42.43
CA PRO B 302 21.58 43.25 -41.55
C PRO B 302 20.53 42.22 -41.16
N GLY B 303 20.23 41.28 -42.06
CA GLY B 303 19.25 40.27 -41.75
C GLY B 303 19.82 38.88 -41.53
N ALA B 304 21.11 38.79 -41.22
CA ALA B 304 21.76 37.50 -41.08
C ALA B 304 21.56 36.92 -39.69
N SER B 305 21.46 35.60 -39.64
CA SER B 305 21.46 34.88 -38.38
C SER B 305 22.90 34.66 -37.92
N SER B 306 23.23 35.12 -36.73
CA SER B 306 24.62 35.15 -36.29
C SER B 306 24.72 34.83 -34.81
N TRP B 307 25.94 34.49 -34.40
CA TRP B 307 26.29 34.32 -33.00
C TRP B 307 27.42 35.29 -32.65
N ALA B 308 27.37 35.80 -31.43
CA ALA B 308 28.30 36.82 -30.96
C ALA B 308 29.35 36.22 -30.02
N LEU B 309 30.60 36.60 -30.24
CA LEU B 309 31.71 36.13 -29.40
C LEU B 309 32.62 37.29 -29.06
N ASN B 310 32.75 37.60 -27.78
CA ASN B 310 33.68 38.62 -27.29
C ASN B 310 33.42 39.96 -27.99
N GLY B 311 32.16 40.29 -28.20
CA GLY B 311 31.78 41.53 -28.85
C GLY B 311 31.76 41.48 -30.36
N ARG B 312 32.34 40.46 -30.96
CA ARG B 312 32.34 40.30 -32.41
C ARG B 312 31.20 39.40 -32.84
N ASN B 313 30.47 39.82 -33.87
CA ASN B 313 29.35 39.07 -34.40
C ASN B 313 29.80 38.24 -35.59
N SER B 314 29.70 36.92 -35.47
CA SER B 314 30.07 36.02 -36.54
C SER B 314 28.80 35.44 -37.16
N LEU B 315 28.76 35.35 -38.48
CA LEU B 315 27.61 34.81 -39.18
C LEU B 315 27.49 33.33 -38.87
N MET B 316 26.26 32.84 -38.74
CA MET B 316 26.04 31.43 -38.46
C MET B 316 26.06 30.67 -39.77
N ASN B 317 27.26 30.41 -40.27
CA ASN B 317 27.43 29.72 -41.54
C ASN B 317 28.19 28.42 -41.32
N PRO B 318 27.64 27.30 -41.82
CA PRO B 318 26.25 26.93 -42.08
C PRO B 318 25.36 26.84 -40.83
N GLY B 319 25.89 26.36 -39.71
CA GLY B 319 25.09 26.23 -38.52
C GLY B 319 24.46 24.85 -38.42
N PRO B 320 23.42 24.71 -37.58
CA PRO B 320 22.77 23.41 -37.36
C PRO B 320 22.17 22.85 -38.63
N ALA B 321 22.25 21.53 -38.79
CA ALA B 321 21.71 20.86 -39.97
C ALA B 321 20.19 20.86 -39.95
N MET B 322 19.60 21.49 -40.95
CA MET B 322 18.16 21.58 -41.08
C MET B 322 17.80 21.42 -42.55
N ALA B 323 16.50 21.21 -42.81
CA ALA B 323 16.04 21.11 -44.18
C ALA B 323 16.18 22.46 -44.88
N SER B 324 16.78 22.44 -46.07
CA SER B 324 17.00 23.69 -46.80
C SER B 324 15.68 24.30 -47.25
N HIS B 325 14.70 23.46 -47.57
CA HIS B 325 13.41 23.97 -48.00
C HIS B 325 12.36 22.91 -47.80
N LYS B 326 11.11 23.34 -47.76
CA LYS B 326 9.97 22.44 -47.61
C LYS B 326 9.70 21.69 -48.91
N GLU B 327 8.99 20.58 -48.82
CA GLU B 327 8.67 19.81 -50.01
C GLU B 327 7.85 20.70 -50.92
N GLY B 328 8.19 20.70 -52.20
CA GLY B 328 7.48 21.52 -53.17
C GLY B 328 7.91 22.97 -53.30
N GLU B 329 9.00 23.35 -52.65
CA GLU B 329 9.50 24.72 -52.74
C GLU B 329 10.98 24.69 -53.08
N ASP B 330 11.28 24.28 -54.31
CA ASP B 330 12.66 24.15 -54.77
C ASP B 330 13.46 25.45 -54.80
N ARG B 331 12.82 26.54 -55.21
CA ARG B 331 13.51 27.81 -55.32
C ARG B 331 14.08 28.42 -54.03
N PHE B 332 13.35 28.34 -52.91
CA PHE B 332 13.81 28.92 -51.65
C PHE B 332 14.96 28.18 -50.99
N PHE B 333 15.86 28.92 -50.33
CA PHE B 333 16.99 28.35 -49.64
C PHE B 333 17.39 29.25 -48.48
N PRO B 334 17.97 28.68 -47.42
CA PRO B 334 18.42 29.52 -46.31
C PRO B 334 19.58 30.41 -46.72
N LEU B 335 19.60 31.62 -46.16
CA LEU B 335 20.58 32.62 -46.54
C LEU B 335 22.00 32.09 -46.35
N SER B 336 22.39 31.87 -45.10
CA SER B 336 23.70 31.33 -44.77
C SER B 336 23.68 29.84 -44.50
N GLY B 337 22.54 29.18 -44.66
CA GLY B 337 22.39 27.82 -44.20
C GLY B 337 23.04 26.74 -45.05
N SER B 338 23.45 27.06 -46.27
CA SER B 338 23.96 26.05 -47.18
C SER B 338 25.41 26.34 -47.55
N LEU B 339 26.12 25.27 -47.89
CA LEU B 339 27.46 25.40 -48.43
C LEU B 339 27.36 25.83 -49.89
N ILE B 340 28.26 26.71 -50.31
CA ILE B 340 28.25 27.24 -51.68
C ILE B 340 29.64 27.05 -52.26
N PHE B 341 29.74 26.22 -53.29
CA PHE B 341 31.03 25.97 -53.94
C PHE B 341 31.22 26.89 -55.14
N VAL B 356 28.20 29.52 -59.16
CA VAL B 356 28.18 28.97 -57.81
C VAL B 356 27.20 27.81 -57.72
N MET B 357 27.47 26.87 -56.83
CA MET B 357 26.64 25.69 -56.64
C MET B 357 26.13 25.68 -55.21
N ILE B 358 24.82 25.88 -55.03
CA ILE B 358 24.22 25.89 -53.70
C ILE B 358 23.58 24.57 -53.35
N THR B 359 24.22 23.81 -52.46
CA THR B 359 23.69 22.51 -52.04
C THR B 359 22.46 22.65 -51.16
N ASN B 360 21.52 21.71 -51.27
CA ASN B 360 20.32 21.75 -50.43
C ASN B 360 20.14 20.45 -49.65
N GLU B 361 19.92 20.56 -48.35
CA GLU B 361 19.72 19.38 -47.51
C GLU B 361 18.25 18.91 -47.49
N GLU B 362 17.75 18.46 -48.64
CA GLU B 362 16.38 17.98 -48.74
C GLU B 362 16.07 16.69 -47.97
N GLU B 363 17.05 15.78 -47.91
CA GLU B 363 16.89 14.48 -47.29
C GLU B 363 16.57 14.49 -45.80
N ILE B 364 17.15 15.44 -45.08
CA ILE B 364 17.00 15.55 -43.62
C ILE B 364 15.65 16.03 -43.09
N LYS B 365 14.75 16.44 -43.96
CA LYS B 365 13.45 16.95 -43.54
C LYS B 365 12.64 15.96 -42.70
N THR B 366 12.72 14.67 -43.02
CA THR B 366 12.00 13.65 -42.25
C THR B 366 12.23 13.77 -40.73
N THR B 367 13.48 13.88 -40.29
CA THR B 367 13.76 14.00 -38.86
C THR B 367 14.17 15.40 -38.42
N ASN B 368 14.33 16.35 -39.35
CA ASN B 368 14.82 17.68 -39.00
C ASN B 368 13.80 18.75 -39.38
N PRO B 369 13.76 19.85 -38.64
CA PRO B 369 12.89 20.96 -39.05
C PRO B 369 13.47 21.73 -40.23
N VAL B 370 12.60 22.48 -40.90
CA VAL B 370 13.03 23.28 -42.04
C VAL B 370 13.82 24.48 -41.55
N ALA B 371 14.84 24.88 -42.32
CA ALA B 371 15.73 25.95 -41.87
C ALA B 371 15.02 27.28 -41.73
N THR B 372 14.02 27.54 -42.57
CA THR B 372 13.39 28.85 -42.65
C THR B 372 12.13 28.96 -41.80
N GLU B 373 11.81 27.93 -41.02
CA GLU B 373 10.56 27.88 -40.27
C GLU B 373 10.83 27.93 -38.76
N SER B 374 9.83 28.41 -38.04
CA SER B 374 9.84 28.29 -36.59
C SER B 374 9.78 26.82 -36.19
N TYR B 375 10.36 26.51 -35.04
CA TYR B 375 10.33 25.13 -34.58
C TYR B 375 8.91 24.70 -34.23
N GLY B 376 8.07 25.64 -33.78
CA GLY B 376 6.73 25.30 -33.36
C GLY B 376 6.12 26.43 -32.57
N GLN B 377 5.17 26.08 -31.71
CA GLN B 377 4.47 27.03 -30.86
C GLN B 377 4.49 26.60 -29.41
N VAL B 378 4.50 27.59 -28.51
CA VAL B 378 4.34 27.39 -27.09
C VAL B 378 3.31 28.38 -26.58
N ALA B 379 2.68 28.03 -25.46
CA ALA B 379 1.71 28.93 -24.84
C ALA B 379 2.44 29.99 -24.01
N THR B 380 2.04 31.25 -24.17
CA THR B 380 2.67 32.35 -23.46
C THR B 380 1.90 32.83 -22.23
N ASN B 381 0.76 32.24 -21.93
CA ASN B 381 -0.01 32.68 -20.77
C ASN B 381 -0.97 31.63 -20.25
N HIS B 382 -1.74 32.00 -19.24
CA HIS B 382 -2.74 31.10 -18.69
C HIS B 382 -4.07 31.56 -19.23
N GLN B 383 -4.77 30.70 -19.94
CA GLN B 383 -6.08 31.06 -20.46
C GLN B 383 -7.07 31.09 -19.32
N SER B 384 -8.07 31.93 -19.43
CA SER B 384 -9.09 32.06 -18.39
C SER B 384 -10.35 32.64 -19.01
N ALA B 385 -11.38 32.88 -18.21
CA ALA B 385 -12.58 33.45 -18.77
C ALA B 385 -12.27 34.82 -19.39
N GLN B 386 -11.49 35.64 -18.68
CA GLN B 386 -11.05 36.95 -19.16
C GLN B 386 -10.08 36.94 -20.35
N ALA B 387 -9.12 36.00 -20.35
CA ALA B 387 -8.09 35.97 -21.40
C ALA B 387 -8.03 34.75 -22.30
N GLN B 388 -7.92 34.97 -23.61
CA GLN B 388 -7.86 33.90 -24.60
C GLN B 388 -6.52 33.20 -24.54
N ALA B 389 -6.47 31.98 -25.07
CA ALA B 389 -5.22 31.24 -25.11
C ALA B 389 -4.27 31.87 -26.13
N GLN B 390 -3.08 32.24 -25.66
CA GLN B 390 -2.09 32.91 -26.48
C GLN B 390 -0.90 32.01 -26.69
N THR B 391 -0.43 31.95 -27.92
CA THR B 391 0.79 31.21 -28.26
C THR B 391 1.85 32.19 -28.72
N GLY B 392 3.04 31.65 -28.97
CA GLY B 392 4.13 32.43 -29.53
C GLY B 392 5.06 31.48 -30.25
N TRP B 393 5.77 32.02 -31.24
CA TRP B 393 6.55 31.17 -32.11
C TRP B 393 7.90 30.87 -31.47
N VAL B 394 8.42 29.68 -31.74
CA VAL B 394 9.75 29.30 -31.28
C VAL B 394 10.70 29.44 -32.46
N GLN B 395 11.55 30.48 -32.41
CA GLN B 395 12.47 30.72 -33.51
C GLN B 395 13.72 29.87 -33.40
N ASN B 396 14.28 29.75 -32.19
CA ASN B 396 15.39 28.84 -31.95
C ASN B 396 15.01 27.89 -30.84
N GLN B 397 15.40 26.63 -30.99
CA GLN B 397 15.11 25.61 -29.99
C GLN B 397 16.35 24.76 -29.80
N GLY B 398 16.83 24.68 -28.56
CA GLY B 398 17.95 23.85 -28.24
C GLY B 398 17.56 22.39 -28.15
N ILE B 399 18.52 21.57 -27.74
CA ILE B 399 18.28 20.14 -27.58
C ILE B 399 17.23 19.91 -26.51
N LEU B 400 16.33 18.97 -26.77
CA LEU B 400 15.38 18.46 -25.80
C LEU B 400 15.51 16.95 -25.71
N PRO B 401 15.21 16.36 -24.55
CA PRO B 401 15.18 14.90 -24.47
C PRO B 401 14.11 14.33 -25.39
N GLY B 402 14.51 13.39 -26.23
CA GLY B 402 13.62 12.82 -27.22
C GLY B 402 13.83 13.30 -28.64
N MET B 403 14.73 14.25 -28.85
CA MET B 403 15.00 14.72 -30.20
C MET B 403 15.90 13.75 -30.95
N VAL B 404 15.74 13.73 -32.28
CA VAL B 404 16.62 13.02 -33.20
C VAL B 404 16.91 13.94 -34.37
N TRP B 405 18.08 13.76 -34.98
CA TRP B 405 18.46 14.64 -36.08
C TRP B 405 19.39 13.88 -37.02
N GLN B 406 19.50 14.42 -38.24
CA GLN B 406 20.48 13.98 -39.22
C GLN B 406 21.55 15.06 -39.37
N ASP B 407 22.79 14.62 -39.47
CA ASP B 407 23.89 15.55 -39.69
C ASP B 407 23.87 16.07 -41.12
N ARG B 408 24.80 16.95 -41.43
CA ARG B 408 24.88 17.49 -42.79
C ARG B 408 25.56 16.50 -43.71
N ASP B 409 24.95 16.31 -44.88
CA ASP B 409 25.49 15.38 -45.86
C ASP B 409 26.84 15.86 -46.36
N VAL B 410 27.78 14.93 -46.45
CA VAL B 410 29.12 15.21 -46.97
C VAL B 410 29.01 15.29 -48.48
N TYR B 411 29.94 16.05 -49.08
CA TYR B 411 29.95 16.23 -50.52
C TYR B 411 31.29 15.81 -51.08
N LEU B 412 31.32 15.56 -52.39
CA LEU B 412 32.56 15.17 -53.03
C LEU B 412 33.55 16.32 -53.03
N GLN B 413 33.06 17.55 -53.19
CA GLN B 413 33.91 18.74 -53.08
C GLN B 413 34.08 19.20 -51.64
N GLY B 414 33.37 18.61 -50.69
CA GLY B 414 33.39 19.08 -49.33
C GLY B 414 34.49 18.47 -48.49
N PRO B 415 34.59 18.90 -47.24
CA PRO B 415 35.67 18.42 -46.37
C PRO B 415 35.43 16.99 -45.91
N ILE B 416 36.50 16.37 -45.42
CA ILE B 416 36.43 14.99 -44.93
C ILE B 416 36.33 14.99 -43.41
N TRP B 417 37.36 15.48 -42.74
CA TRP B 417 37.43 15.49 -41.29
C TRP B 417 37.59 16.91 -40.78
N ALA B 418 37.35 17.08 -39.48
CA ALA B 418 37.67 18.32 -38.79
C ALA B 418 38.27 17.99 -37.44
N LYS B 419 38.96 18.96 -36.86
CA LYS B 419 39.57 18.78 -35.54
C LYS B 419 38.62 19.30 -34.48
N ILE B 420 38.15 18.41 -33.62
CA ILE B 420 37.28 18.81 -32.51
C ILE B 420 38.05 19.74 -31.59
N PRO B 421 37.51 20.92 -31.25
CA PRO B 421 38.24 21.82 -30.36
C PRO B 421 38.50 21.16 -29.03
N HIS B 422 39.60 21.56 -28.39
CA HIS B 422 39.99 20.98 -27.11
C HIS B 422 39.37 21.85 -26.02
N THR B 423 38.36 21.31 -25.34
CA THR B 423 37.53 22.08 -24.44
C THR B 423 37.06 21.17 -23.31
N ASP B 424 36.54 21.80 -22.25
CA ASP B 424 35.94 21.04 -21.16
C ASP B 424 34.82 20.14 -21.66
N GLY B 425 33.94 20.67 -22.50
CA GLY B 425 32.82 19.88 -22.97
C GLY B 425 32.34 20.34 -24.34
N ASN B 426 31.67 19.40 -25.02
CA ASN B 426 31.02 19.66 -26.29
C ASN B 426 29.86 18.71 -26.42
N PHE B 427 28.95 19.02 -27.34
CA PHE B 427 27.82 18.14 -27.63
C PHE B 427 27.76 17.86 -29.11
N HIS B 428 27.70 16.58 -29.45
CA HIS B 428 27.63 16.09 -30.82
C HIS B 428 28.77 16.73 -31.61
N PRO B 429 30.01 16.30 -31.38
CA PRO B 429 31.19 17.00 -31.91
C PRO B 429 31.25 17.09 -33.43
N SER B 430 30.38 16.37 -34.13
CA SER B 430 30.38 16.36 -35.59
C SER B 430 30.47 17.79 -36.13
N PRO B 431 31.37 18.07 -37.07
CA PRO B 431 31.54 19.44 -37.53
C PRO B 431 30.38 19.90 -38.41
N LEU B 432 30.09 21.19 -38.33
CA LEU B 432 28.89 21.73 -38.96
C LEU B 432 29.00 21.84 -40.47
N MET B 433 30.20 21.94 -41.03
CA MET B 433 30.33 21.98 -42.48
C MET B 433 30.28 20.59 -43.11
N GLY B 434 30.14 19.55 -42.32
CA GLY B 434 30.06 18.20 -42.81
C GLY B 434 31.35 17.43 -42.62
N GLY B 435 31.21 16.12 -42.48
CA GLY B 435 32.34 15.26 -42.26
C GLY B 435 32.45 14.75 -40.85
N PHE B 436 33.58 14.09 -40.58
CA PHE B 436 33.81 13.36 -39.34
C PHE B 436 34.53 14.25 -38.35
N GLY B 437 34.07 14.28 -37.11
CA GLY B 437 34.82 14.92 -36.05
C GLY B 437 35.85 13.97 -35.48
N MET B 438 37.01 14.52 -35.13
CA MET B 438 38.11 13.76 -34.55
C MET B 438 38.84 14.62 -33.54
N LYS B 439 39.15 14.06 -32.37
CA LYS B 439 39.98 14.79 -31.42
C LYS B 439 41.44 14.79 -31.84
N HIS B 440 41.91 13.69 -32.45
CA HIS B 440 43.27 13.58 -32.94
C HIS B 440 43.20 13.31 -34.44
N PRO B 441 42.93 14.32 -35.25
CA PRO B 441 42.85 14.12 -36.69
C PRO B 441 44.24 14.00 -37.30
N PRO B 442 44.33 13.78 -38.62
CA PRO B 442 45.64 13.85 -39.30
C PRO B 442 46.38 15.16 -39.07
N ASP C 17 2.34 -32.02 -35.36
CA ASP C 17 2.78 -33.36 -34.99
C ASP C 17 1.63 -34.35 -35.14
N GLY C 18 0.46 -33.99 -34.62
CA GLY C 18 -0.71 -34.82 -34.76
C GLY C 18 -1.97 -33.97 -34.68
N VAL C 19 -3.05 -34.50 -35.24
CA VAL C 19 -4.31 -33.76 -35.28
C VAL C 19 -4.92 -33.69 -33.88
N GLY C 20 -4.86 -34.79 -33.14
CA GLY C 20 -5.43 -34.87 -31.81
C GLY C 20 -4.43 -34.76 -30.68
N SER C 21 -3.28 -34.14 -30.91
CA SER C 21 -2.28 -33.91 -29.88
C SER C 21 -2.04 -32.41 -29.75
N SER C 22 -2.29 -31.88 -28.56
CA SER C 22 -2.11 -30.47 -28.30
C SER C 22 -0.65 -30.07 -28.46
N SER C 23 -0.43 -28.88 -29.00
CA SER C 23 0.91 -28.38 -29.29
C SER C 23 1.48 -27.51 -28.18
N GLY C 24 0.77 -27.32 -27.09
CA GLY C 24 1.29 -26.52 -25.99
C GLY C 24 0.29 -26.45 -24.86
N ASN C 25 0.79 -26.07 -23.69
CA ASN C 25 -0.02 -25.97 -22.49
C ASN C 25 -0.30 -24.51 -22.17
N TRP C 26 -1.09 -24.31 -21.10
CA TRP C 26 -1.49 -22.99 -20.64
C TRP C 26 -0.54 -22.56 -19.53
N HIS C 27 0.18 -21.47 -19.75
CA HIS C 27 1.05 -20.90 -18.73
C HIS C 27 0.62 -19.46 -18.44
N CYS C 28 0.08 -19.23 -17.25
CA CYS C 28 -0.09 -17.90 -16.70
C CYS C 28 0.26 -17.96 -15.22
N ASP C 29 1.20 -17.11 -14.81
CA ASP C 29 1.54 -16.87 -13.41
C ASP C 29 2.68 -15.88 -13.33
N SER C 30 3.05 -15.49 -12.12
CA SER C 30 4.14 -14.57 -11.92
C SER C 30 4.88 -15.03 -10.69
N GLN C 31 5.99 -15.70 -10.90
CA GLN C 31 6.79 -16.18 -9.79
C GLN C 31 7.88 -15.18 -9.53
N TRP C 32 8.00 -14.74 -8.29
CA TRP C 32 9.01 -13.76 -7.93
C TRP C 32 10.12 -14.44 -7.17
N LEU C 33 11.32 -14.44 -7.72
CA LEU C 33 12.44 -15.04 -7.03
C LEU C 33 13.62 -14.07 -7.01
N GLY C 34 14.13 -13.78 -5.82
CA GLY C 34 15.25 -12.87 -5.69
C GLY C 34 15.02 -11.47 -6.24
N ASP C 35 15.94 -11.02 -7.08
CA ASP C 35 15.89 -9.70 -7.67
C ASP C 35 15.26 -9.71 -9.06
N ARG C 36 14.64 -10.82 -9.43
CA ARG C 36 14.00 -10.94 -10.73
C ARG C 36 12.55 -11.38 -10.65
N VAL C 37 11.77 -10.97 -11.64
CA VAL C 37 10.38 -11.33 -11.72
C VAL C 37 10.15 -11.98 -13.06
N ILE C 38 9.48 -13.13 -13.09
CA ILE C 38 9.18 -13.72 -14.37
C ILE C 38 7.68 -13.68 -14.50
N THR C 39 7.20 -13.05 -15.56
CA THR C 39 5.76 -12.94 -15.78
C THR C 39 5.40 -13.76 -17.00
N THR C 40 4.34 -14.56 -16.88
CA THR C 40 3.91 -15.40 -17.99
C THR C 40 2.44 -15.11 -18.27
N SER C 41 2.12 -14.88 -19.54
CA SER C 41 0.78 -14.50 -19.96
C SER C 41 0.36 -15.36 -21.14
N THR C 42 -0.80 -16.01 -21.04
CA THR C 42 -1.36 -16.80 -22.11
C THR C 42 -2.74 -16.26 -22.46
N ARG C 43 -3.06 -16.19 -23.74
CA ARG C 43 -4.34 -15.68 -24.19
C ARG C 43 -4.90 -16.57 -25.30
N THR C 44 -6.06 -16.18 -25.82
CA THR C 44 -6.66 -16.81 -26.99
C THR C 44 -6.89 -15.73 -28.04
N TRP C 45 -6.59 -16.05 -29.30
CA TRP C 45 -6.62 -15.08 -30.38
C TRP C 45 -7.43 -15.61 -31.55
N ALA C 46 -7.86 -14.69 -32.41
CA ALA C 46 -8.52 -15.03 -33.67
C ALA C 46 -8.01 -14.10 -34.76
N LEU C 47 -7.54 -14.68 -35.86
CA LEU C 47 -6.99 -13.93 -36.98
C LEU C 47 -7.86 -14.08 -38.21
N PRO C 48 -8.62 -13.06 -38.60
CA PRO C 48 -9.37 -13.13 -39.86
C PRO C 48 -8.49 -12.86 -41.06
N THR C 49 -8.96 -13.21 -42.25
CA THR C 49 -8.31 -12.78 -43.48
C THR C 49 -8.61 -11.30 -43.72
N TYR C 50 -7.56 -10.52 -43.91
CA TYR C 50 -7.66 -9.08 -44.12
C TYR C 50 -7.51 -8.74 -45.60
N ASN C 51 -8.35 -7.82 -46.07
CA ASN C 51 -8.30 -7.30 -47.44
C ASN C 51 -8.46 -8.40 -48.48
N ASN C 52 -9.12 -9.50 -48.10
CA ASN C 52 -9.36 -10.62 -49.01
C ASN C 52 -8.06 -11.11 -49.65
N HIS C 53 -7.02 -11.25 -48.82
CA HIS C 53 -5.70 -11.71 -49.25
C HIS C 53 -5.00 -10.74 -50.20
N LEU C 54 -5.29 -9.45 -50.11
CA LEU C 54 -4.73 -8.48 -51.03
C LEU C 54 -3.94 -7.41 -50.29
N TYR C 55 -2.83 -7.00 -50.90
CA TYR C 55 -2.17 -5.75 -50.52
C TYR C 55 -2.85 -4.59 -51.26
N LYS C 56 -3.22 -3.56 -50.50
CA LYS C 56 -3.90 -2.42 -51.11
C LYS C 56 -3.29 -1.12 -50.62
N GLN C 57 -3.01 -0.23 -51.56
CA GLN C 57 -2.56 1.12 -51.26
C GLN C 57 -3.64 1.86 -50.48
N ILE C 58 -3.21 2.74 -49.58
CA ILE C 58 -4.11 3.60 -48.80
C ILE C 58 -3.53 5.00 -48.75
N SER C 59 -4.40 6.00 -48.82
CA SER C 59 -4.03 7.39 -48.63
C SER C 59 -5.28 8.17 -48.25
N ASN C 60 -5.08 9.39 -47.72
CA ASN C 60 -6.22 10.20 -47.27
C ASN C 60 -7.18 10.50 -48.41
N SER C 61 -6.73 10.34 -49.66
CA SER C 61 -7.61 10.54 -50.81
C SER C 61 -8.80 9.61 -50.76
N THR C 62 -8.62 8.42 -50.18
CA THR C 62 -9.75 7.53 -49.94
C THR C 62 -10.70 8.12 -48.91
N SER C 63 -10.16 8.83 -47.92
CA SER C 63 -10.99 9.48 -46.90
C SER C 63 -11.30 10.93 -47.23
N GLY C 64 -10.83 11.44 -48.36
CA GLY C 64 -11.15 12.77 -48.83
C GLY C 64 -10.03 13.79 -48.73
N GLY C 65 -8.97 13.49 -47.98
CA GLY C 65 -7.84 14.39 -47.86
C GLY C 65 -8.21 15.78 -47.37
N SER C 66 -8.84 15.86 -46.21
CA SER C 66 -9.38 17.13 -45.75
C SER C 66 -8.27 18.09 -45.33
N SER C 67 -7.33 17.63 -44.50
CA SER C 67 -6.33 18.50 -43.90
C SER C 67 -4.94 18.17 -44.42
N ASN C 68 -4.07 19.18 -44.38
CA ASN C 68 -2.67 18.96 -44.72
C ASN C 68 -1.93 18.30 -43.57
N ASP C 69 -2.28 18.67 -42.33
CA ASP C 69 -1.65 18.07 -41.16
C ASP C 69 -2.01 16.60 -41.03
N ASN C 70 -3.15 16.20 -41.59
CA ASN C 70 -3.60 14.82 -41.47
C ASN C 70 -3.21 13.98 -42.68
N ALA C 71 -2.45 14.55 -43.61
CA ALA C 71 -2.10 13.82 -44.82
C ALA C 71 -1.26 12.58 -44.50
N TYR C 72 -1.53 11.50 -45.24
CA TYR C 72 -0.78 10.26 -45.05
C TYR C 72 -0.78 9.47 -46.36
N PHE C 73 0.23 8.61 -46.49
CA PHE C 73 0.33 7.69 -47.61
C PHE C 73 0.93 6.38 -47.11
N GLY C 74 0.38 5.26 -47.54
CA GLY C 74 0.90 3.99 -47.09
C GLY C 74 0.17 2.84 -47.73
N TYR C 75 0.32 1.67 -47.11
CA TYR C 75 -0.23 0.43 -47.64
C TYR C 75 -0.84 -0.39 -46.52
N SER C 76 -1.93 -1.07 -46.83
CA SER C 76 -2.52 -2.07 -45.96
C SER C 76 -2.13 -3.46 -46.47
N THR C 77 -1.92 -4.38 -45.55
CA THR C 77 -1.43 -5.71 -45.87
C THR C 77 -2.40 -6.77 -45.38
N PRO C 78 -2.36 -7.97 -45.94
CA PRO C 78 -3.12 -9.09 -45.36
C PRO C 78 -2.58 -9.60 -44.04
N TRP C 79 -1.33 -9.31 -43.72
CA TRP C 79 -0.72 -9.80 -42.48
C TRP C 79 -1.30 -9.19 -41.22
N GLY C 80 -1.05 -9.88 -40.11
CA GLY C 80 -1.49 -9.47 -38.79
C GLY C 80 -0.31 -9.61 -37.86
N TYR C 81 -0.32 -8.87 -36.76
CA TYR C 81 0.80 -8.93 -35.83
C TYR C 81 0.35 -9.06 -34.38
N PHE C 82 1.22 -9.61 -33.54
CA PHE C 82 0.90 -9.78 -32.14
C PHE C 82 1.56 -8.69 -31.34
N ASP C 83 0.77 -7.99 -30.52
CA ASP C 83 1.31 -6.90 -29.73
C ASP C 83 1.10 -7.04 -28.22
N PHE C 84 2.19 -6.94 -27.47
CA PHE C 84 2.14 -6.99 -26.01
C PHE C 84 2.87 -5.81 -25.38
N ASN C 85 2.91 -4.69 -26.10
CA ASN C 85 3.61 -3.50 -25.63
C ASN C 85 3.11 -2.86 -24.31
N ARG C 86 1.81 -2.85 -24.08
CA ARG C 86 1.28 -2.26 -22.84
C ARG C 86 1.71 -3.04 -21.60
N PHE C 87 1.88 -2.35 -20.49
CA PHE C 87 2.30 -3.01 -19.26
C PHE C 87 1.31 -4.01 -18.70
N HIS C 88 0.01 -3.72 -18.76
CA HIS C 88 -0.97 -4.67 -18.20
C HIS C 88 -1.03 -6.04 -18.85
N CYS C 89 -0.44 -6.18 -20.03
CA CYS C 89 -0.34 -7.48 -20.65
C CYS C 89 0.40 -8.45 -19.74
N HIS C 90 1.52 -8.01 -19.16
CA HIS C 90 2.40 -8.87 -18.38
C HIS C 90 2.17 -8.82 -16.88
N PHE C 91 1.38 -7.88 -16.38
CA PHE C 91 1.24 -7.67 -14.94
C PHE C 91 -0.23 -7.63 -14.56
N SER C 92 -0.57 -8.35 -13.49
CA SER C 92 -1.87 -8.21 -12.87
C SER C 92 -1.89 -6.96 -12.00
N PRO C 93 -3.08 -6.49 -11.61
CA PRO C 93 -3.13 -5.39 -10.63
C PRO C 93 -2.43 -5.74 -9.33
N ARG C 94 -2.36 -7.02 -8.99
CA ARG C 94 -1.64 -7.43 -7.79
C ARG C 94 -0.14 -7.45 -8.04
N ASP C 95 0.27 -7.99 -9.20
CA ASP C 95 1.69 -8.02 -9.53
C ASP C 95 2.25 -6.62 -9.72
N TRP C 96 1.43 -5.71 -10.22
CA TRP C 96 1.90 -4.34 -10.42
C TRP C 96 2.02 -3.62 -9.09
N GLN C 97 1.11 -3.90 -8.16
CA GLN C 97 1.21 -3.32 -6.82
C GLN C 97 2.42 -3.89 -6.08
N ARG C 98 2.66 -5.18 -6.26
CA ARG C 98 3.82 -5.82 -5.66
C ARG C 98 5.12 -5.25 -6.22
N LEU C 99 5.07 -4.79 -7.48
CA LEU C 99 6.25 -4.18 -8.10
C LEU C 99 6.48 -2.75 -7.62
N ILE C 100 5.44 -1.92 -7.68
CA ILE C 100 5.62 -0.48 -7.49
C ILE C 100 5.83 -0.09 -6.04
N ASN C 101 5.34 -0.90 -5.11
CA ASN C 101 5.49 -0.60 -3.69
C ASN C 101 6.84 -1.02 -3.14
N ASN C 102 7.44 -2.08 -3.68
CA ASN C 102 8.64 -2.66 -3.10
C ASN C 102 9.95 -2.29 -3.80
N ASN C 103 9.92 -1.56 -4.90
CA ASN C 103 11.10 -1.44 -5.74
C ASN C 103 11.37 0.00 -6.16
N TRP C 104 12.66 0.32 -6.28
CA TRP C 104 13.12 1.59 -6.86
C TRP C 104 13.30 1.53 -8.36
N GLY C 105 13.31 0.34 -8.96
CA GLY C 105 13.57 0.28 -10.38
C GLY C 105 13.37 -1.13 -10.90
N PHE C 106 13.14 -1.20 -12.22
CA PHE C 106 12.96 -2.46 -12.92
C PHE C 106 13.27 -2.24 -14.39
N ARG C 107 13.41 -3.34 -15.12
CA ARG C 107 13.71 -3.31 -16.54
C ARG C 107 13.67 -4.72 -17.11
N PRO C 108 13.22 -4.87 -18.37
CA PRO C 108 13.11 -6.21 -18.95
C PRO C 108 14.47 -6.78 -19.33
N LYS C 109 14.58 -8.10 -19.17
CA LYS C 109 15.81 -8.82 -19.47
C LYS C 109 15.64 -9.75 -20.66
N ARG C 110 14.77 -10.75 -20.55
CA ARG C 110 14.55 -11.74 -21.60
C ARG C 110 13.08 -11.78 -21.99
N LEU C 111 12.82 -12.35 -23.16
CA LEU C 111 11.48 -12.45 -23.73
C LEU C 111 11.34 -13.79 -24.42
N ASN C 112 10.20 -14.44 -24.22
CA ASN C 112 9.92 -15.73 -24.83
C ASN C 112 8.48 -15.72 -25.32
N PHE C 113 8.28 -16.06 -26.59
CA PHE C 113 6.98 -15.96 -27.24
C PHE C 113 6.65 -17.29 -27.90
N LYS C 114 5.54 -17.91 -27.51
CA LYS C 114 5.12 -19.18 -28.07
C LYS C 114 3.77 -19.02 -28.77
N LEU C 115 3.63 -19.76 -29.86
CA LEU C 115 2.41 -19.73 -30.68
C LEU C 115 2.05 -21.16 -31.01
N PHE C 116 0.88 -21.61 -30.58
CA PHE C 116 0.57 -23.03 -30.59
C PHE C 116 -0.94 -23.23 -30.62
N ASN C 117 -1.35 -24.49 -30.59
CA ASN C 117 -2.77 -24.88 -30.61
C ASN C 117 -3.50 -24.25 -31.80
N ILE C 118 -2.92 -24.43 -32.98
CA ILE C 118 -3.47 -23.82 -34.19
C ILE C 118 -4.73 -24.55 -34.61
N GLN C 119 -5.76 -23.78 -34.94
CA GLN C 119 -7.04 -24.30 -35.39
C GLN C 119 -7.52 -23.47 -36.57
N VAL C 120 -7.84 -24.12 -37.68
CA VAL C 120 -8.30 -23.39 -38.86
C VAL C 120 -9.77 -23.73 -39.11
N LYS C 121 -10.63 -22.75 -38.94
CA LYS C 121 -12.06 -22.95 -39.16
C LYS C 121 -12.47 -22.39 -40.51
N GLU C 122 -13.18 -23.21 -41.29
CA GLU C 122 -13.73 -22.77 -42.56
C GLU C 122 -15.21 -22.45 -42.38
N VAL C 123 -15.62 -21.28 -42.83
CA VAL C 123 -17.01 -20.84 -42.69
C VAL C 123 -17.77 -21.25 -43.94
N THR C 124 -18.76 -22.11 -43.77
CA THR C 124 -19.61 -22.57 -44.87
C THR C 124 -20.97 -21.91 -44.70
N ASP C 125 -21.28 -20.98 -45.60
CA ASP C 125 -22.56 -20.28 -45.61
C ASP C 125 -23.34 -20.73 -46.83
N ASN C 126 -24.39 -21.51 -46.62
CA ASN C 126 -25.21 -22.07 -47.70
C ASN C 126 -26.64 -21.62 -47.51
N ASN C 127 -27.12 -20.78 -48.44
CA ASN C 127 -28.51 -20.33 -48.46
C ASN C 127 -28.88 -19.57 -47.18
N GLY C 128 -27.95 -18.75 -46.71
CA GLY C 128 -28.21 -17.87 -45.59
C GLY C 128 -27.88 -18.42 -44.22
N VAL C 129 -27.84 -19.74 -44.05
CA VAL C 129 -27.42 -20.37 -42.80
C VAL C 129 -25.94 -20.70 -42.93
N LYS C 130 -25.22 -20.55 -41.83
CA LYS C 130 -23.76 -20.68 -41.84
C LYS C 130 -23.32 -21.76 -40.87
N THR C 131 -22.42 -22.63 -41.35
CA THR C 131 -21.87 -23.72 -40.56
C THR C 131 -20.35 -23.62 -40.60
N ILE C 132 -19.71 -23.82 -39.44
CA ILE C 132 -18.27 -23.67 -39.31
C ILE C 132 -17.65 -25.03 -39.04
N ALA C 133 -16.78 -25.47 -39.95
CA ALA C 133 -16.12 -26.75 -39.85
C ALA C 133 -14.61 -26.55 -39.92
N ASN C 134 -13.87 -27.58 -39.54
CA ASN C 134 -12.42 -27.52 -39.56
C ASN C 134 -11.87 -27.72 -40.95
N ASN C 135 -10.82 -27.00 -41.27
CA ASN C 135 -9.98 -27.29 -42.43
C ASN C 135 -8.64 -27.77 -41.91
N LEU C 136 -8.37 -29.06 -42.04
CA LEU C 136 -7.22 -29.67 -41.39
C LEU C 136 -5.92 -29.48 -42.17
N THR C 137 -5.99 -29.24 -43.48
CA THR C 137 -4.81 -29.09 -44.30
C THR C 137 -4.41 -27.64 -44.53
N SER C 138 -5.10 -26.69 -43.91
CA SER C 138 -4.73 -25.29 -44.07
C SER C 138 -3.51 -24.95 -43.24
N THR C 139 -2.79 -23.93 -43.69
CA THR C 139 -1.59 -23.45 -43.02
C THR C 139 -1.76 -22.00 -42.61
N VAL C 140 -0.97 -21.60 -41.61
CA VAL C 140 -0.92 -20.23 -41.13
C VAL C 140 0.53 -19.78 -41.12
N GLN C 141 0.85 -18.81 -41.97
CA GLN C 141 2.21 -18.31 -42.10
C GLN C 141 2.53 -17.36 -40.96
N VAL C 142 3.73 -17.49 -40.40
CA VAL C 142 4.20 -16.64 -39.33
C VAL C 142 5.69 -16.40 -39.50
N PHE C 143 6.12 -15.16 -39.25
CA PHE C 143 7.54 -14.88 -39.23
C PHE C 143 7.77 -13.68 -38.32
N THR C 144 9.01 -13.52 -37.88
CA THR C 144 9.43 -12.36 -37.13
C THR C 144 10.52 -11.62 -37.91
N ASP C 145 10.55 -10.30 -37.76
CA ASP C 145 11.56 -9.50 -38.45
C ASP C 145 12.64 -9.22 -37.41
N SER C 146 13.75 -9.94 -37.52
CA SER C 146 14.85 -9.80 -36.58
C SER C 146 15.98 -8.93 -37.11
N ASP C 147 15.90 -8.51 -38.37
CA ASP C 147 16.84 -7.56 -38.94
C ASP C 147 16.27 -6.14 -38.96
N TYR C 148 15.05 -5.96 -38.46
CA TYR C 148 14.41 -4.64 -38.38
C TYR C 148 14.29 -4.00 -39.76
N GLN C 149 13.98 -4.82 -40.76
CA GLN C 149 13.87 -4.36 -42.13
C GLN C 149 12.51 -3.71 -42.43
N LEU C 150 11.46 -4.12 -41.75
CA LEU C 150 10.13 -3.56 -41.96
C LEU C 150 9.91 -2.34 -41.08
N PRO C 151 8.98 -1.47 -41.46
CA PRO C 151 8.59 -0.37 -40.58
C PRO C 151 8.12 -0.89 -39.22
N TYR C 152 8.41 -0.13 -38.19
CA TYR C 152 8.16 -0.55 -36.81
C TYR C 152 6.96 0.24 -36.29
N VAL C 153 5.82 -0.43 -36.17
CA VAL C 153 4.58 0.21 -35.76
C VAL C 153 4.26 0.03 -34.29
N LEU C 154 5.14 -0.63 -33.53
CA LEU C 154 4.82 -0.99 -32.14
C LEU C 154 5.10 0.12 -31.15
N GLY C 155 5.58 1.28 -31.57
CA GLY C 155 5.95 2.31 -30.63
C GLY C 155 5.02 3.50 -30.58
N SER C 156 3.89 3.42 -31.29
CA SER C 156 2.97 4.55 -31.39
C SER C 156 1.79 4.45 -30.42
N ALA C 157 1.87 3.50 -29.48
CA ALA C 157 0.81 3.25 -28.48
C ALA C 157 -0.55 2.96 -29.13
N HIS C 158 -0.52 2.07 -30.12
CA HIS C 158 -1.69 1.63 -30.85
C HIS C 158 -2.53 0.63 -30.10
N GLU C 159 -3.78 0.49 -30.52
CA GLU C 159 -4.74 -0.46 -29.95
C GLU C 159 -4.51 -1.87 -30.52
N GLY C 160 -5.23 -2.86 -29.99
CA GLY C 160 -5.09 -4.22 -30.48
C GLY C 160 -4.11 -5.14 -29.76
N CYS C 161 -3.67 -4.70 -28.59
CA CYS C 161 -2.75 -5.45 -27.73
C CYS C 161 -3.44 -6.57 -26.99
N LEU C 162 -2.67 -7.45 -26.36
CA LEU C 162 -3.23 -8.53 -25.54
C LEU C 162 -4.12 -7.97 -24.43
N PRO C 163 -5.22 -8.66 -24.09
CA PRO C 163 -6.13 -8.12 -23.08
C PRO C 163 -5.50 -8.15 -21.71
N PRO C 164 -5.91 -7.24 -20.81
CA PRO C 164 -5.42 -7.32 -19.43
C PRO C 164 -5.90 -8.57 -18.73
N PHE C 165 -7.11 -9.00 -19.03
CA PHE C 165 -7.77 -10.05 -18.27
C PHE C 165 -7.58 -11.39 -18.97
N PRO C 166 -7.07 -12.42 -18.27
CA PRO C 166 -6.66 -13.64 -18.97
C PRO C 166 -7.78 -14.39 -19.69
N ALA C 167 -9.04 -14.12 -19.36
CA ALA C 167 -10.12 -14.88 -19.95
C ALA C 167 -10.69 -14.20 -21.19
N ASP C 168 -10.09 -13.09 -21.61
CA ASP C 168 -10.58 -12.42 -22.81
C ASP C 168 -9.91 -12.97 -24.06
N VAL C 169 -10.70 -13.08 -25.14
CA VAL C 169 -10.23 -13.51 -26.44
C VAL C 169 -10.15 -12.27 -27.33
N PHE C 170 -8.96 -12.00 -27.87
CA PHE C 170 -8.71 -10.76 -28.57
C PHE C 170 -8.56 -11.03 -30.06
N MET C 171 -8.91 -10.01 -30.85
CA MET C 171 -8.75 -10.03 -32.29
C MET C 171 -7.42 -9.41 -32.66
N ILE C 172 -6.73 -10.02 -33.61
CA ILE C 172 -5.40 -9.55 -33.99
C ILE C 172 -5.54 -8.30 -34.84
N PRO C 173 -4.75 -7.26 -34.60
CA PRO C 173 -4.81 -6.05 -35.44
C PRO C 173 -4.15 -6.27 -36.80
N GLN C 174 -4.56 -5.45 -37.75
CA GLN C 174 -4.09 -5.57 -39.12
C GLN C 174 -2.84 -4.74 -39.33
N TYR C 175 -1.84 -5.33 -39.96
CA TYR C 175 -0.56 -4.67 -40.17
C TYR C 175 -0.62 -3.79 -41.41
N GLY C 176 -0.30 -2.51 -41.22
CA GLY C 176 -0.16 -1.57 -42.31
C GLY C 176 0.84 -0.53 -41.88
N TYR C 177 1.40 0.18 -42.86
CA TYR C 177 2.42 1.17 -42.54
C TYR C 177 2.21 2.41 -43.41
N LEU C 178 3.15 3.34 -43.27
CA LEU C 178 3.13 4.61 -43.97
C LEU C 178 4.53 4.93 -44.47
N THR C 179 4.60 5.70 -45.55
CA THR C 179 5.87 6.13 -46.10
C THR C 179 5.76 7.58 -46.56
N LEU C 180 6.77 8.10 -47.24
CA LEU C 180 6.80 9.51 -47.58
C LEU C 180 5.62 9.90 -48.45
N ASN C 181 5.20 11.16 -48.34
CA ASN C 181 4.08 11.65 -49.12
C ASN C 181 4.18 13.15 -49.34
N ASP C 182 3.54 13.61 -50.40
CA ASP C 182 3.24 15.02 -50.62
C ASP C 182 1.75 15.10 -50.92
N GLY C 183 0.99 15.70 -50.01
CA GLY C 183 -0.46 15.59 -50.09
C GLY C 183 -0.86 14.14 -49.93
N SER C 184 -1.71 13.67 -50.84
CA SER C 184 -2.01 12.24 -50.92
C SER C 184 -1.17 11.51 -51.96
N GLN C 185 -0.31 12.23 -52.68
CA GLN C 185 0.57 11.61 -53.65
C GLN C 185 1.73 10.90 -52.97
N ALA C 186 2.36 9.99 -53.70
CA ALA C 186 3.62 9.40 -53.30
C ALA C 186 4.78 10.23 -53.88
N VAL C 187 6.00 9.81 -53.57
CA VAL C 187 7.19 10.44 -54.11
C VAL C 187 8.17 9.35 -54.53
N GLY C 188 9.16 9.75 -55.34
CA GLY C 188 10.13 8.79 -55.85
C GLY C 188 10.93 8.09 -54.78
N ARG C 189 11.00 8.67 -53.58
CA ARG C 189 11.75 8.07 -52.49
C ARG C 189 10.90 7.11 -51.66
N SER C 190 9.58 7.11 -51.85
CA SER C 190 8.70 6.25 -51.07
C SER C 190 9.04 4.78 -51.29
N SER C 191 8.79 3.97 -50.27
CA SER C 191 9.10 2.55 -50.30
C SER C 191 7.83 1.72 -50.23
N PHE C 192 7.88 0.55 -50.86
CA PHE C 192 6.81 -0.44 -50.81
C PHE C 192 7.40 -1.76 -50.33
N TYR C 193 6.66 -2.46 -49.48
CA TYR C 193 7.14 -3.69 -48.87
C TYR C 193 6.13 -4.80 -49.09
N CYS C 194 6.62 -5.95 -49.55
CA CYS C 194 5.82 -7.16 -49.68
C CYS C 194 6.35 -8.18 -48.67
N LEU C 195 5.54 -8.48 -47.66
CA LEU C 195 5.99 -9.37 -46.60
C LEU C 195 6.06 -10.81 -47.05
N GLU C 196 5.57 -11.12 -48.25
CA GLU C 196 5.80 -12.42 -48.88
C GLU C 196 7.27 -12.61 -49.24
N TYR C 197 8.05 -11.54 -49.27
CA TYR C 197 9.43 -11.55 -49.76
C TYR C 197 10.43 -11.93 -48.68
N PHE C 198 9.96 -12.15 -47.43
CA PHE C 198 10.65 -12.71 -46.28
C PHE C 198 10.45 -14.22 -46.22
N PRO C 199 11.42 -14.97 -45.70
CA PRO C 199 11.15 -16.37 -45.38
C PRO C 199 10.24 -16.46 -44.17
N SER C 200 9.31 -17.42 -44.21
CA SER C 200 8.31 -17.56 -43.16
C SER C 200 8.14 -19.02 -42.80
N GLN C 201 7.44 -19.26 -41.69
CA GLN C 201 7.17 -20.60 -41.21
C GLN C 201 5.68 -20.90 -41.34
N MET C 202 5.38 -22.05 -41.95
CA MET C 202 4.00 -22.47 -42.20
C MET C 202 3.58 -23.46 -41.12
N LEU C 203 2.33 -23.36 -40.67
CA LEU C 203 1.84 -24.13 -39.53
C LEU C 203 0.51 -24.77 -39.86
N ARG C 204 0.44 -26.09 -39.77
CA ARG C 204 -0.83 -26.79 -39.79
C ARG C 204 -1.31 -27.00 -38.35
N THR C 205 -2.43 -27.71 -38.21
CA THR C 205 -3.13 -27.76 -36.94
C THR C 205 -2.29 -28.36 -35.81
N GLY C 206 -1.24 -29.10 -36.12
CA GLY C 206 -0.38 -29.67 -35.11
C GLY C 206 0.92 -28.94 -34.86
N ASN C 207 1.28 -28.02 -35.75
CA ASN C 207 2.53 -27.27 -35.64
C ASN C 207 2.41 -26.14 -34.62
N ASN C 208 3.56 -25.68 -34.14
CA ASN C 208 3.66 -24.56 -33.21
C ASN C 208 4.82 -23.66 -33.58
N PHE C 209 4.87 -22.49 -32.96
CA PHE C 209 5.87 -21.48 -33.26
C PHE C 209 6.39 -20.88 -31.96
N GLN C 210 7.70 -20.57 -31.92
CA GLN C 210 8.28 -19.90 -30.77
C GLN C 210 9.56 -19.19 -31.18
N PHE C 211 9.96 -18.21 -30.35
CA PHE C 211 11.28 -17.62 -30.46
C PHE C 211 11.63 -16.96 -29.13
N SER C 212 12.92 -16.73 -28.91
CA SER C 212 13.40 -16.06 -27.72
C SER C 212 14.14 -14.79 -28.12
N TYR C 213 14.00 -13.77 -27.27
CA TYR C 213 14.58 -12.45 -27.54
C TYR C 213 15.33 -11.97 -26.31
N GLU C 214 16.45 -11.30 -26.55
CA GLU C 214 17.32 -10.79 -25.50
C GLU C 214 17.33 -9.27 -25.55
N PHE C 215 16.72 -8.63 -24.55
CA PHE C 215 16.73 -7.17 -24.47
C PHE C 215 18.15 -6.65 -24.33
N GLU C 216 18.42 -5.53 -24.99
CA GLU C 216 19.70 -4.87 -24.79
C GLU C 216 19.69 -4.09 -23.48
N ASN C 217 20.89 -3.87 -22.94
CA ASN C 217 21.00 -3.22 -21.63
C ASN C 217 20.40 -1.83 -21.67
N VAL C 218 19.45 -1.57 -20.77
CA VAL C 218 18.80 -0.27 -20.64
C VAL C 218 18.90 0.17 -19.20
N PRO C 219 18.78 1.46 -18.93
CA PRO C 219 18.77 1.92 -17.54
C PRO C 219 17.48 1.52 -16.85
N PHE C 220 17.58 1.24 -15.56
CA PHE C 220 16.40 0.96 -14.76
C PHE C 220 15.44 2.13 -14.82
N HIS C 221 14.18 1.84 -15.09
CA HIS C 221 13.15 2.85 -14.90
C HIS C 221 13.13 3.25 -13.44
N SER C 222 13.04 4.55 -13.18
CA SER C 222 13.04 5.07 -11.83
C SER C 222 11.65 5.15 -11.21
N SER C 223 11.19 4.07 -10.59
CA SER C 223 9.89 4.09 -9.94
C SER C 223 9.98 4.62 -8.50
N TYR C 224 10.26 5.90 -8.37
CA TYR C 224 10.34 6.55 -7.08
C TYR C 224 10.11 8.04 -7.25
N ALA C 225 9.78 8.71 -6.17
CA ALA C 225 9.57 10.15 -6.20
C ALA C 225 10.59 10.77 -5.27
N HIS C 226 11.21 11.87 -5.67
CA HIS C 226 12.20 12.51 -4.82
C HIS C 226 11.60 13.05 -3.53
N SER C 227 12.33 12.93 -2.43
CA SER C 227 11.86 13.43 -1.15
C SER C 227 12.44 14.81 -0.89
N GLN C 228 13.22 15.30 -1.84
CA GLN C 228 13.77 16.64 -1.80
C GLN C 228 13.47 17.37 -3.10
N SER C 229 13.65 18.68 -3.06
CA SER C 229 13.49 19.53 -4.23
C SER C 229 14.84 20.12 -4.63
N LEU C 230 14.99 20.42 -5.91
CA LEU C 230 16.27 20.91 -6.40
C LEU C 230 16.73 22.24 -5.84
N ASP C 231 15.80 23.07 -5.41
CA ASP C 231 16.17 24.36 -4.85
C ASP C 231 16.35 24.32 -3.33
N ARG C 232 16.13 23.17 -2.73
CA ARG C 232 16.28 23.02 -1.29
C ARG C 232 17.36 22.05 -0.82
N LEU C 233 18.34 21.75 -1.66
CA LEU C 233 19.41 20.82 -1.33
C LEU C 233 20.35 21.22 -0.18
N MET C 234 20.45 22.51 0.07
CA MET C 234 21.32 23.09 1.07
C MET C 234 20.99 22.73 2.51
N ASN C 235 22.01 22.80 3.37
CA ASN C 235 21.87 22.58 4.81
C ASN C 235 21.22 23.88 5.26
N PRO C 236 20.09 23.79 5.95
CA PRO C 236 19.41 25.03 6.36
C PRO C 236 19.98 25.69 7.61
N LEU C 237 21.00 25.10 8.21
CA LEU C 237 21.56 25.66 9.43
C LEU C 237 22.79 26.53 9.22
N ILE C 238 23.42 26.47 8.04
CA ILE C 238 24.65 27.19 7.80
C ILE C 238 24.64 28.20 6.66
N ASP C 239 25.20 29.38 6.91
CA ASP C 239 25.32 30.44 5.92
C ASP C 239 26.35 30.03 4.87
N GLN C 240 26.11 30.41 3.63
CA GLN C 240 27.05 30.14 2.55
C GLN C 240 28.22 31.13 2.60
N TYR C 241 29.35 30.78 2.02
CA TYR C 241 30.46 31.74 1.98
C TYR C 241 30.40 32.65 0.76
N LEU C 242 29.44 32.39 -0.12
CA LEU C 242 29.24 33.21 -1.31
C LEU C 242 28.45 34.47 -0.96
N TYR C 243 28.53 35.49 -1.80
CA TYR C 243 27.83 36.75 -1.57
C TYR C 243 26.91 37.11 -2.72
N TYR C 244 25.84 37.82 -2.43
CA TYR C 244 24.90 38.23 -3.45
C TYR C 244 24.58 39.69 -3.25
N LEU C 245 24.31 40.40 -4.34
CA LEU C 245 23.98 41.83 -4.26
C LEU C 245 22.58 42.01 -3.68
N SER C 246 22.49 42.68 -2.54
CA SER C 246 21.23 42.90 -1.84
C SER C 246 20.59 44.24 -2.18
N LYS C 247 21.36 45.32 -2.21
CA LYS C 247 20.81 46.66 -2.42
C LYS C 247 21.53 47.35 -3.56
N THR C 248 20.77 47.81 -4.56
CA THR C 248 21.33 48.64 -5.62
C THR C 248 21.21 50.13 -5.35
N ILE C 249 20.36 50.53 -4.40
CA ILE C 249 20.19 51.94 -4.05
C ILE C 249 20.08 52.11 -2.54
N ASN C 250 20.75 53.12 -2.01
CA ASN C 250 20.72 53.38 -0.57
C ASN C 250 19.34 53.74 -0.04
N GLY C 251 18.64 54.61 -0.76
CA GLY C 251 17.32 55.06 -0.36
C GLY C 251 16.59 55.69 -1.53
N SER C 252 15.30 55.97 -1.38
CA SER C 252 14.58 56.62 -2.46
C SER C 252 15.14 58.03 -2.66
N GLY C 253 15.39 58.41 -3.91
CA GLY C 253 15.92 59.73 -4.21
C GLY C 253 16.85 59.72 -5.40
N GLN C 254 17.36 60.90 -5.73
CA GLN C 254 18.31 61.05 -6.85
C GLN C 254 19.73 60.66 -6.47
N ASN C 255 20.45 60.08 -7.43
CA ASN C 255 21.84 59.68 -7.25
C ASN C 255 22.08 58.78 -6.05
N GLN C 256 21.18 57.82 -5.83
CA GLN C 256 21.29 56.92 -4.69
C GLN C 256 21.87 55.55 -4.99
N GLN C 257 22.36 55.33 -6.21
CA GLN C 257 22.89 54.03 -6.55
C GLN C 257 24.08 53.64 -5.69
N THR C 258 24.11 52.38 -5.26
CA THR C 258 25.19 51.85 -4.44
C THR C 258 25.33 50.34 -4.61
N LEU C 259 26.48 49.79 -4.27
CA LEU C 259 26.64 48.36 -4.37
C LEU C 259 26.82 47.81 -2.96
N LYS C 260 25.86 47.00 -2.51
CA LYS C 260 25.90 46.41 -1.18
C LYS C 260 25.70 44.91 -1.30
N PHE C 261 26.54 44.14 -0.63
CA PHE C 261 26.44 42.68 -0.69
C PHE C 261 26.10 42.06 0.66
N SER C 262 25.40 40.94 0.61
CA SER C 262 25.00 40.22 1.82
C SER C 262 25.37 38.76 1.65
N VAL C 263 25.58 38.09 2.78
CA VAL C 263 25.88 36.66 2.79
C VAL C 263 24.64 35.90 2.39
N ALA C 264 24.82 34.90 1.53
CA ALA C 264 23.73 33.98 1.20
C ALA C 264 23.53 33.04 2.37
N GLY C 265 22.32 33.02 2.92
CA GLY C 265 22.05 32.31 4.13
C GLY C 265 20.64 31.77 4.19
N PRO C 266 20.34 31.00 5.23
CA PRO C 266 19.01 30.36 5.31
C PRO C 266 17.86 31.34 5.37
N SER C 267 18.09 32.57 5.81
CA SER C 267 17.01 33.55 5.86
C SER C 267 16.51 33.91 4.47
N ASN C 268 17.41 34.02 3.51
CA ASN C 268 17.03 34.18 2.10
C ASN C 268 17.65 33.01 1.34
N MET C 269 16.82 32.05 0.95
CA MET C 269 17.31 30.86 0.27
C MET C 269 17.22 30.95 -1.25
N ALA C 270 16.57 31.98 -1.78
CA ALA C 270 16.38 32.05 -3.22
C ALA C 270 17.64 32.49 -3.94
N VAL C 271 18.53 33.22 -3.26
CA VAL C 271 19.69 33.81 -3.89
C VAL C 271 20.94 32.97 -3.73
N GLN C 272 20.88 31.86 -3.00
CA GLN C 272 22.09 31.08 -2.76
C GLN C 272 22.57 30.42 -4.04
N GLY C 273 23.90 30.27 -4.13
CA GLY C 273 24.46 29.58 -5.27
C GLY C 273 24.06 28.11 -5.28
N ARG C 274 23.89 27.56 -6.49
CA ARG C 274 23.50 26.18 -6.67
C ARG C 274 24.30 25.57 -7.82
N ASN C 275 24.62 24.29 -7.67
CA ASN C 275 25.39 23.56 -8.67
C ASN C 275 24.54 23.02 -9.81
N TYR C 276 23.23 22.87 -9.62
CA TYR C 276 22.40 22.21 -10.62
C TYR C 276 21.07 22.94 -10.72
N ILE C 277 20.43 22.80 -11.88
CA ILE C 277 19.22 23.55 -12.21
C ILE C 277 18.22 22.62 -12.88
N PRO C 278 16.93 22.93 -12.81
CA PRO C 278 15.92 21.97 -13.27
C PRO C 278 15.96 21.74 -14.77
N GLY C 279 15.31 20.66 -15.19
CA GLY C 279 15.36 20.21 -16.56
C GLY C 279 14.65 21.11 -17.55
N PRO C 280 14.74 20.76 -18.83
CA PRO C 280 14.17 21.61 -19.88
C PRO C 280 12.64 21.64 -19.82
N SER C 281 12.07 22.65 -20.46
CA SER C 281 10.62 22.85 -20.47
C SER C 281 10.17 23.37 -21.82
N TYR C 282 8.98 22.96 -22.23
CA TYR C 282 8.29 23.50 -23.40
C TYR C 282 6.84 23.71 -22.99
N ARG C 283 6.40 24.97 -22.89
CA ARG C 283 5.20 25.21 -22.10
C ARG C 283 3.95 24.65 -22.77
N GLN C 284 2.99 24.22 -21.95
CA GLN C 284 1.66 23.80 -22.33
C GLN C 284 0.65 24.81 -21.81
N GLN C 285 -0.49 24.88 -22.45
CA GLN C 285 -1.56 25.77 -22.02
C GLN C 285 -2.25 25.02 -20.90
N ARG C 286 -2.71 25.72 -19.87
CA ARG C 286 -3.38 25.00 -18.79
C ARG C 286 -4.89 25.10 -18.88
N VAL C 287 -5.54 23.96 -18.80
CA VAL C 287 -6.98 23.87 -18.89
C VAL C 287 -7.56 23.60 -17.52
N SER C 288 -8.53 24.40 -17.12
CA SER C 288 -9.15 24.22 -15.82
C SER C 288 -10.28 23.22 -15.91
N THR C 289 -10.38 22.40 -14.88
CA THR C 289 -11.42 21.37 -14.78
C THR C 289 -12.80 21.99 -14.66
N THR C 290 -12.94 23.07 -13.90
CA THR C 290 -14.22 23.77 -13.82
C THR C 290 -14.39 24.53 -15.12
N VAL C 291 -15.45 24.22 -15.86
CA VAL C 291 -15.55 24.68 -17.24
C VAL C 291 -15.76 26.18 -17.30
N THR C 292 -16.36 26.74 -16.26
CA THR C 292 -16.66 28.17 -16.29
C THR C 292 -15.41 29.01 -16.06
N GLN C 293 -14.31 28.38 -15.64
CA GLN C 293 -13.07 29.11 -15.46
C GLN C 293 -12.23 29.13 -16.73
N ASN C 294 -12.63 28.35 -17.72
CA ASN C 294 -11.92 28.30 -18.99
C ASN C 294 -12.39 29.44 -19.88
N ASN C 295 -11.62 29.75 -20.92
CA ASN C 295 -12.03 30.79 -21.85
C ASN C 295 -13.20 30.26 -22.67
N ASN C 296 -14.14 31.13 -23.01
CA ASN C 296 -15.28 30.72 -23.80
C ASN C 296 -14.98 30.79 -25.29
N SER C 297 -14.12 29.90 -25.76
CA SER C 297 -13.74 29.81 -27.16
C SER C 297 -13.16 28.43 -27.40
N GLU C 298 -13.04 28.03 -28.66
CA GLU C 298 -12.48 26.73 -28.94
C GLU C 298 -10.97 26.90 -29.08
N PHE C 299 -10.24 26.42 -28.08
CA PHE C 299 -8.78 26.53 -28.11
C PHE C 299 -8.02 25.22 -28.05
N ALA C 300 -8.70 24.08 -28.23
CA ALA C 300 -8.01 22.81 -28.12
C ALA C 300 -6.90 22.67 -29.15
N TRP C 301 -7.12 23.12 -30.36
CA TRP C 301 -6.07 23.05 -31.36
C TRP C 301 -5.40 24.40 -31.50
N PRO C 302 -6.19 25.48 -31.52
CA PRO C 302 -5.55 26.80 -31.64
C PRO C 302 -4.59 27.13 -30.50
N GLY C 303 -4.96 26.86 -29.26
CA GLY C 303 -4.10 27.20 -28.14
C GLY C 303 -3.16 26.06 -27.75
N ALA C 304 -2.88 25.16 -28.69
CA ALA C 304 -2.08 23.99 -28.37
C ALA C 304 -0.61 24.22 -28.69
N SER C 305 0.26 23.65 -27.86
CA SER C 305 1.68 23.63 -28.13
C SER C 305 1.98 22.59 -29.20
N SER C 306 2.76 22.98 -30.20
CA SER C 306 2.96 22.09 -31.34
C SER C 306 4.35 22.30 -31.92
N TRP C 307 4.78 21.32 -32.72
CA TRP C 307 6.02 21.41 -33.47
C TRP C 307 5.77 21.15 -34.94
N ALA C 308 6.62 21.73 -35.77
CA ALA C 308 6.46 21.68 -37.22
C ALA C 308 7.49 20.74 -37.83
N LEU C 309 7.05 19.95 -38.79
CA LEU C 309 7.94 19.09 -39.56
C LEU C 309 7.50 19.09 -41.01
N ASN C 310 8.43 19.42 -41.91
CA ASN C 310 8.15 19.44 -43.36
C ASN C 310 6.86 20.17 -43.68
N GLY C 311 6.68 21.34 -43.06
CA GLY C 311 5.52 22.16 -43.30
C GLY C 311 4.23 21.63 -42.70
N ARG C 312 4.30 20.70 -41.76
CA ARG C 312 3.12 20.18 -41.08
C ARG C 312 3.28 20.33 -39.58
N ASN C 313 2.28 20.97 -38.97
CA ASN C 313 2.23 21.15 -37.53
C ASN C 313 1.69 19.89 -36.86
N SER C 314 2.48 19.32 -35.97
CA SER C 314 2.05 18.21 -35.12
C SER C 314 1.96 18.70 -33.69
N LEU C 315 0.94 18.27 -32.97
CA LEU C 315 0.77 18.66 -31.58
C LEU C 315 1.88 18.08 -30.73
N MET C 316 2.32 18.82 -29.72
CA MET C 316 3.37 18.37 -28.82
C MET C 316 2.68 17.53 -27.75
N ASN C 317 2.41 16.28 -28.09
CA ASN C 317 1.72 15.36 -27.20
C ASN C 317 2.58 14.12 -27.00
N PRO C 318 2.79 13.71 -25.74
CA PRO C 318 2.81 14.41 -24.46
C PRO C 318 3.93 15.44 -24.40
N GLY C 319 5.06 15.13 -25.03
CA GLY C 319 6.19 16.04 -25.02
C GLY C 319 7.14 15.80 -23.88
N PRO C 320 7.99 16.80 -23.59
CA PRO C 320 8.99 16.71 -22.51
C PRO C 320 8.33 16.49 -21.17
N ALA C 321 8.96 15.69 -20.31
CA ALA C 321 8.43 15.42 -18.99
C ALA C 321 8.48 16.65 -18.12
N MET C 322 7.32 17.09 -17.66
CA MET C 322 7.20 18.25 -16.80
C MET C 322 6.08 18.01 -15.80
N ALA C 323 6.17 18.70 -14.66
CA ALA C 323 5.14 18.57 -13.64
C ALA C 323 3.80 19.06 -14.20
N SER C 324 2.74 18.30 -13.97
CA SER C 324 1.43 18.67 -14.46
C SER C 324 0.93 19.96 -13.85
N HIS C 325 1.03 20.08 -12.53
CA HIS C 325 0.59 21.27 -11.83
C HIS C 325 1.46 21.53 -10.62
N LYS C 326 1.38 22.73 -10.08
CA LYS C 326 2.12 23.13 -8.89
C LYS C 326 1.51 22.43 -7.67
N GLU C 327 2.29 22.24 -6.62
CA GLU C 327 1.77 21.59 -5.43
C GLU C 327 0.61 22.39 -4.86
N GLY C 328 -0.42 21.69 -4.41
CA GLY C 328 -1.60 22.34 -3.86
C GLY C 328 -2.65 22.69 -4.89
N GLU C 329 -2.45 22.24 -6.13
CA GLU C 329 -3.41 22.49 -7.20
C GLU C 329 -3.93 21.14 -7.65
N ASP C 330 -5.24 20.97 -7.70
CA ASP C 330 -5.81 19.70 -8.14
C ASP C 330 -6.79 19.87 -9.28
N ARG C 331 -7.05 21.11 -9.64
CA ARG C 331 -8.04 21.43 -10.66
C ARG C 331 -7.49 21.83 -12.02
N PHE C 332 -6.18 21.75 -12.20
CA PHE C 332 -5.61 22.16 -13.47
C PHE C 332 -4.72 21.08 -14.06
N PHE C 333 -4.75 21.00 -15.39
CA PHE C 333 -3.95 20.05 -16.15
C PHE C 333 -3.52 20.68 -17.48
N PRO C 334 -2.34 20.28 -17.98
CA PRO C 334 -1.81 20.79 -19.24
C PRO C 334 -2.69 20.32 -20.40
N LEU C 335 -2.85 21.13 -21.43
CA LEU C 335 -3.72 20.78 -22.53
C LEU C 335 -3.32 19.51 -23.27
N SER C 336 -2.03 19.35 -23.56
CA SER C 336 -1.55 18.12 -24.20
C SER C 336 -0.45 17.49 -23.39
N GLY C 337 -0.31 17.94 -22.15
CA GLY C 337 0.74 17.50 -21.25
C GLY C 337 0.84 16.08 -20.76
N SER C 338 -0.30 15.44 -20.49
CA SER C 338 -0.28 14.09 -19.95
C SER C 338 -1.07 13.12 -20.80
N LEU C 339 -0.74 11.84 -20.66
CA LEU C 339 -1.44 10.78 -21.37
C LEU C 339 -2.84 10.69 -20.82
N ILE C 340 -3.79 10.42 -21.71
CA ILE C 340 -5.20 10.29 -21.36
C ILE C 340 -5.67 8.91 -21.80
N PHE C 341 -6.18 8.13 -20.85
CA PHE C 341 -6.76 6.82 -21.10
C PHE C 341 -8.27 6.89 -21.01
N GLY C 342 -8.94 6.16 -21.90
CA GLY C 342 -10.39 5.98 -21.84
C GLY C 342 -10.74 4.84 -20.92
N LYS C 343 -11.83 5.00 -20.18
CA LYS C 343 -12.41 3.91 -19.42
C LYS C 343 -13.13 2.96 -20.38
N GLN C 344 -13.40 1.74 -19.91
CA GLN C 344 -14.04 0.78 -20.78
C GLN C 344 -15.49 1.16 -21.03
N GLY C 345 -15.93 1.00 -22.28
CA GLY C 345 -17.27 1.36 -22.69
C GLY C 345 -17.28 2.73 -23.33
N THR C 346 -16.20 3.48 -23.11
CA THR C 346 -16.05 4.83 -23.63
C THR C 346 -16.01 4.84 -25.14
N GLY C 347 -16.73 5.80 -25.71
CA GLY C 347 -16.84 5.99 -27.15
C GLY C 347 -15.62 6.58 -27.80
N ARG C 348 -15.53 6.39 -29.10
CA ARG C 348 -14.45 6.90 -29.92
C ARG C 348 -14.40 8.43 -30.06
N ASP C 349 -15.55 9.08 -30.18
CA ASP C 349 -15.56 10.54 -30.38
C ASP C 349 -16.29 11.44 -29.38
N ASN C 350 -15.58 12.45 -28.90
CA ASN C 350 -16.09 13.48 -28.00
C ASN C 350 -16.79 13.04 -26.73
N VAL C 351 -16.24 12.05 -26.05
CA VAL C 351 -16.85 11.56 -24.81
C VAL C 351 -16.66 12.52 -23.66
N ASP C 352 -17.50 12.41 -22.63
CA ASP C 352 -17.43 13.27 -21.45
C ASP C 352 -16.21 13.01 -20.57
N ALA C 353 -15.94 13.92 -19.65
CA ALA C 353 -14.77 13.84 -18.80
C ALA C 353 -14.72 12.60 -17.94
N ASP C 354 -15.85 12.16 -17.40
CA ASP C 354 -15.86 10.98 -16.54
C ASP C 354 -15.39 9.70 -17.23
N LYS C 355 -15.70 9.56 -18.51
CA LYS C 355 -15.27 8.40 -19.28
C LYS C 355 -13.75 8.26 -19.41
N VAL C 356 -13.06 9.37 -19.58
CA VAL C 356 -11.60 9.36 -19.70
C VAL C 356 -10.81 9.38 -18.37
N MET C 357 -9.56 8.98 -18.43
CA MET C 357 -8.67 8.99 -17.26
C MET C 357 -7.42 9.79 -17.60
N ILE C 358 -7.31 10.99 -17.04
CA ILE C 358 -6.15 11.82 -17.30
C ILE C 358 -5.06 11.63 -16.25
N THR C 359 -3.94 11.06 -16.65
CA THR C 359 -2.83 10.79 -15.76
C THR C 359 -2.20 12.04 -15.15
N ASN C 360 -1.58 11.88 -13.99
CA ASN C 360 -0.95 12.99 -13.30
C ASN C 360 0.54 12.73 -13.13
N GLU C 361 1.37 13.69 -13.53
CA GLU C 361 2.81 13.55 -13.41
C GLU C 361 3.33 14.60 -12.44
N GLU C 362 2.80 14.58 -11.23
CA GLU C 362 3.14 15.55 -10.20
C GLU C 362 4.31 15.08 -9.33
N GLU C 363 4.68 13.81 -9.50
CA GLU C 363 5.79 13.23 -8.78
C GLU C 363 7.12 13.88 -9.11
N ILE C 364 7.26 14.28 -10.36
CA ILE C 364 8.49 14.85 -10.88
C ILE C 364 8.61 16.36 -10.73
N LYS C 365 7.70 16.95 -9.99
CA LYS C 365 7.65 18.38 -9.72
C LYS C 365 8.91 18.90 -9.01
N THR C 366 9.52 18.10 -8.15
CA THR C 366 10.71 18.50 -7.43
C THR C 366 11.93 18.83 -8.30
N THR C 367 12.18 18.07 -9.37
CA THR C 367 13.33 18.37 -10.24
C THR C 367 12.96 19.03 -11.56
N ASN C 368 11.69 18.95 -11.96
CA ASN C 368 11.26 19.51 -13.23
C ASN C 368 10.36 20.73 -13.07
N PRO C 369 10.42 21.65 -14.04
CA PRO C 369 9.50 22.78 -13.99
C PRO C 369 8.08 22.36 -14.32
N VAL C 370 7.13 23.14 -13.82
CA VAL C 370 5.73 22.86 -14.10
C VAL C 370 5.44 23.07 -15.57
N ALA C 371 4.65 22.18 -16.15
CA ALA C 371 4.41 22.22 -17.59
C ALA C 371 3.76 23.52 -18.04
N THR C 372 2.93 24.11 -17.19
CA THR C 372 2.13 25.28 -17.53
C THR C 372 2.79 26.59 -17.11
N GLU C 373 4.02 26.55 -16.60
CA GLU C 373 4.72 27.73 -16.12
C GLU C 373 5.95 28.00 -16.97
N SER C 374 6.41 29.25 -16.93
CA SER C 374 7.64 29.61 -17.61
C SER C 374 8.84 29.03 -16.87
N TYR C 375 9.89 28.73 -17.64
CA TYR C 375 11.11 28.19 -17.05
C TYR C 375 11.74 29.18 -16.08
N GLY C 376 11.66 30.47 -16.39
CA GLY C 376 12.35 31.47 -15.59
C GLY C 376 12.31 32.82 -16.29
N GLN C 377 13.30 33.64 -15.96
CA GLN C 377 13.43 34.97 -16.52
C GLN C 377 14.87 35.23 -16.95
N VAL C 378 15.03 36.01 -18.01
CA VAL C 378 16.33 36.46 -18.48
C VAL C 378 16.28 37.97 -18.65
N ALA C 379 17.45 38.59 -18.55
CA ALA C 379 17.57 40.02 -18.80
C ALA C 379 17.58 40.26 -20.30
N THR C 380 16.87 41.28 -20.76
CA THR C 380 16.86 41.53 -22.19
C THR C 380 17.51 42.85 -22.57
N ASN C 381 18.16 43.50 -21.62
CA ASN C 381 18.81 44.78 -21.88
C ASN C 381 19.88 45.09 -20.85
N HIS C 382 20.67 46.13 -21.11
CA HIS C 382 21.70 46.54 -20.16
C HIS C 382 21.13 47.65 -19.29
N GLN C 383 21.12 47.47 -17.98
CA GLN C 383 20.62 48.52 -17.10
C GLN C 383 21.61 49.67 -17.14
N SER C 384 21.10 50.88 -17.07
CA SER C 384 21.94 52.08 -17.13
C SER C 384 21.25 53.22 -16.44
N ALA C 385 21.90 54.37 -16.36
CA ALA C 385 21.25 55.51 -15.74
C ALA C 385 19.99 55.89 -16.53
N GLN C 386 20.11 55.90 -17.85
CA GLN C 386 18.99 56.18 -18.74
C GLN C 386 17.86 55.14 -18.73
N ALA C 387 18.20 53.86 -18.67
CA ALA C 387 17.17 52.80 -18.72
C ALA C 387 17.12 51.75 -17.60
N GLN C 388 15.92 51.49 -17.12
CA GLN C 388 15.66 50.50 -16.06
C GLN C 388 15.91 49.07 -16.50
N ALA C 389 16.26 48.20 -15.56
CA ALA C 389 16.51 46.80 -15.86
C ALA C 389 15.23 46.09 -16.29
N GLN C 390 15.31 45.28 -17.33
CA GLN C 390 14.14 44.56 -17.83
C GLN C 390 14.38 43.08 -18.05
N THR C 391 13.37 42.29 -17.71
CA THR C 391 13.44 40.85 -17.89
C THR C 391 12.25 40.39 -18.71
N GLY C 392 12.35 39.20 -19.26
CA GLY C 392 11.29 38.59 -20.04
C GLY C 392 11.24 37.10 -19.79
N TRP C 393 10.09 36.52 -20.04
CA TRP C 393 9.84 35.15 -19.59
C TRP C 393 10.35 34.14 -20.60
N VAL C 394 10.88 33.03 -20.09
CA VAL C 394 11.37 31.95 -20.92
C VAL C 394 10.22 30.95 -21.04
N GLN C 395 9.64 30.87 -22.23
CA GLN C 395 8.53 29.95 -22.44
C GLN C 395 9.04 28.54 -22.70
N ASN C 396 10.23 28.42 -23.29
CA ASN C 396 10.86 27.14 -23.53
C ASN C 396 12.35 27.27 -23.35
N GLN C 397 12.97 26.27 -22.73
CA GLN C 397 14.40 26.24 -22.48
C GLN C 397 14.95 24.88 -22.84
N GLY C 398 15.90 24.85 -23.77
CA GLY C 398 16.58 23.63 -24.12
C GLY C 398 17.58 23.22 -23.06
N ILE C 399 18.36 22.18 -23.39
CA ILE C 399 19.32 21.65 -22.44
C ILE C 399 20.40 22.69 -22.15
N LEU C 400 20.75 22.82 -20.87
CA LEU C 400 21.89 23.58 -20.41
C LEU C 400 22.83 22.69 -19.61
N PRO C 401 24.12 22.98 -19.61
CA PRO C 401 25.02 22.28 -18.69
C PRO C 401 24.59 22.52 -17.24
N GLY C 402 24.46 21.44 -16.49
CA GLY C 402 24.01 21.51 -15.12
C GLY C 402 22.57 21.12 -14.89
N MET C 403 21.81 20.82 -15.92
CA MET C 403 20.43 20.41 -15.76
C MET C 403 20.32 18.95 -15.36
N VAL C 404 19.26 18.64 -14.61
CA VAL C 404 18.85 17.28 -14.29
C VAL C 404 17.34 17.21 -14.44
N TRP C 405 16.84 16.03 -14.79
CA TRP C 405 15.41 15.88 -15.02
C TRP C 405 15.01 14.43 -14.81
N GLN C 406 13.71 14.23 -14.63
CA GLN C 406 13.09 12.92 -14.51
C GLN C 406 12.31 12.60 -15.77
N ASP C 407 12.39 11.33 -16.21
CA ASP C 407 11.60 10.88 -17.34
C ASP C 407 10.14 10.73 -16.93
N ARG C 408 9.27 10.67 -17.93
CA ARG C 408 7.85 10.46 -17.67
C ARG C 408 7.63 9.07 -17.08
N ASP C 409 6.62 8.97 -16.24
CA ASP C 409 6.35 7.72 -15.52
C ASP C 409 5.71 6.70 -16.46
N VAL C 410 5.80 5.43 -16.07
CA VAL C 410 5.19 4.34 -16.83
C VAL C 410 3.94 3.90 -16.09
N TYR C 411 2.94 3.45 -16.85
CA TYR C 411 1.65 3.11 -16.27
C TYR C 411 1.30 1.66 -16.54
N LEU C 412 0.44 1.11 -15.68
CA LEU C 412 -0.08 -0.22 -15.91
C LEU C 412 -0.72 -0.33 -17.29
N GLN C 413 -1.41 0.73 -17.72
CA GLN C 413 -2.04 0.74 -19.03
C GLN C 413 -1.05 1.09 -20.13
N GLY C 414 -0.08 1.96 -19.83
CA GLY C 414 0.73 2.60 -20.85
C GLY C 414 1.74 1.71 -21.53
N PRO C 415 2.50 2.27 -22.47
CA PRO C 415 3.42 1.46 -23.29
C PRO C 415 4.66 1.04 -22.51
N ILE C 416 5.30 -0.03 -23.00
CA ILE C 416 6.49 -0.55 -22.34
C ILE C 416 7.75 0.03 -22.96
N TRP C 417 8.01 -0.31 -24.22
CA TRP C 417 9.24 0.11 -24.89
C TRP C 417 8.90 0.88 -26.15
N ALA C 418 9.91 1.57 -26.68
CA ALA C 418 9.85 2.18 -27.99
C ALA C 418 11.12 1.83 -28.75
N LYS C 419 11.07 1.97 -30.06
CA LYS C 419 12.25 1.81 -30.90
C LYS C 419 12.91 3.17 -31.08
N ILE C 420 14.13 3.30 -30.59
CA ILE C 420 14.92 4.51 -30.88
C ILE C 420 15.05 4.64 -32.39
N PRO C 421 14.66 5.77 -32.98
CA PRO C 421 14.80 5.91 -34.43
C PRO C 421 16.25 5.81 -34.85
N HIS C 422 16.47 5.55 -36.14
CA HIS C 422 17.82 5.35 -36.64
C HIS C 422 18.30 6.63 -37.30
N THR C 423 19.20 7.34 -36.62
CA THR C 423 19.61 8.68 -37.02
C THR C 423 21.08 8.87 -36.71
N ASP C 424 21.65 9.95 -37.23
CA ASP C 424 23.05 10.28 -36.94
C ASP C 424 23.25 10.53 -35.46
N GLY C 425 22.33 11.27 -34.83
CA GLY C 425 22.46 11.53 -33.41
C GLY C 425 21.12 11.80 -32.77
N ASN C 426 21.07 11.51 -31.47
CA ASN C 426 19.90 11.78 -30.64
C ASN C 426 20.39 12.15 -29.25
N PHE C 427 19.49 12.72 -28.47
CA PHE C 427 19.81 13.05 -27.08
C PHE C 427 18.75 12.47 -26.16
N HIS C 428 19.21 11.76 -25.15
CA HIS C 428 18.38 11.13 -24.13
C HIS C 428 17.27 10.34 -24.82
N PRO C 429 17.63 9.21 -25.42
CA PRO C 429 16.70 8.49 -26.30
C PRO C 429 15.40 8.02 -25.65
N SER C 430 15.30 8.12 -24.32
CA SER C 430 14.12 7.64 -23.61
C SER C 430 12.85 8.17 -24.26
N PRO C 431 11.86 7.32 -24.55
CA PRO C 431 10.67 7.76 -25.27
C PRO C 431 9.82 8.72 -24.46
N LEU C 432 9.10 9.59 -25.18
CA LEU C 432 8.39 10.68 -24.53
C LEU C 432 7.05 10.25 -23.95
N MET C 433 6.50 9.12 -24.35
CA MET C 433 5.30 8.61 -23.67
C MET C 433 5.63 7.70 -22.50
N GLY C 434 6.90 7.53 -22.18
CA GLY C 434 7.33 6.68 -21.09
C GLY C 434 7.83 5.33 -21.60
N GLY C 435 8.68 4.70 -20.79
CA GLY C 435 9.23 3.42 -21.13
C GLY C 435 10.69 3.47 -21.55
N PHE C 436 11.14 2.34 -22.08
CA PHE C 436 12.55 2.08 -22.35
C PHE C 436 12.84 2.26 -23.83
N GLY C 437 13.71 3.21 -24.15
CA GLY C 437 14.17 3.36 -25.53
C GLY C 437 15.16 2.27 -25.89
N MET C 438 14.99 1.71 -27.09
CA MET C 438 15.84 0.64 -27.56
C MET C 438 16.11 0.81 -29.05
N LYS C 439 17.37 0.65 -29.44
CA LYS C 439 17.69 0.62 -30.86
C LYS C 439 17.39 -0.72 -31.50
N HIS C 440 17.22 -1.76 -30.70
CA HIS C 440 16.80 -3.08 -31.17
C HIS C 440 15.73 -3.58 -30.22
N PRO C 441 14.49 -3.13 -30.40
CA PRO C 441 13.40 -3.55 -29.51
C PRO C 441 12.98 -4.97 -29.84
N PRO C 442 12.03 -5.54 -29.08
CA PRO C 442 11.51 -6.86 -29.42
C PRO C 442 10.96 -6.88 -30.83
N PRO C 443 11.28 -7.92 -31.60
CA PRO C 443 10.93 -7.91 -33.02
C PRO C 443 9.44 -8.09 -33.23
N GLN C 444 8.95 -7.47 -34.31
CA GLN C 444 7.56 -7.63 -34.70
C GLN C 444 7.29 -9.07 -35.10
N ILE C 445 6.06 -9.52 -34.85
CA ILE C 445 5.65 -10.89 -35.10
C ILE C 445 4.52 -10.82 -36.10
N LEU C 446 4.76 -11.28 -37.32
CA LEU C 446 3.80 -11.17 -38.41
C LEU C 446 3.19 -12.53 -38.71
N ILE C 447 1.85 -12.56 -38.79
CA ILE C 447 1.11 -13.79 -38.97
C ILE C 447 -0.04 -13.52 -39.94
N LYS C 448 -0.36 -14.53 -40.75
CA LYS C 448 -1.49 -14.43 -41.67
C LYS C 448 -2.02 -15.83 -41.95
N ASN C 449 -3.23 -15.87 -42.50
CA ASN C 449 -3.79 -17.12 -43.01
C ASN C 449 -3.34 -17.31 -44.45
N THR C 450 -2.94 -18.54 -44.78
CA THR C 450 -2.56 -18.84 -46.15
C THR C 450 -3.81 -18.86 -47.03
N PRO C 451 -3.82 -18.16 -48.16
CA PRO C 451 -5.01 -18.18 -49.01
C PRO C 451 -5.25 -19.56 -49.62
N VAL C 452 -6.48 -20.03 -49.49
CA VAL C 452 -6.83 -21.39 -49.93
C VAL C 452 -7.83 -21.31 -51.07
N PRO C 453 -7.44 -21.64 -52.31
CA PRO C 453 -8.35 -21.59 -53.46
C PRO C 453 -9.43 -22.66 -53.42
N LEU C 465 -6.23 -14.80 -59.63
CA LEU C 465 -7.24 -15.54 -58.89
C LEU C 465 -7.82 -14.72 -57.75
N ASN C 466 -9.01 -14.17 -57.94
CA ASN C 466 -9.64 -13.32 -56.94
C ASN C 466 -10.66 -14.05 -56.07
N SER C 467 -10.91 -15.34 -56.32
CA SER C 467 -11.91 -16.10 -55.58
C SER C 467 -11.21 -17.08 -54.65
N PHE C 468 -11.50 -16.97 -53.35
CA PHE C 468 -10.87 -17.79 -52.33
C PHE C 468 -11.94 -18.36 -51.41
N ILE C 469 -11.49 -19.03 -50.36
CA ILE C 469 -12.39 -19.69 -49.43
C ILE C 469 -12.50 -18.86 -48.16
N THR C 470 -13.72 -18.71 -47.66
CA THR C 470 -13.93 -17.98 -46.41
C THR C 470 -13.38 -18.80 -45.25
N GLN C 471 -12.45 -18.19 -44.51
CA GLN C 471 -11.58 -18.96 -43.64
C GLN C 471 -11.08 -18.06 -42.51
N TYR C 472 -10.87 -18.66 -41.34
CA TYR C 472 -10.24 -17.95 -40.23
C TYR C 472 -9.55 -18.97 -39.34
N SER C 473 -8.65 -18.47 -38.51
CA SER C 473 -7.84 -19.32 -37.64
C SER C 473 -7.82 -18.75 -36.23
N THR C 474 -7.46 -19.60 -35.28
CA THR C 474 -7.50 -19.27 -33.86
C THR C 474 -6.52 -20.18 -33.13
N GLY C 475 -6.22 -19.81 -31.89
CA GLY C 475 -5.27 -20.59 -31.12
C GLY C 475 -4.88 -19.88 -29.84
N GLN C 476 -3.70 -20.21 -29.34
CA GLN C 476 -3.21 -19.70 -28.07
C GLN C 476 -1.92 -18.93 -28.28
N VAL C 477 -1.67 -17.96 -27.40
CA VAL C 477 -0.43 -17.20 -27.38
C VAL C 477 0.05 -17.06 -25.95
N SER C 478 1.26 -17.55 -25.68
CA SER C 478 1.89 -17.40 -24.38
C SER C 478 3.15 -16.56 -24.52
N VAL C 479 3.35 -15.64 -23.58
CA VAL C 479 4.49 -14.73 -23.59
C VAL C 479 5.10 -14.69 -22.20
N GLU C 480 6.43 -14.62 -22.15
CA GLU C 480 7.17 -14.68 -20.89
C GLU C 480 8.29 -13.64 -20.93
N ILE C 481 8.32 -12.76 -19.92
CA ILE C 481 9.37 -11.75 -19.82
C ILE C 481 10.01 -11.85 -18.44
N GLU C 482 11.34 -11.88 -18.43
CA GLU C 482 12.11 -11.82 -17.19
C GLU C 482 12.47 -10.38 -16.88
N TRP C 483 12.10 -9.91 -15.69
CA TRP C 483 12.32 -8.54 -15.27
C TRP C 483 13.38 -8.51 -14.18
N GLU C 484 14.27 -7.53 -14.23
CA GLU C 484 15.28 -7.34 -13.19
C GLU C 484 14.90 -6.17 -12.30
N LEU C 485 15.04 -6.36 -10.99
CA LEU C 485 14.53 -5.41 -10.01
C LEU C 485 15.66 -4.69 -9.30
N GLN C 486 15.37 -3.48 -8.84
CA GLN C 486 16.28 -2.67 -8.04
C GLN C 486 15.62 -2.42 -6.69
N LYS C 487 16.19 -3.02 -5.64
CA LYS C 487 15.55 -3.04 -4.33
C LYS C 487 15.64 -1.69 -3.63
N GLU C 488 14.78 -1.50 -2.65
CA GLU C 488 14.72 -0.26 -1.90
C GLU C 488 15.59 -0.32 -0.65
N ASN C 489 16.65 0.49 -0.64
CA ASN C 489 17.70 0.51 0.37
C ASN C 489 17.47 1.64 1.39
N SER C 490 16.34 2.34 1.28
CA SER C 490 16.17 3.63 1.96
C SER C 490 16.29 3.52 3.48
N LYS C 491 16.84 4.57 4.08
CA LYS C 491 16.95 4.72 5.53
C LYS C 491 15.84 5.59 6.12
N ARG C 492 14.87 6.00 5.31
CA ARG C 492 13.77 6.83 5.77
C ARG C 492 13.13 6.24 7.02
N TRP C 493 12.93 7.09 8.03
CA TRP C 493 12.38 6.61 9.29
C TRP C 493 10.88 6.43 9.22
N ASN C 494 10.16 7.44 8.74
CA ASN C 494 8.71 7.38 8.70
C ASN C 494 8.24 6.49 7.56
N PRO C 495 7.00 6.00 7.63
CA PRO C 495 6.45 5.11 6.60
C PRO C 495 6.11 5.78 5.26
N GLU C 496 6.44 5.09 4.19
CA GLU C 496 6.22 5.50 2.81
C GLU C 496 4.79 5.44 2.33
N ILE C 497 4.48 6.21 1.29
CA ILE C 497 3.17 6.16 0.67
C ILE C 497 3.11 4.89 -0.17
N GLN C 498 1.99 4.19 -0.15
CA GLN C 498 1.87 2.95 -0.91
C GLN C 498 0.59 2.93 -1.70
N TYR C 499 0.57 2.17 -2.79
CA TYR C 499 -0.66 2.07 -3.56
C TYR C 499 -1.50 1.04 -2.84
N THR C 500 -2.71 1.40 -2.47
CA THR C 500 -3.56 0.53 -1.70
C THR C 500 -4.95 0.46 -2.32
N SER C 501 -5.66 -0.61 -2.00
CA SER C 501 -7.02 -0.77 -2.44
C SER C 501 -7.82 -0.16 -1.29
N ASN C 502 -8.72 0.78 -1.58
CA ASN C 502 -9.51 1.41 -0.53
C ASN C 502 -10.50 0.45 0.10
N TYR C 503 -10.71 0.56 1.40
CA TYR C 503 -11.68 -0.33 2.03
C TYR C 503 -13.00 0.33 2.40
N TYR C 504 -13.99 0.12 1.56
CA TYR C 504 -15.35 0.60 1.81
C TYR C 504 -16.29 -0.23 0.96
N LYS C 505 -17.56 -0.30 1.33
CA LYS C 505 -18.48 -1.11 0.55
C LYS C 505 -18.81 -0.48 -0.78
N SER C 506 -18.90 -1.32 -1.80
CA SER C 506 -19.22 -0.87 -3.14
C SER C 506 -19.87 -2.02 -3.90
N ASN C 507 -20.53 -1.68 -5.01
CA ASN C 507 -21.25 -2.67 -5.79
C ASN C 507 -20.29 -3.62 -6.50
N ASN C 508 -19.03 -3.23 -6.61
CA ASN C 508 -18.01 -4.02 -7.29
C ASN C 508 -16.69 -3.87 -6.55
N VAL C 509 -15.75 -4.74 -6.85
CA VAL C 509 -14.37 -4.53 -6.42
C VAL C 509 -13.57 -4.05 -7.62
N GLU C 510 -12.62 -3.15 -7.36
CA GLU C 510 -11.87 -2.52 -8.45
C GLU C 510 -10.96 -3.54 -9.11
N PHE C 511 -10.80 -3.39 -10.43
CA PHE C 511 -9.99 -4.30 -11.24
C PHE C 511 -10.56 -5.72 -11.21
N ALA C 512 -11.86 -5.84 -11.37
CA ALA C 512 -12.51 -7.13 -11.49
C ALA C 512 -13.71 -7.01 -12.41
N VAL C 513 -14.38 -8.15 -12.62
CA VAL C 513 -15.53 -8.20 -13.51
C VAL C 513 -16.77 -7.72 -12.77
N ASN C 514 -17.74 -7.21 -13.53
CA ASN C 514 -19.04 -6.83 -13.01
C ASN C 514 -20.03 -7.97 -13.26
N THR C 515 -21.32 -7.69 -13.01
CA THR C 515 -22.32 -8.75 -13.11
C THR C 515 -22.54 -9.20 -14.54
N GLU C 516 -22.10 -8.42 -15.52
CA GLU C 516 -22.29 -8.78 -16.92
C GLU C 516 -21.09 -9.47 -17.53
N GLY C 517 -19.99 -9.64 -16.79
CA GLY C 517 -18.80 -10.25 -17.31
C GLY C 517 -17.80 -9.29 -17.94
N VAL C 518 -17.87 -8.01 -17.61
CA VAL C 518 -17.00 -7.00 -18.22
C VAL C 518 -15.94 -6.58 -17.20
N TYR C 519 -14.67 -6.80 -17.57
CA TYR C 519 -13.55 -6.52 -16.70
C TYR C 519 -13.01 -5.12 -16.99
N SER C 520 -13.15 -4.21 -16.02
CA SER C 520 -12.76 -2.83 -16.21
C SER C 520 -11.62 -2.47 -15.28
N GLU C 521 -10.83 -1.47 -15.68
CA GLU C 521 -9.76 -0.92 -14.85
C GLU C 521 -10.14 0.50 -14.44
N PRO C 522 -10.45 0.75 -13.16
CA PRO C 522 -11.06 2.03 -12.79
C PRO C 522 -10.12 3.21 -12.85
N ARG C 523 -8.82 3.01 -12.62
CA ARG C 523 -7.91 4.14 -12.58
C ARG C 523 -6.52 3.77 -13.10
N PRO C 524 -5.74 4.74 -13.57
CA PRO C 524 -4.35 4.46 -13.92
C PRO C 524 -3.48 4.33 -12.69
N ILE C 525 -2.53 3.39 -12.68
CA ILE C 525 -1.66 3.17 -11.55
C ILE C 525 -0.25 3.59 -11.96
N GLY C 526 0.23 4.69 -11.39
CA GLY C 526 1.60 5.10 -11.62
C GLY C 526 2.59 4.17 -10.96
N THR C 527 3.87 4.40 -11.26
CA THR C 527 4.92 3.57 -10.70
C THR C 527 5.65 4.22 -9.53
N ARG C 528 5.31 5.46 -9.15
CA ARG C 528 6.14 6.24 -8.23
C ARG C 528 5.41 6.43 -6.90
N TYR C 529 5.89 5.70 -5.89
CA TYR C 529 5.35 5.72 -4.53
C TYR C 529 6.47 5.88 -3.53
N LEU C 530 7.44 4.97 -3.55
CA LEU C 530 8.62 5.05 -2.72
C LEU C 530 9.42 6.31 -3.07
N THR C 531 10.31 6.71 -2.16
CA THR C 531 11.06 7.95 -2.36
C THR C 531 12.56 7.69 -2.28
N ARG C 532 13.32 8.68 -2.76
CA ARG C 532 14.77 8.72 -2.63
C ARG C 532 15.19 10.15 -2.33
N ASN C 533 16.44 10.30 -1.90
CA ASN C 533 17.05 11.62 -1.81
C ASN C 533 17.47 12.10 -3.18
N LEU C 534 17.58 13.41 -3.32
CA LEU C 534 17.94 14.02 -4.59
C LEU C 534 19.46 14.18 -4.68
N ASP D 17 -2.11 -39.39 -27.30
CA ASP D 17 -1.31 -40.02 -28.35
C ASP D 17 -1.87 -39.70 -29.73
N GLY D 18 -3.04 -40.23 -30.04
CA GLY D 18 -3.66 -40.00 -31.33
C GLY D 18 -5.16 -40.17 -31.29
N VAL D 19 -5.81 -39.71 -32.37
CA VAL D 19 -7.26 -39.84 -32.47
C VAL D 19 -7.66 -41.29 -32.71
N GLY D 20 -6.87 -42.01 -33.49
CA GLY D 20 -7.14 -43.40 -33.80
C GLY D 20 -6.64 -44.38 -32.76
N SER D 21 -6.34 -43.92 -31.55
CA SER D 21 -5.91 -44.79 -30.46
C SER D 21 -6.53 -44.30 -29.16
N SER D 22 -6.86 -45.25 -28.29
CA SER D 22 -7.48 -44.93 -27.01
C SER D 22 -6.41 -44.59 -25.98
N SER D 23 -6.73 -43.62 -25.12
CA SER D 23 -5.80 -43.12 -24.12
C SER D 23 -5.98 -43.76 -22.75
N GLY D 24 -6.92 -44.70 -22.61
CA GLY D 24 -7.10 -45.35 -21.32
C GLY D 24 -8.22 -46.37 -21.41
N ASN D 25 -8.21 -47.28 -20.45
CA ASN D 25 -9.14 -48.39 -20.39
C ASN D 25 -10.18 -48.13 -19.30
N TRP D 26 -11.13 -49.05 -19.18
CA TRP D 26 -12.16 -48.97 -18.16
C TRP D 26 -11.71 -49.79 -16.95
N HIS D 27 -11.43 -49.09 -15.84
CA HIS D 27 -10.99 -49.74 -14.60
C HIS D 27 -12.06 -49.52 -13.54
N CYS D 28 -12.73 -50.58 -13.10
CA CYS D 28 -13.75 -50.41 -12.07
C CYS D 28 -13.85 -51.53 -11.05
N ASP D 29 -12.76 -51.86 -10.36
CA ASP D 29 -12.80 -52.93 -9.36
C ASP D 29 -12.13 -52.57 -8.05
N SER D 30 -12.54 -53.26 -6.98
CA SER D 30 -11.97 -53.05 -5.65
C SER D 30 -11.25 -54.30 -5.19
N GLN D 31 -10.00 -54.15 -4.74
CA GLN D 31 -9.20 -55.29 -4.32
C GLN D 31 -8.84 -55.25 -2.84
N TRP D 32 -9.08 -56.35 -2.14
CA TRP D 32 -8.77 -56.44 -0.72
C TRP D 32 -7.53 -57.28 -0.45
N LEU D 33 -6.49 -56.66 0.10
CA LEU D 33 -5.27 -57.38 0.43
C LEU D 33 -4.86 -57.05 1.86
N GLY D 34 -4.83 -58.03 2.74
CA GLY D 34 -4.45 -57.76 4.12
C GLY D 34 -5.36 -56.71 4.73
N ASP D 35 -4.74 -55.68 5.30
CA ASP D 35 -5.47 -54.58 5.93
C ASP D 35 -5.59 -53.37 5.01
N ARG D 36 -5.21 -53.54 3.74
CA ARG D 36 -5.27 -52.44 2.78
C ARG D 36 -6.31 -52.69 1.68
N VAL D 37 -7.14 -51.69 1.42
CA VAL D 37 -8.17 -51.83 0.39
C VAL D 37 -7.96 -50.79 -0.72
N ILE D 38 -8.01 -51.25 -1.96
CA ILE D 38 -7.85 -50.33 -3.08
C ILE D 38 -9.17 -50.28 -3.83
N THR D 39 -9.68 -49.08 -4.07
CA THR D 39 -10.94 -48.93 -4.79
C THR D 39 -10.75 -48.18 -6.07
N THR D 40 -11.32 -48.68 -7.15
CA THR D 40 -11.20 -48.02 -8.44
C THR D 40 -12.57 -47.69 -9.01
N SER D 41 -12.79 -46.41 -9.30
CA SER D 41 -14.05 -45.95 -9.84
C SER D 41 -13.81 -45.27 -11.19
N THR D 42 -14.67 -45.53 -12.15
CA THR D 42 -14.56 -44.93 -13.48
C THR D 42 -15.94 -44.53 -13.97
N ARG D 43 -16.06 -43.28 -14.43
CA ARG D 43 -17.33 -42.73 -14.87
C ARG D 43 -17.16 -42.02 -16.19
N THR D 44 -18.28 -41.68 -16.83
CA THR D 44 -18.31 -40.91 -18.06
C THR D 44 -18.92 -39.55 -17.80
N TRP D 45 -18.14 -38.49 -18.01
CA TRP D 45 -18.53 -37.13 -17.65
C TRP D 45 -18.98 -36.36 -18.88
N ALA D 46 -19.94 -35.46 -18.67
CA ALA D 46 -20.42 -34.54 -19.71
C ALA D 46 -20.29 -33.11 -19.21
N LEU D 47 -19.41 -32.34 -19.85
CA LEU D 47 -19.12 -30.97 -19.42
C LEU D 47 -19.61 -29.96 -20.45
N PRO D 48 -20.53 -29.07 -20.09
CA PRO D 48 -20.94 -28.02 -21.04
C PRO D 48 -20.11 -26.76 -20.90
N THR D 49 -20.46 -25.75 -21.69
CA THR D 49 -19.90 -24.42 -21.53
C THR D 49 -20.74 -23.65 -20.51
N TYR D 50 -20.07 -23.02 -19.54
CA TYR D 50 -20.75 -22.29 -18.49
C TYR D 50 -20.50 -20.80 -18.64
N ASN D 51 -21.56 -20.01 -18.45
CA ASN D 51 -21.49 -18.54 -18.46
C ASN D 51 -20.99 -18.00 -19.79
N ASN D 52 -21.09 -18.80 -20.85
CA ASN D 52 -20.61 -18.42 -22.17
C ASN D 52 -19.15 -17.95 -22.11
N HIS D 53 -18.36 -18.62 -21.28
CA HIS D 53 -16.94 -18.32 -21.09
C HIS D 53 -16.73 -16.94 -20.46
N LEU D 54 -17.49 -16.63 -19.42
CA LEU D 54 -17.38 -15.37 -18.71
C LEU D 54 -17.34 -15.60 -17.21
N TYR D 55 -16.53 -14.80 -16.53
CA TYR D 55 -16.64 -14.62 -15.09
C TYR D 55 -17.74 -13.62 -14.82
N LYS D 56 -18.74 -14.03 -14.05
CA LYS D 56 -19.84 -13.15 -13.72
C LYS D 56 -19.90 -12.92 -12.22
N GLN D 57 -20.04 -11.65 -11.84
CA GLN D 57 -20.39 -11.29 -10.48
C GLN D 57 -21.79 -11.76 -10.15
N ILE D 58 -21.92 -12.46 -9.02
CA ILE D 58 -23.22 -12.89 -8.50
C ILE D 58 -23.32 -12.31 -7.11
N SER D 59 -24.53 -11.97 -6.68
CA SER D 59 -24.70 -11.36 -5.38
C SER D 59 -26.10 -11.63 -4.85
N ASN D 60 -26.39 -11.04 -3.68
CA ASN D 60 -27.69 -11.20 -3.06
C ASN D 60 -28.80 -10.65 -3.94
N SER D 61 -28.53 -9.53 -4.62
CA SER D 61 -29.57 -8.85 -5.39
C SER D 61 -29.88 -9.59 -6.69
N THR D 62 -28.91 -10.33 -7.23
CA THR D 62 -29.15 -11.08 -8.45
C THR D 62 -30.22 -12.15 -8.25
N SER D 63 -30.18 -12.85 -7.12
CA SER D 63 -31.19 -13.87 -6.85
C SER D 63 -32.43 -13.27 -6.19
N GLY D 64 -32.42 -11.96 -5.96
CA GLY D 64 -33.56 -11.28 -5.37
C GLY D 64 -33.40 -10.93 -3.91
N GLY D 65 -32.55 -11.66 -3.20
CA GLY D 65 -32.16 -11.31 -1.84
C GLY D 65 -33.26 -11.11 -0.84
N SER D 66 -33.27 -9.93 -0.21
CA SER D 66 -34.26 -9.44 0.76
C SER D 66 -34.11 -10.07 2.14
N SER D 67 -33.18 -11.01 2.33
CA SER D 67 -32.94 -11.61 3.64
C SER D 67 -31.56 -11.22 4.11
N ASN D 68 -31.45 -10.80 5.38
CA ASN D 68 -30.17 -10.39 5.93
C ASN D 68 -29.22 -11.57 6.05
N ASP D 69 -29.67 -12.67 6.66
CA ASP D 69 -28.81 -13.82 6.87
C ASP D 69 -28.39 -14.48 5.57
N ASN D 70 -29.10 -14.24 4.48
CA ASN D 70 -28.83 -14.86 3.18
C ASN D 70 -28.03 -13.99 2.23
N ALA D 71 -27.62 -12.78 2.64
CA ALA D 71 -26.87 -11.92 1.75
C ALA D 71 -25.50 -12.49 1.44
N TYR D 72 -25.11 -12.43 0.16
CA TYR D 72 -23.82 -12.97 -0.25
C TYR D 72 -23.31 -12.20 -1.46
N PHE D 73 -22.00 -12.33 -1.70
CA PHE D 73 -21.31 -11.72 -2.82
C PHE D 73 -20.22 -12.68 -3.27
N GLY D 74 -20.06 -12.82 -4.58
CA GLY D 74 -19.10 -13.79 -5.09
C GLY D 74 -19.04 -13.73 -6.59
N TYR D 75 -18.53 -14.81 -7.18
CA TYR D 75 -18.33 -14.89 -8.62
C TYR D 75 -18.60 -16.30 -9.11
N SER D 76 -19.25 -16.40 -10.27
CA SER D 76 -19.43 -17.66 -10.96
C SER D 76 -18.45 -17.73 -12.13
N THR D 77 -17.86 -18.90 -12.34
CA THR D 77 -16.75 -19.06 -13.26
C THR D 77 -17.16 -19.90 -14.46
N PRO D 78 -16.53 -19.67 -15.62
CA PRO D 78 -16.74 -20.58 -16.76
C PRO D 78 -16.16 -21.96 -16.54
N TRP D 79 -15.32 -22.13 -15.54
CA TRP D 79 -14.67 -23.40 -15.27
C TRP D 79 -15.59 -24.35 -14.53
N GLY D 80 -15.40 -25.65 -14.78
CA GLY D 80 -16.01 -26.70 -14.00
C GLY D 80 -14.97 -27.39 -13.12
N TYR D 81 -15.45 -28.32 -12.30
CA TYR D 81 -14.57 -29.00 -11.36
C TYR D 81 -15.04 -30.42 -11.12
N PHE D 82 -14.10 -31.30 -10.77
CA PHE D 82 -14.36 -32.70 -10.48
C PHE D 82 -14.42 -33.01 -8.99
N ASP D 83 -15.52 -33.62 -8.53
CA ASP D 83 -15.63 -33.95 -7.12
C ASP D 83 -16.00 -35.41 -6.83
N PHE D 84 -15.27 -36.03 -5.92
CA PHE D 84 -15.58 -37.40 -5.50
C PHE D 84 -15.53 -37.38 -3.98
N ASN D 85 -16.51 -36.72 -3.39
CA ASN D 85 -16.58 -36.55 -1.94
C ASN D 85 -17.54 -37.45 -1.18
N ARG D 86 -18.06 -38.49 -1.81
CA ARG D 86 -18.97 -39.40 -1.13
C ARG D 86 -18.43 -40.82 -1.22
N PHE D 87 -18.73 -41.64 -0.23
CA PHE D 87 -18.24 -43.02 -0.22
C PHE D 87 -18.83 -43.84 -1.36
N HIS D 88 -20.12 -43.68 -1.64
CA HIS D 88 -20.77 -44.51 -2.66
C HIS D 88 -20.18 -44.30 -4.04
N CYS D 89 -19.44 -43.21 -4.25
CA CYS D 89 -18.62 -43.10 -5.45
C CYS D 89 -17.60 -44.24 -5.50
N HIS D 90 -16.91 -44.49 -4.39
CA HIS D 90 -15.84 -45.46 -4.32
C HIS D 90 -16.28 -46.83 -3.81
N PHE D 91 -17.50 -46.95 -3.27
CA PHE D 91 -17.94 -48.16 -2.59
C PHE D 91 -19.27 -48.63 -3.17
N SER D 92 -19.29 -49.87 -3.65
CA SER D 92 -20.55 -50.54 -3.92
C SER D 92 -21.20 -50.94 -2.60
N PRO D 93 -22.51 -51.18 -2.60
CA PRO D 93 -23.17 -51.60 -1.35
C PRO D 93 -22.54 -52.83 -0.72
N ARG D 94 -22.13 -53.81 -1.53
CA ARG D 94 -21.45 -54.98 -0.98
C ARG D 94 -20.09 -54.61 -0.41
N ASP D 95 -19.28 -53.88 -1.18
CA ASP D 95 -17.97 -53.47 -0.68
C ASP D 95 -18.08 -52.63 0.57
N TRP D 96 -19.10 -51.77 0.62
CA TRP D 96 -19.37 -51.02 1.85
C TRP D 96 -19.82 -51.95 2.97
N GLN D 97 -20.55 -53.01 2.63
CA GLN D 97 -20.99 -53.95 3.65
C GLN D 97 -19.83 -54.77 4.18
N ARG D 98 -18.94 -55.23 3.28
CA ARG D 98 -17.74 -55.92 3.73
C ARG D 98 -16.88 -55.02 4.61
N LEU D 99 -16.99 -53.70 4.39
CA LEU D 99 -16.17 -52.75 5.16
C LEU D 99 -16.61 -52.67 6.61
N ILE D 100 -17.90 -52.45 6.84
CA ILE D 100 -18.34 -52.06 8.18
C ILE D 100 -18.44 -53.26 9.12
N ASN D 101 -18.68 -54.45 8.57
CA ASN D 101 -18.91 -55.59 9.46
C ASN D 101 -17.62 -56.14 10.04
N ASN D 102 -16.57 -56.25 9.23
CA ASN D 102 -15.35 -56.93 9.64
C ASN D 102 -14.26 -56.00 10.14
N ASN D 103 -14.46 -54.69 10.14
CA ASN D 103 -13.39 -53.75 10.42
C ASN D 103 -13.81 -52.74 11.48
N TRP D 104 -12.88 -52.44 12.39
CA TRP D 104 -13.09 -51.41 13.39
C TRP D 104 -12.78 -50.00 12.89
N GLY D 105 -12.06 -49.87 11.79
CA GLY D 105 -11.70 -48.53 11.33
C GLY D 105 -11.04 -48.57 9.97
N PHE D 106 -11.06 -47.41 9.32
CA PHE D 106 -10.46 -47.27 8.00
C PHE D 106 -10.10 -45.80 7.80
N ARG D 107 -9.30 -45.55 6.78
CA ARG D 107 -8.82 -44.21 6.45
C ARG D 107 -8.05 -44.24 5.14
N PRO D 108 -8.09 -43.17 4.36
CA PRO D 108 -7.42 -43.18 3.06
C PRO D 108 -5.91 -43.07 3.21
N LYS D 109 -5.21 -43.43 2.15
CA LYS D 109 -3.75 -43.37 2.14
C LYS D 109 -3.21 -42.62 0.94
N ARG D 110 -3.59 -43.06 -0.26
CA ARG D 110 -3.13 -42.45 -1.49
C ARG D 110 -4.29 -42.23 -2.44
N LEU D 111 -4.16 -41.21 -3.29
CA LEU D 111 -5.19 -40.91 -4.26
C LEU D 111 -4.60 -40.84 -5.67
N ASN D 112 -5.18 -41.56 -6.62
CA ASN D 112 -4.69 -41.51 -7.99
C ASN D 112 -5.83 -41.03 -8.90
N PHE D 113 -5.56 -40.06 -9.75
CA PHE D 113 -6.60 -39.49 -10.60
C PHE D 113 -6.23 -39.41 -12.08
N LYS D 114 -7.01 -40.05 -12.94
CA LYS D 114 -6.74 -40.05 -14.38
C LYS D 114 -7.90 -39.42 -15.12
N LEU D 115 -7.59 -38.82 -16.26
CA LEU D 115 -8.60 -38.24 -17.14
C LEU D 115 -8.23 -38.62 -18.58
N PHE D 116 -9.07 -39.40 -19.25
CA PHE D 116 -8.71 -39.96 -20.55
C PHE D 116 -9.94 -40.02 -21.44
N ASN D 117 -9.70 -40.47 -22.69
CA ASN D 117 -10.73 -40.58 -23.73
C ASN D 117 -11.53 -39.30 -23.87
N ILE D 118 -10.82 -38.17 -23.85
CA ILE D 118 -11.46 -36.87 -23.98
C ILE D 118 -12.11 -36.76 -25.34
N GLN D 119 -13.38 -36.39 -25.37
CA GLN D 119 -14.09 -36.10 -26.62
C GLN D 119 -14.62 -34.69 -26.53
N VAL D 120 -14.77 -34.03 -27.68
CA VAL D 120 -15.33 -32.69 -27.76
C VAL D 120 -16.30 -32.65 -28.92
N LYS D 121 -17.49 -32.10 -28.69
CA LYS D 121 -18.54 -32.04 -29.70
C LYS D 121 -18.93 -30.59 -29.94
N GLU D 122 -19.19 -30.27 -31.20
CA GLU D 122 -19.72 -28.96 -31.59
C GLU D 122 -21.19 -29.10 -31.97
N VAL D 123 -22.00 -28.15 -31.53
CA VAL D 123 -23.44 -28.18 -31.73
C VAL D 123 -23.81 -27.12 -32.75
N THR D 124 -24.26 -27.56 -33.93
CA THR D 124 -24.70 -26.67 -35.00
C THR D 124 -26.21 -26.73 -35.08
N ASP D 125 -26.88 -25.64 -34.69
CA ASP D 125 -28.33 -25.56 -34.69
C ASP D 125 -28.77 -24.51 -35.70
N ASN D 126 -29.41 -24.96 -36.78
CA ASN D 126 -29.96 -24.07 -37.79
C ASN D 126 -31.42 -24.44 -38.03
N ASN D 127 -32.33 -23.54 -37.64
CA ASN D 127 -33.77 -23.76 -37.76
C ASN D 127 -34.15 -25.12 -37.15
N GLY D 128 -33.77 -25.32 -35.90
CA GLY D 128 -33.93 -26.62 -35.29
C GLY D 128 -32.98 -27.62 -35.92
N VAL D 129 -33.44 -28.88 -35.97
CA VAL D 129 -32.76 -30.01 -36.61
C VAL D 129 -31.27 -29.99 -36.30
N LYS D 130 -30.94 -29.84 -35.01
CA LYS D 130 -29.56 -29.65 -34.61
C LYS D 130 -28.71 -30.86 -34.95
N THR D 131 -27.42 -30.64 -35.13
CA THR D 131 -26.46 -31.66 -35.53
C THR D 131 -25.23 -31.57 -34.63
N ILE D 132 -24.72 -32.74 -34.24
CA ILE D 132 -23.54 -32.84 -33.38
C ILE D 132 -22.45 -33.58 -34.14
N ALA D 133 -21.24 -33.04 -34.11
CA ALA D 133 -20.13 -33.61 -34.85
C ALA D 133 -18.85 -33.46 -34.04
N ASN D 134 -17.91 -34.37 -34.30
CA ASN D 134 -16.61 -34.35 -33.63
C ASN D 134 -15.85 -33.10 -34.05
N ASN D 135 -15.38 -32.35 -33.06
CA ASN D 135 -14.42 -31.29 -33.29
C ASN D 135 -13.07 -31.80 -32.80
N LEU D 136 -12.19 -32.13 -33.74
CA LEU D 136 -10.98 -32.87 -33.41
C LEU D 136 -9.87 -31.98 -32.87
N THR D 137 -9.80 -30.72 -33.30
CA THR D 137 -8.71 -29.84 -32.92
C THR D 137 -9.00 -29.04 -31.66
N SER D 138 -10.13 -29.27 -31.00
CA SER D 138 -10.42 -28.59 -29.76
C SER D 138 -9.58 -29.13 -28.62
N THR D 139 -9.43 -28.31 -27.59
CA THR D 139 -8.68 -28.64 -26.39
C THR D 139 -9.56 -28.47 -25.17
N VAL D 140 -9.21 -29.17 -24.10
CA VAL D 140 -9.90 -29.09 -22.82
C VAL D 140 -8.86 -28.78 -21.75
N GLN D 141 -8.98 -27.61 -21.14
CA GLN D 141 -8.04 -27.15 -20.13
C GLN D 141 -8.38 -27.79 -18.80
N VAL D 142 -7.35 -28.24 -18.08
CA VAL D 142 -7.53 -28.85 -16.77
C VAL D 142 -6.29 -28.55 -15.94
N PHE D 143 -6.50 -28.28 -14.65
CA PHE D 143 -5.39 -28.14 -13.72
C PHE D 143 -5.87 -28.52 -12.34
N THR D 144 -4.92 -28.89 -11.49
CA THR D 144 -5.18 -29.08 -10.07
C THR D 144 -4.63 -27.88 -9.32
N ASP D 145 -5.31 -27.53 -8.23
CA ASP D 145 -4.79 -26.50 -7.35
C ASP D 145 -4.17 -27.26 -6.18
N SER D 146 -2.85 -27.40 -6.23
CA SER D 146 -2.12 -28.12 -5.19
C SER D 146 -1.48 -27.20 -4.17
N ASP D 147 -1.53 -25.90 -4.39
CA ASP D 147 -1.12 -24.92 -3.40
C ASP D 147 -2.29 -24.38 -2.61
N TYR D 148 -3.50 -24.81 -2.94
CA TYR D 148 -4.72 -24.40 -2.24
C TYR D 148 -4.88 -22.88 -2.28
N GLN D 149 -4.56 -22.31 -3.45
CA GLN D 149 -4.64 -20.88 -3.66
C GLN D 149 -6.03 -20.41 -4.04
N LEU D 150 -6.87 -21.29 -4.57
CA LEU D 150 -8.26 -20.97 -4.86
C LEU D 150 -9.14 -21.29 -3.67
N PRO D 151 -10.33 -20.69 -3.62
CA PRO D 151 -11.31 -21.12 -2.62
C PRO D 151 -11.66 -22.59 -2.77
N TYR D 152 -11.80 -23.27 -1.64
CA TYR D 152 -12.11 -24.70 -1.61
C TYR D 152 -13.58 -24.87 -1.28
N VAL D 153 -14.36 -25.29 -2.29
CA VAL D 153 -15.80 -25.46 -2.14
C VAL D 153 -16.19 -26.92 -1.93
N LEU D 154 -15.23 -27.83 -1.83
CA LEU D 154 -15.57 -29.25 -1.82
C LEU D 154 -15.95 -29.76 -0.43
N GLY D 155 -15.87 -28.92 0.60
CA GLY D 155 -16.23 -29.33 1.94
C GLY D 155 -17.64 -28.96 2.36
N SER D 156 -18.48 -28.58 1.42
CA SER D 156 -19.85 -28.17 1.75
C SER D 156 -20.98 -29.14 1.38
N ALA D 157 -20.66 -30.43 1.27
CA ALA D 157 -21.66 -31.47 0.98
C ALA D 157 -22.50 -31.19 -0.26
N HIS D 158 -21.85 -30.74 -1.32
CA HIS D 158 -22.56 -30.43 -2.57
C HIS D 158 -22.91 -31.59 -3.49
N GLU D 159 -23.86 -31.31 -4.38
CA GLU D 159 -24.31 -32.20 -5.43
C GLU D 159 -23.32 -32.13 -6.61
N GLY D 160 -23.44 -33.03 -7.57
CA GLY D 160 -22.53 -33.02 -8.70
C GLY D 160 -21.36 -33.98 -8.60
N CYS D 161 -21.36 -34.79 -7.57
CA CYS D 161 -20.34 -35.83 -7.36
C CYS D 161 -20.62 -37.00 -8.30
N LEU D 162 -19.62 -37.85 -8.51
CA LEU D 162 -19.80 -39.02 -9.37
C LEU D 162 -20.93 -39.86 -8.79
N PRO D 163 -21.85 -40.30 -9.64
CA PRO D 163 -23.02 -41.06 -9.20
C PRO D 163 -22.65 -42.39 -8.61
N PRO D 164 -23.45 -42.88 -7.67
CA PRO D 164 -23.16 -44.18 -7.06
C PRO D 164 -23.18 -45.34 -8.05
N PHE D 165 -23.75 -45.14 -9.23
CA PHE D 165 -23.92 -46.29 -10.10
C PHE D 165 -23.04 -46.15 -11.33
N PRO D 166 -22.10 -47.07 -11.54
CA PRO D 166 -21.06 -46.87 -12.57
C PRO D 166 -21.57 -46.67 -13.98
N ALA D 167 -22.81 -47.06 -14.29
CA ALA D 167 -23.32 -46.90 -15.64
C ALA D 167 -24.03 -45.57 -15.87
N ASP D 168 -24.14 -44.72 -14.84
CA ASP D 168 -24.76 -43.43 -15.00
C ASP D 168 -23.77 -42.41 -15.55
N VAL D 169 -24.29 -41.48 -16.35
CA VAL D 169 -23.52 -40.35 -16.86
C VAL D 169 -24.00 -39.10 -16.13
N PHE D 170 -23.05 -38.31 -15.65
CA PHE D 170 -23.35 -37.18 -14.78
C PHE D 170 -22.83 -35.89 -15.42
N MET D 171 -23.39 -34.78 -14.95
CA MET D 171 -23.04 -33.45 -15.42
C MET D 171 -22.04 -32.81 -14.46
N ILE D 172 -20.91 -32.39 -14.99
CA ILE D 172 -19.87 -31.77 -14.17
C ILE D 172 -20.38 -30.41 -13.66
N PRO D 173 -20.31 -30.15 -12.36
CA PRO D 173 -20.87 -28.92 -11.83
C PRO D 173 -20.02 -27.70 -12.18
N GLN D 174 -20.62 -26.53 -11.99
CA GLN D 174 -19.93 -25.27 -12.24
C GLN D 174 -19.26 -24.77 -10.97
N TYR D 175 -18.06 -24.23 -11.12
CA TYR D 175 -17.30 -23.75 -9.97
C TYR D 175 -17.59 -22.29 -9.70
N GLY D 176 -17.76 -21.97 -8.43
CA GLY D 176 -17.99 -20.60 -8.00
C GLY D 176 -17.45 -20.44 -6.59
N TYR D 177 -17.32 -19.19 -6.17
CA TYR D 177 -16.78 -18.92 -4.85
C TYR D 177 -17.37 -17.61 -4.33
N LEU D 178 -17.59 -17.60 -3.02
CA LEU D 178 -18.09 -16.44 -2.31
C LEU D 178 -16.95 -15.76 -1.55
N THR D 179 -17.00 -14.44 -1.51
CA THR D 179 -16.04 -13.65 -0.77
C THR D 179 -16.81 -12.72 0.17
N LEU D 180 -16.07 -11.84 0.84
CA LEU D 180 -16.66 -10.98 1.87
C LEU D 180 -17.69 -10.04 1.26
N ASN D 181 -18.71 -9.72 2.06
CA ASN D 181 -19.74 -8.77 1.66
C ASN D 181 -20.22 -7.99 2.86
N ASP D 182 -20.80 -6.82 2.62
CA ASP D 182 -21.70 -6.18 3.55
C ASP D 182 -23.02 -6.00 2.83
N GLY D 183 -24.03 -6.77 3.21
CA GLY D 183 -25.23 -6.84 2.38
C GLY D 183 -24.87 -7.46 1.05
N SER D 184 -25.41 -6.90 -0.03
CA SER D 184 -25.12 -7.39 -1.37
C SER D 184 -23.88 -6.74 -1.98
N GLN D 185 -23.33 -5.73 -1.32
CA GLN D 185 -22.13 -5.05 -1.81
C GLN D 185 -20.88 -5.80 -1.42
N ALA D 186 -19.74 -5.25 -1.82
CA ALA D 186 -18.44 -5.86 -1.59
C ALA D 186 -17.54 -4.87 -0.88
N VAL D 187 -16.90 -5.32 0.18
CA VAL D 187 -15.88 -4.53 0.84
C VAL D 187 -14.58 -4.66 0.07
N GLY D 188 -13.72 -3.65 0.20
CA GLY D 188 -12.46 -3.62 -0.53
C GLY D 188 -11.53 -4.77 -0.24
N ARG D 189 -11.77 -5.47 0.87
CA ARG D 189 -10.99 -6.64 1.22
C ARG D 189 -11.44 -7.89 0.46
N SER D 190 -12.59 -7.86 -0.20
CA SER D 190 -13.00 -8.97 -1.04
C SER D 190 -11.96 -9.26 -2.12
N SER D 191 -11.75 -10.55 -2.39
CA SER D 191 -10.77 -11.01 -3.35
C SER D 191 -11.45 -11.52 -4.61
N PHE D 192 -10.82 -11.29 -5.75
CA PHE D 192 -11.28 -11.82 -7.02
C PHE D 192 -10.19 -12.69 -7.62
N TYR D 193 -10.45 -14.00 -7.71
CA TYR D 193 -9.50 -14.96 -8.24
C TYR D 193 -9.86 -15.26 -9.69
N CYS D 194 -8.84 -15.24 -10.55
CA CYS D 194 -9.00 -15.59 -11.95
C CYS D 194 -8.42 -16.98 -12.17
N LEU D 195 -9.28 -17.93 -12.53
CA LEU D 195 -8.82 -19.29 -12.76
C LEU D 195 -8.03 -19.42 -14.04
N GLU D 196 -8.15 -18.48 -14.97
CA GLU D 196 -7.34 -18.48 -16.17
C GLU D 196 -5.89 -18.12 -15.87
N TYR D 197 -5.62 -17.65 -14.65
CA TYR D 197 -4.33 -17.09 -14.27
C TYR D 197 -3.43 -18.12 -13.60
N PHE D 198 -3.84 -19.37 -13.57
CA PHE D 198 -3.20 -20.60 -13.11
C PHE D 198 -2.67 -21.41 -14.28
N PRO D 199 -1.41 -21.84 -14.23
CA PRO D 199 -0.90 -22.71 -15.30
C PRO D 199 -1.65 -24.02 -15.34
N SER D 200 -2.13 -24.38 -16.53
CA SER D 200 -2.97 -25.55 -16.69
C SER D 200 -2.56 -26.30 -17.95
N GLN D 201 -3.04 -27.53 -18.05
CA GLN D 201 -2.70 -28.42 -19.14
C GLN D 201 -3.86 -28.52 -20.13
N MET D 202 -3.54 -28.42 -21.42
CA MET D 202 -4.54 -28.38 -22.48
C MET D 202 -4.52 -29.70 -23.23
N LEU D 203 -5.67 -30.38 -23.28
CA LEU D 203 -5.77 -31.74 -23.79
C LEU D 203 -6.68 -31.76 -25.02
N ARG D 204 -6.13 -32.17 -26.16
CA ARG D 204 -6.95 -32.54 -27.29
C ARG D 204 -7.52 -33.94 -27.07
N THR D 205 -8.28 -34.42 -28.05
CA THR D 205 -9.01 -35.68 -27.87
C THR D 205 -8.10 -36.89 -27.72
N GLY D 206 -6.81 -36.76 -28.02
CA GLY D 206 -5.89 -37.86 -27.83
C GLY D 206 -5.00 -37.77 -26.61
N ASN D 207 -4.90 -36.61 -25.98
CA ASN D 207 -4.08 -36.44 -24.80
C ASN D 207 -4.81 -36.94 -23.56
N ASN D 208 -4.02 -37.30 -22.54
CA ASN D 208 -4.56 -37.75 -21.26
C ASN D 208 -3.88 -36.99 -20.14
N PHE D 209 -4.47 -37.09 -18.95
CA PHE D 209 -4.07 -36.32 -17.78
C PHE D 209 -4.10 -37.20 -16.56
N GLN D 210 -3.09 -37.07 -15.69
CA GLN D 210 -3.10 -37.78 -14.42
C GLN D 210 -2.22 -37.07 -13.42
N PHE D 211 -2.46 -37.36 -12.15
CA PHE D 211 -1.60 -36.90 -11.07
C PHE D 211 -1.82 -37.82 -9.89
N SER D 212 -0.87 -37.78 -8.95
CA SER D 212 -0.98 -38.55 -7.73
C SER D 212 -1.09 -37.60 -6.54
N TYR D 213 -1.70 -38.09 -5.46
CA TYR D 213 -1.88 -37.32 -4.25
C TYR D 213 -1.68 -38.23 -3.04
N GLU D 214 -1.05 -37.68 -2.01
CA GLU D 214 -0.76 -38.40 -0.77
C GLU D 214 -1.60 -37.83 0.35
N PHE D 215 -2.41 -38.68 0.98
CA PHE D 215 -3.16 -38.26 2.15
C PHE D 215 -2.24 -38.03 3.34
N GLU D 216 -2.36 -36.87 3.96
CA GLU D 216 -1.63 -36.62 5.19
C GLU D 216 -2.20 -37.46 6.32
N ASN D 217 -1.40 -37.67 7.35
CA ASN D 217 -1.78 -38.56 8.43
C ASN D 217 -3.06 -38.09 9.12
N VAL D 218 -4.05 -38.97 9.17
CA VAL D 218 -5.32 -38.70 9.85
C VAL D 218 -5.70 -39.94 10.65
N PRO D 219 -6.45 -39.76 11.73
CA PRO D 219 -6.85 -40.93 12.53
C PRO D 219 -7.90 -41.77 11.82
N PHE D 220 -7.98 -43.04 12.21
CA PHE D 220 -8.96 -43.98 11.67
C PHE D 220 -10.35 -43.59 12.11
N HIS D 221 -11.32 -43.66 11.21
CA HIS D 221 -12.69 -43.38 11.59
C HIS D 221 -13.10 -44.55 12.46
N SER D 222 -13.81 -44.30 13.55
CA SER D 222 -14.20 -45.41 14.41
C SER D 222 -15.56 -45.99 14.04
N SER D 223 -15.53 -47.08 13.29
CA SER D 223 -16.75 -47.75 12.86
C SER D 223 -17.20 -48.80 13.85
N TYR D 224 -17.61 -48.37 15.04
CA TYR D 224 -18.08 -49.31 16.07
C TYR D 224 -18.93 -48.60 17.10
N ALA D 225 -19.66 -49.39 17.87
CA ALA D 225 -20.50 -48.87 18.94
C ALA D 225 -19.92 -49.43 20.23
N HIS D 226 -19.75 -48.60 21.24
CA HIS D 226 -19.18 -49.08 22.49
C HIS D 226 -20.12 -50.03 23.22
N SER D 227 -19.57 -51.15 23.66
CA SER D 227 -20.32 -52.14 24.42
C SER D 227 -20.71 -51.60 25.79
N GLN D 228 -19.81 -50.86 26.41
CA GLN D 228 -20.02 -50.27 27.73
C GLN D 228 -20.45 -48.82 27.67
N SER D 229 -21.10 -48.35 28.73
CA SER D 229 -21.51 -46.97 28.81
C SER D 229 -20.60 -46.21 29.78
N LEU D 230 -20.40 -44.92 29.48
CA LEU D 230 -19.46 -44.10 30.23
C LEU D 230 -19.71 -44.18 31.73
N ASP D 231 -20.97 -44.24 32.15
CA ASP D 231 -21.30 -44.27 33.58
C ASP D 231 -21.14 -45.66 34.21
N ARG D 232 -21.34 -46.73 33.44
CA ARG D 232 -21.36 -48.09 33.95
C ARG D 232 -20.02 -48.81 33.89
N LEU D 233 -18.93 -48.08 33.61
CA LEU D 233 -17.60 -48.68 33.51
C LEU D 233 -17.13 -49.32 34.83
N MET D 234 -17.88 -49.15 35.90
CA MET D 234 -17.55 -49.67 37.22
C MET D 234 -17.58 -51.20 37.25
N ASN D 235 -16.95 -51.75 38.28
CA ASN D 235 -17.09 -53.17 38.59
C ASN D 235 -18.12 -53.35 39.70
N PRO D 236 -19.23 -54.07 39.46
CA PRO D 236 -20.24 -54.27 40.49
C PRO D 236 -19.93 -55.46 41.40
N GLN D 240 -16.72 -49.00 46.23
CA GLN D 240 -15.59 -48.08 46.26
C GLN D 240 -15.16 -47.72 47.67
N TYR D 241 -13.90 -47.28 47.80
CA TYR D 241 -13.41 -46.72 49.04
C TYR D 241 -13.78 -45.26 49.21
N LEU D 242 -14.32 -44.62 48.18
CA LEU D 242 -14.79 -43.25 48.27
C LEU D 242 -16.17 -43.18 48.91
N TYR D 243 -16.48 -42.03 49.51
CA TYR D 243 -17.73 -41.79 50.20
C TYR D 243 -18.46 -40.62 49.57
N TYR D 244 -19.77 -40.57 49.83
CA TYR D 244 -20.61 -39.47 49.36
C TYR D 244 -21.55 -39.06 50.49
N LEU D 245 -22.21 -37.92 50.32
CA LEU D 245 -23.07 -37.37 51.36
C LEU D 245 -24.49 -37.87 51.11
N SER D 246 -24.96 -38.79 51.97
CA SER D 246 -26.25 -39.44 51.77
C SER D 246 -27.42 -38.63 52.31
N LYS D 247 -27.32 -38.09 53.51
CA LYS D 247 -28.46 -37.47 54.18
C LYS D 247 -28.07 -36.11 54.75
N THR D 248 -28.86 -35.09 54.44
CA THR D 248 -28.67 -33.78 55.04
C THR D 248 -29.58 -33.50 56.23
N ILE D 249 -30.53 -34.40 56.52
CA ILE D 249 -31.43 -34.25 57.66
C ILE D 249 -31.78 -35.62 58.22
N ASN D 250 -32.15 -35.64 59.50
CA ASN D 250 -32.60 -36.88 60.13
C ASN D 250 -34.03 -37.22 59.75
N GLY D 251 -34.91 -36.22 59.73
CA GLY D 251 -36.30 -36.45 59.42
C GLY D 251 -37.08 -35.16 59.44
N SER D 252 -38.40 -35.30 59.58
CA SER D 252 -39.27 -34.14 59.62
C SER D 252 -39.23 -33.49 61.00
N GLY D 253 -39.17 -32.17 61.01
CA GLY D 253 -39.16 -31.43 62.25
C GLY D 253 -38.39 -30.13 62.08
N GLN D 254 -37.95 -29.59 63.22
CA GLN D 254 -37.16 -28.37 63.25
C GLN D 254 -35.73 -28.68 63.68
N ASN D 255 -34.79 -27.95 63.07
CA ASN D 255 -33.37 -28.06 63.40
C ASN D 255 -32.87 -29.50 63.25
N GLN D 256 -33.25 -30.13 62.15
CA GLN D 256 -32.85 -31.51 61.89
C GLN D 256 -31.66 -31.61 60.94
N GLN D 257 -31.01 -30.50 60.65
CA GLN D 257 -29.89 -30.53 59.72
C GLN D 257 -28.77 -31.41 60.25
N THR D 258 -28.20 -32.22 59.36
CA THR D 258 -27.11 -33.11 59.72
C THR D 258 -26.34 -33.53 58.47
N LEU D 259 -25.13 -34.04 58.67
CA LEU D 259 -24.31 -34.52 57.56
C LEU D 259 -24.03 -35.99 57.78
N LYS D 260 -24.34 -36.82 56.78
CA LYS D 260 -24.12 -38.26 56.88
C LYS D 260 -23.44 -38.74 55.60
N PHE D 261 -22.58 -39.75 55.73
CA PHE D 261 -21.87 -40.28 54.57
C PHE D 261 -22.02 -41.80 54.43
N SER D 262 -22.20 -42.25 53.19
CA SER D 262 -22.35 -43.67 52.89
C SER D 262 -21.41 -44.10 51.77
N VAL D 263 -21.12 -45.39 51.72
CA VAL D 263 -20.20 -45.93 50.74
C VAL D 263 -20.86 -45.94 49.36
N ALA D 264 -20.10 -45.55 48.34
CA ALA D 264 -20.55 -45.71 46.97
C ALA D 264 -20.31 -47.15 46.53
N GLY D 265 -21.38 -47.82 46.14
CA GLY D 265 -21.33 -49.25 45.87
C GLY D 265 -22.35 -49.69 44.85
N PRO D 266 -22.43 -51.01 44.62
CA PRO D 266 -23.35 -51.52 43.59
C PRO D 266 -24.80 -51.13 43.80
N SER D 267 -25.22 -50.91 45.05
CA SER D 267 -26.63 -50.62 45.31
C SER D 267 -27.07 -49.32 44.64
N ASN D 268 -26.30 -48.25 44.80
CA ASN D 268 -26.56 -46.97 44.15
C ASN D 268 -25.36 -46.65 43.27
N MET D 269 -25.54 -46.72 41.96
CA MET D 269 -24.46 -46.50 41.00
C MET D 269 -24.41 -45.09 40.45
N ALA D 270 -25.35 -44.22 40.83
CA ALA D 270 -25.37 -42.87 40.28
C ALA D 270 -24.37 -41.96 40.96
N VAL D 271 -24.07 -42.20 42.24
CA VAL D 271 -23.28 -41.29 43.05
C VAL D 271 -21.80 -41.66 43.09
N GLN D 272 -21.37 -42.68 42.36
CA GLN D 272 -19.98 -43.10 42.44
C GLN D 272 -19.05 -42.08 41.77
N GLY D 273 -17.85 -41.97 42.32
CA GLY D 273 -16.86 -41.10 41.70
C GLY D 273 -16.32 -41.70 40.42
N ARG D 274 -16.30 -40.89 39.37
CA ARG D 274 -15.88 -41.34 38.04
C ARG D 274 -14.77 -40.44 37.53
N ASN D 275 -13.89 -41.03 36.73
CA ASN D 275 -12.75 -40.34 36.15
C ASN D 275 -13.08 -39.49 34.94
N TYR D 276 -14.07 -39.89 34.13
CA TYR D 276 -14.33 -39.18 32.89
C TYR D 276 -15.81 -38.83 32.80
N ILE D 277 -16.08 -37.73 32.13
CA ILE D 277 -17.45 -37.21 31.99
C ILE D 277 -17.79 -37.16 30.50
N PRO D 278 -19.07 -37.14 30.16
CA PRO D 278 -19.44 -37.12 28.73
C PRO D 278 -19.02 -35.83 28.05
N GLY D 279 -18.99 -35.89 26.72
CA GLY D 279 -18.49 -34.81 25.90
C GLY D 279 -19.40 -33.60 25.88
N PRO D 280 -19.08 -32.63 25.04
CA PRO D 280 -19.82 -31.37 25.02
C PRO D 280 -21.23 -31.55 24.49
N SER D 281 -22.06 -30.55 24.76
CA SER D 281 -23.46 -30.59 24.34
C SER D 281 -23.91 -29.19 23.94
N TYR D 282 -24.72 -29.13 22.88
CA TYR D 282 -25.41 -27.91 22.48
C TYR D 282 -26.83 -28.35 22.14
N ARG D 283 -27.82 -27.96 22.95
CA ARG D 283 -29.11 -28.65 22.85
C ARG D 283 -29.82 -28.32 21.55
N GLN D 284 -30.49 -29.33 20.99
CA GLN D 284 -31.35 -29.20 19.82
C GLN D 284 -32.80 -29.37 20.23
N GLN D 285 -33.69 -28.75 19.47
CA GLN D 285 -35.12 -28.91 19.70
C GLN D 285 -35.58 -30.29 19.22
N ARG D 286 -36.51 -30.87 19.96
CA ARG D 286 -36.98 -32.23 19.70
C ARG D 286 -38.26 -32.19 18.89
N VAL D 287 -38.30 -32.96 17.81
CA VAL D 287 -39.46 -33.02 16.92
C VAL D 287 -39.94 -34.47 16.85
N SER D 288 -41.25 -34.66 16.88
CA SER D 288 -41.86 -35.97 16.81
C SER D 288 -42.24 -36.30 15.38
N THR D 289 -42.10 -37.57 15.01
CA THR D 289 -42.58 -38.04 13.71
C THR D 289 -44.10 -38.15 13.66
N THR D 290 -44.76 -38.19 14.82
CA THR D 290 -46.22 -38.10 14.89
C THR D 290 -46.56 -36.63 15.09
N VAL D 291 -47.20 -36.03 14.10
CA VAL D 291 -47.30 -34.57 14.04
C VAL D 291 -48.25 -34.04 15.11
N THR D 292 -49.20 -34.87 15.55
CA THR D 292 -50.16 -34.41 16.55
C THR D 292 -49.46 -34.15 17.89
N GLN D 293 -48.31 -34.78 18.12
CA GLN D 293 -47.59 -34.57 19.36
C GLN D 293 -46.74 -33.29 19.29
N ASN D 294 -46.62 -32.73 18.09
CA ASN D 294 -45.89 -31.49 17.92
C ASN D 294 -46.80 -30.30 18.19
N ASN D 295 -46.20 -29.16 18.50
CA ASN D 295 -46.95 -27.94 18.76
C ASN D 295 -47.54 -27.40 17.46
N ASN D 296 -48.74 -26.84 17.54
CA ASN D 296 -49.42 -26.29 16.37
C ASN D 296 -48.95 -24.86 16.07
N SER D 297 -47.71 -24.74 15.61
CA SER D 297 -47.11 -23.44 15.29
C SER D 297 -45.96 -23.62 14.32
N GLU D 298 -45.48 -22.53 13.73
CA GLU D 298 -44.35 -22.63 12.82
C GLU D 298 -43.06 -22.38 13.62
N PHE D 299 -42.37 -23.46 13.97
CA PHE D 299 -41.15 -23.36 14.74
C PHE D 299 -39.93 -23.93 14.03
N ALA D 300 -40.01 -24.10 12.71
CA ALA D 300 -38.86 -24.65 11.98
C ALA D 300 -37.64 -23.76 12.19
N TRP D 301 -37.79 -22.48 11.94
CA TRP D 301 -36.72 -21.50 12.13
C TRP D 301 -36.70 -20.92 13.55
N PRO D 302 -37.81 -20.40 14.09
CA PRO D 302 -37.72 -19.74 15.40
C PRO D 302 -37.28 -20.66 16.53
N GLY D 303 -37.55 -21.95 16.45
CA GLY D 303 -37.22 -22.87 17.51
C GLY D 303 -35.93 -23.63 17.27
N ALA D 304 -35.03 -23.07 16.48
CA ALA D 304 -33.84 -23.76 16.03
C ALA D 304 -32.58 -23.19 16.69
N SER D 305 -31.57 -24.04 16.83
CA SER D 305 -30.29 -23.63 17.40
C SER D 305 -29.42 -23.02 16.31
N SER D 306 -28.86 -21.85 16.58
CA SER D 306 -28.10 -21.12 15.57
C SER D 306 -26.86 -20.51 16.21
N TRP D 307 -25.93 -20.09 15.36
CA TRP D 307 -24.80 -19.28 15.77
C TRP D 307 -24.74 -18.02 14.91
N ALA D 308 -24.34 -16.91 15.52
CA ALA D 308 -24.32 -15.61 14.87
C ALA D 308 -22.89 -15.20 14.58
N LEU D 309 -22.64 -14.78 13.34
CA LEU D 309 -21.33 -14.33 12.91
C LEU D 309 -21.48 -13.06 12.11
N ASN D 310 -20.88 -11.96 12.60
CA ASN D 310 -20.98 -10.65 11.97
C ASN D 310 -22.44 -10.22 11.83
N GLY D 311 -23.24 -10.53 12.84
CA GLY D 311 -24.64 -10.14 12.84
C GLY D 311 -25.57 -11.02 12.03
N ARG D 312 -25.05 -12.05 11.36
CA ARG D 312 -25.86 -12.97 10.58
C ARG D 312 -26.06 -14.26 11.35
N ASN D 313 -27.27 -14.79 11.33
CA ASN D 313 -27.55 -16.02 12.05
C ASN D 313 -27.52 -17.23 11.13
N SER D 314 -26.75 -18.24 11.50
CA SER D 314 -26.65 -19.44 10.70
C SER D 314 -27.07 -20.60 11.58
N LEU D 315 -27.86 -21.52 11.02
CA LEU D 315 -28.33 -22.66 11.77
C LEU D 315 -27.20 -23.57 12.22
N MET D 316 -27.31 -24.09 13.43
CA MET D 316 -26.30 -25.01 13.97
C MET D 316 -26.63 -26.42 13.50
N ASN D 317 -26.34 -26.69 12.23
CA ASN D 317 -26.58 -27.97 11.60
C ASN D 317 -25.29 -28.49 11.01
N PRO D 318 -24.97 -29.77 11.24
CA PRO D 318 -25.39 -30.70 12.28
C PRO D 318 -24.95 -30.27 13.69
N GLY D 319 -23.77 -29.67 13.79
CA GLY D 319 -23.25 -29.22 15.06
C GLY D 319 -22.56 -30.33 15.83
N PRO D 320 -22.33 -30.10 17.12
CA PRO D 320 -21.67 -31.11 17.96
C PRO D 320 -22.34 -32.48 17.85
N ALA D 321 -21.53 -33.52 17.73
CA ALA D 321 -22.01 -34.89 17.60
C ALA D 321 -22.62 -35.34 18.92
N MET D 322 -23.90 -35.70 18.88
CA MET D 322 -24.64 -36.11 20.07
C MET D 322 -25.65 -37.18 19.68
N ALA D 323 -26.09 -37.94 20.68
CA ALA D 323 -27.09 -38.96 20.43
C ALA D 323 -28.41 -38.34 20.02
N SER D 324 -29.04 -38.94 19.02
CA SER D 324 -30.30 -38.42 18.51
C SER D 324 -31.43 -38.54 19.50
N HIS D 325 -31.49 -39.66 20.20
CA HIS D 325 -32.57 -39.90 21.15
C HIS D 325 -32.17 -40.83 22.28
N LYS D 326 -32.93 -40.77 23.37
CA LYS D 326 -32.71 -41.63 24.54
C LYS D 326 -33.19 -43.04 24.23
N GLU D 327 -32.72 -44.02 25.00
CA GLU D 327 -33.12 -45.41 24.75
C GLU D 327 -34.63 -45.57 24.84
N GLY D 328 -35.17 -46.35 23.92
CA GLY D 328 -36.59 -46.60 23.87
C GLY D 328 -37.42 -45.57 23.14
N GLU D 329 -36.78 -44.56 22.55
CA GLU D 329 -37.53 -43.55 21.81
C GLU D 329 -37.15 -43.56 20.34
N ASP D 330 -38.14 -43.75 19.46
CA ASP D 330 -37.88 -43.79 18.02
C ASP D 330 -38.58 -42.72 17.22
N ARG D 331 -39.59 -42.08 17.80
CA ARG D 331 -40.37 -41.09 17.08
C ARG D 331 -39.88 -39.64 17.24
N PHE D 332 -38.78 -39.47 17.96
CA PHE D 332 -38.23 -38.13 18.19
C PHE D 332 -36.88 -37.93 17.52
N PHE D 333 -36.72 -36.81 16.83
CA PHE D 333 -35.46 -36.49 16.18
C PHE D 333 -35.11 -35.03 16.39
N PRO D 334 -33.82 -34.72 16.59
CA PRO D 334 -33.36 -33.35 16.81
C PRO D 334 -33.66 -32.50 15.57
N LEU D 335 -34.00 -31.23 15.76
CA LEU D 335 -34.38 -30.40 14.63
C LEU D 335 -33.32 -30.21 13.56
N SER D 336 -32.08 -29.92 13.93
CA SER D 336 -31.02 -29.77 12.94
C SER D 336 -29.81 -30.64 13.25
N GLY D 337 -29.92 -31.44 14.30
CA GLY D 337 -28.82 -32.27 14.74
C GLY D 337 -28.55 -33.56 13.99
N SER D 338 -29.09 -33.71 12.79
CA SER D 338 -28.83 -34.94 12.06
C SER D 338 -28.61 -34.65 10.58
N LEU D 339 -28.07 -35.65 9.89
CA LEU D 339 -27.98 -35.62 8.44
C LEU D 339 -29.24 -36.24 7.84
N ILE D 340 -29.86 -35.51 6.91
CA ILE D 340 -31.11 -35.94 6.31
C ILE D 340 -30.88 -36.16 4.82
N PHE D 341 -30.98 -37.40 4.38
CA PHE D 341 -30.80 -37.77 2.98
C PHE D 341 -32.16 -37.99 2.32
N GLY D 342 -32.24 -37.62 1.05
CA GLY D 342 -33.45 -37.86 0.29
C GLY D 342 -33.44 -39.19 -0.43
N LYS D 343 -34.63 -39.73 -0.66
CA LYS D 343 -34.77 -40.94 -1.44
C LYS D 343 -34.56 -40.64 -2.92
N GLN D 344 -34.26 -41.69 -3.69
CA GLN D 344 -34.10 -41.54 -5.13
C GLN D 344 -35.36 -40.94 -5.75
N GLY D 345 -35.19 -39.84 -6.48
CA GLY D 345 -36.31 -39.12 -7.03
C GLY D 345 -37.10 -38.31 -6.04
N THR D 346 -36.45 -37.64 -5.10
CA THR D 346 -37.15 -36.81 -4.12
C THR D 346 -37.30 -35.39 -4.65
N GLY D 347 -38.51 -34.84 -4.49
CA GLY D 347 -38.77 -33.48 -4.90
C GLY D 347 -37.90 -32.48 -4.15
N ARG D 348 -37.86 -31.27 -4.70
CA ARG D 348 -37.01 -30.23 -4.15
C ARG D 348 -37.64 -29.51 -2.96
N ASP D 349 -38.93 -29.20 -3.01
CA ASP D 349 -39.55 -28.28 -2.05
C ASP D 349 -40.71 -28.94 -1.33
N ASN D 350 -40.68 -28.86 0.00
CA ASN D 350 -41.80 -29.24 0.87
C ASN D 350 -42.24 -30.68 0.62
N VAL D 351 -41.28 -31.57 0.55
CA VAL D 351 -41.52 -33.00 0.46
C VAL D 351 -41.90 -33.52 1.84
N ASP D 352 -42.63 -34.64 1.87
CA ASP D 352 -43.09 -35.18 3.14
C ASP D 352 -41.95 -35.88 3.88
N ALA D 353 -42.28 -36.37 5.08
CA ALA D 353 -41.26 -37.00 5.92
C ALA D 353 -40.87 -38.38 5.39
N ASP D 354 -41.79 -39.10 4.76
CA ASP D 354 -41.47 -40.40 4.18
C ASP D 354 -40.74 -40.28 2.85
N LYS D 355 -40.57 -39.08 2.31
CA LYS D 355 -39.77 -38.87 1.11
C LYS D 355 -38.29 -38.69 1.42
N VAL D 356 -37.92 -38.54 2.69
CA VAL D 356 -36.54 -38.30 3.08
C VAL D 356 -36.12 -39.38 4.07
N MET D 357 -34.81 -39.49 4.26
CA MET D 357 -34.21 -40.42 5.21
C MET D 357 -33.49 -39.62 6.26
N ILE D 358 -33.98 -39.68 7.50
CA ILE D 358 -33.36 -39.00 8.63
C ILE D 358 -32.45 -39.99 9.32
N THR D 359 -31.15 -39.70 9.30
CA THR D 359 -30.19 -40.54 9.96
C THR D 359 -30.18 -40.16 11.43
N ASN D 360 -29.79 -41.10 12.28
CA ASN D 360 -29.73 -40.86 13.72
C ASN D 360 -28.43 -41.42 14.24
N GLU D 361 -28.01 -40.99 15.42
CA GLU D 361 -26.75 -41.50 15.96
C GLU D 361 -26.96 -42.08 17.35
N GLU D 362 -27.69 -43.18 17.39
CA GLU D 362 -27.96 -43.92 18.61
C GLU D 362 -26.70 -44.56 19.20
N GLU D 363 -25.78 -44.96 18.33
CA GLU D 363 -24.57 -45.65 18.74
C GLU D 363 -23.68 -44.83 19.66
N ILE D 364 -23.62 -43.52 19.41
CA ILE D 364 -22.76 -42.63 20.18
C ILE D 364 -23.30 -42.19 21.54
N LYS D 365 -24.49 -42.64 21.91
CA LYS D 365 -25.09 -42.24 23.19
C LYS D 365 -24.25 -42.64 24.40
N THR D 366 -23.61 -43.81 24.33
CA THR D 366 -22.76 -44.28 25.42
C THR D 366 -21.74 -43.24 25.92
N THR D 367 -21.11 -42.50 25.00
CA THR D 367 -20.14 -41.48 25.35
C THR D 367 -20.67 -40.06 25.25
N ASN D 368 -21.85 -39.85 24.68
CA ASN D 368 -22.28 -38.49 24.38
C ASN D 368 -23.67 -38.23 24.93
N PRO D 369 -23.95 -37.01 25.38
CA PRO D 369 -25.29 -36.68 25.84
C PRO D 369 -26.27 -36.61 24.68
N VAL D 370 -27.56 -36.67 25.01
CA VAL D 370 -28.60 -36.59 23.99
C VAL D 370 -28.71 -35.16 23.49
N ALA D 371 -28.86 -35.01 22.17
CA ALA D 371 -28.92 -33.67 21.59
C ALA D 371 -30.13 -32.88 22.08
N THR D 372 -31.20 -33.56 22.46
CA THR D 372 -32.43 -32.90 22.89
C THR D 372 -32.54 -32.80 24.42
N GLU D 373 -31.53 -33.24 25.15
CA GLU D 373 -31.54 -33.21 26.60
C GLU D 373 -30.47 -32.25 27.11
N SER D 374 -30.67 -31.74 28.31
CA SER D 374 -29.65 -30.91 28.94
C SER D 374 -28.42 -31.75 29.29
N TYR D 375 -27.27 -31.08 29.38
CA TYR D 375 -26.05 -31.78 29.75
C TYR D 375 -26.09 -32.21 31.21
N GLY D 376 -26.66 -31.38 32.08
CA GLY D 376 -26.69 -31.67 33.50
C GLY D 376 -27.18 -30.47 34.28
N GLN D 377 -26.81 -30.44 35.56
CA GLN D 377 -27.24 -29.38 36.46
C GLN D 377 -26.05 -28.83 37.23
N VAL D 378 -26.14 -27.54 37.58
CA VAL D 378 -25.13 -26.86 38.35
C VAL D 378 -25.80 -26.17 39.53
N ALA D 379 -25.02 -25.87 40.55
CA ALA D 379 -25.50 -25.09 41.69
C ALA D 379 -25.60 -23.63 41.29
N THR D 380 -26.77 -23.03 41.47
CA THR D 380 -26.98 -21.64 41.11
C THR D 380 -26.90 -20.67 42.28
N ASN D 381 -26.66 -21.14 43.50
CA ASN D 381 -26.63 -20.24 44.66
C ASN D 381 -25.86 -20.91 45.79
N HIS D 382 -25.76 -20.20 46.91
CA HIS D 382 -25.29 -20.78 48.17
C HIS D 382 -26.49 -21.08 49.05
N GLN D 383 -26.52 -22.29 49.59
CA GLN D 383 -27.54 -22.61 50.58
C GLN D 383 -27.21 -21.95 51.92
N SER D 384 -28.24 -21.82 52.74
CA SER D 384 -28.11 -21.26 54.08
C SER D 384 -29.34 -21.71 54.86
N ALA D 385 -29.43 -21.27 56.12
CA ALA D 385 -30.64 -21.54 56.88
C ALA D 385 -31.85 -20.89 56.23
N GLN D 386 -31.66 -19.79 55.52
CA GLN D 386 -32.75 -19.06 54.89
C GLN D 386 -32.93 -19.38 53.40
N ALA D 387 -32.12 -20.26 52.83
CA ALA D 387 -32.15 -20.48 51.39
C ALA D 387 -32.02 -21.95 51.06
N GLN D 388 -32.92 -22.44 50.19
CA GLN D 388 -32.84 -23.80 49.70
C GLN D 388 -31.85 -23.90 48.53
N ALA D 389 -31.20 -25.06 48.45
CA ALA D 389 -30.25 -25.31 47.37
C ALA D 389 -30.97 -25.24 46.03
N GLN D 390 -30.46 -24.41 45.14
CA GLN D 390 -31.05 -24.21 43.83
C GLN D 390 -30.11 -24.73 42.75
N THR D 391 -30.69 -25.20 41.65
CA THR D 391 -29.95 -25.72 40.52
C THR D 391 -30.48 -25.08 39.25
N GLY D 392 -29.77 -25.30 38.16
CA GLY D 392 -30.22 -24.85 36.86
C GLY D 392 -29.72 -25.80 35.79
N TRP D 393 -30.43 -25.81 34.67
CA TRP D 393 -30.12 -26.72 33.59
C TRP D 393 -29.01 -26.13 32.72
N VAL D 394 -28.05 -26.97 32.38
CA VAL D 394 -26.97 -26.57 31.49
C VAL D 394 -27.40 -26.93 30.07
N GLN D 395 -27.70 -25.91 29.27
CA GLN D 395 -28.16 -26.17 27.91
C GLN D 395 -27.00 -26.47 26.97
N ASN D 396 -25.92 -25.72 27.09
CA ASN D 396 -24.72 -25.96 26.30
C ASN D 396 -23.52 -26.02 27.21
N GLN D 397 -22.60 -26.93 26.91
CA GLN D 397 -21.42 -27.15 27.74
C GLN D 397 -20.20 -27.23 26.83
N GLY D 398 -19.27 -26.30 27.00
CA GLY D 398 -18.00 -26.36 26.32
C GLY D 398 -17.11 -27.44 26.91
N ILE D 399 -15.89 -27.50 26.39
CA ILE D 399 -14.97 -28.57 26.78
C ILE D 399 -14.57 -28.40 28.24
N LEU D 400 -14.44 -29.53 28.94
CA LEU D 400 -13.97 -29.67 30.30
C LEU D 400 -12.93 -30.78 30.37
N PRO D 401 -11.89 -30.61 31.19
CA PRO D 401 -10.92 -31.71 31.36
C PRO D 401 -11.61 -32.97 31.86
N GLY D 402 -11.33 -34.08 31.21
CA GLY D 402 -11.97 -35.34 31.51
C GLY D 402 -13.03 -35.76 30.53
N MET D 403 -13.45 -34.89 29.62
CA MET D 403 -14.45 -35.25 28.63
C MET D 403 -13.89 -36.25 27.62
N VAL D 404 -14.73 -37.24 27.28
CA VAL D 404 -14.47 -38.16 26.19
C VAL D 404 -15.72 -38.21 25.33
N TRP D 405 -15.53 -38.33 24.02
CA TRP D 405 -16.66 -38.28 23.10
C TRP D 405 -16.33 -39.03 21.83
N GLN D 406 -17.38 -39.30 21.06
CA GLN D 406 -17.28 -39.91 19.73
C GLN D 406 -17.60 -38.88 18.66
N ASP D 407 -16.99 -39.07 17.49
CA ASP D 407 -17.29 -38.24 16.34
C ASP D 407 -18.55 -38.76 15.65
N ARG D 408 -18.97 -38.06 14.60
CA ARG D 408 -20.17 -38.46 13.88
C ARG D 408 -19.85 -39.56 12.88
N ASP D 409 -20.80 -40.48 12.72
CA ASP D 409 -20.62 -41.64 11.86
C ASP D 409 -20.56 -41.20 10.39
N VAL D 410 -19.95 -42.04 9.57
CA VAL D 410 -19.93 -41.82 8.12
C VAL D 410 -20.90 -42.78 7.47
N TYR D 411 -21.50 -42.34 6.38
CA TYR D 411 -22.53 -43.10 5.69
C TYR D 411 -22.13 -43.32 4.24
N LEU D 412 -22.78 -44.30 3.62
CA LEU D 412 -22.54 -44.57 2.21
C LEU D 412 -22.83 -43.34 1.36
N GLN D 413 -23.85 -42.58 1.75
CA GLN D 413 -24.24 -41.35 1.06
C GLN D 413 -23.51 -40.11 1.58
N GLY D 414 -22.83 -40.21 2.71
CA GLY D 414 -22.25 -39.05 3.34
C GLY D 414 -20.92 -38.64 2.75
N PRO D 415 -20.42 -37.47 3.15
CA PRO D 415 -19.12 -37.00 2.65
C PRO D 415 -17.97 -37.78 3.25
N ILE D 416 -16.82 -37.71 2.57
CA ILE D 416 -15.63 -38.43 3.01
C ILE D 416 -14.75 -37.52 3.85
N TRP D 417 -14.23 -36.45 3.24
CA TRP D 417 -13.30 -35.55 3.92
C TRP D 417 -13.80 -34.12 3.86
N ALA D 418 -13.18 -33.27 4.67
CA ALA D 418 -13.37 -31.83 4.60
C ALA D 418 -12.03 -31.14 4.74
N LYS D 419 -12.00 -29.86 4.41
CA LYS D 419 -10.78 -29.07 4.51
C LYS D 419 -10.79 -28.26 5.79
N ILE D 420 -9.71 -28.34 6.54
CA ILE D 420 -9.59 -27.54 7.77
C ILE D 420 -9.26 -26.10 7.41
N PRO D 421 -10.08 -25.13 7.78
CA PRO D 421 -9.76 -23.74 7.45
C PRO D 421 -8.42 -23.33 8.04
N HIS D 422 -7.77 -22.37 7.40
CA HIS D 422 -6.44 -21.97 7.79
C HIS D 422 -6.57 -20.83 8.80
N THR D 423 -6.29 -21.14 10.06
CA THR D 423 -6.54 -20.21 11.15
C THR D 423 -5.43 -20.35 12.18
N ASP D 424 -5.39 -19.39 13.10
CA ASP D 424 -4.39 -19.42 14.16
C ASP D 424 -4.64 -20.60 15.11
N GLY D 425 -5.89 -21.00 15.26
CA GLY D 425 -6.20 -22.09 16.16
C GLY D 425 -7.48 -22.80 15.78
N ASN D 426 -7.57 -24.05 16.23
CA ASN D 426 -8.75 -24.88 16.07
C ASN D 426 -8.72 -25.96 17.14
N PHE D 427 -9.87 -26.59 17.37
CA PHE D 427 -9.94 -27.70 18.31
C PHE D 427 -10.71 -28.85 17.69
N HIS D 428 -10.15 -30.05 17.82
CA HIS D 428 -10.68 -31.30 17.29
C HIS D 428 -11.14 -31.04 15.86
N PRO D 429 -10.19 -30.84 14.94
CA PRO D 429 -10.53 -30.34 13.60
C PRO D 429 -11.47 -31.23 12.79
N SER D 430 -11.74 -32.44 13.27
CA SER D 430 -12.65 -33.35 12.59
C SER D 430 -13.94 -32.63 12.24
N PRO D 431 -14.41 -32.72 10.99
CA PRO D 431 -15.54 -31.89 10.57
C PRO D 431 -16.85 -32.38 11.16
N LEU D 432 -17.77 -31.42 11.34
CA LEU D 432 -19.01 -31.72 12.05
C LEU D 432 -19.98 -32.56 11.22
N MET D 433 -19.96 -32.44 9.90
CA MET D 433 -20.79 -33.33 9.10
C MET D 433 -20.23 -34.75 9.06
N GLY D 434 -19.04 -34.98 9.61
CA GLY D 434 -18.43 -36.28 9.65
C GLY D 434 -17.31 -36.41 8.64
N GLY D 435 -16.46 -37.41 8.86
CA GLY D 435 -15.36 -37.66 7.98
C GLY D 435 -14.03 -37.14 8.50
N PHE D 436 -13.10 -36.99 7.56
CA PHE D 436 -11.70 -36.72 7.87
C PHE D 436 -11.39 -35.25 7.58
N GLY D 437 -10.99 -34.51 8.60
CA GLY D 437 -10.51 -33.15 8.40
C GLY D 437 -9.04 -33.18 8.00
N MET D 438 -8.68 -32.29 7.07
CA MET D 438 -7.34 -32.25 6.53
C MET D 438 -6.94 -30.82 6.24
N LYS D 439 -5.73 -30.45 6.64
CA LYS D 439 -5.18 -29.15 6.27
C LYS D 439 -4.86 -29.07 4.79
N HIS D 440 -4.43 -30.17 4.19
CA HIS D 440 -4.18 -30.26 2.76
C HIS D 440 -5.01 -31.45 2.24
N PRO D 441 -6.29 -31.24 1.98
CA PRO D 441 -7.12 -32.32 1.46
C PRO D 441 -6.77 -32.60 0.01
N PRO D 442 -7.36 -33.62 -0.60
CA PRO D 442 -7.17 -33.84 -2.03
C PRO D 442 -7.52 -32.58 -2.81
N PRO D 443 -6.68 -32.18 -3.75
CA PRO D 443 -6.81 -30.86 -4.36
C PRO D 443 -8.05 -30.77 -5.25
N GLN D 444 -8.46 -29.53 -5.50
CA GLN D 444 -9.53 -29.30 -6.47
C GLN D 444 -8.99 -29.48 -7.88
N ILE D 445 -9.79 -30.10 -8.73
CA ILE D 445 -9.43 -30.36 -10.12
C ILE D 445 -10.37 -29.53 -10.98
N LEU D 446 -9.84 -28.48 -11.60
CA LEU D 446 -10.64 -27.54 -12.37
C LEU D 446 -10.50 -27.83 -13.85
N ILE D 447 -11.59 -27.62 -14.59
CA ILE D 447 -11.65 -27.99 -16.00
C ILE D 447 -12.60 -27.04 -16.72
N LYS D 448 -12.30 -26.76 -17.99
CA LYS D 448 -13.26 -26.06 -18.84
C LYS D 448 -12.96 -26.38 -20.30
N ASN D 449 -13.93 -26.06 -21.15
CA ASN D 449 -13.73 -26.13 -22.60
C ASN D 449 -13.03 -24.87 -23.09
N THR D 450 -11.95 -25.05 -23.82
CA THR D 450 -11.25 -23.90 -24.41
C THR D 450 -12.18 -23.20 -25.41
N PRO D 451 -12.45 -21.91 -25.24
CA PRO D 451 -13.36 -21.23 -26.16
C PRO D 451 -12.78 -21.13 -27.56
N VAL D 452 -13.58 -21.51 -28.55
CA VAL D 452 -13.22 -21.37 -29.96
C VAL D 452 -14.17 -20.34 -30.57
N PRO D 453 -13.70 -19.14 -30.90
CA PRO D 453 -14.61 -18.09 -31.34
C PRO D 453 -15.12 -18.33 -32.75
N ALA D 454 -16.18 -17.61 -33.09
CA ALA D 454 -16.75 -17.64 -34.43
C ALA D 454 -15.96 -16.73 -35.36
N ASP D 455 -16.54 -16.46 -36.53
CA ASP D 455 -15.83 -15.70 -37.54
C ASP D 455 -15.62 -14.24 -37.09
N PRO D 456 -14.40 -13.73 -37.17
CA PRO D 456 -14.14 -12.34 -36.79
C PRO D 456 -14.78 -11.39 -37.79
N PRO D 457 -14.93 -10.11 -37.42
CA PRO D 457 -15.61 -9.17 -38.32
C PRO D 457 -14.88 -8.83 -39.62
N THR D 458 -13.60 -9.20 -39.74
CA THR D 458 -12.72 -8.95 -40.89
C THR D 458 -12.20 -7.51 -40.86
N ALA D 459 -12.81 -6.63 -40.08
CA ALA D 459 -12.24 -5.32 -39.77
C ALA D 459 -11.93 -5.30 -38.28
N PHE D 460 -10.72 -4.87 -37.94
CA PHE D 460 -10.26 -5.00 -36.55
C PHE D 460 -11.18 -4.27 -35.58
N ASN D 461 -11.48 -4.92 -34.48
CA ASN D 461 -12.29 -4.35 -33.41
C ASN D 461 -11.60 -4.67 -32.08
N LYS D 462 -11.46 -3.66 -31.23
CA LYS D 462 -10.70 -3.85 -30.00
C LYS D 462 -11.51 -4.62 -28.96
N ASP D 463 -12.81 -4.72 -29.16
CA ASP D 463 -13.65 -5.40 -28.19
C ASP D 463 -13.30 -6.89 -28.13
N LYS D 464 -13.47 -7.49 -26.96
CA LYS D 464 -13.28 -8.92 -26.84
C LYS D 464 -14.38 -9.65 -27.60
N LEU D 465 -14.03 -10.79 -28.18
CA LEU D 465 -14.96 -11.51 -29.03
C LEU D 465 -16.09 -12.09 -28.20
N ASN D 466 -17.32 -11.72 -28.55
CA ASN D 466 -18.51 -12.19 -27.85
C ASN D 466 -19.23 -13.34 -28.55
N SER D 467 -18.70 -13.82 -29.68
CA SER D 467 -19.38 -14.84 -30.48
C SER D 467 -18.57 -16.13 -30.46
N PHE D 468 -19.22 -17.22 -30.06
CA PHE D 468 -18.53 -18.49 -29.86
C PHE D 468 -19.37 -19.65 -30.38
N ILE D 469 -18.67 -20.65 -30.90
CA ILE D 469 -19.29 -21.86 -31.42
C ILE D 469 -19.82 -22.70 -30.27
N THR D 470 -21.09 -23.06 -30.33
CA THR D 470 -21.68 -23.88 -29.28
C THR D 470 -20.98 -25.23 -29.24
N GLN D 471 -20.42 -25.58 -28.07
CA GLN D 471 -19.48 -26.68 -28.00
C GLN D 471 -19.45 -27.23 -26.59
N TYR D 472 -19.13 -28.52 -26.48
CA TYR D 472 -18.99 -29.17 -25.18
C TYR D 472 -18.09 -30.38 -25.33
N SER D 473 -17.63 -30.91 -24.19
CA SER D 473 -16.73 -32.03 -24.20
C SER D 473 -17.27 -33.17 -23.33
N THR D 474 -16.73 -34.36 -23.57
CA THR D 474 -17.06 -35.53 -22.76
C THR D 474 -15.85 -36.45 -22.73
N GLY D 475 -15.86 -37.36 -21.76
CA GLY D 475 -14.73 -38.26 -21.59
C GLY D 475 -14.93 -39.17 -20.40
N GLN D 476 -13.83 -39.73 -19.92
CA GLN D 476 -13.85 -40.66 -18.80
C GLN D 476 -13.03 -40.10 -17.65
N VAL D 477 -13.38 -40.52 -16.44
CA VAL D 477 -12.66 -40.18 -15.22
C VAL D 477 -12.45 -41.44 -14.40
N SER D 478 -11.23 -41.66 -13.95
CA SER D 478 -10.93 -42.78 -13.07
C SER D 478 -10.20 -42.27 -11.83
N VAL D 479 -10.74 -42.60 -10.66
CA VAL D 479 -10.17 -42.21 -9.38
C VAL D 479 -9.87 -43.46 -8.57
N GLU D 480 -8.63 -43.55 -8.09
CA GLU D 480 -8.19 -44.66 -7.25
C GLU D 480 -7.82 -44.10 -5.88
N ILE D 481 -8.32 -44.75 -4.84
CA ILE D 481 -7.99 -44.38 -3.47
C ILE D 481 -7.56 -45.64 -2.73
N GLU D 482 -6.42 -45.57 -2.05
CA GLU D 482 -5.94 -46.67 -1.22
C GLU D 482 -6.33 -46.40 0.23
N TRP D 483 -6.87 -47.42 0.88
CA TRP D 483 -7.37 -47.33 2.23
C TRP D 483 -6.55 -48.24 3.14
N GLU D 484 -6.56 -47.92 4.44
CA GLU D 484 -5.92 -48.74 5.44
C GLU D 484 -6.97 -49.18 6.45
N LEU D 485 -7.02 -50.48 6.74
CA LEU D 485 -8.01 -51.05 7.64
C LEU D 485 -7.37 -51.39 8.97
N GLN D 486 -8.15 -51.29 10.04
CA GLN D 486 -7.69 -51.69 11.36
C GLN D 486 -8.39 -52.97 11.80
N PHE E 215 5.54 -48.47 31.32
CA PHE E 215 4.70 -47.28 31.33
C PHE E 215 4.93 -46.43 30.09
N GLU E 216 3.85 -46.01 29.45
CA GLU E 216 3.95 -45.07 28.34
C GLU E 216 4.23 -43.67 28.87
N ASN E 217 4.80 -42.85 27.99
CA ASN E 217 5.22 -41.51 28.38
C ASN E 217 4.03 -40.70 28.91
N VAL E 218 4.16 -40.20 30.13
CA VAL E 218 3.14 -39.34 30.74
C VAL E 218 3.86 -38.18 31.41
N PRO E 219 3.19 -37.03 31.52
CA PRO E 219 3.83 -35.90 32.19
C PRO E 219 4.02 -36.16 33.67
N PHE E 220 5.04 -35.53 34.23
CA PHE E 220 5.25 -35.58 35.68
C PHE E 220 4.03 -35.02 36.39
N HIS E 221 3.56 -35.69 37.43
CA HIS E 221 2.48 -35.10 38.21
C HIS E 221 3.20 -34.01 38.97
N SER E 222 2.67 -32.81 39.00
CA SER E 222 3.36 -31.72 39.67
C SER E 222 2.97 -31.58 41.13
N SER E 223 3.86 -32.03 42.01
CA SER E 223 3.63 -31.95 43.44
C SER E 223 4.16 -30.67 44.06
N TYR E 224 3.51 -29.55 43.79
CA TYR E 224 3.90 -28.27 44.34
C TYR E 224 2.74 -27.30 44.34
N ALA E 225 2.84 -26.25 45.11
CA ALA E 225 1.81 -25.24 45.15
C ALA E 225 2.41 -23.95 44.65
N HIS E 226 1.74 -23.26 43.73
CA HIS E 226 2.29 -22.02 43.20
C HIS E 226 2.38 -20.98 44.30
N SER E 227 3.50 -20.26 44.32
CA SER E 227 3.71 -19.20 45.31
C SER E 227 3.13 -17.88 44.82
N GLN E 228 2.74 -17.84 43.56
CA GLN E 228 2.15 -16.65 42.95
C GLN E 228 0.74 -16.97 42.49
N SER E 229 -0.08 -15.94 42.32
CA SER E 229 -1.44 -16.13 41.86
C SER E 229 -1.57 -15.62 40.43
N LEU E 230 -2.59 -16.13 39.73
CA LEU E 230 -2.73 -15.88 38.31
C LEU E 230 -2.89 -14.40 38.00
N ASP E 231 -3.57 -13.66 38.87
CA ASP E 231 -3.85 -12.26 38.61
C ASP E 231 -2.79 -11.29 39.12
N ARG E 232 -1.87 -11.75 39.97
CA ARG E 232 -0.86 -10.91 40.58
C ARG E 232 0.51 -10.99 39.90
N LEU E 233 0.61 -11.63 38.74
CA LEU E 233 1.90 -11.86 38.09
C LEU E 233 2.63 -10.58 37.70
N MET E 234 2.01 -9.42 37.86
CA MET E 234 2.56 -8.13 37.47
C MET E 234 3.74 -7.71 38.36
N ASN E 235 4.51 -6.75 37.85
CA ASN E 235 5.45 -6.00 38.67
C ASN E 235 4.69 -4.90 39.41
N PRO E 236 4.72 -4.88 40.74
CA PRO E 236 3.93 -3.88 41.48
C PRO E 236 4.44 -2.46 41.36
N LEU E 237 5.66 -2.24 40.88
CA LEU E 237 6.24 -0.90 40.93
C LEU E 237 6.07 -0.09 39.64
N ILE E 238 5.62 -0.71 38.55
CA ILE E 238 5.62 -0.04 37.25
C ILE E 238 4.21 -0.09 36.66
N ASP E 239 3.84 0.99 35.96
CA ASP E 239 2.55 1.09 35.30
C ASP E 239 2.52 0.21 34.05
N GLN E 240 1.30 -0.08 33.59
CA GLN E 240 1.09 -0.56 32.24
C GLN E 240 0.86 0.61 31.29
N TYR E 241 1.36 0.45 30.06
CA TYR E 241 1.08 1.44 29.02
C TYR E 241 -0.34 1.26 28.47
N LEU E 242 -1.04 0.24 28.93
CA LEU E 242 -2.44 0.04 28.55
C LEU E 242 -3.37 0.90 29.40
N TYR E 243 -4.55 1.16 28.88
CA TYR E 243 -5.58 1.98 29.52
C TYR E 243 -6.86 1.20 29.75
N TYR E 244 -7.67 1.69 30.67
CA TYR E 244 -8.98 1.13 30.96
C TYR E 244 -9.99 2.27 31.12
N LEU E 245 -11.27 1.92 31.13
CA LEU E 245 -12.33 2.92 31.21
C LEU E 245 -12.68 3.13 32.67
N SER E 246 -12.31 4.31 33.19
CA SER E 246 -12.49 4.57 34.62
C SER E 246 -13.89 5.08 34.94
N LYS E 247 -14.43 6.00 34.13
CA LYS E 247 -15.68 6.67 34.47
C LYS E 247 -16.56 6.83 33.24
N THR E 248 -17.83 6.45 33.38
CA THR E 248 -18.81 6.63 32.32
C THR E 248 -19.71 7.85 32.50
N ILE E 249 -19.61 8.56 33.62
CA ILE E 249 -20.37 9.79 33.85
C ILE E 249 -19.53 10.79 34.61
N ASN E 250 -19.82 12.09 34.43
CA ASN E 250 -19.10 13.12 35.15
C ASN E 250 -19.50 13.17 36.62
N GLY E 251 -20.77 12.99 36.90
CA GLY E 251 -21.26 13.03 38.26
C GLY E 251 -22.74 12.75 38.30
N SER E 252 -23.38 13.12 39.40
CA SER E 252 -24.80 12.92 39.60
C SER E 252 -25.57 14.05 38.92
N GLY E 253 -26.60 13.69 38.18
CA GLY E 253 -27.39 14.65 37.45
C GLY E 253 -27.96 14.03 36.20
N GLN E 254 -28.41 14.89 35.30
CA GLN E 254 -28.96 14.43 34.03
C GLN E 254 -27.99 14.74 32.89
N ASN E 255 -27.96 13.84 31.90
CA ASN E 255 -27.08 13.95 30.73
C ASN E 255 -25.62 14.18 31.13
N GLN E 256 -25.13 13.32 32.00
CA GLN E 256 -23.75 13.39 32.48
C GLN E 256 -22.84 12.35 31.85
N GLN E 257 -23.29 11.67 30.81
CA GLN E 257 -22.48 10.64 30.19
C GLN E 257 -21.19 11.19 29.62
N THR E 258 -20.10 10.47 29.87
CA THR E 258 -18.79 10.84 29.39
C THR E 258 -17.91 9.61 29.35
N LEU E 259 -16.80 9.68 28.64
CA LEU E 259 -15.86 8.57 28.59
C LEU E 259 -14.54 9.07 29.15
N LYS E 260 -14.05 8.41 30.19
CA LYS E 260 -12.79 8.78 30.81
C LYS E 260 -11.92 7.54 30.89
N PHE E 261 -10.63 7.70 30.60
CA PHE E 261 -9.72 6.57 30.63
C PHE E 261 -8.59 6.84 31.60
N SER E 262 -8.06 5.80 32.20
CA SER E 262 -6.96 5.95 33.15
C SER E 262 -5.95 4.86 32.97
N VAL E 263 -4.70 5.16 33.25
CA VAL E 263 -3.64 4.16 33.16
C VAL E 263 -3.91 3.04 34.14
N ALA E 264 -3.81 1.81 33.67
CA ALA E 264 -3.85 0.67 34.58
C ALA E 264 -2.49 0.53 35.27
N GLY E 265 -2.50 0.59 36.59
CA GLY E 265 -1.28 0.67 37.34
C GLY E 265 -1.39 0.07 38.72
N PRO E 266 -0.31 0.19 39.50
CA PRO E 266 -0.25 -0.49 40.81
C PRO E 266 -1.39 -0.13 41.76
N SER E 267 -1.94 1.06 41.65
CA SER E 267 -3.03 1.45 42.54
C SER E 267 -4.26 0.57 42.32
N ASN E 268 -4.65 0.37 41.07
CA ASN E 268 -5.77 -0.50 40.73
C ASN E 268 -5.23 -1.69 39.95
N MET E 269 -5.14 -2.84 40.60
CA MET E 269 -4.56 -4.01 39.95
C MET E 269 -5.62 -4.89 39.31
N ALA E 270 -6.89 -4.61 39.57
CA ALA E 270 -7.95 -5.48 39.06
C ALA E 270 -8.20 -5.23 37.58
N VAL E 271 -7.90 -4.02 37.11
CA VAL E 271 -8.34 -3.61 35.78
C VAL E 271 -7.23 -3.77 34.75
N GLN E 272 -6.05 -4.26 35.17
CA GLN E 272 -4.94 -4.39 34.26
C GLN E 272 -5.18 -5.51 33.25
N GLY E 273 -4.61 -5.35 32.06
CA GLY E 273 -4.70 -6.41 31.07
C GLY E 273 -3.83 -7.59 31.46
N ARG E 274 -4.32 -8.79 31.15
CA ARG E 274 -3.62 -10.02 31.48
C ARG E 274 -3.63 -10.98 30.29
N ASN E 275 -2.62 -11.84 30.24
CA ASN E 275 -2.46 -12.78 29.14
C ASN E 275 -3.11 -14.13 29.39
N TYR E 276 -3.55 -14.42 30.61
CA TYR E 276 -4.05 -15.74 30.94
C TYR E 276 -5.16 -15.61 31.97
N ILE E 277 -6.08 -16.56 31.95
CA ILE E 277 -7.26 -16.52 32.81
C ILE E 277 -7.42 -17.92 33.42
N PRO E 278 -8.10 -18.02 34.56
CA PRO E 278 -8.17 -19.31 35.25
C PRO E 278 -8.96 -20.34 34.48
N GLY E 279 -8.78 -21.60 34.89
CA GLY E 279 -9.33 -22.73 34.19
C GLY E 279 -10.83 -22.86 34.33
N PRO E 280 -11.38 -23.93 33.78
CA PRO E 280 -12.84 -24.08 33.73
C PRO E 280 -13.43 -24.34 35.11
N SER E 281 -14.74 -24.14 35.20
CA SER E 281 -15.47 -24.29 36.45
C SER E 281 -16.81 -24.96 36.19
N TYR E 282 -17.22 -25.81 37.11
CA TYR E 282 -18.57 -26.38 37.13
C TYR E 282 -19.02 -26.30 38.58
N ARG E 283 -20.01 -25.46 38.88
CA ARG E 283 -20.20 -25.08 40.28
C ARG E 283 -20.78 -26.22 41.10
N GLN E 284 -20.18 -26.51 42.25
CA GLN E 284 -20.68 -27.50 43.18
C GLN E 284 -21.41 -26.75 44.30
N GLN E 285 -22.41 -27.37 44.90
CA GLN E 285 -23.13 -26.75 46.01
C GLN E 285 -22.21 -26.67 47.22
N ARG E 286 -22.37 -25.64 48.05
CA ARG E 286 -21.49 -25.47 49.21
C ARG E 286 -22.12 -25.93 50.51
N VAL E 287 -21.38 -26.75 51.24
CA VAL E 287 -21.86 -27.29 52.50
C VAL E 287 -20.97 -26.89 53.69
N SER E 288 -21.61 -26.44 54.77
CA SER E 288 -20.90 -26.05 55.96
C SER E 288 -20.79 -27.20 56.95
N THR E 289 -19.64 -27.32 57.59
CA THR E 289 -19.40 -28.37 58.58
C THR E 289 -20.14 -28.11 59.89
N THR E 290 -20.61 -26.89 60.12
CA THR E 290 -21.48 -26.59 61.25
C THR E 290 -22.91 -26.80 60.77
N VAL E 291 -23.59 -27.79 61.35
CA VAL E 291 -24.81 -28.29 60.75
C VAL E 291 -25.94 -27.26 60.79
N THR E 292 -26.00 -26.44 61.84
CA THR E 292 -27.11 -25.48 61.94
C THR E 292 -27.07 -24.43 60.85
N GLN E 293 -25.92 -24.26 60.21
CA GLN E 293 -25.77 -23.27 59.16
C GLN E 293 -26.39 -23.75 57.86
N ASN E 294 -26.50 -25.06 57.70
CA ASN E 294 -27.10 -25.65 56.51
C ASN E 294 -28.61 -25.52 56.49
N ASN E 295 -29.19 -25.55 55.30
CA ASN E 295 -30.64 -25.47 55.15
C ASN E 295 -31.28 -26.70 55.77
N ASN E 296 -32.44 -26.54 56.39
CA ASN E 296 -33.12 -27.65 57.05
C ASN E 296 -33.96 -28.45 56.07
N SER E 297 -33.30 -29.19 55.19
CA SER E 297 -33.97 -30.01 54.20
C SER E 297 -33.04 -31.07 53.65
N GLU E 298 -33.59 -32.03 52.91
CA GLU E 298 -32.78 -33.07 52.31
C GLU E 298 -32.34 -32.61 50.93
N PHE E 299 -31.13 -32.06 50.83
CA PHE E 299 -30.62 -31.57 49.56
C PHE E 299 -29.42 -32.35 49.02
N ALA E 300 -29.11 -33.49 49.62
CA ALA E 300 -27.98 -34.31 49.20
C ALA E 300 -27.99 -34.59 47.69
N TRP E 301 -29.01 -35.29 47.23
CA TRP E 301 -29.18 -35.60 45.82
C TRP E 301 -29.84 -34.47 45.04
N PRO E 302 -31.01 -33.94 45.47
CA PRO E 302 -31.71 -32.97 44.61
C PRO E 302 -30.95 -31.68 44.39
N GLY E 303 -30.08 -31.29 45.31
CA GLY E 303 -29.36 -30.04 45.18
C GLY E 303 -27.93 -30.20 44.73
N ALA E 304 -27.60 -31.31 44.09
CA ALA E 304 -26.24 -31.63 43.71
C ALA E 304 -26.07 -31.52 42.20
N SER E 305 -24.86 -31.14 41.78
CA SER E 305 -24.54 -31.04 40.36
C SER E 305 -24.42 -32.44 39.76
N SER E 306 -25.03 -32.65 38.60
CA SER E 306 -25.06 -33.97 37.99
C SER E 306 -24.87 -33.84 36.48
N TRP E 307 -24.62 -34.97 35.85
CA TRP E 307 -24.62 -35.07 34.39
C TRP E 307 -25.47 -36.24 33.95
N ALA E 308 -26.38 -35.98 33.02
CA ALA E 308 -27.32 -36.95 32.51
C ALA E 308 -26.79 -37.59 31.24
N LEU E 309 -26.86 -38.91 31.18
CA LEU E 309 -26.37 -39.68 30.04
C LEU E 309 -27.43 -40.73 29.69
N ASN E 310 -27.95 -40.65 28.47
CA ASN E 310 -28.97 -41.59 27.97
C ASN E 310 -30.20 -41.57 28.87
N GLY E 311 -30.45 -40.43 29.51
CA GLY E 311 -31.56 -40.28 30.42
C GLY E 311 -31.26 -40.57 31.87
N ARG E 312 -30.16 -41.23 32.17
CA ARG E 312 -29.77 -41.53 33.54
C ARG E 312 -28.90 -40.42 34.10
N ASN E 313 -29.27 -39.92 35.27
CA ASN E 313 -28.52 -38.87 35.94
C ASN E 313 -27.45 -39.48 36.84
N SER E 314 -26.23 -38.96 36.74
CA SER E 314 -25.12 -39.40 37.56
C SER E 314 -24.56 -38.18 38.27
N LEU E 315 -24.19 -38.34 39.53
CA LEU E 315 -23.63 -37.23 40.29
C LEU E 315 -22.32 -36.83 39.68
N MET E 316 -22.06 -35.52 39.61
CA MET E 316 -20.80 -35.01 39.07
C MET E 316 -19.75 -35.01 40.17
N ASN E 317 -19.22 -36.19 40.45
CA ASN E 317 -18.25 -36.39 41.52
C ASN E 317 -16.96 -37.01 41.00
N PRO E 318 -15.80 -36.46 41.39
CA PRO E 318 -15.47 -35.10 41.82
C PRO E 318 -15.65 -34.05 40.74
N GLY E 319 -15.33 -34.39 39.50
CA GLY E 319 -15.47 -33.46 38.39
C GLY E 319 -14.27 -32.55 38.29
N PRO E 320 -14.39 -31.48 37.50
CA PRO E 320 -13.33 -30.50 37.25
C PRO E 320 -12.54 -30.10 38.50
N ALA E 321 -11.22 -30.06 38.37
CA ALA E 321 -10.34 -29.70 39.49
C ALA E 321 -10.53 -28.23 39.80
N MET E 322 -10.96 -27.94 41.03
CA MET E 322 -11.24 -26.59 41.48
C MET E 322 -10.86 -26.48 42.94
N ALA E 323 -10.57 -25.25 43.37
CA ALA E 323 -10.28 -25.02 44.77
C ALA E 323 -11.51 -25.33 45.62
N SER E 324 -11.28 -26.03 46.74
CA SER E 324 -12.40 -26.49 47.55
C SER E 324 -13.11 -25.34 48.25
N HIS E 325 -12.36 -24.29 48.60
CA HIS E 325 -12.95 -23.17 49.32
C HIS E 325 -12.08 -21.94 49.09
N LYS E 326 -12.60 -20.77 49.48
CA LYS E 326 -11.84 -19.54 49.37
C LYS E 326 -10.89 -19.49 50.56
N GLU E 327 -9.85 -18.66 50.47
CA GLU E 327 -8.89 -18.58 51.56
C GLU E 327 -9.57 -18.08 52.82
N GLY E 328 -9.23 -18.67 53.95
CA GLY E 328 -9.80 -18.30 55.22
C GLY E 328 -11.18 -18.86 55.49
N GLU E 329 -11.62 -19.82 54.69
CA GLU E 329 -12.94 -20.41 54.90
C GLU E 329 -12.93 -21.94 54.93
N ASP E 330 -12.38 -22.49 56.00
CA ASP E 330 -12.22 -23.93 56.16
C ASP E 330 -13.47 -24.76 56.49
N ARG E 331 -14.48 -24.17 57.10
CA ARG E 331 -15.66 -24.96 57.44
C ARG E 331 -16.40 -25.52 56.22
N PHE E 332 -16.53 -24.73 55.16
CA PHE E 332 -17.21 -25.16 53.94
C PHE E 332 -16.43 -26.15 53.06
N PHE E 333 -17.18 -27.00 52.35
CA PHE E 333 -16.59 -27.98 51.45
C PHE E 333 -17.55 -28.28 50.31
N PRO E 334 -17.03 -28.43 49.08
CA PRO E 334 -17.96 -28.69 47.97
C PRO E 334 -18.67 -30.02 48.18
N LEU E 335 -19.95 -30.02 47.83
CA LEU E 335 -20.83 -31.16 48.12
C LEU E 335 -20.24 -32.45 47.55
N SER E 336 -20.22 -32.57 46.22
CA SER E 336 -19.64 -33.72 45.55
C SER E 336 -18.22 -33.48 45.05
N GLY E 337 -17.64 -32.32 45.34
CA GLY E 337 -16.38 -31.95 44.71
C GLY E 337 -15.11 -32.42 45.40
N SER E 338 -15.22 -33.18 46.48
CA SER E 338 -14.04 -33.64 47.22
C SER E 338 -14.02 -35.16 47.32
N LEU E 339 -12.82 -35.70 47.38
CA LEU E 339 -12.62 -37.12 47.62
C LEU E 339 -12.76 -37.39 49.12
N ILE E 340 -13.71 -38.24 49.48
CA ILE E 340 -14.03 -38.52 50.87
C ILE E 340 -13.66 -39.96 51.16
N PHE E 341 -12.77 -40.15 52.14
CA PHE E 341 -12.28 -41.48 52.47
C PHE E 341 -12.92 -42.00 53.75
N VAL E 356 -15.17 -40.08 58.51
CA VAL E 356 -14.62 -39.98 57.16
C VAL E 356 -13.62 -38.83 57.09
N MET E 357 -12.92 -38.73 55.97
CA MET E 357 -11.90 -37.71 55.75
C MET E 357 -12.22 -36.97 54.46
N ILE E 358 -12.46 -35.68 54.56
CA ILE E 358 -12.81 -34.86 53.40
C ILE E 358 -11.57 -34.09 52.98
N THR E 359 -11.08 -34.36 51.78
CA THR E 359 -9.90 -33.68 51.27
C THR E 359 -10.26 -32.30 50.72
N ASN E 360 -9.27 -31.43 50.60
CA ASN E 360 -9.49 -30.12 50.02
C ASN E 360 -8.41 -29.84 48.99
N GLU E 361 -8.64 -28.85 48.13
CA GLU E 361 -7.62 -28.53 47.15
C GLU E 361 -7.39 -27.03 47.20
N GLU E 362 -6.88 -26.59 48.34
CA GLU E 362 -6.54 -25.19 48.59
C GLU E 362 -5.39 -24.70 47.72
N GLU E 363 -4.44 -25.60 47.47
CA GLU E 363 -3.24 -25.29 46.71
C GLU E 363 -3.50 -24.80 45.30
N ILE E 364 -4.51 -25.35 44.66
CA ILE E 364 -4.82 -25.01 43.28
C ILE E 364 -5.56 -23.68 43.03
N LYS E 365 -5.89 -22.96 44.10
CA LYS E 365 -6.61 -21.68 43.95
C LYS E 365 -5.87 -20.64 43.12
N THR E 366 -4.54 -20.61 43.24
CA THR E 366 -3.70 -19.69 42.47
C THR E 366 -4.06 -19.62 40.98
N THR E 367 -4.40 -20.75 40.36
CA THR E 367 -4.81 -20.80 38.96
C THR E 367 -6.25 -21.30 38.76
N ASN E 368 -6.86 -21.88 39.78
CA ASN E 368 -8.17 -22.53 39.64
C ASN E 368 -9.26 -21.76 40.38
N PRO E 369 -10.36 -21.44 39.72
CA PRO E 369 -11.49 -20.83 40.44
C PRO E 369 -12.04 -21.76 41.51
N VAL E 370 -12.75 -21.18 42.47
CA VAL E 370 -13.29 -21.95 43.58
C VAL E 370 -14.49 -22.75 43.09
N ALA E 371 -14.62 -23.99 43.58
CA ALA E 371 -15.70 -24.89 43.19
C ALA E 371 -17.08 -24.33 43.52
N THR E 372 -17.20 -23.67 44.66
CA THR E 372 -18.48 -23.17 45.13
C THR E 372 -18.78 -21.75 44.67
N GLU E 373 -17.93 -21.16 43.85
CA GLU E 373 -18.10 -19.80 43.35
C GLU E 373 -18.29 -19.82 41.85
N SER E 374 -18.94 -18.77 41.35
CA SER E 374 -19.12 -18.63 39.90
C SER E 374 -17.79 -18.36 39.23
N TYR E 375 -17.73 -18.64 37.93
CA TYR E 375 -16.51 -18.33 37.18
C TYR E 375 -16.33 -16.83 37.02
N GLY E 376 -17.42 -16.11 36.86
CA GLY E 376 -17.33 -14.69 36.63
C GLY E 376 -18.67 -14.12 36.23
N GLN E 377 -18.61 -12.98 35.55
CA GLN E 377 -19.82 -12.32 35.07
C GLN E 377 -19.69 -12.04 33.58
N VAL E 378 -20.84 -11.95 32.91
CA VAL E 378 -20.92 -11.73 31.48
C VAL E 378 -22.04 -10.73 31.22
N ALA E 379 -21.81 -9.81 30.29
CA ALA E 379 -22.85 -8.87 29.86
C ALA E 379 -24.01 -9.65 29.27
N THR E 380 -25.22 -9.40 29.78
CA THR E 380 -26.38 -10.14 29.28
C THR E 380 -27.18 -9.34 28.27
N ASN E 381 -26.76 -8.13 27.96
CA ASN E 381 -27.50 -7.28 27.03
C ASN E 381 -26.62 -6.16 26.47
N HIS E 382 -27.24 -5.32 25.67
CA HIS E 382 -26.66 -4.06 25.24
C HIS E 382 -27.25 -2.91 26.04
N GLN E 383 -26.38 -2.07 26.58
CA GLN E 383 -26.82 -0.85 27.21
C GLN E 383 -27.26 0.15 26.15
N SER E 384 -28.05 1.13 26.56
CA SER E 384 -28.47 2.23 25.70
C SER E 384 -28.92 3.35 26.63
N ALA E 385 -29.38 4.45 26.04
CA ALA E 385 -29.96 5.51 26.84
C ALA E 385 -31.12 4.98 27.67
N GLN E 386 -31.88 4.03 27.11
CA GLN E 386 -33.03 3.48 27.81
C GLN E 386 -32.62 2.37 28.78
N ALA E 387 -31.71 1.49 28.38
CA ALA E 387 -31.40 0.27 29.10
C ALA E 387 -30.06 0.38 29.81
N GLN E 388 -30.05 0.15 31.12
CA GLN E 388 -28.80 0.09 31.86
C GLN E 388 -28.14 -1.27 31.73
N ALA E 389 -26.82 -1.28 31.89
CA ALA E 389 -26.04 -2.49 31.68
C ALA E 389 -26.43 -3.58 32.67
N GLN E 390 -26.64 -4.77 32.16
CA GLN E 390 -26.95 -5.93 32.99
C GLN E 390 -25.88 -7.00 32.80
N THR E 391 -25.63 -7.77 33.85
CA THR E 391 -24.69 -8.86 33.85
C THR E 391 -25.38 -10.12 34.36
N GLY E 392 -24.72 -11.25 34.21
CA GLY E 392 -25.23 -12.46 34.79
C GLY E 392 -24.13 -13.41 35.20
N TRP E 393 -24.43 -14.29 36.17
CA TRP E 393 -23.42 -15.14 36.74
C TRP E 393 -23.18 -16.35 35.87
N VAL E 394 -21.92 -16.61 35.55
CA VAL E 394 -21.54 -17.80 34.81
C VAL E 394 -21.37 -18.91 35.84
N GLN E 395 -22.24 -19.91 35.77
CA GLN E 395 -22.14 -21.01 36.73
C GLN E 395 -21.10 -22.03 36.29
N ASN E 396 -21.01 -22.28 34.98
CA ASN E 396 -20.02 -23.18 34.42
C ASN E 396 -19.44 -22.57 33.14
N GLN E 397 -18.16 -22.81 32.91
CA GLN E 397 -17.44 -22.25 31.78
C GLN E 397 -16.58 -23.34 31.15
N GLY E 398 -16.82 -23.61 29.87
CA GLY E 398 -15.96 -24.50 29.13
C GLY E 398 -14.62 -23.86 28.81
N ILE E 399 -13.76 -24.63 28.15
CA ILE E 399 -12.42 -24.16 27.82
C ILE E 399 -12.49 -22.94 26.91
N LEU E 400 -11.60 -21.98 27.18
CA LEU E 400 -11.36 -20.78 26.39
C LEU E 400 -9.86 -20.67 26.12
N PRO E 401 -9.47 -20.14 24.97
CA PRO E 401 -8.05 -19.91 24.73
C PRO E 401 -7.50 -18.92 25.74
N GLY E 402 -6.40 -19.28 26.37
CA GLY E 402 -5.81 -18.48 27.42
C GLY E 402 -5.97 -19.03 28.82
N MET E 403 -6.75 -20.09 29.00
CA MET E 403 -6.90 -20.68 30.33
C MET E 403 -5.68 -21.49 30.72
N VAL E 404 -5.32 -21.41 31.99
CA VAL E 404 -4.35 -22.29 32.61
C VAL E 404 -4.97 -22.81 33.90
N TRP E 405 -4.62 -24.04 34.27
CA TRP E 405 -5.24 -24.66 35.43
C TRP E 405 -4.31 -25.72 35.99
N GLN E 406 -4.60 -26.13 37.23
CA GLN E 406 -3.93 -27.23 37.89
C GLN E 406 -4.82 -28.46 37.93
N ASP E 407 -4.20 -29.63 37.82
CA ASP E 407 -4.92 -30.88 37.95
C ASP E 407 -5.15 -31.19 39.42
N ARG E 408 -5.85 -32.29 39.69
CA ARG E 408 -6.13 -32.65 41.07
C ARG E 408 -4.94 -33.37 41.68
N ASP E 409 -4.71 -33.08 42.96
CA ASP E 409 -3.57 -33.64 43.68
C ASP E 409 -3.74 -35.14 43.88
N VAL E 410 -2.62 -35.83 44.03
CA VAL E 410 -2.62 -37.27 44.25
C VAL E 410 -2.35 -37.53 45.73
N TYR E 411 -2.94 -38.60 46.24
CA TYR E 411 -2.91 -38.88 47.65
C TYR E 411 -2.29 -40.26 47.92
N LEU E 412 -1.87 -40.45 49.17
CA LEU E 412 -1.33 -41.75 49.57
C LEU E 412 -2.39 -42.84 49.46
N GLN E 413 -3.63 -42.51 49.79
CA GLN E 413 -4.75 -43.43 49.60
C GLN E 413 -5.38 -43.32 48.21
N GLY E 414 -4.97 -42.34 47.40
CA GLY E 414 -5.60 -42.10 46.13
C GLY E 414 -5.07 -42.98 45.02
N PRO E 415 -5.79 -43.01 43.91
CA PRO E 415 -5.36 -43.85 42.78
C PRO E 415 -4.09 -43.34 42.13
N ILE E 416 -3.45 -44.23 41.37
CA ILE E 416 -2.21 -43.91 40.67
C ILE E 416 -2.51 -43.63 39.22
N TRP E 417 -3.05 -44.62 38.50
CA TRP E 417 -3.31 -44.49 37.09
C TRP E 417 -4.79 -44.71 36.80
N ALA E 418 -5.20 -44.30 35.61
CA ALA E 418 -6.53 -44.56 35.10
C ALA E 418 -6.45 -44.78 33.59
N LYS E 419 -7.21 -45.76 33.11
CA LYS E 419 -7.25 -46.07 31.69
C LYS E 419 -8.02 -45.00 30.95
N ILE E 420 -7.47 -44.54 29.84
CA ILE E 420 -8.19 -43.58 29.00
C ILE E 420 -9.15 -44.34 28.09
N PRO E 421 -10.44 -44.06 28.11
CA PRO E 421 -11.37 -44.76 27.22
C PRO E 421 -10.95 -44.58 25.77
N HIS E 422 -11.28 -45.57 24.95
CA HIS E 422 -10.85 -45.55 23.55
C HIS E 422 -11.94 -44.86 22.76
N THR E 423 -11.64 -43.64 22.29
CA THR E 423 -12.66 -42.78 21.72
C THR E 423 -12.06 -41.98 20.58
N ASP E 424 -12.95 -41.34 19.80
CA ASP E 424 -12.50 -40.50 18.71
C ASP E 424 -11.74 -39.29 19.22
N GLY E 425 -12.15 -38.74 20.36
CA GLY E 425 -11.49 -37.57 20.90
C GLY E 425 -11.69 -37.43 22.39
N ASN E 426 -10.77 -36.72 23.01
CA ASN E 426 -10.83 -36.37 24.41
C ASN E 426 -9.97 -35.14 24.64
N PHE E 427 -10.18 -34.48 25.77
CA PHE E 427 -9.42 -33.28 26.11
C PHE E 427 -8.81 -33.43 27.48
N HIS E 428 -7.50 -33.19 27.56
CA HIS E 428 -6.71 -33.24 28.79
C HIS E 428 -7.03 -34.56 29.48
N PRO E 429 -6.57 -35.68 28.94
CA PRO E 429 -7.06 -37.00 29.36
C PRO E 429 -6.83 -37.34 30.82
N SER E 430 -6.03 -36.54 31.52
CA SER E 430 -5.76 -36.79 32.93
C SER E 430 -7.06 -37.05 33.68
N PRO E 431 -7.15 -38.13 34.46
CA PRO E 431 -8.42 -38.47 35.09
C PRO E 431 -8.78 -37.52 36.22
N LEU E 432 -10.08 -37.42 36.48
CA LEU E 432 -10.60 -36.41 37.39
C LEU E 432 -10.50 -36.80 38.85
N MET E 433 -10.30 -38.06 39.18
CA MET E 433 -10.06 -38.42 40.56
C MET E 433 -8.61 -38.30 40.96
N GLY E 434 -7.74 -37.92 40.03
CA GLY E 434 -6.32 -37.81 40.27
C GLY E 434 -5.55 -38.96 39.64
N GLY E 435 -4.27 -38.69 39.38
CA GLY E 435 -3.38 -39.70 38.86
C GLY E 435 -3.05 -39.50 37.38
N PHE E 436 -2.41 -40.53 36.83
CA PHE E 436 -1.84 -40.50 35.49
C PHE E 436 -2.80 -41.19 34.52
N GLY E 437 -3.34 -40.43 33.57
CA GLY E 437 -4.13 -41.04 32.51
C GLY E 437 -3.24 -41.76 31.51
N MET E 438 -3.66 -42.99 31.17
CA MET E 438 -2.85 -43.83 30.30
C MET E 438 -3.75 -44.60 29.33
N LYS E 439 -3.37 -44.59 28.05
CA LYS E 439 -4.12 -45.38 27.08
C LYS E 439 -3.78 -46.86 27.17
N HIS E 440 -2.54 -47.19 27.51
CA HIS E 440 -2.11 -48.58 27.72
C HIS E 440 -1.54 -48.68 29.13
N PRO E 441 -2.40 -48.74 30.14
CA PRO E 441 -1.93 -48.88 31.52
C PRO E 441 -1.69 -50.33 31.87
N PRO E 442 -1.23 -50.63 33.10
CA PRO E 442 -1.11 -52.01 33.57
C PRO E 442 -2.40 -52.83 33.43
N ASP F 17 39.05 -3.52 30.14
CA ASP F 17 40.31 -3.37 29.42
C ASP F 17 41.03 -2.09 29.83
N GLY F 18 40.37 -0.95 29.64
CA GLY F 18 40.96 0.33 30.00
C GLY F 18 39.90 1.41 30.09
N VAL F 19 40.28 2.51 30.73
CA VAL F 19 39.35 3.63 30.89
C VAL F 19 39.23 4.41 29.59
N GLY F 20 40.32 4.61 28.88
CA GLY F 20 40.33 5.38 27.66
C GLY F 20 40.07 4.62 26.39
N SER F 21 39.66 3.35 26.48
CA SER F 21 39.36 2.52 25.33
C SER F 21 37.87 2.21 25.31
N SER F 22 37.25 2.43 24.15
CA SER F 22 35.83 2.11 23.98
C SER F 22 35.63 0.61 23.99
N SER F 23 34.56 0.16 24.64
CA SER F 23 34.24 -1.24 24.78
C SER F 23 33.22 -1.74 23.75
N GLY F 24 32.72 -0.85 22.89
CA GLY F 24 31.76 -1.24 21.88
C GLY F 24 31.49 -0.10 20.93
N ASN F 25 30.68 -0.38 19.92
CA ASN F 25 30.28 0.61 18.95
C ASN F 25 28.76 0.71 18.91
N TRP F 26 28.26 1.65 18.13
CA TRP F 26 26.84 1.93 18.04
C TRP F 26 26.28 1.15 16.86
N HIS F 27 25.46 0.15 17.12
CA HIS F 27 24.86 -0.67 16.07
C HIS F 27 23.35 -0.47 16.09
N CYS F 28 22.81 0.11 15.04
CA CYS F 28 21.38 0.35 15.01
C CYS F 28 20.76 0.32 13.62
N ASP F 29 20.78 -0.83 12.97
CA ASP F 29 20.20 -0.95 11.64
C ASP F 29 19.52 -2.30 11.41
N SER F 30 18.61 -2.36 10.46
CA SER F 30 17.90 -3.59 10.15
C SER F 30 18.26 -4.08 8.75
N GLN F 31 18.55 -5.37 8.63
CA GLN F 31 18.92 -5.95 7.35
C GLN F 31 17.88 -6.95 6.89
N TRP F 32 17.41 -6.81 5.67
CA TRP F 32 16.44 -7.74 5.13
C TRP F 32 17.11 -8.64 4.12
N LEU F 33 17.25 -9.91 4.46
CA LEU F 33 17.85 -10.86 3.54
C LEU F 33 17.02 -12.13 3.43
N GLY F 34 16.60 -12.46 2.22
CA GLY F 34 15.80 -13.65 2.01
C GLY F 34 14.53 -13.60 2.83
N ASP F 35 14.28 -14.66 3.58
CA ASP F 35 13.10 -14.76 4.42
C ASP F 35 13.45 -14.49 5.88
N ARG F 36 14.38 -13.59 6.11
CA ARG F 36 14.81 -13.25 7.45
C ARG F 36 15.06 -11.77 7.64
N VAL F 37 14.76 -11.25 8.83
CA VAL F 37 15.01 -9.86 9.14
C VAL F 37 15.83 -9.80 10.41
N ILE F 38 16.93 -9.06 10.37
CA ILE F 38 17.74 -8.92 11.56
C ILE F 38 17.65 -7.46 11.96
N THR F 39 17.19 -7.20 13.18
CA THR F 39 17.07 -5.84 13.65
C THR F 39 17.93 -5.60 14.86
N THR F 40 18.74 -4.56 14.78
CA THR F 40 19.64 -4.20 15.87
C THR F 40 19.22 -2.86 16.41
N SER F 41 19.14 -2.76 17.73
CA SER F 41 18.76 -1.51 18.36
C SER F 41 19.70 -1.18 19.48
N THR F 42 20.21 0.06 19.46
CA THR F 42 21.10 0.51 20.51
C THR F 42 20.51 1.76 21.14
N ARG F 43 20.51 1.82 22.47
CA ARG F 43 20.00 2.96 23.22
C ARG F 43 21.00 3.34 24.30
N THR F 44 20.82 4.53 24.86
CA THR F 44 21.60 5.02 25.99
C THR F 44 20.73 5.03 27.23
N TRP F 45 21.23 4.43 28.31
CA TRP F 45 20.46 4.25 29.52
C TRP F 45 21.12 4.95 30.70
N ALA F 46 20.33 5.17 31.75
CA ALA F 46 20.82 5.71 33.01
C ALA F 46 20.16 4.95 34.14
N LEU F 47 20.97 4.42 35.06
CA LEU F 47 20.48 3.60 36.15
C LEU F 47 20.72 4.30 37.49
N PRO F 48 19.69 4.74 38.18
CA PRO F 48 19.86 5.33 39.51
C PRO F 48 20.02 4.25 40.57
N THR F 49 20.02 4.70 41.82
CA THR F 49 19.99 3.79 42.96
C THR F 49 18.58 3.73 43.51
N TYR F 50 17.96 2.56 43.47
CA TYR F 50 16.60 2.36 43.94
C TYR F 50 16.62 1.83 45.37
N ASN F 51 15.65 2.30 46.18
CA ASN F 51 15.44 1.85 47.55
C ASN F 51 16.66 2.06 48.43
N ASN F 52 17.58 2.96 48.07
CA ASN F 52 18.78 3.21 48.84
C ASN F 52 19.51 1.90 49.18
N HIS F 53 19.72 1.07 48.17
CA HIS F 53 20.42 -0.21 48.29
C HIS F 53 19.72 -1.21 49.19
N LEU F 54 18.39 -1.11 49.34
CA LEU F 54 17.67 -1.94 50.28
C LEU F 54 16.58 -2.77 49.61
N TYR F 55 16.21 -3.85 50.27
CA TYR F 55 14.98 -4.56 49.96
C TYR F 55 13.88 -4.07 50.90
N LYS F 56 12.73 -3.72 50.34
CA LYS F 56 11.64 -3.21 51.15
C LYS F 56 10.35 -3.95 50.83
N GLN F 57 9.81 -4.63 51.83
CA GLN F 57 8.46 -5.19 51.76
C GLN F 57 7.43 -4.12 51.46
N ILE F 58 6.55 -4.40 50.50
CA ILE F 58 5.46 -3.51 50.15
C ILE F 58 4.15 -4.29 50.23
N SER F 59 3.06 -3.56 50.46
CA SER F 59 1.74 -4.17 50.59
C SER F 59 0.69 -3.11 50.28
N ASN F 60 -0.57 -3.54 50.31
CA ASN F 60 -1.67 -2.66 49.94
C ASN F 60 -2.04 -1.71 51.08
N SER F 61 -1.90 -2.18 52.32
CA SER F 61 -2.28 -1.37 53.47
C SER F 61 -1.41 -0.13 53.61
N THR F 62 -0.21 -0.14 53.01
CA THR F 62 0.58 1.08 52.95
C THR F 62 -0.14 2.17 52.19
N SER F 63 -0.88 1.80 51.14
CA SER F 63 -1.70 2.74 50.39
C SER F 63 -3.14 2.76 50.87
N GLY F 64 -3.48 2.02 51.91
CA GLY F 64 -4.80 2.02 52.53
C GLY F 64 -5.67 0.84 52.18
N GLY F 65 -5.42 0.19 51.04
CA GLY F 65 -6.08 -1.06 50.69
C GLY F 65 -7.58 -1.11 50.88
N SER F 66 -8.30 -0.10 50.41
CA SER F 66 -9.74 -0.02 50.67
C SER F 66 -10.53 -1.03 49.87
N SER F 67 -9.89 -1.74 48.95
CA SER F 67 -10.57 -2.69 48.07
C SER F 67 -9.93 -4.06 48.22
N ASN F 68 -10.76 -5.12 48.22
CA ASN F 68 -10.23 -6.47 48.28
C ASN F 68 -9.71 -6.94 46.94
N ASP F 69 -10.28 -6.45 45.84
CA ASP F 69 -9.79 -6.84 44.52
C ASP F 69 -8.38 -6.32 44.28
N ASN F 70 -8.01 -5.20 44.92
CA ASN F 70 -6.73 -4.56 44.72
C ASN F 70 -5.68 -4.98 45.75
N ALA F 71 -5.99 -5.93 46.61
CA ALA F 71 -5.05 -6.37 47.64
C ALA F 71 -3.84 -7.06 47.01
N TYR F 72 -2.66 -6.78 47.56
CA TYR F 72 -1.44 -7.41 47.08
C TYR F 72 -0.38 -7.39 48.18
N PHE F 73 0.59 -8.29 48.05
CA PHE F 73 1.73 -8.38 48.96
C PHE F 73 2.96 -8.79 48.16
N GLY F 74 4.08 -8.14 48.42
CA GLY F 74 5.30 -8.47 47.71
C GLY F 74 6.49 -7.69 48.24
N TYR F 75 7.55 -7.66 47.44
CA TYR F 75 8.80 -7.00 47.82
C TYR F 75 9.29 -6.14 46.68
N SER F 76 10.03 -5.09 47.03
CA SER F 76 10.65 -4.19 46.06
C SER F 76 12.16 -4.21 46.24
N THR F 77 12.88 -4.34 45.14
CA THR F 77 14.30 -4.61 45.14
C THR F 77 15.07 -3.43 44.55
N PRO F 78 16.33 -3.25 44.96
CA PRO F 78 17.12 -2.14 44.39
C PRO F 78 17.44 -2.30 42.92
N TRP F 79 17.27 -3.50 42.37
CA TRP F 79 17.68 -3.82 41.02
C TRP F 79 16.77 -3.18 39.98
N GLY F 80 17.34 -2.93 38.80
CA GLY F 80 16.59 -2.57 37.63
C GLY F 80 16.54 -3.73 36.64
N TYR F 81 15.85 -3.50 35.52
CA TYR F 81 15.80 -4.51 34.48
C TYR F 81 15.63 -3.86 33.12
N PHE F 82 16.22 -4.48 32.10
CA PHE F 82 16.04 -4.07 30.72
C PHE F 82 14.85 -4.79 30.12
N ASP F 83 13.96 -4.05 29.49
CA ASP F 83 12.78 -4.64 28.85
C ASP F 83 12.71 -4.13 27.42
N PHE F 84 12.97 -5.00 26.45
CA PHE F 84 12.79 -4.71 25.03
C PHE F 84 11.52 -5.32 24.45
N ASN F 85 10.62 -5.83 25.29
CA ASN F 85 9.48 -6.66 24.91
C ASN F 85 8.44 -5.95 24.01
N ARG F 86 8.55 -4.66 23.71
CA ARG F 86 7.60 -4.03 22.80
C ARG F 86 8.18 -3.96 21.39
N PHE F 87 7.29 -4.09 20.39
CA PHE F 87 7.76 -4.15 19.00
C PHE F 87 8.50 -2.89 18.57
N HIS F 88 7.97 -1.70 18.87
CA HIS F 88 8.60 -0.50 18.34
C HIS F 88 10.03 -0.30 18.84
N CYS F 89 10.46 -1.07 19.82
CA CYS F 89 11.87 -1.06 20.19
C CYS F 89 12.73 -1.53 19.02
N HIS F 90 12.31 -2.61 18.36
CA HIS F 90 13.12 -3.28 17.36
C HIS F 90 12.82 -2.88 15.93
N PHE F 91 11.71 -2.18 15.67
CA PHE F 91 11.30 -1.85 14.32
C PHE F 91 11.06 -0.35 14.21
N SER F 92 11.55 0.24 13.13
CA SER F 92 11.12 1.59 12.81
C SER F 92 9.75 1.52 12.15
N PRO F 93 9.02 2.63 12.11
CA PRO F 93 7.75 2.64 11.38
C PRO F 93 7.89 2.24 9.92
N ARG F 94 9.04 2.54 9.31
CA ARG F 94 9.26 2.11 7.93
C ARG F 94 9.48 0.61 7.85
N ASP F 95 10.32 0.07 8.73
CA ASP F 95 10.56 -1.38 8.73
C ASP F 95 9.30 -2.14 9.10
N TRP F 96 8.44 -1.54 9.93
CA TRP F 96 7.19 -2.20 10.27
C TRP F 96 6.23 -2.20 9.08
N GLN F 97 6.22 -1.12 8.30
CA GLN F 97 5.43 -1.11 7.08
C GLN F 97 5.94 -2.14 6.09
N ARG F 98 7.26 -2.22 5.92
CA ARG F 98 7.87 -3.16 5.00
C ARG F 98 7.53 -4.59 5.41
N LEU F 99 7.30 -4.81 6.71
CA LEU F 99 7.00 -6.15 7.21
C LEU F 99 5.55 -6.53 6.93
N ILE F 100 4.61 -5.63 7.22
CA ILE F 100 3.20 -6.00 7.26
C ILE F 100 2.60 -6.07 5.86
N ASN F 101 3.10 -5.25 4.93
CA ASN F 101 2.51 -5.24 3.60
C ASN F 101 3.03 -6.39 2.75
N ASN F 102 4.22 -6.88 3.04
CA ASN F 102 4.88 -7.87 2.18
C ASN F 102 4.78 -9.30 2.70
N ASN F 103 4.19 -9.54 3.86
CA ASN F 103 4.33 -10.83 4.51
C ASN F 103 3.02 -11.30 5.13
N TRP F 104 2.86 -12.62 5.16
CA TRP F 104 1.76 -13.29 5.87
C TRP F 104 2.10 -13.70 7.29
N GLY F 105 3.35 -13.59 7.72
CA GLY F 105 3.66 -13.99 9.07
C GLY F 105 5.12 -13.81 9.40
N PHE F 106 5.39 -13.76 10.70
CA PHE F 106 6.75 -13.57 11.19
C PHE F 106 6.84 -14.16 12.59
N ARG F 107 8.07 -14.30 13.07
CA ARG F 107 8.35 -14.87 14.39
C ARG F 107 9.83 -14.76 14.68
N PRO F 108 10.19 -14.53 15.96
CA PRO F 108 11.59 -14.39 16.34
C PRO F 108 12.37 -15.70 16.33
N LYS F 109 13.64 -15.65 15.96
CA LYS F 109 14.47 -16.84 15.94
C LYS F 109 15.65 -16.81 16.93
N ARG F 110 16.45 -15.76 16.88
CA ARG F 110 17.62 -15.63 17.75
C ARG F 110 17.75 -14.26 18.39
N LEU F 111 18.37 -14.22 19.56
CA LEU F 111 18.55 -12.98 20.30
C LEU F 111 20.00 -12.75 20.72
N ASN F 112 20.48 -11.51 20.58
CA ASN F 112 21.83 -11.15 21.00
C ASN F 112 21.73 -9.88 21.85
N PHE F 113 22.50 -9.82 22.93
CA PHE F 113 22.41 -8.70 23.85
C PHE F 113 23.82 -8.26 24.23
N LYS F 114 24.06 -6.96 24.24
CA LYS F 114 25.36 -6.41 24.61
C LYS F 114 25.21 -5.20 25.50
N LEU F 115 26.13 -5.08 26.46
CA LEU F 115 26.14 -3.99 27.42
C LEU F 115 27.56 -3.44 27.47
N PHE F 116 27.73 -2.16 27.14
CA PHE F 116 29.07 -1.61 27.01
C PHE F 116 29.05 -0.12 27.32
N ASN F 117 30.25 0.48 27.29
CA ASN F 117 30.46 1.90 27.58
C ASN F 117 29.85 2.30 28.91
N ILE F 118 30.16 1.52 29.95
CA ILE F 118 29.64 1.79 31.28
C ILE F 118 30.31 3.03 31.86
N GLN F 119 29.51 3.96 32.36
CA GLN F 119 30.02 5.19 32.96
C GLN F 119 29.32 5.38 34.29
N VAL F 120 30.09 5.33 35.38
CA VAL F 120 29.54 5.45 36.73
C VAL F 120 29.90 6.82 37.28
N LYS F 121 28.88 7.57 37.68
CA LYS F 121 29.03 8.94 38.16
C LYS F 121 28.84 8.98 39.67
N GLU F 122 29.53 9.91 40.32
CA GLU F 122 29.28 10.25 41.71
C GLU F 122 28.75 11.66 41.77
N VAL F 123 27.82 11.90 42.68
CA VAL F 123 27.24 13.23 42.85
C VAL F 123 27.53 13.71 44.26
N THR F 124 28.39 14.71 44.39
CA THR F 124 28.69 15.27 45.70
C THR F 124 28.01 16.62 45.86
N ASP F 125 27.06 16.69 46.79
CA ASP F 125 26.31 17.91 47.05
C ASP F 125 26.86 18.55 48.32
N ASN F 126 27.57 19.65 48.16
CA ASN F 126 28.12 20.41 49.27
C ASN F 126 27.43 21.76 49.30
N ASN F 127 26.85 22.10 50.45
CA ASN F 127 26.01 23.29 50.62
C ASN F 127 24.84 23.15 49.63
N GLY F 128 24.57 24.14 48.79
CA GLY F 128 23.53 24.04 47.80
C GLY F 128 24.01 23.78 46.39
N VAL F 129 25.26 23.36 46.22
CA VAL F 129 25.86 23.14 44.92
C VAL F 129 26.23 21.67 44.80
N LYS F 130 25.90 21.07 43.66
CA LYS F 130 26.15 19.66 43.40
C LYS F 130 27.14 19.53 42.26
N THR F 131 28.01 18.52 42.34
CA THR F 131 29.08 18.30 41.39
C THR F 131 29.08 16.85 40.96
N ILE F 132 29.24 16.62 39.65
CA ILE F 132 29.24 15.28 39.09
C ILE F 132 30.64 14.95 38.60
N ALA F 133 31.16 13.79 39.02
CA ALA F 133 32.49 13.38 38.62
C ALA F 133 32.53 11.88 38.41
N ASN F 134 33.41 11.44 37.52
CA ASN F 134 33.56 10.02 37.25
C ASN F 134 34.20 9.31 38.45
N ASN F 135 33.56 8.24 38.89
CA ASN F 135 34.16 7.33 39.86
C ASN F 135 34.60 6.12 39.04
N LEU F 136 35.92 6.00 38.84
CA LEU F 136 36.44 5.00 37.92
C LEU F 136 36.51 3.61 38.53
N THR F 137 36.71 3.50 39.84
CA THR F 137 36.88 2.21 40.49
C THR F 137 35.57 1.48 40.73
N SER F 138 34.44 2.16 40.58
CA SER F 138 33.14 1.56 40.83
C SER F 138 32.84 0.47 39.79
N THR F 139 31.92 -0.40 40.15
CA THR F 139 31.49 -1.50 39.30
C THR F 139 29.98 -1.49 39.14
N VAL F 140 29.50 -2.26 38.18
CA VAL F 140 28.08 -2.45 37.94
C VAL F 140 27.80 -3.94 37.89
N GLN F 141 26.78 -4.38 38.62
CA GLN F 141 26.37 -5.77 38.68
C GLN F 141 25.29 -6.04 37.64
N VAL F 142 25.45 -7.11 36.87
CA VAL F 142 24.47 -7.52 35.88
C VAL F 142 24.43 -9.04 35.83
N PHE F 143 23.22 -9.59 35.79
CA PHE F 143 23.05 -11.02 35.58
C PHE F 143 21.71 -11.26 34.92
N THR F 144 21.65 -12.30 34.10
CA THR F 144 20.41 -12.71 33.45
C THR F 144 19.96 -14.06 34.00
N ASP F 145 18.65 -14.26 34.03
CA ASP F 145 18.07 -15.48 34.57
C ASP F 145 17.72 -16.38 33.39
N SER F 146 18.54 -17.41 33.18
CA SER F 146 18.26 -18.40 32.15
C SER F 146 17.59 -19.65 32.71
N ASP F 147 17.45 -19.75 34.02
CA ASP F 147 16.72 -20.83 34.66
C ASP F 147 15.30 -20.41 35.03
N TYR F 148 14.95 -19.14 34.81
CA TYR F 148 13.61 -18.63 35.06
C TYR F 148 13.21 -18.84 36.51
N GLN F 149 14.16 -18.65 37.42
CA GLN F 149 13.95 -18.89 38.83
C GLN F 149 13.37 -17.67 39.56
N LEU F 150 13.44 -16.49 38.98
CA LEU F 150 12.82 -15.30 39.53
C LEU F 150 11.42 -15.11 38.99
N PRO F 151 10.58 -14.38 39.70
CA PRO F 151 9.28 -13.99 39.12
C PRO F 151 9.48 -13.20 37.84
N TYR F 152 8.66 -13.52 36.84
CA TYR F 152 8.82 -12.97 35.50
C TYR F 152 7.79 -11.86 35.31
N VAL F 153 8.25 -10.60 35.31
CA VAL F 153 7.38 -9.44 35.22
C VAL F 153 7.29 -8.87 33.81
N LEU F 154 7.95 -9.47 32.84
CA LEU F 154 8.05 -8.86 31.51
C LEU F 154 6.83 -9.11 30.65
N GLY F 155 5.95 -10.02 31.05
CA GLY F 155 4.78 -10.34 30.26
C GLY F 155 3.53 -9.69 30.79
N SER F 156 3.68 -8.58 31.49
CA SER F 156 2.56 -7.86 32.06
C SER F 156 2.28 -6.50 31.44
N ALA F 157 2.84 -6.27 30.25
CA ALA F 157 2.68 -5.02 29.49
C ALA F 157 3.12 -3.77 30.24
N HIS F 158 4.21 -3.88 30.99
CA HIS F 158 4.74 -2.77 31.75
C HIS F 158 5.59 -1.81 30.94
N GLU F 159 5.84 -0.65 31.53
CA GLU F 159 6.66 0.41 30.96
C GLU F 159 8.15 0.17 31.22
N GLY F 160 8.98 1.12 30.83
CA GLY F 160 10.41 1.00 31.06
C GLY F 160 11.20 0.34 29.94
N CYS F 161 10.53 0.03 28.85
CA CYS F 161 11.16 -0.58 27.68
C CYS F 161 11.97 0.46 26.90
N LEU F 162 12.86 -0.01 26.03
CA LEU F 162 13.67 0.91 25.24
C LEU F 162 12.76 1.82 24.41
N PRO F 163 13.10 3.10 24.35
CA PRO F 163 12.27 4.07 23.63
C PRO F 163 12.25 3.77 22.13
N PRO F 164 11.13 4.06 21.48
CA PRO F 164 11.03 3.79 20.05
C PRO F 164 12.04 4.59 19.24
N PHE F 165 12.23 5.86 19.58
CA PHE F 165 13.19 6.71 18.89
C PHE F 165 14.60 6.47 19.40
N PRO F 166 15.58 6.29 18.50
CA PRO F 166 16.91 5.95 18.98
C PRO F 166 17.62 7.05 19.74
N ALA F 167 17.34 8.32 19.47
CA ALA F 167 18.06 9.40 20.12
C ALA F 167 17.63 9.62 21.56
N ASP F 168 16.53 9.00 22.00
CA ASP F 168 16.04 9.22 23.34
C ASP F 168 16.93 8.52 24.36
N VAL F 169 17.08 9.16 25.52
CA VAL F 169 17.81 8.60 26.65
C VAL F 169 16.80 8.22 27.71
N PHE F 170 16.81 6.95 28.14
CA PHE F 170 15.74 6.42 28.96
C PHE F 170 16.30 5.92 30.29
N MET F 171 15.39 5.75 31.24
CA MET F 171 15.70 5.30 32.59
C MET F 171 15.31 3.84 32.76
N ILE F 172 16.11 3.10 33.51
CA ILE F 172 15.84 1.68 33.73
C ILE F 172 14.78 1.54 34.82
N PRO F 173 13.73 0.74 34.60
CA PRO F 173 12.68 0.61 35.61
C PRO F 173 13.09 -0.28 36.76
N GLN F 174 12.50 0.00 37.93
CA GLN F 174 12.80 -0.76 39.13
C GLN F 174 12.14 -2.13 39.08
N TYR F 175 12.84 -3.14 39.60
CA TYR F 175 12.33 -4.50 39.58
C TYR F 175 11.70 -4.85 40.92
N GLY F 176 10.55 -5.50 40.86
CA GLY F 176 9.82 -5.93 42.03
C GLY F 176 8.83 -7.00 41.62
N TYR F 177 8.41 -7.78 42.61
CA TYR F 177 7.54 -8.92 42.33
C TYR F 177 6.51 -9.06 43.44
N LEU F 178 5.48 -9.85 43.14
CA LEU F 178 4.38 -10.11 44.07
C LEU F 178 4.30 -11.60 44.37
N THR F 179 3.69 -11.92 45.50
CA THR F 179 3.56 -13.30 45.94
C THR F 179 2.18 -13.53 46.53
N LEU F 180 1.98 -14.69 47.16
CA LEU F 180 0.68 -14.99 47.76
C LEU F 180 0.37 -14.03 48.89
N ASN F 181 -0.94 -13.83 49.14
CA ASN F 181 -1.38 -12.93 50.19
C ASN F 181 -2.78 -13.35 50.65
N ASP F 182 -3.12 -12.91 51.85
CA ASP F 182 -4.49 -12.88 52.33
C ASP F 182 -4.74 -11.47 52.87
N GLY F 183 -5.57 -10.71 52.18
CA GLY F 183 -5.67 -9.30 52.49
C GLY F 183 -4.30 -8.65 52.26
N SER F 184 -3.92 -7.76 53.17
CA SER F 184 -2.59 -7.16 53.12
C SER F 184 -1.50 -8.07 53.66
N GLN F 185 -1.87 -9.00 54.55
CA GLN F 185 -0.89 -9.87 55.18
C GLN F 185 -0.36 -10.91 54.20
N ALA F 186 0.79 -11.47 54.53
CA ALA F 186 1.36 -12.58 53.80
C ALA F 186 0.78 -13.89 54.32
N VAL F 187 1.25 -14.99 53.74
CA VAL F 187 0.91 -16.33 54.19
C VAL F 187 2.18 -17.14 54.27
N GLY F 188 2.08 -18.32 54.90
CA GLY F 188 3.23 -19.17 55.07
C GLY F 188 3.88 -19.61 53.77
N ARG F 189 3.09 -19.71 52.70
CA ARG F 189 3.61 -20.18 51.42
C ARG F 189 4.22 -19.06 50.58
N SER F 190 4.09 -17.81 51.00
CA SER F 190 4.76 -16.72 50.30
C SER F 190 6.26 -16.92 50.27
N SER F 191 6.86 -16.60 49.13
CA SER F 191 8.28 -16.83 48.90
C SER F 191 9.03 -15.50 48.86
N PHE F 192 10.29 -15.54 49.30
CA PHE F 192 11.17 -14.39 49.28
C PHE F 192 12.40 -14.71 48.44
N TYR F 193 12.71 -13.83 47.49
CA TYR F 193 13.82 -14.03 46.57
C TYR F 193 14.81 -12.88 46.68
N CYS F 194 16.07 -13.22 46.94
CA CYS F 194 17.14 -12.24 47.00
C CYS F 194 17.95 -12.33 45.71
N LEU F 195 18.02 -11.21 44.98
CA LEU F 195 18.76 -11.20 43.72
C LEU F 195 20.26 -11.20 43.92
N GLU F 196 20.73 -11.04 45.16
CA GLU F 196 22.14 -11.21 45.47
C GLU F 196 22.54 -12.68 45.58
N TYR F 197 21.56 -13.58 45.70
CA TYR F 197 21.81 -15.00 45.88
C TYR F 197 22.07 -15.72 44.56
N PHE F 198 22.04 -14.99 43.43
CA PHE F 198 22.36 -15.42 42.09
C PHE F 198 23.75 -14.97 41.68
N PRO F 199 24.58 -15.88 41.17
CA PRO F 199 25.91 -15.46 40.68
C PRO F 199 25.77 -14.47 39.52
N SER F 200 26.49 -13.35 39.64
CA SER F 200 26.37 -12.26 38.70
C SER F 200 27.76 -11.80 38.28
N GLN F 201 27.80 -10.98 37.23
CA GLN F 201 29.05 -10.44 36.71
C GLN F 201 29.13 -8.95 37.02
N MET F 202 30.31 -8.52 37.47
CA MET F 202 30.55 -7.14 37.84
C MET F 202 31.44 -6.50 36.79
N LEU F 203 31.10 -5.28 36.38
CA LEU F 203 31.74 -4.61 35.25
C LEU F 203 32.22 -3.23 35.70
N ARG F 204 33.46 -2.89 35.37
CA ARG F 204 33.92 -1.52 35.47
C ARG F 204 33.74 -0.82 34.13
N THR F 205 34.31 0.40 34.02
CA THR F 205 34.09 1.21 32.83
C THR F 205 34.78 0.67 31.59
N GLY F 206 35.69 -0.30 31.74
CA GLY F 206 36.28 -0.94 30.59
C GLY F 206 35.73 -2.30 30.23
N ASN F 207 34.97 -2.91 31.14
CA ASN F 207 34.39 -4.22 30.90
C ASN F 207 33.08 -4.10 30.11
N ASN F 208 32.73 -5.17 29.42
CA ASN F 208 31.46 -5.26 28.70
C ASN F 208 30.81 -6.61 28.96
N PHE F 209 29.52 -6.69 28.65
CA PHE F 209 28.71 -7.88 28.93
C PHE F 209 27.90 -8.25 27.71
N GLN F 210 27.81 -9.56 27.44
CA GLN F 210 27.00 -10.03 26.33
C GLN F 210 26.54 -11.46 26.59
N PHE F 211 25.41 -11.82 25.97
CA PHE F 211 24.94 -13.19 25.94
C PHE F 211 24.05 -13.34 24.72
N SER F 212 23.81 -14.59 24.33
CA SER F 212 22.99 -14.90 23.18
C SER F 212 21.90 -15.90 23.57
N TYR F 213 20.69 -15.64 23.09
CA TYR F 213 19.53 -16.47 23.40
C TYR F 213 18.95 -17.06 22.12
N GLU F 214 18.27 -18.20 22.27
CA GLU F 214 17.66 -18.93 21.18
C GLU F 214 16.17 -19.09 21.46
N PHE F 215 15.33 -18.53 20.60
CA PHE F 215 13.89 -18.69 20.74
C PHE F 215 13.48 -20.14 20.51
N GLU F 216 12.60 -20.64 21.35
CA GLU F 216 12.00 -21.94 21.12
C GLU F 216 10.96 -21.82 20.01
N ASN F 217 10.61 -22.96 19.43
CA ASN F 217 9.71 -22.99 18.28
C ASN F 217 8.36 -22.37 18.65
N VAL F 218 7.93 -21.38 17.88
CA VAL F 218 6.62 -20.78 18.04
C VAL F 218 5.97 -20.71 16.66
N PRO F 219 4.64 -20.72 16.60
CA PRO F 219 3.97 -20.55 15.32
C PRO F 219 4.10 -19.13 14.81
N PHE F 220 4.13 -19.00 13.49
CA PHE F 220 4.10 -17.68 12.86
C PHE F 220 2.88 -16.92 13.33
N HIS F 221 3.06 -15.64 13.66
CA HIS F 221 1.90 -14.82 13.96
C HIS F 221 1.31 -14.57 12.59
N SER F 222 -0.01 -14.65 12.45
CA SER F 222 -0.60 -14.47 11.12
C SER F 222 -0.95 -13.03 10.82
N SER F 223 -0.12 -12.38 10.01
CA SER F 223 -0.37 -11.00 9.64
C SER F 223 -1.22 -10.89 8.41
N TYR F 224 -2.46 -11.34 8.49
CA TYR F 224 -3.37 -11.27 7.37
C TYR F 224 -4.82 -11.35 7.82
N ALA F 225 -5.72 -10.95 6.96
CA ALA F 225 -7.15 -10.99 7.23
C ALA F 225 -7.75 -11.93 6.20
N HIS F 226 -8.70 -12.76 6.61
CA HIS F 226 -9.34 -13.68 5.67
C HIS F 226 -10.22 -12.94 4.67
N SER F 227 -10.29 -13.45 3.44
CA SER F 227 -11.11 -12.85 2.39
C SER F 227 -12.49 -13.51 2.26
N GLN F 228 -12.67 -14.63 2.94
CA GLN F 228 -13.92 -15.36 3.01
C GLN F 228 -14.37 -15.41 4.46
N SER F 229 -15.65 -15.71 4.65
CA SER F 229 -16.21 -15.82 5.98
C SER F 229 -16.60 -17.27 6.26
N LEU F 230 -16.64 -17.61 7.55
CA LEU F 230 -16.82 -18.99 7.96
C LEU F 230 -18.13 -19.58 7.43
N ASP F 231 -19.18 -18.77 7.33
CA ASP F 231 -20.47 -19.24 6.86
C ASP F 231 -20.59 -19.29 5.34
N ARG F 232 -19.77 -18.54 4.61
CA ARG F 232 -19.87 -18.42 3.16
C ARG F 232 -18.93 -19.35 2.39
N LEU F 233 -18.32 -20.33 3.06
CA LEU F 233 -17.40 -21.26 2.42
C LEU F 233 -18.02 -22.11 1.33
N MET F 234 -19.34 -22.07 1.17
CA MET F 234 -20.06 -22.89 0.21
C MET F 234 -19.82 -22.43 -1.24
N ASN F 235 -20.13 -23.33 -2.17
CA ASN F 235 -20.20 -22.98 -3.59
C ASN F 235 -21.57 -22.37 -3.87
N PRO F 236 -21.63 -21.11 -4.31
CA PRO F 236 -22.93 -20.43 -4.42
C PRO F 236 -23.83 -20.98 -5.51
N LEU F 237 -23.33 -21.81 -6.43
CA LEU F 237 -24.14 -22.24 -7.57
C LEU F 237 -24.83 -23.59 -7.37
N ILE F 238 -24.40 -24.39 -6.40
CA ILE F 238 -24.93 -25.73 -6.24
C ILE F 238 -25.66 -26.03 -4.93
N ASP F 239 -26.62 -26.94 -5.02
CA ASP F 239 -27.42 -27.40 -3.88
C ASP F 239 -26.66 -28.42 -3.05
N GLN F 240 -27.20 -28.70 -1.87
CA GLN F 240 -26.64 -29.68 -0.97
C GLN F 240 -27.60 -30.87 -0.92
N TYR F 241 -27.05 -32.08 -0.91
CA TYR F 241 -27.89 -33.28 -0.83
C TYR F 241 -28.69 -33.40 0.47
N LEU F 242 -28.17 -32.86 1.56
CA LEU F 242 -28.85 -32.89 2.86
C LEU F 242 -30.12 -32.04 2.86
N TYR F 243 -31.06 -32.40 3.72
CA TYR F 243 -32.33 -31.68 3.85
C TYR F 243 -32.50 -31.05 5.23
N TYR F 244 -33.38 -30.07 5.31
CA TYR F 244 -33.69 -29.40 6.56
C TYR F 244 -35.20 -29.28 6.70
N LEU F 245 -35.70 -29.12 7.92
CA LEU F 245 -37.13 -29.04 8.16
C LEU F 245 -37.69 -27.64 7.96
N SER F 246 -38.07 -27.35 6.72
CA SER F 246 -38.61 -26.06 6.32
C SER F 246 -39.98 -25.62 6.88
N LYS F 247 -40.94 -26.53 6.95
CA LYS F 247 -42.27 -26.19 7.46
C LYS F 247 -42.80 -27.14 8.51
N THR F 248 -43.35 -26.61 9.60
CA THR F 248 -43.94 -27.48 10.61
C THR F 248 -45.47 -27.41 10.70
N ILE F 249 -46.10 -26.56 9.90
CA ILE F 249 -47.55 -26.41 9.89
C ILE F 249 -48.05 -26.07 8.49
N ASN F 250 -49.18 -26.65 8.09
CA ASN F 250 -49.76 -26.36 6.78
C ASN F 250 -50.08 -24.87 6.65
N GLY F 251 -50.85 -24.33 7.58
CA GLY F 251 -51.24 -22.94 7.52
C GLY F 251 -51.98 -22.56 8.79
N SER F 252 -52.70 -21.44 8.70
CA SER F 252 -53.47 -20.98 9.84
C SER F 252 -54.68 -21.87 10.06
N GLY F 253 -54.89 -22.27 11.30
CA GLY F 253 -56.01 -23.09 11.68
C GLY F 253 -55.68 -23.94 12.88
N GLN F 254 -56.46 -25.00 13.07
CA GLN F 254 -56.25 -25.95 14.15
C GLN F 254 -55.84 -27.29 13.56
N ASN F 255 -55.04 -28.05 14.32
CA ASN F 255 -54.56 -29.36 13.90
C ASN F 255 -53.84 -29.28 12.55
N GLN F 256 -53.08 -28.21 12.39
CA GLN F 256 -52.34 -27.98 11.15
C GLN F 256 -50.89 -28.44 11.22
N GLN F 257 -50.54 -29.19 12.27
CA GLN F 257 -49.17 -29.65 12.39
C GLN F 257 -48.82 -30.56 11.23
N THR F 258 -47.65 -30.34 10.65
CA THR F 258 -47.17 -31.16 9.55
C THR F 258 -45.67 -30.98 9.45
N LEU F 259 -45.00 -31.92 8.80
CA LEU F 259 -43.55 -31.82 8.62
C LEU F 259 -43.22 -31.82 7.13
N LYS F 260 -42.44 -30.84 6.71
CA LYS F 260 -42.05 -30.74 5.31
C LYS F 260 -40.55 -30.56 5.23
N PHE F 261 -39.95 -31.00 4.14
CA PHE F 261 -38.51 -30.87 4.00
C PHE F 261 -38.15 -30.24 2.66
N SER F 262 -37.04 -29.51 2.63
CA SER F 262 -36.58 -28.85 1.42
C SER F 262 -35.09 -29.00 1.28
N VAL F 263 -34.60 -28.83 0.07
CA VAL F 263 -33.17 -28.88 -0.20
C VAL F 263 -32.51 -27.59 0.26
N ALA F 264 -31.42 -27.73 1.01
CA ALA F 264 -30.60 -26.58 1.36
C ALA F 264 -29.72 -26.22 0.17
N GLY F 265 -29.79 -24.96 -0.25
CA GLY F 265 -29.13 -24.55 -1.47
C GLY F 265 -28.83 -23.07 -1.51
N PRO F 266 -28.42 -22.59 -2.68
CA PRO F 266 -28.11 -21.15 -2.83
C PRO F 266 -29.23 -20.24 -2.40
N SER F 267 -30.49 -20.71 -2.44
CA SER F 267 -31.60 -19.86 -2.05
C SER F 267 -31.50 -19.44 -0.59
N ASN F 268 -31.38 -20.41 0.32
CA ASN F 268 -31.25 -20.16 1.75
C ASN F 268 -29.85 -20.63 2.16
N MET F 269 -28.96 -19.68 2.44
CA MET F 269 -27.60 -20.05 2.81
C MET F 269 -27.42 -20.17 4.32
N ALA F 270 -28.40 -19.74 5.11
CA ALA F 270 -28.23 -19.79 6.55
C ALA F 270 -28.44 -21.18 7.10
N VAL F 271 -29.20 -22.02 6.38
CA VAL F 271 -29.61 -23.32 6.90
C VAL F 271 -28.73 -24.47 6.43
N GLN F 272 -27.66 -24.19 5.68
CA GLN F 272 -26.83 -25.28 5.18
C GLN F 272 -26.03 -25.93 6.31
N GLY F 273 -25.74 -27.21 6.15
CA GLY F 273 -24.86 -27.88 7.08
C GLY F 273 -23.42 -27.47 6.86
N ARG F 274 -22.73 -27.19 7.97
CA ARG F 274 -21.36 -26.69 7.90
C ARG F 274 -20.44 -27.54 8.76
N ASN F 275 -19.21 -27.72 8.25
CA ASN F 275 -18.22 -28.54 8.93
C ASN F 275 -17.62 -27.86 10.14
N TYR F 276 -17.61 -26.53 10.17
CA TYR F 276 -16.94 -25.79 11.24
C TYR F 276 -17.81 -24.64 11.71
N ILE F 277 -17.60 -24.26 12.97
CA ILE F 277 -18.42 -23.25 13.64
C ILE F 277 -17.48 -22.19 14.21
N PRO F 278 -18.00 -20.98 14.45
CA PRO F 278 -17.11 -19.89 14.88
C PRO F 278 -16.53 -20.14 16.27
N GLY F 279 -15.47 -19.40 16.57
CA GLY F 279 -14.70 -19.59 17.77
C GLY F 279 -15.44 -19.26 19.04
N PRO F 280 -14.78 -19.44 20.18
CA PRO F 280 -15.45 -19.23 21.47
C PRO F 280 -15.78 -17.76 21.70
N SER F 281 -16.67 -17.53 22.66
CA SER F 281 -17.12 -16.18 22.99
C SER F 281 -17.33 -16.04 24.48
N TYR F 282 -16.92 -14.90 25.02
CA TYR F 282 -17.23 -14.48 26.39
C TYR F 282 -17.66 -13.03 26.31
N ARG F 283 -18.94 -12.76 26.56
CA ARG F 283 -19.54 -11.54 26.03
C ARG F 283 -19.09 -10.30 26.81
N GLN F 284 -18.94 -9.20 26.10
CA GLN F 284 -18.56 -7.90 26.64
C GLN F 284 -19.74 -6.94 26.57
N GLN F 285 -19.74 -5.96 27.47
CA GLN F 285 -20.72 -4.89 27.39
C GLN F 285 -20.30 -3.86 26.36
N ARG F 286 -21.27 -3.31 25.64
CA ARG F 286 -21.01 -2.48 24.47
C ARG F 286 -21.07 -1.01 24.84
N VAL F 287 -20.01 -0.28 24.52
CA VAL F 287 -19.92 1.15 24.78
C VAL F 287 -19.77 1.88 23.46
N SER F 288 -20.48 2.99 23.30
CA SER F 288 -20.42 3.78 22.08
C SER F 288 -19.52 4.99 22.29
N THR F 289 -18.80 5.36 21.22
CA THR F 289 -17.96 6.55 21.28
C THR F 289 -18.81 7.81 21.44
N THR F 290 -20.02 7.80 20.91
CA THR F 290 -20.96 8.89 21.15
C THR F 290 -21.57 8.71 22.53
N VAL F 291 -21.37 9.69 23.40
CA VAL F 291 -21.65 9.47 24.82
C VAL F 291 -23.15 9.56 25.09
N THR F 292 -23.86 10.34 24.29
CA THR F 292 -25.31 10.47 24.50
C THR F 292 -26.03 9.16 24.23
N GLN F 293 -25.38 8.22 23.56
CA GLN F 293 -25.99 6.92 23.31
C GLN F 293 -25.82 5.98 24.49
N ASN F 294 -24.89 6.28 25.39
CA ASN F 294 -24.69 5.48 26.59
C ASN F 294 -25.71 5.88 27.65
N ASN F 295 -25.93 4.94 28.55
CA ASN F 295 -26.85 5.09 29.67
C ASN F 295 -26.25 6.03 30.68
N ASN F 296 -27.09 6.82 31.32
CA ASN F 296 -26.64 7.81 32.30
C ASN F 296 -26.42 7.17 33.66
N SER F 297 -25.36 6.38 33.78
CA SER F 297 -25.04 5.72 35.04
C SER F 297 -23.58 5.35 35.06
N GLU F 298 -23.07 5.02 36.24
CA GLU F 298 -21.68 4.63 36.36
C GLU F 298 -21.61 3.12 36.18
N PHE F 299 -21.32 2.68 34.96
CA PHE F 299 -21.25 1.26 34.65
C PHE F 299 -19.88 0.70 34.28
N ALA F 300 -18.81 1.47 34.46
CA ALA F 300 -17.46 1.00 34.11
C ALA F 300 -17.13 -0.32 34.79
N TRP F 301 -17.08 -0.31 36.11
CA TRP F 301 -16.81 -1.53 36.88
C TRP F 301 -18.07 -2.38 37.07
N PRO F 302 -19.21 -1.82 37.52
CA PRO F 302 -20.37 -2.68 37.77
C PRO F 302 -20.83 -3.48 36.56
N GLY F 303 -20.85 -2.88 35.37
CA GLY F 303 -21.35 -3.60 34.21
C GLY F 303 -20.26 -4.32 33.45
N ALA F 304 -19.08 -4.45 34.04
CA ALA F 304 -17.95 -5.06 33.36
C ALA F 304 -18.04 -6.59 33.41
N SER F 305 -17.42 -7.22 32.42
CA SER F 305 -17.24 -8.68 32.42
C SER F 305 -15.98 -9.03 33.18
N SER F 306 -16.11 -9.92 34.16
CA SER F 306 -15.01 -10.20 35.07
C SER F 306 -14.89 -11.69 35.30
N TRP F 307 -13.79 -12.08 35.92
CA TRP F 307 -13.59 -13.43 36.41
C TRP F 307 -13.07 -13.38 37.83
N ALA F 308 -13.61 -14.26 38.67
CA ALA F 308 -13.30 -14.30 40.10
C ALA F 308 -12.24 -15.35 40.36
N LEU F 309 -11.22 -14.97 41.14
CA LEU F 309 -10.14 -15.87 41.52
C LEU F 309 -9.91 -15.73 43.01
N ASN F 310 -10.13 -16.81 43.76
CA ASN F 310 -9.88 -16.83 45.21
C ASN F 310 -10.67 -15.74 45.92
N GLY F 311 -11.81 -15.37 45.36
CA GLY F 311 -12.65 -14.34 45.94
C GLY F 311 -12.48 -12.96 45.36
N ARG F 312 -11.35 -12.69 44.69
CA ARG F 312 -11.10 -11.40 44.07
C ARG F 312 -11.61 -11.41 42.64
N ASN F 313 -12.25 -10.31 42.24
CA ASN F 313 -12.81 -10.18 40.90
C ASN F 313 -11.89 -9.36 40.04
N SER F 314 -11.26 -10.00 39.06
CA SER F 314 -10.39 -9.30 38.13
C SER F 314 -11.15 -9.06 36.84
N LEU F 315 -11.00 -7.88 36.26
CA LEU F 315 -11.69 -7.58 35.02
C LEU F 315 -11.19 -8.48 33.90
N MET F 316 -12.08 -8.90 33.02
CA MET F 316 -11.70 -9.75 31.88
C MET F 316 -11.22 -8.82 30.78
N ASN F 317 -9.97 -8.40 30.90
CA ASN F 317 -9.32 -7.46 29.99
C ASN F 317 -8.05 -8.05 29.45
N PRO F 318 -7.85 -8.04 28.12
CA PRO F 318 -8.82 -7.99 27.01
C PRO F 318 -9.71 -9.22 26.98
N GLY F 319 -9.15 -10.38 27.32
CA GLY F 319 -9.91 -11.61 27.34
C GLY F 319 -9.70 -12.33 26.04
N PRO F 320 -10.68 -13.15 25.62
CA PRO F 320 -10.60 -13.90 24.36
C PRO F 320 -10.63 -12.97 23.17
N ALA F 321 -10.08 -13.44 22.06
CA ALA F 321 -10.02 -12.64 20.84
C ALA F 321 -11.38 -12.70 20.15
N MET F 322 -12.01 -11.54 19.99
CA MET F 322 -13.32 -11.44 19.36
C MET F 322 -13.39 -10.14 18.58
N ALA F 323 -14.16 -10.17 17.49
CA ALA F 323 -14.38 -8.97 16.71
C ALA F 323 -15.00 -7.89 17.59
N SER F 324 -14.39 -6.71 17.55
CA SER F 324 -14.82 -5.61 18.38
C SER F 324 -16.23 -5.13 18.16
N HIS F 325 -16.68 -5.18 16.92
CA HIS F 325 -18.00 -4.71 16.60
C HIS F 325 -18.50 -5.33 15.33
N LYS F 326 -19.81 -5.24 15.11
CA LYS F 326 -20.41 -5.72 13.87
C LYS F 326 -20.01 -4.80 12.74
N GLU F 327 -19.99 -5.30 11.51
CA GLU F 327 -19.59 -4.48 10.38
C GLU F 327 -20.54 -3.30 10.25
N GLY F 328 -19.97 -2.13 9.98
CA GLY F 328 -20.75 -0.92 9.87
C GLY F 328 -21.07 -0.26 11.20
N GLU F 329 -20.42 -0.71 12.27
CA GLU F 329 -20.64 -0.11 13.59
C GLU F 329 -19.33 0.19 14.27
N ASP F 330 -18.59 1.15 13.71
CA ASP F 330 -17.29 1.58 14.23
C ASP F 330 -17.30 2.23 15.62
N ARG F 331 -18.33 2.99 15.92
CA ARG F 331 -18.42 3.71 17.17
C ARG F 331 -18.38 2.84 18.43
N PHE F 332 -19.01 1.69 18.38
CA PHE F 332 -19.05 0.78 19.51
C PHE F 332 -17.75 0.02 19.74
N PHE F 333 -17.31 -0.05 20.98
CA PHE F 333 -16.13 -0.79 21.36
C PHE F 333 -16.44 -1.62 22.60
N PRO F 334 -15.84 -2.80 22.72
CA PRO F 334 -16.06 -3.64 23.91
C PRO F 334 -15.52 -2.91 25.13
N LEU F 335 -16.17 -3.04 26.28
CA LEU F 335 -15.74 -2.29 27.45
C LEU F 335 -14.30 -2.59 27.89
N SER F 336 -13.92 -3.86 27.96
CA SER F 336 -12.56 -4.19 28.35
C SER F 336 -11.91 -5.15 27.37
N GLY F 337 -12.49 -5.28 26.20
CA GLY F 337 -12.01 -6.21 25.19
C GLY F 337 -10.96 -5.74 24.20
N SER F 338 -10.55 -4.49 24.32
CA SER F 338 -9.57 -3.95 23.38
C SER F 338 -8.37 -3.36 24.07
N LEU F 339 -7.26 -3.31 23.36
CA LEU F 339 -6.05 -2.71 23.88
C LEU F 339 -6.21 -1.23 23.63
N ILE F 340 -5.88 -0.42 24.62
CA ILE F 340 -5.98 1.02 24.51
C ILE F 340 -4.61 1.64 24.80
N PHE F 341 -4.08 2.36 23.83
CA PHE F 341 -2.78 3.01 23.94
C PHE F 341 -2.96 4.51 24.06
N GLY F 342 -2.07 5.15 24.81
CA GLY F 342 -2.09 6.59 24.99
C GLY F 342 -1.33 7.29 23.87
N LYS F 343 -1.81 8.47 23.50
CA LYS F 343 -1.04 9.35 22.63
C LYS F 343 0.09 9.99 23.41
N GLN F 344 1.07 10.54 22.70
CA GLN F 344 2.20 11.18 23.36
C GLN F 344 1.77 12.29 24.31
N GLY F 345 2.29 12.27 25.53
CA GLY F 345 1.98 13.28 26.53
C GLY F 345 0.66 13.14 27.23
N THR F 346 -0.01 12.00 27.05
CA THR F 346 -1.30 11.77 27.68
C THR F 346 -1.16 11.68 29.19
N GLY F 347 -2.10 12.30 29.91
CA GLY F 347 -2.09 12.29 31.36
C GLY F 347 -2.38 10.91 31.90
N ARG F 348 -1.89 10.62 33.10
CA ARG F 348 -2.06 9.31 33.72
C ARG F 348 -3.49 8.99 34.17
N ASP F 349 -4.22 9.98 34.65
CA ASP F 349 -5.58 9.74 35.14
C ASP F 349 -6.71 10.57 34.54
N ASN F 350 -7.85 9.91 34.31
CA ASN F 350 -9.08 10.51 33.79
C ASN F 350 -9.01 11.34 32.50
N VAL F 351 -8.26 10.87 31.52
CA VAL F 351 -8.15 11.57 30.24
C VAL F 351 -9.34 11.32 29.32
N ASP F 352 -9.55 12.21 28.35
CA ASP F 352 -10.66 12.06 27.41
C ASP F 352 -10.40 10.98 26.37
N ALA F 353 -11.43 10.57 25.66
CA ALA F 353 -11.29 9.49 24.69
C ALA F 353 -10.41 9.89 23.51
N ASP F 354 -10.19 11.20 23.31
CA ASP F 354 -9.30 11.62 22.24
C ASP F 354 -7.84 11.63 22.69
N LYS F 355 -7.58 11.33 23.96
CA LYS F 355 -6.20 11.25 24.43
C LYS F 355 -5.66 9.83 24.32
N VAL F 356 -6.52 8.86 24.03
CA VAL F 356 -6.14 7.46 23.98
C VAL F 356 -6.44 6.91 22.59
N MET F 357 -5.75 5.82 22.23
CA MET F 357 -5.94 5.17 20.95
C MET F 357 -6.52 3.78 21.14
N ILE F 358 -7.80 3.62 20.82
CA ILE F 358 -8.48 2.35 21.01
C ILE F 358 -8.38 1.47 19.78
N THR F 359 -7.57 0.42 19.87
CA THR F 359 -7.42 -0.52 18.77
C THR F 359 -8.64 -1.41 18.66
N ASN F 360 -8.89 -1.94 17.47
CA ASN F 360 -10.03 -2.83 17.28
C ASN F 360 -9.58 -4.09 16.55
N GLU F 361 -10.32 -5.16 16.73
CA GLU F 361 -10.02 -6.46 16.13
C GLU F 361 -11.02 -6.78 15.05
N GLU F 362 -11.41 -5.77 14.27
CA GLU F 362 -12.39 -5.91 13.22
C GLU F 362 -12.04 -6.93 12.13
N GLU F 363 -10.76 -7.09 11.82
CA GLU F 363 -10.33 -8.03 10.78
C GLU F 363 -10.67 -9.51 11.02
N ILE F 364 -10.77 -9.91 12.29
CA ILE F 364 -11.03 -11.31 12.64
C ILE F 364 -12.50 -11.73 12.71
N LYS F 365 -13.41 -10.88 12.27
CA LYS F 365 -14.83 -11.21 12.29
C LYS F 365 -15.22 -12.43 11.43
N THR F 366 -14.49 -12.67 10.35
CA THR F 366 -14.72 -13.83 9.50
C THR F 366 -14.76 -15.16 10.28
N THR F 367 -13.85 -15.38 11.24
CA THR F 367 -13.87 -16.60 12.04
C THR F 367 -14.29 -16.39 13.49
N ASN F 368 -14.50 -15.15 13.94
CA ASN F 368 -14.77 -14.98 15.36
C ASN F 368 -16.06 -14.19 15.58
N PRO F 369 -16.82 -14.55 16.61
CA PRO F 369 -18.05 -13.81 16.90
C PRO F 369 -17.75 -12.43 17.45
N VAL F 370 -18.73 -11.55 17.31
CA VAL F 370 -18.61 -10.20 17.83
C VAL F 370 -18.59 -10.24 19.35
N ALA F 371 -17.76 -9.38 19.95
CA ALA F 371 -17.56 -9.44 21.40
C ALA F 371 -18.78 -8.98 22.16
N THR F 372 -19.59 -8.10 21.58
CA THR F 372 -20.77 -7.55 22.24
C THR F 372 -22.05 -8.29 21.90
N GLU F 373 -21.96 -9.40 21.17
CA GLU F 373 -23.11 -10.16 20.73
C GLU F 373 -23.10 -11.54 21.38
N SER F 374 -24.27 -12.17 21.44
CA SER F 374 -24.35 -13.54 21.92
C SER F 374 -23.70 -14.48 20.92
N TYR F 375 -23.31 -15.66 21.42
CA TYR F 375 -22.78 -16.67 20.52
C TYR F 375 -23.86 -17.21 19.61
N GLY F 376 -25.04 -17.47 20.15
CA GLY F 376 -26.11 -18.08 19.38
C GLY F 376 -27.30 -18.37 20.27
N GLN F 377 -28.12 -19.32 19.84
CA GLN F 377 -29.29 -19.74 20.59
C GLN F 377 -29.32 -21.25 20.74
N VAL F 378 -29.94 -21.70 21.83
CA VAL F 378 -30.12 -23.12 22.12
C VAL F 378 -31.60 -23.36 22.44
N ALA F 379 -31.98 -24.62 22.43
CA ALA F 379 -33.32 -25.01 22.85
C ALA F 379 -33.38 -25.11 24.37
N THR F 380 -34.36 -24.45 24.97
CA THR F 380 -34.50 -24.44 26.42
C THR F 380 -35.54 -25.42 26.96
N ASN F 381 -36.29 -26.09 26.10
CA ASN F 381 -37.32 -27.00 26.56
C ASN F 381 -37.69 -28.02 25.48
N HIS F 382 -38.70 -28.83 25.76
CA HIS F 382 -39.17 -29.78 24.78
C HIS F 382 -40.48 -29.25 24.21
N GLN F 383 -40.55 -29.09 22.90
CA GLN F 383 -41.77 -28.63 22.26
C GLN F 383 -42.81 -29.75 22.39
N SER F 384 -44.06 -29.38 22.55
CA SER F 384 -45.13 -30.35 22.73
C SER F 384 -46.43 -29.75 22.28
N ALA F 385 -47.52 -30.51 22.37
CA ALA F 385 -48.82 -29.97 21.98
C ALA F 385 -49.19 -28.77 22.86
N GLN F 386 -48.91 -28.87 24.16
CA GLN F 386 -49.20 -27.79 25.09
C GLN F 386 -48.06 -26.78 25.30
N ALA F 387 -46.90 -26.98 24.66
CA ALA F 387 -45.77 -26.07 24.85
C ALA F 387 -45.02 -25.64 23.59
N GLN F 388 -44.85 -24.33 23.41
CA GLN F 388 -44.14 -23.81 22.25
C GLN F 388 -42.64 -24.05 22.38
N ALA F 389 -41.97 -24.14 21.24
CA ALA F 389 -40.53 -24.30 21.25
C ALA F 389 -39.87 -23.02 21.74
N GLN F 390 -39.10 -23.13 22.81
CA GLN F 390 -38.47 -21.98 23.44
C GLN F 390 -36.97 -22.05 23.23
N THR F 391 -36.34 -20.87 23.17
CA THR F 391 -34.91 -20.76 22.98
C THR F 391 -34.32 -19.81 24.01
N GLY F 392 -33.00 -19.81 24.09
CA GLY F 392 -32.32 -18.91 25.01
C GLY F 392 -30.97 -18.52 24.46
N TRP F 393 -30.48 -17.38 24.94
CA TRP F 393 -29.26 -16.79 24.42
C TRP F 393 -28.04 -17.38 25.10
N VAL F 394 -27.01 -17.67 24.32
CA VAL F 394 -25.74 -18.15 24.84
C VAL F 394 -24.84 -16.92 25.02
N GLN F 395 -24.59 -16.55 26.28
CA GLN F 395 -23.77 -15.38 26.51
C GLN F 395 -22.29 -15.70 26.43
N ASN F 396 -21.89 -16.88 26.90
CA ASN F 396 -20.53 -17.35 26.78
C ASN F 396 -20.53 -18.78 26.29
N GLN F 397 -19.60 -19.10 25.39
CA GLN F 397 -19.50 -20.44 24.82
C GLN F 397 -18.06 -20.89 24.90
N GLY F 398 -17.81 -21.96 25.62
CA GLY F 398 -16.50 -22.57 25.63
C GLY F 398 -16.22 -23.33 24.36
N ILE F 399 -15.03 -23.91 24.30
CA ILE F 399 -14.60 -24.63 23.10
C ILE F 399 -15.53 -25.79 22.81
N LEU F 400 -15.85 -25.99 21.54
CA LEU F 400 -16.57 -27.13 20.99
C LEU F 400 -15.73 -27.74 19.86
N PRO F 401 -15.81 -29.05 19.66
CA PRO F 401 -15.09 -29.64 18.52
C PRO F 401 -15.61 -29.06 17.21
N GLY F 402 -14.68 -28.60 16.38
CA GLY F 402 -15.03 -27.98 15.13
C GLY F 402 -14.95 -26.47 15.09
N MET F 403 -14.56 -25.83 16.19
CA MET F 403 -14.36 -24.39 16.18
C MET F 403 -13.06 -24.02 15.48
N VAL F 404 -13.05 -22.85 14.86
CA VAL F 404 -11.85 -22.23 14.34
C VAL F 404 -11.90 -20.77 14.75
N TRP F 405 -10.72 -20.20 15.04
CA TRP F 405 -10.68 -18.84 15.55
C TRP F 405 -9.33 -18.21 15.21
N GLN F 406 -9.29 -16.89 15.33
CA GLN F 406 -8.07 -16.11 15.15
C GLN F 406 -7.61 -15.54 16.49
N ASP F 407 -6.30 -15.36 16.60
CA ASP F 407 -5.71 -14.80 17.80
C ASP F 407 -5.79 -13.28 17.74
N ARG F 408 -5.30 -12.63 18.79
CA ARG F 408 -5.32 -11.18 18.79
C ARG F 408 -4.13 -10.62 18.02
N ASP F 409 -4.35 -9.50 17.36
CA ASP F 409 -3.37 -8.90 16.48
C ASP F 409 -2.24 -8.27 17.31
N VAL F 410 -1.08 -8.13 16.66
CA VAL F 410 0.08 -7.48 17.27
C VAL F 410 0.24 -6.11 16.64
N TYR F 411 0.76 -5.18 17.43
CA TYR F 411 0.87 -3.79 17.00
C TYR F 411 2.31 -3.32 17.16
N LEU F 412 2.62 -2.21 16.48
CA LEU F 412 3.93 -1.60 16.62
C LEU F 412 4.19 -1.22 18.08
N GLN F 413 3.15 -0.79 18.78
CA GLN F 413 3.24 -0.46 20.20
C GLN F 413 3.07 -1.66 21.11
N GLY F 414 2.57 -2.78 20.59
CA GLY F 414 2.18 -3.89 21.44
C GLY F 414 3.33 -4.74 21.91
N PRO F 415 3.06 -5.66 22.84
CA PRO F 415 4.12 -6.53 23.35
C PRO F 415 4.45 -7.65 22.36
N ILE F 416 5.65 -8.20 22.53
CA ILE F 416 6.16 -9.20 21.60
C ILE F 416 5.87 -10.60 22.12
N TRP F 417 6.43 -10.95 23.27
CA TRP F 417 6.23 -12.29 23.81
C TRP F 417 5.57 -12.22 25.18
N ALA F 418 5.33 -13.41 25.73
CA ALA F 418 4.85 -13.58 27.09
C ALA F 418 5.28 -14.96 27.56
N LYS F 419 5.44 -15.11 28.88
CA LYS F 419 5.82 -16.38 29.44
C LYS F 419 4.57 -17.21 29.73
N ILE F 420 4.52 -18.40 29.16
CA ILE F 420 3.43 -19.33 29.49
C ILE F 420 3.58 -19.76 30.95
N PRO F 421 2.58 -19.52 31.80
CA PRO F 421 2.71 -19.94 33.19
C PRO F 421 2.94 -21.43 33.29
N HIS F 422 3.67 -21.84 34.33
CA HIS F 422 4.06 -23.23 34.47
C HIS F 422 2.98 -23.93 35.27
N THR F 423 2.20 -24.77 34.59
CA THR F 423 1.00 -25.37 35.15
C THR F 423 0.83 -26.77 34.59
N ASP F 424 -0.08 -27.52 35.20
CA ASP F 424 -0.37 -28.87 34.73
C ASP F 424 -0.95 -28.83 33.32
N GLY F 425 -1.78 -27.84 33.02
CA GLY F 425 -2.41 -27.78 31.72
C GLY F 425 -2.73 -26.37 31.29
N ASN F 426 -2.89 -26.22 29.99
CA ASN F 426 -3.31 -24.96 29.38
C ASN F 426 -3.91 -25.28 28.02
N PHE F 427 -4.66 -24.34 27.48
CA PHE F 427 -5.22 -24.52 26.15
C PHE F 427 -4.93 -23.29 25.29
N HIS F 428 -4.33 -23.53 24.12
CA HIS F 428 -3.95 -22.52 23.15
C HIS F 428 -3.18 -21.44 23.89
N PRO F 429 -1.96 -21.74 24.34
CA PRO F 429 -1.25 -20.88 25.29
C PRO F 429 -0.96 -19.47 24.81
N SER F 430 -1.19 -19.18 23.51
CA SER F 430 -0.93 -17.85 22.97
C SER F 430 -1.53 -16.77 23.87
N PRO F 431 -0.77 -15.75 24.23
CA PRO F 431 -1.25 -14.77 25.20
C PRO F 431 -2.38 -13.91 24.66
N LEU F 432 -3.25 -13.46 25.56
CA LEU F 432 -4.46 -12.78 25.16
C LEU F 432 -4.25 -11.33 24.79
N MET F 433 -3.16 -10.71 25.24
CA MET F 433 -2.88 -9.34 24.80
C MET F 433 -2.18 -9.30 23.45
N GLY F 434 -1.88 -10.45 22.88
CA GLY F 434 -1.18 -10.53 21.61
C GLY F 434 0.27 -10.95 21.81
N GLY F 435 0.83 -11.51 20.75
CA GLY F 435 2.22 -11.93 20.77
C GLY F 435 2.41 -13.42 20.89
N PHE F 436 3.66 -13.80 21.14
CA PHE F 436 4.11 -15.17 21.10
C PHE F 436 4.24 -15.70 22.52
N GLY F 437 3.45 -16.71 22.85
CA GLY F 437 3.58 -17.35 24.15
C GLY F 437 4.71 -18.37 24.13
N MET F 438 5.46 -18.42 25.23
CA MET F 438 6.65 -19.24 25.28
C MET F 438 6.85 -19.76 26.70
N LYS F 439 7.26 -21.03 26.80
CA LYS F 439 7.62 -21.58 28.10
C LYS F 439 8.99 -21.11 28.55
N HIS F 440 9.84 -20.65 27.64
CA HIS F 440 11.16 -20.12 27.96
C HIS F 440 11.36 -18.86 27.12
N PRO F 441 10.83 -17.73 27.57
CA PRO F 441 10.97 -16.49 26.81
C PRO F 441 12.38 -15.93 26.95
N PRO F 442 12.70 -14.82 26.27
CA PRO F 442 13.99 -14.13 26.46
C PRO F 442 14.28 -13.78 27.92
N LEU F 465 25.71 -0.97 57.71
CA LEU F 465 26.20 0.25 57.08
C LEU F 465 25.15 0.87 56.18
N ASN F 466 24.45 1.88 56.69
CA ASN F 466 23.38 2.54 55.96
C ASN F 466 23.82 3.83 55.27
N SER F 467 25.10 4.21 55.36
CA SER F 467 25.59 5.45 54.79
C SER F 467 26.36 5.13 53.50
N PHE F 468 25.87 5.66 52.38
CA PHE F 468 26.46 5.38 51.08
C PHE F 468 26.65 6.69 50.31
N ILE F 469 27.42 6.60 49.24
CA ILE F 469 27.67 7.74 48.36
C ILE F 469 26.56 7.80 47.31
N THR F 470 26.02 9.00 47.09
CA THR F 470 25.09 9.20 45.99
C THR F 470 25.78 8.89 44.68
N GLN F 471 25.19 8.00 43.89
CA GLN F 471 25.90 7.44 42.76
C GLN F 471 24.90 6.96 41.72
N TYR F 472 25.33 6.95 40.46
CA TYR F 472 24.51 6.39 39.40
C TYR F 472 25.41 5.99 38.23
N SER F 473 24.85 5.19 37.33
CA SER F 473 25.58 4.68 36.19
C SER F 473 24.86 5.05 34.90
N THR F 474 25.57 4.92 33.78
CA THR F 474 24.99 5.10 32.46
C THR F 474 25.85 4.35 31.46
N GLY F 475 25.29 4.07 30.29
CA GLY F 475 25.97 3.24 29.34
C GLY F 475 25.19 3.06 28.05
N GLN F 476 25.52 2.00 27.33
CA GLN F 476 24.89 1.67 26.06
C GLN F 476 24.43 0.22 26.07
N VAL F 477 23.30 -0.05 25.40
CA VAL F 477 22.73 -1.38 25.28
C VAL F 477 22.37 -1.63 23.82
N SER F 478 22.77 -2.78 23.30
CA SER F 478 22.45 -3.17 21.94
C SER F 478 21.84 -4.56 21.93
N VAL F 479 20.61 -4.66 21.43
CA VAL F 479 19.90 -5.93 21.31
C VAL F 479 19.67 -6.23 19.84
N GLU F 480 19.92 -7.47 19.45
CA GLU F 480 19.83 -7.91 18.06
C GLU F 480 18.97 -9.16 17.99
N ILE F 481 17.82 -9.05 17.33
CA ILE F 481 16.88 -10.15 17.19
C ILE F 481 16.81 -10.55 15.72
N GLU F 482 16.81 -11.85 15.46
CA GLU F 482 16.66 -12.37 14.12
C GLU F 482 15.23 -12.85 13.93
N TRP F 483 14.57 -12.36 12.90
CA TRP F 483 13.17 -12.65 12.63
C TRP F 483 13.05 -13.52 11.38
N GLU F 484 12.11 -14.45 11.40
CA GLU F 484 11.81 -15.27 10.23
C GLU F 484 10.49 -14.80 9.61
N LEU F 485 10.40 -14.88 8.29
CA LEU F 485 9.28 -14.34 7.54
C LEU F 485 8.55 -15.46 6.81
N GLN F 486 7.30 -15.19 6.46
CA GLN F 486 6.51 -16.07 5.60
C GLN F 486 5.98 -15.22 4.45
N LYS F 487 6.44 -15.51 3.23
CA LYS F 487 6.12 -14.68 2.09
C LYS F 487 4.67 -14.88 1.64
N GLU F 488 4.10 -13.82 1.09
CA GLU F 488 2.73 -13.83 0.59
C GLU F 488 2.68 -14.52 -0.78
N ASN F 489 1.96 -15.64 -0.84
CA ASN F 489 1.86 -16.47 -2.04
C ASN F 489 0.56 -16.25 -2.81
N SER F 490 -0.29 -15.31 -2.39
CA SER F 490 -1.66 -15.24 -2.88
C SER F 490 -1.73 -15.08 -4.39
N LYS F 491 -2.77 -15.66 -4.98
CA LYS F 491 -3.11 -15.52 -6.38
C LYS F 491 -4.15 -14.45 -6.65
N ARG F 492 -4.51 -13.67 -5.64
CA ARG F 492 -5.51 -12.62 -5.80
C ARG F 492 -5.18 -11.73 -6.98
N TRP F 493 -6.17 -11.47 -7.83
CA TRP F 493 -5.93 -10.66 -9.03
C TRP F 493 -5.88 -9.18 -8.70
N ASN F 494 -6.87 -8.68 -7.97
CA ASN F 494 -6.98 -7.26 -7.75
C ASN F 494 -6.07 -6.80 -6.61
N PRO F 495 -5.76 -5.51 -6.54
CA PRO F 495 -4.78 -5.05 -5.55
C PRO F 495 -5.23 -5.26 -4.10
N GLU F 496 -4.26 -5.54 -3.25
CA GLU F 496 -4.44 -5.68 -1.81
C GLU F 496 -4.65 -4.33 -1.14
N ILE F 497 -5.17 -4.37 0.08
CA ILE F 497 -5.09 -3.24 0.99
C ILE F 497 -3.70 -3.19 1.59
N GLN F 498 -3.12 -1.98 1.63
CA GLN F 498 -1.79 -1.78 2.16
C GLN F 498 -1.86 -0.73 3.26
N TYR F 499 -0.83 -0.70 4.09
CA TYR F 499 -0.69 0.38 5.06
C TYR F 499 0.14 1.49 4.44
N THR F 500 -0.50 2.62 4.19
CA THR F 500 0.16 3.72 3.56
C THR F 500 0.10 4.98 4.37
N SER F 501 1.11 5.82 4.18
CA SER F 501 1.21 7.12 4.82
C SER F 501 0.23 8.07 4.13
N ASN F 502 -0.22 9.10 4.84
CA ASN F 502 -1.15 10.07 4.23
C ASN F 502 -0.52 10.99 3.20
N TYR F 503 -1.21 11.18 2.08
CA TYR F 503 -0.72 12.05 1.00
C TYR F 503 -0.67 13.56 1.32
N TYR F 504 -1.62 14.05 2.11
CA TYR F 504 -1.79 15.47 2.40
C TYR F 504 -0.80 16.16 3.31
N LYS F 505 -0.70 17.47 3.13
CA LYS F 505 0.18 18.32 3.92
C LYS F 505 -0.32 18.45 5.35
N SER F 506 0.62 18.39 6.30
CA SER F 506 0.31 18.51 7.71
C SER F 506 1.43 19.27 8.37
N ASN F 507 1.15 19.85 9.54
CA ASN F 507 2.17 20.61 10.23
C ASN F 507 3.36 19.75 10.62
N ASN F 508 3.10 18.49 10.95
CA ASN F 508 4.12 17.57 11.41
C ASN F 508 4.13 16.33 10.52
N VAL F 509 5.33 15.85 10.23
CA VAL F 509 5.47 14.52 9.63
C VAL F 509 5.13 13.46 10.67
N GLU F 510 4.23 12.55 10.31
CA GLU F 510 3.84 11.50 11.22
C GLU F 510 5.02 10.57 11.49
N PHE F 511 5.11 10.09 12.74
CA PHE F 511 6.22 9.27 13.20
C PHE F 511 7.54 10.02 13.07
N ALA F 512 7.55 11.27 13.54
CA ALA F 512 8.73 12.12 13.54
C ALA F 512 8.66 13.06 14.74
N VAL F 513 9.69 13.86 14.90
CA VAL F 513 9.78 14.83 15.99
C VAL F 513 9.00 16.08 15.63
N ASN F 514 8.56 16.82 16.65
CA ASN F 514 7.93 18.11 16.45
C ASN F 514 8.96 19.21 16.64
N THR F 515 8.52 20.47 16.68
CA THR F 515 9.45 21.58 16.81
C THR F 515 10.16 21.56 18.16
N GLU F 516 9.47 21.13 19.22
CA GLU F 516 10.08 21.10 20.54
C GLU F 516 10.96 19.87 20.73
N GLY F 517 10.91 18.94 19.77
CA GLY F 517 11.78 17.77 19.79
C GLY F 517 11.13 16.49 20.26
N VAL F 518 9.82 16.45 20.48
CA VAL F 518 9.19 15.26 21.03
C VAL F 518 8.78 14.31 19.89
N TYR F 519 9.20 13.07 20.00
CA TYR F 519 8.82 12.03 19.05
C TYR F 519 7.47 11.45 19.44
N SER F 520 6.61 11.22 18.47
CA SER F 520 5.30 10.67 18.77
C SER F 520 4.80 9.74 17.69
N GLU F 521 3.99 8.78 18.10
CA GLU F 521 3.37 7.86 17.17
C GLU F 521 1.90 8.23 17.20
N PRO F 522 1.37 8.67 16.06
CA PRO F 522 -0.03 9.10 15.88
C PRO F 522 -1.11 8.03 16.03
N ARG F 523 -0.86 6.83 15.53
CA ARG F 523 -1.86 5.77 15.57
C ARG F 523 -1.27 4.42 15.88
N PRO F 524 -2.10 3.49 16.32
CA PRO F 524 -1.67 2.12 16.59
C PRO F 524 -1.72 1.39 15.27
N ILE F 525 -0.67 0.70 14.89
CA ILE F 525 -0.65 0.00 13.60
C ILE F 525 -0.71 -1.52 13.70
N GLY F 526 -1.80 -2.11 13.22
CA GLY F 526 -1.91 -3.56 13.23
C GLY F 526 -1.13 -4.19 12.10
N THR F 527 -0.96 -5.50 12.17
CA THR F 527 -0.15 -6.20 11.18
C THR F 527 -0.98 -6.84 10.07
N ARG F 528 -2.30 -6.71 10.08
CA ARG F 528 -3.16 -7.48 9.20
C ARG F 528 -3.70 -6.58 8.09
N TYR F 529 -3.18 -6.76 6.88
CA TYR F 529 -3.56 -6.03 5.69
C TYR F 529 -3.80 -6.98 4.52
N LEU F 530 -2.79 -7.77 4.17
CA LEU F 530 -2.92 -8.79 3.13
C LEU F 530 -3.99 -9.80 3.53
N THR F 531 -4.48 -10.54 2.53
CA THR F 531 -5.62 -11.42 2.72
C THR F 531 -5.28 -12.85 2.32
N ARG F 532 -6.02 -13.79 2.90
CA ARG F 532 -5.96 -15.20 2.56
C ARG F 532 -7.37 -15.77 2.44
N ASN F 533 -7.42 -16.97 1.86
CA ASN F 533 -8.66 -17.72 1.79
C ASN F 533 -8.93 -18.41 3.12
N LEU F 534 -10.20 -18.55 3.45
CA LEU F 534 -10.57 -19.21 4.70
C LEU F 534 -10.68 -20.72 4.49
N SER G 1 -24.35 2.49 9.96
CA SER G 1 -23.93 3.83 9.57
C SER G 1 -22.47 4.06 9.93
N GLU G 2 -21.57 3.62 9.05
CA GLU G 2 -20.14 3.77 9.33
C GLU G 2 -19.72 5.23 9.26
N VAL G 3 -20.10 5.93 8.20
CA VAL G 3 -19.72 7.32 8.03
C VAL G 3 -20.48 8.18 9.03
N GLN G 4 -19.79 9.11 9.67
CA GLN G 4 -20.40 9.97 10.66
C GLN G 4 -19.87 11.40 10.57
N LEU G 5 -20.76 12.37 10.49
CA LEU G 5 -20.38 13.78 10.42
C LEU G 5 -21.02 14.59 11.54
N LEU G 6 -20.22 15.39 12.23
CA LEU G 6 -20.74 16.20 13.32
C LEU G 6 -20.48 17.69 13.13
N GLU G 7 -21.42 18.52 13.55
CA GLU G 7 -21.28 19.97 13.44
C GLU G 7 -21.31 20.62 14.81
N SER G 8 -20.43 21.60 14.99
CA SER G 8 -20.33 22.35 16.22
C SER G 8 -20.09 23.81 15.89
N GLY G 9 -20.31 24.71 16.82
CA GLY G 9 -20.08 26.11 16.54
C GLY G 9 -21.30 26.87 16.09
N GLY G 10 -22.46 26.23 16.18
CA GLY G 10 -23.70 26.87 15.83
C GLY G 10 -24.13 27.76 16.98
N GLY G 11 -24.98 28.74 16.72
CA GLY G 11 -25.43 29.60 17.79
C GLY G 11 -26.22 30.81 17.36
N LEU G 12 -26.43 31.73 18.29
CA LEU G 12 -27.14 32.95 18.01
C LEU G 12 -26.09 34.03 17.86
N VAL G 13 -26.10 34.70 16.71
CA VAL G 13 -25.12 35.75 16.44
C VAL G 13 -25.81 37.02 15.97
N GLN G 14 -25.41 38.17 16.51
CA GLN G 14 -25.98 39.45 16.07
C GLN G 14 -25.44 39.78 14.68
N PRO G 15 -26.20 40.55 13.90
CA PRO G 15 -25.75 40.87 12.54
C PRO G 15 -24.46 41.66 12.51
N GLY G 16 -23.61 41.36 11.53
CA GLY G 16 -22.33 42.02 11.41
C GLY G 16 -21.23 41.16 12.01
N LYS G 17 -21.59 40.41 13.05
CA LYS G 17 -20.64 39.52 13.72
C LYS G 17 -20.35 38.29 12.87
N SER G 18 -19.21 37.65 13.11
CA SER G 18 -18.82 36.46 12.37
C SER G 18 -18.55 35.28 13.29
N LEU G 19 -19.04 34.11 12.90
CA LEU G 19 -18.85 32.88 13.69
C LEU G 19 -18.27 31.76 12.84
N ARG G 20 -17.65 30.78 13.48
CA ARG G 20 -17.02 29.67 12.77
C ARG G 20 -17.66 28.32 13.07
N LEU G 21 -17.95 27.55 12.02
CA LEU G 21 -18.56 26.24 12.14
C LEU G 21 -17.55 25.16 11.87
N SER G 22 -17.69 24.03 12.56
CA SER G 22 -16.79 22.91 12.36
C SER G 22 -17.55 21.60 12.20
N CYS G 23 -17.01 20.68 11.42
CA CYS G 23 -17.61 19.38 11.19
C CYS G 23 -16.54 18.33 11.45
N ALA G 24 -16.84 17.33 12.28
CA ALA G 24 -15.86 16.28 12.56
C ALA G 24 -16.26 15.04 11.79
N ALA G 25 -15.40 14.59 10.89
CA ALA G 25 -15.74 13.45 10.05
C ALA G 25 -15.03 12.21 10.56
N SER G 26 -15.72 11.07 10.47
CA SER G 26 -15.15 9.79 10.88
C SER G 26 -15.84 8.68 10.09
N GLY G 27 -15.12 7.56 9.93
CA GLY G 27 -15.66 6.41 9.24
C GLY G 27 -15.28 6.29 7.79
N PHE G 28 -14.47 7.22 7.27
CA PHE G 28 -14.07 7.20 5.87
C PHE G 28 -12.77 7.97 5.74
N SER G 29 -12.11 7.82 4.61
CA SER G 29 -10.89 8.58 4.36
C SER G 29 -11.29 10.00 3.99
N PHE G 30 -10.89 10.97 4.82
CA PHE G 30 -11.47 12.31 4.71
C PHE G 30 -10.91 13.08 3.53
N SER G 31 -9.59 13.05 3.36
CA SER G 31 -8.92 13.85 2.34
C SER G 31 -9.23 13.39 0.91
N ASN G 32 -9.95 12.29 0.77
CA ASN G 32 -10.27 11.76 -0.55
C ASN G 32 -11.68 12.06 -1.05
N TYR G 33 -12.39 12.95 -0.37
CA TYR G 33 -13.73 13.33 -0.76
C TYR G 33 -13.83 14.83 -0.62
N ALA G 34 -14.62 15.45 -1.47
CA ALA G 34 -14.77 16.88 -1.38
C ALA G 34 -16.00 17.18 -0.57
N MET G 35 -15.81 17.85 0.55
CA MET G 35 -16.89 18.19 1.44
C MET G 35 -17.64 19.42 0.95
N SER G 36 -18.82 19.66 1.50
CA SER G 36 -19.61 20.83 1.16
C SER G 36 -20.56 21.22 2.29
N TRP G 37 -21.01 22.46 2.30
CA TRP G 37 -21.94 22.94 3.32
C TRP G 37 -23.24 23.30 2.65
N VAL G 38 -24.34 22.78 3.16
CA VAL G 38 -25.65 23.09 2.61
C VAL G 38 -26.52 23.63 3.73
N ARG G 39 -27.21 24.74 3.49
CA ARG G 39 -28.02 25.37 4.51
C ARG G 39 -29.51 25.37 4.19
N GLN G 40 -30.32 25.07 5.18
CA GLN G 40 -31.76 25.08 4.98
C GLN G 40 -32.43 26.09 5.88
N ALA G 41 -32.99 27.14 5.29
CA ALA G 41 -33.69 28.18 6.04
C ALA G 41 -35.00 27.60 6.55
N PRO G 42 -35.50 28.12 7.68
CA PRO G 42 -36.75 27.55 8.21
C PRO G 42 -37.89 27.70 7.22
N GLY G 43 -38.61 26.60 6.99
CA GLY G 43 -39.69 26.57 6.01
C GLY G 43 -39.23 26.86 4.59
N LYS G 44 -38.03 26.41 4.25
CA LYS G 44 -37.44 26.62 2.93
C LYS G 44 -36.65 25.41 2.46
N GLY G 45 -36.43 25.34 1.15
CA GLY G 45 -35.69 24.26 0.54
C GLY G 45 -34.20 24.34 0.80
N LEU G 46 -33.50 23.23 0.55
CA LEU G 46 -32.06 23.16 0.75
C LEU G 46 -31.33 24.10 -0.20
N GLU G 47 -30.25 24.69 0.28
CA GLU G 47 -29.43 25.60 -0.53
C GLU G 47 -27.96 25.31 -0.31
N TRP G 48 -27.24 25.06 -1.40
CA TRP G 48 -25.82 24.75 -1.33
C TRP G 48 -25.01 26.03 -1.27
N VAL G 49 -24.21 26.19 -0.22
CA VAL G 49 -23.40 27.39 -0.03
C VAL G 49 -21.99 27.22 -0.58
N SER G 50 -21.28 26.16 -0.21
CA SER G 50 -19.91 26.00 -0.62
C SER G 50 -19.40 24.58 -0.53
N GLY G 51 -18.40 24.28 -1.33
CA GLY G 51 -17.80 22.96 -1.36
C GLY G 51 -16.30 23.11 -1.49
N ILE G 52 -15.56 22.14 -0.98
CA ILE G 52 -14.11 22.19 -1.06
C ILE G 52 -13.60 20.85 -1.57
N SER G 53 -12.50 20.87 -2.30
CA SER G 53 -11.89 19.65 -2.84
C SER G 53 -11.17 18.85 -1.75
N GLY G 54 -10.87 17.58 -2.02
CA GLY G 54 -10.23 16.75 -1.01
C GLY G 54 -8.90 17.30 -0.56
N SER G 55 -8.07 17.80 -1.47
CA SER G 55 -6.79 18.34 -1.07
C SER G 55 -6.98 19.70 -0.40
N GLY G 56 -8.01 20.42 -0.83
CA GLY G 56 -8.31 21.73 -0.29
C GLY G 56 -7.87 22.84 -1.22
N GLY G 57 -7.27 22.45 -2.34
CA GLY G 57 -6.77 23.38 -3.33
C GLY G 57 -7.82 24.24 -3.98
N SER G 58 -8.98 23.67 -4.29
CA SER G 58 -10.05 24.40 -4.95
C SER G 58 -11.36 24.42 -4.17
N THR G 59 -11.94 25.60 -4.05
CA THR G 59 -13.18 25.78 -3.31
C THR G 59 -14.19 26.55 -4.17
N ASN G 60 -15.48 26.27 -3.97
CA ASN G 60 -16.53 26.94 -4.69
C ASN G 60 -17.50 27.54 -3.70
N TYR G 61 -18.19 28.61 -4.05
CA TYR G 61 -19.15 29.25 -3.17
C TYR G 61 -20.35 29.72 -3.95
N ALA G 62 -21.51 29.74 -3.28
CA ALA G 62 -22.72 30.26 -3.90
C ALA G 62 -22.60 31.77 -3.97
N GLU G 63 -23.25 32.40 -4.93
CA GLU G 63 -23.12 33.84 -5.07
C GLU G 63 -23.59 34.63 -3.86
N SER G 64 -24.66 34.18 -3.22
CA SER G 64 -25.18 34.88 -2.06
C SER G 64 -24.19 34.94 -0.91
N VAL G 65 -23.46 33.84 -0.68
CA VAL G 65 -22.50 33.78 0.40
C VAL G 65 -21.07 34.12 0.02
N ARG G 66 -20.82 34.43 -1.24
CA ARG G 66 -19.44 34.69 -1.66
C ARG G 66 -18.80 35.95 -1.11
N GLY G 67 -17.59 35.78 -0.60
CA GLY G 67 -16.78 36.85 -0.06
C GLY G 67 -16.96 37.10 1.42
N ARG G 68 -18.05 36.59 1.98
CA ARG G 68 -18.31 36.75 3.40
C ARG G 68 -17.93 35.46 4.09
N PHE G 69 -18.17 34.36 3.39
CA PHE G 69 -17.88 33.04 3.89
C PHE G 69 -16.61 32.50 3.29
N THR G 70 -15.94 31.62 4.02
CA THR G 70 -14.74 30.97 3.55
C THR G 70 -14.69 29.56 4.11
N ILE G 71 -14.51 28.59 3.23
CA ILE G 71 -14.50 27.18 3.61
C ILE G 71 -13.09 26.62 3.58
N SER G 72 -12.72 25.92 4.63
CA SER G 72 -11.40 25.31 4.72
C SER G 72 -11.50 23.96 5.40
N ARG G 73 -10.52 23.09 5.18
CA ARG G 73 -10.53 21.80 5.84
C ARG G 73 -9.16 21.46 6.36
N ASP G 74 -9.09 20.75 7.48
CA ASP G 74 -7.82 20.32 7.99
C ASP G 74 -7.81 18.81 7.82
N ASN G 75 -7.07 18.33 6.84
CA ASN G 75 -7.05 16.90 6.58
C ASN G 75 -6.41 16.09 7.70
N SER G 76 -5.42 16.66 8.35
CA SER G 76 -4.76 15.98 9.47
C SER G 76 -5.73 15.74 10.62
N LYS G 77 -6.60 16.70 10.88
CA LYS G 77 -7.58 16.59 11.96
C LYS G 77 -8.96 16.12 11.52
N ASN G 78 -9.12 15.77 10.24
CA ASN G 78 -10.38 15.31 9.66
C ASN G 78 -11.53 16.28 9.92
N THR G 79 -11.27 17.57 9.76
CA THR G 79 -12.29 18.58 10.03
C THR G 79 -12.60 19.50 8.86
N LEU G 80 -13.88 19.79 8.66
CA LEU G 80 -14.34 20.69 7.64
C LEU G 80 -14.72 21.96 8.40
N TYR G 81 -14.14 23.09 8.03
CA TYR G 81 -14.41 24.35 8.71
C TYR G 81 -15.10 25.37 7.85
N LEU G 82 -16.10 26.05 8.37
CA LEU G 82 -16.78 27.09 7.62
C LEU G 82 -16.77 28.35 8.44
N GLU G 83 -16.03 29.35 7.96
CA GLU G 83 -15.95 30.61 8.67
C GLU G 83 -16.85 31.61 8.00
N MET G 84 -17.77 32.19 8.76
CA MET G 84 -18.72 33.14 8.22
C MET G 84 -18.48 34.54 8.77
N ASN G 85 -18.35 35.52 7.88
CA ASN G 85 -18.11 36.89 8.27
C ASN G 85 -19.23 37.77 7.78
N SER G 86 -19.41 38.93 8.40
CA SER G 86 -20.46 39.88 8.04
C SER G 86 -21.80 39.20 7.96
N LEU G 87 -22.16 38.46 9.00
CA LEU G 87 -23.43 37.75 9.05
C LEU G 87 -24.64 38.68 9.04
N ARG G 88 -25.76 38.17 8.56
CA ARG G 88 -26.99 38.94 8.48
C ARG G 88 -28.19 38.09 8.84
N VAL G 89 -29.35 38.72 8.99
CA VAL G 89 -30.55 37.98 9.35
C VAL G 89 -30.92 36.93 8.32
N GLU G 90 -30.57 37.17 7.07
CA GLU G 90 -30.87 36.25 5.96
C GLU G 90 -30.15 34.92 6.14
N ASP G 91 -29.08 34.92 6.90
CA ASP G 91 -28.34 33.69 7.16
C ASP G 91 -28.93 32.73 8.18
N THR G 92 -30.04 33.07 8.83
CA THR G 92 -30.55 32.13 9.82
C THR G 92 -31.01 30.91 9.05
N ALA G 93 -30.43 29.76 9.40
CA ALA G 93 -30.70 28.50 8.75
C ALA G 93 -30.15 27.36 9.56
N VAL G 94 -30.41 26.15 9.12
CA VAL G 94 -29.84 24.98 9.76
C VAL G 94 -28.74 24.58 8.78
N TYR G 95 -27.49 24.61 9.21
CA TYR G 95 -26.39 24.26 8.30
C TYR G 95 -26.01 22.80 8.39
N TYR G 96 -25.82 22.17 7.25
CA TYR G 96 -25.47 20.76 7.22
C TYR G 96 -24.05 20.58 6.69
N CYS G 97 -23.46 19.46 7.07
CA CYS G 97 -22.15 19.10 6.61
C CYS G 97 -22.43 17.90 5.71
N ALA G 98 -22.13 18.02 4.42
CA ALA G 98 -22.37 16.93 3.48
C ALA G 98 -21.09 16.41 2.87
N LYS G 99 -20.92 15.09 2.87
CA LYS G 99 -19.75 14.47 2.33
C LYS G 99 -19.96 14.11 0.89
N GLY G 100 -18.96 14.42 0.07
CA GLY G 100 -18.93 14.08 -1.32
C GLY G 100 -18.77 12.58 -1.47
N MET G 101 -19.73 11.98 -2.14
CA MET G 101 -19.79 10.55 -2.42
C MET G 101 -18.69 9.98 -3.29
N SER G 102 -18.34 10.67 -4.36
CA SER G 102 -17.32 10.17 -5.27
C SER G 102 -15.95 10.17 -4.63
N TYR G 103 -15.17 9.13 -4.87
CA TYR G 103 -13.85 9.02 -4.29
C TYR G 103 -12.77 9.21 -5.34
N TYR G 104 -11.82 10.09 -5.09
CA TYR G 104 -10.74 10.31 -6.03
C TYR G 104 -9.42 10.51 -5.31
N ASP G 105 -8.34 10.60 -6.06
CA ASP G 105 -7.01 10.75 -5.47
C ASP G 105 -6.05 11.55 -6.33
N ARG G 106 -4.79 11.57 -5.92
CA ARG G 106 -3.73 12.30 -6.60
C ARG G 106 -3.43 11.83 -8.02
N SER G 107 -3.70 10.56 -8.33
CA SER G 107 -3.47 10.06 -9.69
C SER G 107 -4.35 10.82 -10.68
N GLY G 108 -5.60 11.08 -10.30
CA GLY G 108 -6.55 11.82 -11.10
C GLY G 108 -6.52 13.29 -10.73
N TYR G 109 -7.55 14.02 -11.12
CA TYR G 109 -7.72 15.45 -10.84
C TYR G 109 -9.04 15.65 -10.12
N PHE G 110 -9.24 16.81 -9.53
CA PHE G 110 -10.52 17.09 -8.89
C PHE G 110 -11.48 17.62 -9.94
N TRP G 111 -12.66 17.02 -9.99
CA TRP G 111 -13.70 17.41 -10.95
C TRP G 111 -14.93 17.87 -10.20
N ALA G 112 -15.25 19.15 -10.31
CA ALA G 112 -16.36 19.70 -9.52
C ALA G 112 -17.68 19.10 -9.91
N LYS G 113 -17.86 18.78 -11.20
CA LYS G 113 -19.07 18.10 -11.64
C LYS G 113 -19.31 16.83 -10.83
N TYR G 114 -18.32 15.95 -10.81
CA TYR G 114 -18.51 14.58 -10.35
C TYR G 114 -18.40 14.46 -8.84
N HIS G 115 -17.49 15.21 -8.25
CA HIS G 115 -17.20 15.05 -6.83
C HIS G 115 -18.01 15.84 -5.81
N TYR G 116 -18.99 16.61 -6.27
CA TYR G 116 -19.82 17.33 -5.30
C TYR G 116 -21.09 16.58 -4.92
N GLY G 117 -21.39 15.47 -5.57
CA GLY G 117 -22.59 14.73 -5.21
C GLY G 117 -22.41 14.25 -3.79
N MET G 118 -23.43 14.43 -2.96
CA MET G 118 -23.32 14.08 -1.56
C MET G 118 -24.16 12.89 -1.11
N ASP G 119 -23.51 11.75 -0.85
CA ASP G 119 -24.20 10.56 -0.36
C ASP G 119 -24.70 10.62 1.10
N VAL G 120 -23.90 11.16 2.01
CA VAL G 120 -24.27 11.24 3.41
C VAL G 120 -24.22 12.65 3.95
N TRP G 121 -25.12 12.97 4.87
CA TRP G 121 -25.22 14.29 5.46
C TRP G 121 -24.92 14.25 6.94
N GLY G 122 -25.19 15.37 7.59
CA GLY G 122 -24.97 15.52 9.00
C GLY G 122 -26.25 15.97 9.65
N GLN G 123 -26.34 15.87 10.97
CA GLN G 123 -27.54 16.27 11.68
C GLN G 123 -27.85 17.74 11.45
N GLY G 124 -26.80 18.55 11.44
CA GLY G 124 -26.91 19.98 11.23
C GLY G 124 -27.00 20.77 12.53
N ILE G 125 -26.57 22.02 12.47
CA ILE G 125 -26.61 22.91 13.61
C ILE G 125 -27.36 24.16 13.22
N THR G 126 -28.36 24.55 14.00
CA THR G 126 -29.12 25.73 13.69
C THR G 126 -28.27 26.96 13.93
N VAL G 127 -28.35 27.93 13.03
CA VAL G 127 -27.60 29.17 13.18
C VAL G 127 -28.60 30.31 13.12
N THR G 128 -28.59 31.18 14.11
CA THR G 128 -29.53 32.29 14.11
C THR G 128 -28.82 33.63 14.15
N VAL G 129 -29.19 34.52 13.24
CA VAL G 129 -28.60 35.85 13.18
C VAL G 129 -29.71 36.85 13.45
N SER G 130 -29.80 37.31 14.68
CA SER G 130 -30.85 38.23 15.08
C SER G 130 -30.28 39.31 15.98
N SER G 131 -30.95 40.45 16.00
CA SER G 131 -30.51 41.58 16.80
C SER G 131 -30.82 41.38 18.27
N VAL H 1 -31.80 27.77 -11.05
CA VAL H 1 -32.51 26.85 -10.18
C VAL H 1 -33.22 25.75 -10.95
N LEU H 2 -33.61 24.70 -10.22
CA LEU H 2 -34.31 23.58 -10.79
C LEU H 2 -35.75 23.71 -10.31
N THR H 3 -36.69 23.68 -11.24
CA THR H 3 -38.10 23.85 -10.89
C THR H 3 -38.83 22.57 -10.58
N GLN H 4 -39.51 22.54 -9.45
CA GLN H 4 -40.29 21.38 -9.06
C GLN H 4 -41.69 21.79 -8.64
N PRO H 5 -42.69 20.91 -8.85
CA PRO H 5 -44.04 21.24 -8.40
C PRO H 5 -44.01 21.29 -6.87
N PRO H 6 -44.72 22.23 -6.27
CA PRO H 6 -44.67 22.36 -4.81
C PRO H 6 -45.12 21.10 -4.08
N SER H 7 -46.18 20.46 -4.56
CA SER H 7 -46.67 19.25 -3.91
C SER H 7 -47.14 18.19 -4.90
N ALA H 8 -47.09 16.93 -4.47
CA ALA H 8 -47.51 15.81 -5.28
C ALA H 8 -48.38 14.92 -4.39
N SER H 9 -49.36 14.24 -4.97
CA SER H 9 -50.23 13.39 -4.16
C SER H 9 -50.38 11.99 -4.74
N GLY H 10 -50.66 11.04 -3.87
CA GLY H 10 -50.82 9.66 -4.29
C GLY H 10 -51.65 8.84 -3.33
N THR H 11 -52.02 7.64 -3.77
CA THR H 11 -52.77 6.69 -2.96
C THR H 11 -51.86 5.49 -2.77
N PRO H 12 -51.97 4.78 -1.65
CA PRO H 12 -51.08 3.64 -1.42
C PRO H 12 -51.19 2.60 -2.51
N GLY H 13 -50.04 2.13 -2.99
CA GLY H 13 -49.99 1.14 -4.05
C GLY H 13 -50.11 1.74 -5.45
N GLN H 14 -50.08 3.07 -5.53
CA GLN H 14 -50.19 3.76 -6.82
C GLN H 14 -48.95 4.54 -7.19
N ARG H 15 -48.52 4.44 -8.45
CA ARG H 15 -47.33 5.15 -8.90
C ARG H 15 -47.49 6.67 -8.89
N VAL H 16 -46.45 7.36 -8.42
CA VAL H 16 -46.41 8.82 -8.35
C VAL H 16 -45.14 9.31 -9.02
N THR H 17 -45.23 10.38 -9.80
CA THR H 17 -44.05 10.91 -10.46
C THR H 17 -43.76 12.35 -10.07
N ILE H 18 -42.52 12.62 -9.69
CA ILE H 18 -42.06 13.95 -9.31
C ILE H 18 -41.02 14.34 -10.34
N SER H 19 -41.14 15.53 -10.91
CA SER H 19 -40.21 15.93 -11.95
C SER H 19 -39.64 17.32 -11.78
N CYS H 20 -38.40 17.49 -12.21
CA CYS H 20 -37.77 18.80 -12.15
C CYS H 20 -37.31 19.27 -13.52
N SER H 21 -37.66 20.50 -13.86
CA SER H 21 -37.29 21.10 -15.14
C SER H 21 -36.05 21.92 -14.93
N GLY H 22 -35.09 21.78 -15.84
CA GLY H 22 -33.86 22.54 -15.72
C GLY H 22 -33.31 23.05 -17.03
N SER H 23 -32.35 23.95 -16.93
CA SER H 23 -31.67 24.56 -18.05
C SER H 23 -30.59 23.63 -18.61
N SER H 24 -30.02 24.00 -19.75
CA SER H 24 -28.99 23.22 -20.40
C SER H 24 -27.75 23.05 -19.53
N SER H 25 -27.39 24.12 -18.81
CA SER H 25 -26.23 24.12 -17.93
C SER H 25 -26.30 23.12 -16.78
N ASN H 26 -27.47 22.91 -16.19
CA ASN H 26 -27.54 21.93 -15.10
C ASN H 26 -28.11 20.55 -15.45
N ILE H 27 -29.42 20.43 -15.63
CA ILE H 27 -29.97 19.13 -15.93
C ILE H 27 -29.49 18.58 -17.26
N GLY H 28 -29.34 19.45 -18.26
CA GLY H 28 -28.91 19.01 -19.57
C GLY H 28 -27.55 18.37 -19.72
N SER H 29 -26.54 18.94 -19.09
CA SER H 29 -25.18 18.39 -19.19
C SER H 29 -24.60 17.75 -17.94
N ASN H 30 -25.41 17.61 -16.88
CA ASN H 30 -24.90 17.04 -15.64
C ASN H 30 -25.82 15.99 -15.02
N TYR H 31 -25.26 15.11 -14.21
CA TYR H 31 -26.02 14.08 -13.52
C TYR H 31 -26.97 14.72 -12.53
N VAL H 32 -28.14 14.11 -12.36
CA VAL H 32 -29.15 14.61 -11.44
C VAL H 32 -29.31 13.68 -10.24
N TYR H 33 -29.32 14.26 -9.04
CA TYR H 33 -29.44 13.50 -7.80
C TYR H 33 -30.78 13.77 -7.15
N TRP H 34 -31.30 12.78 -6.44
CA TRP H 34 -32.57 12.92 -5.73
C TRP H 34 -32.39 12.71 -4.24
N TYR H 35 -32.87 13.64 -3.44
CA TYR H 35 -32.75 13.54 -2.00
C TYR H 35 -34.12 13.50 -1.35
N GLN H 36 -34.31 12.59 -0.41
CA GLN H 36 -35.57 12.52 0.29
C GLN H 36 -35.35 13.01 1.70
N GLN H 37 -36.11 14.02 2.09
CA GLN H 37 -35.99 14.56 3.44
C GLN H 37 -37.31 14.60 4.14
N ILE H 38 -37.29 14.23 5.41
CA ILE H 38 -38.46 14.25 6.26
C ILE H 38 -38.12 15.36 7.25
N PRO H 39 -39.07 16.26 7.52
CA PRO H 39 -38.75 17.41 8.37
C PRO H 39 -38.18 17.06 9.74
N GLY H 40 -37.17 17.81 10.14
CA GLY H 40 -36.46 17.59 11.39
C GLY H 40 -35.36 16.55 11.24
N THR H 41 -35.07 16.14 10.02
CA THR H 41 -34.05 15.14 9.74
C THR H 41 -33.15 15.58 8.60
N ALA H 42 -31.92 15.09 8.59
CA ALA H 42 -30.98 15.36 7.53
C ALA H 42 -31.46 14.59 6.31
N PRO H 43 -31.26 15.14 5.11
CA PRO H 43 -31.70 14.46 3.88
C PRO H 43 -31.05 13.10 3.61
N LYS H 44 -31.73 12.30 2.79
CA LYS H 44 -31.23 10.98 2.43
C LYS H 44 -31.13 10.84 0.91
N LEU H 45 -30.08 10.20 0.41
CA LEU H 45 -29.92 10.06 -1.05
C LEU H 45 -30.72 8.90 -1.62
N LEU H 46 -31.58 9.20 -2.59
CA LEU H 46 -32.39 8.17 -3.22
C LEU H 46 -31.87 7.74 -4.57
N ILE H 47 -31.53 8.70 -5.41
CA ILE H 47 -31.04 8.43 -6.75
C ILE H 47 -29.87 9.35 -7.08
N TYR H 48 -28.79 8.77 -7.58
CA TYR H 48 -27.60 9.52 -7.97
C TYR H 48 -27.22 9.09 -9.39
N SER H 49 -26.48 9.92 -10.10
CA SER H 49 -26.05 9.58 -11.46
C SER H 49 -27.20 9.19 -12.38
N ASN H 50 -28.25 10.00 -12.33
CA ASN H 50 -29.49 9.92 -13.12
C ASN H 50 -30.45 8.78 -12.80
N ASN H 51 -30.01 7.53 -12.97
CA ASN H 51 -30.89 6.41 -12.69
C ASN H 51 -30.39 5.45 -11.63
N GLN H 52 -29.15 5.63 -11.20
CA GLN H 52 -28.56 4.75 -10.20
C GLN H 52 -29.09 5.03 -8.81
N ARG H 53 -29.05 4.03 -7.94
CA ARG H 53 -29.51 4.24 -6.59
C ARG H 53 -28.62 3.53 -5.60
N PRO H 54 -28.42 4.15 -4.42
CA PRO H 54 -27.57 3.60 -3.37
C PRO H 54 -28.16 2.38 -2.70
N SER H 55 -27.33 1.58 -2.08
CA SER H 55 -27.78 0.39 -1.36
C SER H 55 -28.55 0.84 -0.14
N GLY H 56 -29.54 0.04 0.26
CA GLY H 56 -30.37 0.40 1.40
C GLY H 56 -31.57 1.22 0.99
N VAL H 57 -31.76 1.36 -0.32
CA VAL H 57 -32.88 2.09 -0.88
C VAL H 57 -33.71 1.06 -1.63
N PRO H 58 -35.03 1.10 -1.43
CA PRO H 58 -35.97 0.16 -2.03
C PRO H 58 -36.01 0.26 -3.53
N ASP H 59 -36.34 -0.87 -4.16
CA ASP H 59 -36.41 -1.00 -5.61
C ASP H 59 -37.44 -0.09 -6.29
N ARG H 60 -38.52 0.23 -5.59
CA ARG H 60 -39.58 1.05 -6.18
C ARG H 60 -39.14 2.44 -6.65
N PHE H 61 -38.24 3.09 -5.91
CA PHE H 61 -37.75 4.41 -6.31
C PHE H 61 -36.93 4.36 -7.58
N SER H 62 -37.45 4.92 -8.67
CA SER H 62 -36.74 4.93 -9.94
C SER H 62 -36.62 6.35 -10.51
N GLY H 63 -35.44 6.71 -10.98
CA GLY H 63 -35.22 8.04 -11.53
C GLY H 63 -34.60 8.02 -12.91
N SER H 64 -35.07 8.92 -13.77
CA SER H 64 -34.58 9.00 -15.15
C SER H 64 -34.45 10.44 -15.62
N LYS H 65 -33.56 10.67 -16.58
CA LYS H 65 -33.39 12.02 -17.12
C LYS H 65 -33.46 12.06 -18.65
N SER H 66 -34.29 12.93 -19.19
CA SER H 66 -34.40 13.10 -20.63
C SER H 66 -34.25 14.57 -20.97
N GLY H 67 -33.31 14.92 -21.83
CA GLY H 67 -33.11 16.31 -22.18
C GLY H 67 -32.78 17.13 -20.94
N THR H 68 -33.52 18.21 -20.73
CA THR H 68 -33.29 19.08 -19.59
C THR H 68 -34.22 18.80 -18.41
N SER H 69 -34.99 17.73 -18.50
CA SER H 69 -35.93 17.37 -17.44
C SER H 69 -35.63 16.00 -16.82
N ALA H 70 -35.78 15.91 -15.51
CA ALA H 70 -35.55 14.65 -14.80
C ALA H 70 -36.79 14.25 -14.02
N SER H 71 -37.18 12.99 -14.10
CA SER H 71 -38.37 12.53 -13.38
C SER H 71 -38.11 11.42 -12.38
N LEU H 72 -38.62 11.57 -11.17
CA LEU H 72 -38.48 10.56 -10.14
C LEU H 72 -39.83 9.88 -9.99
N ALA H 73 -39.89 8.58 -10.25
CA ALA H 73 -41.15 7.85 -10.16
C ALA H 73 -41.18 6.91 -8.98
N ILE H 74 -42.28 6.91 -8.26
CA ILE H 74 -42.43 6.01 -7.12
C ILE H 74 -43.59 5.06 -7.37
N SER H 75 -43.32 3.77 -7.23
CA SER H 75 -44.33 2.75 -7.43
C SER H 75 -44.57 2.08 -6.10
N GLY H 76 -45.76 1.53 -5.90
CA GLY H 76 -46.08 0.92 -4.62
C GLY H 76 -45.91 1.92 -3.50
N LEU H 77 -46.51 3.09 -3.69
CA LEU H 77 -46.42 4.18 -2.75
C LEU H 77 -46.93 3.74 -1.38
N ARG H 78 -46.23 4.19 -0.34
CA ARG H 78 -46.54 3.83 1.04
C ARG H 78 -46.63 5.05 1.91
N SER H 79 -47.16 4.87 3.11
CA SER H 79 -47.29 5.96 4.08
C SER H 79 -45.93 6.52 4.46
N GLU H 80 -44.95 5.64 4.56
CA GLU H 80 -43.57 6.04 4.91
C GLU H 80 -42.85 6.73 3.75
N ASP H 81 -43.51 6.76 2.59
CA ASP H 81 -42.93 7.38 1.41
C ASP H 81 -43.35 8.84 1.26
N GLU H 82 -44.08 9.34 2.26
CA GLU H 82 -44.54 10.70 2.26
C GLU H 82 -43.51 11.58 2.93
N ALA H 83 -42.93 12.50 2.16
CA ALA H 83 -41.91 13.43 2.63
C ALA H 83 -41.70 14.50 1.58
N ASP H 84 -40.67 15.30 1.75
CA ASP H 84 -40.34 16.33 0.76
C ASP H 84 -39.21 15.80 -0.11
N TYR H 85 -39.31 16.04 -1.41
CA TYR H 85 -38.28 15.57 -2.35
C TYR H 85 -37.52 16.71 -2.97
N TYR H 86 -36.20 16.60 -2.97
CA TYR H 86 -35.33 17.62 -3.52
C TYR H 86 -34.57 17.08 -4.71
N CYS H 87 -34.55 17.87 -5.77
CA CYS H 87 -33.89 17.52 -7.00
C CYS H 87 -32.60 18.31 -7.06
N ALA H 88 -31.48 17.65 -7.33
CA ALA H 88 -30.19 18.34 -7.37
C ALA H 88 -29.33 17.96 -8.57
N ALA H 89 -28.56 18.92 -9.08
CA ALA H 89 -27.64 18.69 -10.18
C ALA H 89 -26.58 19.77 -10.16
N TRP H 90 -25.42 19.51 -10.76
CA TRP H 90 -24.36 20.51 -10.79
C TRP H 90 -24.68 21.55 -11.84
N ASP H 91 -24.44 22.81 -11.55
CA ASP H 91 -24.70 23.87 -12.50
C ASP H 91 -23.39 24.46 -13.00
N ASP H 92 -23.13 24.35 -14.28
CA ASP H 92 -21.93 24.89 -14.90
C ASP H 92 -21.84 26.41 -14.89
N SER H 93 -22.98 27.05 -15.10
CA SER H 93 -23.06 28.51 -15.17
C SER H 93 -22.92 29.22 -13.84
N LEU H 94 -22.67 30.52 -13.91
CA LEU H 94 -22.53 31.38 -12.74
C LEU H 94 -21.53 30.91 -11.70
N SER H 95 -20.35 30.54 -12.20
CA SER H 95 -19.15 30.10 -11.47
C SER H 95 -19.11 28.66 -10.96
N GLY H 96 -20.14 27.88 -11.24
CA GLY H 96 -20.15 26.50 -10.81
C GLY H 96 -20.80 26.32 -9.45
N ASN H 97 -22.03 25.83 -9.43
CA ASN H 97 -22.75 25.63 -8.20
C ASN H 97 -23.52 24.32 -8.19
N TRP H 98 -23.75 23.77 -7.01
CA TRP H 98 -24.57 22.58 -6.87
C TRP H 98 -25.91 23.20 -6.56
N VAL H 99 -26.93 22.84 -7.33
CA VAL H 99 -28.23 23.47 -7.21
C VAL H 99 -29.24 22.44 -6.71
N PHE H 100 -30.03 22.82 -5.72
CA PHE H 100 -31.17 22.03 -5.27
C PHE H 100 -32.46 22.60 -5.84
N GLY H 101 -33.40 21.71 -6.14
CA GLY H 101 -34.71 22.16 -6.54
C GLY H 101 -35.47 22.80 -5.40
N GLY H 102 -36.63 23.36 -5.74
CA GLY H 102 -37.43 24.04 -4.73
C GLY H 102 -38.04 23.10 -3.71
N GLY H 103 -38.18 21.83 -4.09
CA GLY H 103 -38.75 20.84 -3.20
C GLY H 103 -40.17 20.47 -3.58
N THR H 104 -40.55 19.22 -3.30
CA THR H 104 -41.88 18.71 -3.55
C THR H 104 -42.32 17.88 -2.36
N LYS H 105 -43.49 18.18 -1.81
CA LYS H 105 -44.00 17.47 -0.66
C LYS H 105 -45.04 16.45 -1.14
N LEU H 106 -44.69 15.18 -1.05
CA LEU H 106 -45.57 14.10 -1.48
C LEU H 106 -46.46 13.70 -0.32
N THR H 107 -47.77 13.74 -0.55
CA THR H 107 -48.76 13.39 0.46
C THR H 107 -49.48 12.12 0.03
N VAL H 108 -49.56 11.16 0.95
CA VAL H 108 -50.22 9.88 0.69
C VAL H 108 -51.66 10.00 1.18
N LEU H 109 -52.59 10.03 0.24
CA LEU H 109 -54.00 10.21 0.57
C LEU H 109 -54.62 8.90 1.02
N GLY H 110 -55.67 9.01 1.84
CA GLY H 110 -56.38 7.85 2.33
C GLY H 110 -55.91 7.38 3.70
#